data_2XWB
#
_entry.id   2XWB
#
_cell.length_a   108.275
_cell.length_b   135.775
_cell.length_c   149.975
_cell.angle_alpha   95.47
_cell.angle_beta   110.69
_cell.angle_gamma   113.39
#
_symmetry.space_group_name_H-M   'P 1'
#
loop_
_entity.id
_entity.type
_entity.pdbx_description
1 polymer 'COMPLEMENT C3B BETA CHAIN'
2 polymer "COMPLEMENT C3B ALPHA' CHAIN"
3 polymer 'COMPLEMENT FACTOR B'
4 polymer 'COMPLEMENT FACTOR D'
5 branched 2-acetamido-2-deoxy-beta-D-glucopyranose-(1-4)-2-acetamido-2-deoxy-beta-D-glucopyranose
6 branched beta-D-mannopyranose-(1-4)-2-acetamido-2-deoxy-beta-D-glucopyranose-(1-4)-2-acetamido-2-deoxy-beta-D-glucopyranose
7 non-polymer 'MAGNESIUM ION'
8 non-polymer 2-acetamido-2-deoxy-beta-D-glucopyranose
9 non-polymer GLYCEROL
10 water water
#
loop_
_entity_poly.entity_id
_entity_poly.type
_entity_poly.pdbx_seq_one_letter_code
_entity_poly.pdbx_strand_id
1 'polypeptide(L)'
;SPMYSIITPNILRLESEETMVLEAHDAQGDVPVTVTVHDFPGKKLVLSSEKTVLTPATNHMGNVTFTIPANREFKSEKGR
NKFVTVQATFGTQVVEKVVLVSLQSGYLFIQTDKTIYTPGSTVLYRIFTVNHKLLPVGRTVMVNIENPEGIPVKQDSLSS
QNQLGVLPLSWDIPELVNMGQWKIRAYYENSPQQVFSTEFEVKEYVLPSFEVIVEPTEKFYYIYNEKGLEVTITARFLYG
KKVEGTAFVIFGIQDGEQRISLPESLKRIPIEDGSGEVVLSRKVLLDGVQNPRAEDLVGKSLYVSATVILHSGSDMVQAE
RSGIPIVTSPYQIHFTKTPKYFKPGMPFDLMVFVTNPDGSPAYRVPVAVQGEDTVQSLTQGDGVAKLSINTHPSQKPLSI
TVRTKKQELSEAEQATRTMQALPYSTVGNSNNYLHLSVLRTELRPGETLNVNFLLRMDRAHEAKIRYYTYLIMNKGRLLK
AGRQVREPGQDLVVLPLSITTDFIPSFRLVAYYTLIGASGQREVVADSVWVDVKDSCVGSLVVKSGQSEDRQPVPGQQMT
LKIEGDHGARVVLVAVDKGVFVLNKKNKLTQSKIWDVVEKADIGCTPGSGKDYAGVFSDAGLTFTSSSGQQTAQRAELQC
PQ
;
A,C
2 'polypeptide(L)'
;DEDIIAEENIVSRSEFPESWLWNVEDLKEPPKNGISTKLMNIFLKDSITTWEILAVSMSDKKGICVADPFEVTVMQDFFI
DLRLPYSVVRNEQVEIRAVLYNYRQNQELKVRVELLHNPAFCSLATTKRRHQQTVTIPPKSSLSVPYVIVPLKTGLQEVE
VKAAVYHHFISDGVRKSLKVVPEGIRMNKTVAVRTLDPERLGREGVQKEDIPPADLSDQVPDTESETRILLQGTPVAQMT
EDAVDAERLKHLIVTPSGCGEENMIGMTPTVIAVHYLDETEQWEKFGLEKRQGALELIKKGYTQQLAFRQPSSAFAAFVK
RAPSTWLTAYVVKVFSLAVNLIAIDSQVLCGAVKWLILEKQKPDGVFQEDAPVIHQEMIGGLRNNNEKDMALTAFVLISL
QEAKDICEEQVNSLPGSITKAGDFLEANYMNLQRSYTVAIAGYALAQMGRLKGPLLNKFLTTAKDKNRWEDPGKQLYNVE
ATSYALLALLQLKDFDFVPPVVRWLNEQRYYGGGYGSTQATFMVFQALAQYQKDAPDHQELNLDVSLQLPSRSSKITHRI
HWESASLLRSEETKENEGFTVTAEGKGQGTLSVVTMYHAKAKDQLTCNKFDLKVTIKPAPETEKRPQDAKNTMILEICTR
YRGDQDATMSILDISMMTGFAPDTDDLKQLANGVDRYISKYELDKAFSDRNTLIIYLDKVSHSEDDCLAFKVHQYFNVEL
IQPGAVKVYAYYNLEESCTRFYHPEKEDGKLNKLCRDELCRCAEENCFIQKSDDKVTLEERLDKACEPGVDYVYKTRLVK
VQLSNDFDEYIMAIEQTIKSGSDEVQVGQQRTFISPIKCREALKLEEKKHYLMWGLSSDFWGEKPNLSYIIGKDTWVEHW
PEEDECQDEENQKQCQDLGAFTESMVVFGCPN
;
B,D
3 'polypeptide(L)'
;GSCSLEGVEIKGGSFRLLQEGQALEYVCPSGFYPYPVQTRTCRSTGSWSTLKTQDQKTVRKAECRAIHCPRPHDFENGEY
WPRSPYYNVSDEISFHCYDGYTLRGSANRTCQVNGRWSGQTAICDNGAGYCSNPGIPIGTRKVGSQYRLEDSVTYHCSRG
LTLRGSQRRTCQEGGSWSGTEPSCQDSFMYDTPQEVAEAFLSSLTETIEGVDAEDGHGPGEQQKRKIVLDPSGSMNIYLV
LDGSGSIGASDFTGAKKCLVNLIEKVASYGVKPRYGLVTYATYPKIWVKVSEADSSNADWVTKQLNEINYEDHKLKSGTN
TKKALQAVYSMMSWPDDVPPEGWNRTRHVIILMTDGLHNMGGDPITVIDEIRDLLYIGKDRKNPREDYLDVYVFGVGPLV
NQVNINALASKKDNEQHVFKVKDMENLEDVFYQMIDESQSLSLCGMVWEHRKGTDYHKQPWQAKISVIRPSKGHESCMGA
VVSEYFVLTAAHCFTVDDKEHSIKVSVGGEKRDLEIEVVLFHPNYNINGKKEAGIPEFYDYDVALIKLKNKLKYGQTIRP
ICLPCTEGTTRALRLPPTTTCQQQKEELLPAQDIKALFVSEEEKKLTRKEVYIKNGDKKGSCERDAQYAPGYDKVKDISE
VVTPRFLCTGGVSPYADPNTCRGDSGGPLIVHKRSRFIQVGVISWGVVDVCKNQKRQKQVPAHARDFHINLFQVLPWLKE
KLQDEDLGFLAA
;
F,H
4 'polypeptide(L)'
;ILGGREAEAHARPYMASVQLNGAHLCGGVLVAEQWVLSAAHCLEDAADGKVQVLLGAHSLSQPEPSKRLYDVLRAVPHPD
SQPDTIDHDLLLLQLSEKATLGPAVRPLPWQRVDRDVAPGTLCDVAGWGIVNHAGRRPDSLQHVLLPVLDRATCNRRTHH
DGAITERLMCAESNRRDSCKGDAGGPLVCGGVLEGVVTSGSRVCGNRKKPGIYTRVASYAAWIDSVLA
;
I,J
#
# COMPACT_ATOMS: atom_id res chain seq x y z
N SER A 1 -18.34 72.17 -43.28
CA SER A 1 -17.52 71.01 -43.61
C SER A 1 -16.76 70.50 -42.39
N PRO A 2 -17.22 69.39 -41.80
CA PRO A 2 -16.58 68.78 -40.63
C PRO A 2 -15.11 68.45 -40.89
N MET A 3 -14.26 68.71 -39.90
CA MET A 3 -12.83 68.44 -40.00
C MET A 3 -12.39 67.49 -38.90
N TYR A 4 -11.77 66.39 -39.28
CA TYR A 4 -11.30 65.40 -38.32
C TYR A 4 -9.77 65.35 -38.30
N SER A 5 -9.20 65.58 -37.13
CA SER A 5 -7.75 65.60 -36.98
C SER A 5 -7.23 64.43 -36.15
N ILE A 6 -5.91 64.26 -36.14
CA ILE A 6 -5.28 63.17 -35.39
C ILE A 6 -3.87 63.55 -34.98
N ILE A 7 -3.50 63.21 -33.74
CA ILE A 7 -2.19 63.59 -33.21
C ILE A 7 -1.49 62.41 -32.52
N THR A 8 -0.29 62.08 -33.02
CA THR A 8 0.53 61.04 -32.41
C THR A 8 1.99 61.46 -32.46
N PRO A 9 2.80 60.96 -31.52
CA PRO A 9 4.24 61.26 -31.49
C PRO A 9 4.91 61.01 -32.83
N ASN A 10 5.97 61.78 -33.13
CA ASN A 10 6.70 61.62 -34.37
C ASN A 10 7.18 60.20 -34.60
N ILE A 11 7.61 59.56 -33.51
CA ILE A 11 8.12 58.19 -33.59
C ILE A 11 7.37 57.28 -32.63
N LEU A 12 6.80 56.21 -33.15
CA LEU A 12 6.09 55.23 -32.33
C LEU A 12 7.06 54.19 -31.77
N ARG A 13 6.79 53.74 -30.55
CA ARG A 13 7.67 52.81 -29.87
C ARG A 13 7.09 51.40 -29.79
N LEU A 14 7.96 50.40 -29.93
CA LEU A 14 7.54 49.01 -29.89
C LEU A 14 7.35 48.54 -28.45
N GLU A 15 6.44 47.59 -28.26
CA GLU A 15 6.20 47.00 -26.95
C GLU A 15 5.85 48.04 -25.90
N SER A 16 4.99 48.99 -26.27
CA SER A 16 4.55 50.03 -25.35
C SER A 16 3.19 50.59 -25.77
N GLU A 17 2.62 51.45 -24.94
CA GLU A 17 1.33 52.04 -25.22
C GLU A 17 1.44 53.51 -25.63
N GLU A 18 1.36 53.76 -26.94
CA GLU A 18 1.39 55.13 -27.46
C GLU A 18 0.00 55.74 -27.46
N THR A 19 -0.11 56.95 -26.94
CA THR A 19 -1.40 57.64 -26.85
C THR A 19 -1.78 58.23 -28.21
N MET A 20 -3.09 58.38 -28.44
CA MET A 20 -3.59 58.87 -29.72
C MET A 20 -4.79 59.80 -29.50
N VAL A 21 -4.62 61.07 -29.85
CA VAL A 21 -5.65 62.07 -29.61
C VAL A 21 -6.59 62.24 -30.80
N LEU A 22 -7.89 62.06 -30.56
CA LEU A 22 -8.90 62.19 -31.60
C LEU A 22 -9.78 63.43 -31.38
N GLU A 23 -10.07 64.14 -32.47
CA GLU A 23 -10.90 65.35 -32.40
C GLU A 23 -11.84 65.46 -33.59
N ALA A 24 -12.75 66.42 -33.53
CA ALA A 24 -13.71 66.65 -34.61
C ALA A 24 -14.26 68.08 -34.56
N HIS A 25 -13.99 68.85 -35.60
CA HIS A 25 -14.42 70.24 -35.65
C HIS A 25 -15.22 70.52 -36.93
N ASP A 26 -16.53 70.70 -36.78
CA ASP A 26 -17.19 70.65 -35.49
C ASP A 26 -18.12 69.45 -35.41
N ALA A 27 -19.02 69.35 -36.38
CA ALA A 27 -20.01 68.28 -36.43
C ALA A 27 -20.87 68.27 -35.17
N GLN A 28 -21.84 67.36 -35.12
CA GLN A 28 -22.73 67.26 -33.98
C GLN A 28 -23.12 65.82 -33.70
N GLY A 29 -23.65 65.58 -32.50
CA GLY A 29 -24.05 64.23 -32.10
C GLY A 29 -22.88 63.31 -31.91
N ASP A 30 -23.13 62.01 -32.03
CA ASP A 30 -22.08 61.01 -31.87
C ASP A 30 -21.36 60.76 -33.19
N VAL A 31 -20.13 60.26 -33.10
CA VAL A 31 -19.35 59.92 -34.30
C VAL A 31 -18.37 58.78 -34.00
N PRO A 32 -18.76 57.55 -34.37
CA PRO A 32 -17.94 56.35 -34.15
C PRO A 32 -16.57 56.46 -34.80
N VAL A 33 -15.55 55.89 -34.15
CA VAL A 33 -14.19 55.93 -34.68
C VAL A 33 -13.52 54.56 -34.54
N THR A 34 -12.95 54.08 -35.63
CA THR A 34 -12.25 52.80 -35.63
C THR A 34 -10.80 52.96 -36.04
N VAL A 35 -9.91 53.02 -35.06
CA VAL A 35 -8.48 53.18 -35.31
C VAL A 35 -7.83 51.84 -35.66
N THR A 36 -7.16 51.80 -36.81
CA THR A 36 -6.48 50.59 -37.26
C THR A 36 -5.05 50.89 -37.67
N VAL A 37 -4.11 50.15 -37.10
CA VAL A 37 -2.69 50.34 -37.40
C VAL A 37 -2.11 49.19 -38.21
N HIS A 38 -1.58 49.50 -39.38
CA HIS A 38 -0.97 48.49 -40.23
C HIS A 38 0.55 48.69 -40.28
N ASP A 39 1.23 47.89 -41.09
CA ASP A 39 2.67 48.03 -41.26
C ASP A 39 2.97 48.83 -42.52
N PHE A 40 4.23 48.79 -42.96
CA PHE A 40 4.63 49.49 -44.16
C PHE A 40 5.97 48.97 -44.68
N PRO A 41 6.08 48.75 -46.00
CA PRO A 41 4.97 48.97 -46.95
C PRO A 41 3.92 47.88 -46.86
N GLY A 42 2.86 48.00 -47.67
CA GLY A 42 1.80 47.00 -47.70
C GLY A 42 0.75 47.22 -46.64
N LYS A 43 -0.42 46.62 -46.85
CA LYS A 43 -1.51 46.71 -45.88
C LYS A 43 -1.57 45.44 -45.04
N LYS A 44 -0.40 44.92 -44.68
CA LYS A 44 -0.32 43.71 -43.87
C LYS A 44 -0.95 43.92 -42.50
N LEU A 45 -2.20 43.50 -42.37
CA LEU A 45 -2.96 43.68 -41.12
C LEU A 45 -2.96 42.37 -40.32
N VAL A 46 -3.14 42.47 -39.01
CA VAL A 46 -3.31 43.76 -38.34
C VAL A 46 -2.44 43.84 -37.09
N LEU A 47 -1.94 45.03 -36.78
CA LEU A 47 -1.08 45.22 -35.63
C LEU A 47 -1.90 45.52 -34.37
N SER A 48 -2.68 46.59 -34.42
CA SER A 48 -3.52 46.97 -33.28
C SER A 48 -4.75 47.76 -33.73
N SER A 49 -5.92 47.31 -33.28
CA SER A 49 -7.18 47.97 -33.62
C SER A 49 -7.95 48.36 -32.37
N GLU A 50 -8.39 49.62 -32.33
CA GLU A 50 -9.16 50.12 -31.20
C GLU A 50 -10.41 50.86 -31.66
N LYS A 51 -11.35 51.06 -30.75
CA LYS A 51 -12.60 51.75 -31.08
C LYS A 51 -12.98 52.76 -30.01
N THR A 52 -13.77 53.76 -30.40
CA THR A 52 -14.23 54.79 -29.49
C THR A 52 -15.26 55.69 -30.18
N VAL A 53 -16.06 56.39 -29.37
CA VAL A 53 -17.08 57.28 -29.90
C VAL A 53 -16.97 58.67 -29.30
N LEU A 54 -16.91 59.69 -30.16
CA LEU A 54 -16.79 61.08 -29.70
C LEU A 54 -18.15 61.66 -29.36
N THR A 55 -18.41 61.83 -28.07
CA THR A 55 -19.67 62.39 -27.60
C THR A 55 -19.51 63.88 -27.30
N PRO A 56 -20.48 64.70 -27.72
CA PRO A 56 -20.47 66.15 -27.46
C PRO A 56 -20.31 66.47 -25.98
N ALA A 57 -20.53 65.47 -25.11
CA ALA A 57 -20.38 65.66 -23.68
C ALA A 57 -18.91 65.83 -23.29
N THR A 58 -18.03 65.38 -24.17
CA THR A 58 -16.59 65.47 -23.93
C THR A 58 -15.91 66.44 -24.89
N ASN A 59 -16.70 67.31 -25.50
CA ASN A 59 -16.21 68.31 -26.44
C ASN A 59 -15.48 67.67 -27.63
N HIS A 60 -15.88 66.43 -27.96
CA HIS A 60 -15.32 65.71 -29.10
C HIS A 60 -13.83 65.42 -28.95
N MET A 61 -13.46 64.83 -27.82
CA MET A 61 -12.08 64.34 -27.64
C MET A 61 -12.09 62.91 -27.13
N GLY A 62 -11.17 62.10 -27.66
CA GLY A 62 -11.08 60.70 -27.27
C GLY A 62 -9.71 60.29 -26.80
N ASN A 63 -9.66 59.38 -25.83
CA ASN A 63 -8.39 58.86 -25.34
C ASN A 63 -8.18 57.39 -25.69
N VAL A 64 -7.65 57.14 -26.87
CA VAL A 64 -7.39 55.77 -27.32
C VAL A 64 -5.90 55.45 -27.32
N THR A 65 -5.54 54.33 -26.70
CA THR A 65 -4.14 53.90 -26.64
C THR A 65 -3.96 52.50 -27.19
N PHE A 66 -2.90 52.30 -27.96
CA PHE A 66 -2.64 51.00 -28.57
C PHE A 66 -1.25 50.51 -28.24
N THR A 67 -1.04 49.20 -28.41
CA THR A 67 0.25 48.60 -28.11
C THR A 67 0.80 47.88 -29.34
N ILE A 68 1.79 48.49 -29.99
CA ILE A 68 2.40 47.93 -31.18
C ILE A 68 3.34 46.78 -30.84
N PRO A 69 3.23 45.67 -31.60
CA PRO A 69 4.11 44.51 -31.48
C PRO A 69 5.58 44.94 -31.38
N ALA A 70 6.47 44.12 -30.81
CA ALA A 70 6.19 42.76 -30.32
C ALA A 70 5.91 41.76 -31.45
N ASN A 71 6.65 41.90 -32.54
CA ASN A 71 6.58 40.96 -33.66
C ASN A 71 7.95 40.75 -34.30
N ARG A 72 8.23 39.51 -34.68
CA ARG A 72 9.50 39.17 -35.32
C ARG A 72 9.49 39.62 -36.78
N GLU A 73 8.42 40.28 -37.19
CA GLU A 73 8.29 40.80 -38.55
C GLU A 73 9.06 42.11 -38.70
N PHE A 74 9.51 42.65 -37.57
CA PHE A 74 10.28 43.89 -37.58
C PHE A 74 11.78 43.61 -37.39
N LYS A 75 12.41 43.12 -38.44
CA LYS A 75 13.85 42.83 -38.41
C LYS A 75 14.56 43.44 -39.60
N LYS A 78 18.69 44.69 -42.16
CA LYS A 78 19.34 45.69 -41.32
C LYS A 78 19.36 47.05 -42.01
N GLY A 79 19.74 48.08 -41.26
CA GLY A 79 19.79 49.43 -41.80
C GLY A 79 18.42 49.97 -42.14
N ARG A 80 18.39 51.15 -42.76
CA ARG A 80 17.13 51.77 -43.15
C ARG A 80 16.20 51.95 -41.96
N ASN A 81 14.93 52.23 -42.24
CA ASN A 81 13.94 52.44 -41.19
C ASN A 81 12.62 51.75 -41.48
N LYS A 82 11.84 51.51 -40.43
CA LYS A 82 10.56 50.82 -40.57
C LYS A 82 9.41 51.73 -40.14
N PHE A 83 8.30 51.66 -40.87
CA PHE A 83 7.17 52.53 -40.60
C PHE A 83 5.87 51.74 -40.44
N VAL A 84 4.86 52.41 -39.89
CA VAL A 84 3.53 51.81 -39.73
C VAL A 84 2.46 52.76 -40.24
N THR A 85 1.44 52.21 -40.88
CA THR A 85 0.36 53.01 -41.44
C THR A 85 -0.75 53.24 -40.41
N VAL A 86 -0.59 54.29 -39.59
CA VAL A 86 -1.60 54.63 -38.60
C VAL A 86 -2.83 55.19 -39.29
N GLN A 87 -3.96 54.51 -39.11
CA GLN A 87 -5.20 54.88 -39.79
C GLN A 87 -6.34 55.07 -38.80
N ALA A 88 -7.21 56.03 -39.09
CA ALA A 88 -8.36 56.32 -38.23
C ALA A 88 -9.57 56.72 -39.07
N THR A 89 -10.66 55.99 -38.89
CA THR A 89 -11.89 56.24 -39.64
C THR A 89 -12.96 56.90 -38.78
N PHE A 90 -13.45 58.05 -39.24
CA PHE A 90 -14.49 58.78 -38.53
C PHE A 90 -15.84 58.57 -39.21
N GLY A 91 -16.41 57.39 -39.06
CA GLY A 91 -17.66 57.05 -39.69
C GLY A 91 -17.46 56.64 -41.14
N THR A 92 -17.24 57.63 -42.00
CA THR A 92 -16.97 57.38 -43.41
C THR A 92 -15.63 57.99 -43.81
N GLN A 93 -15.43 59.25 -43.47
CA GLN A 93 -14.19 59.95 -43.77
C GLN A 93 -13.01 59.27 -43.09
N VAL A 94 -12.09 58.74 -43.90
CA VAL A 94 -10.92 58.04 -43.38
C VAL A 94 -9.68 58.92 -43.42
N VAL A 95 -9.04 59.09 -42.27
CA VAL A 95 -7.82 59.88 -42.17
C VAL A 95 -6.64 58.96 -41.83
N GLU A 96 -5.64 58.95 -42.70
CA GLU A 96 -4.49 58.07 -42.51
C GLU A 96 -3.16 58.84 -42.55
N LYS A 97 -2.17 58.33 -41.83
CA LYS A 97 -0.87 58.97 -41.75
C LYS A 97 0.22 57.97 -41.36
N VAL A 98 1.29 57.94 -42.13
CA VAL A 98 2.41 57.04 -41.86
C VAL A 98 3.31 57.62 -40.77
N VAL A 99 3.70 56.77 -39.82
CA VAL A 99 4.53 57.21 -38.70
C VAL A 99 5.79 56.36 -38.58
N LEU A 100 6.91 57.00 -38.25
CA LEU A 100 8.17 56.30 -38.06
C LEU A 100 8.11 55.38 -36.84
N VAL A 101 8.88 54.29 -36.89
CA VAL A 101 8.90 53.33 -35.78
C VAL A 101 10.30 53.16 -35.21
N SER A 102 10.41 53.27 -33.90
CA SER A 102 11.69 53.10 -33.21
C SER A 102 11.86 51.66 -32.73
N LEU A 103 13.04 51.11 -32.93
CA LEU A 103 13.33 49.74 -32.53
C LEU A 103 13.72 49.68 -31.06
N GLN A 104 13.95 50.85 -30.46
CA GLN A 104 14.35 50.94 -29.07
C GLN A 104 13.31 50.32 -28.14
N SER A 105 13.77 49.48 -27.22
CA SER A 105 12.88 48.84 -26.25
C SER A 105 12.71 49.73 -25.02
N GLY A 106 13.83 50.27 -24.53
CA GLY A 106 13.82 51.13 -23.37
C GLY A 106 15.20 51.61 -22.98
N TYR A 107 15.49 51.58 -21.69
CA TYR A 107 16.80 52.00 -21.18
C TYR A 107 17.49 50.89 -20.40
N LEU A 108 18.81 50.87 -20.48
CA LEU A 108 19.61 49.93 -19.70
C LEU A 108 20.68 50.67 -18.90
N PHE A 109 20.69 50.44 -17.59
CA PHE A 109 21.68 51.05 -16.73
C PHE A 109 22.57 50.00 -16.08
N ILE A 110 23.87 50.17 -16.19
CA ILE A 110 24.83 49.19 -15.66
C ILE A 110 25.58 49.76 -14.45
N GLN A 111 25.54 49.02 -13.35
CA GLN A 111 26.20 49.44 -12.12
C GLN A 111 27.31 48.47 -11.73
N THR A 112 28.47 49.02 -11.40
CA THR A 112 29.59 48.21 -10.92
C THR A 112 29.98 48.67 -9.53
N ASP A 113 30.21 47.70 -8.63
CA ASP A 113 30.56 48.01 -7.25
C ASP A 113 31.70 49.05 -7.16
N LYS A 114 32.84 48.71 -7.74
CA LYS A 114 33.99 49.62 -7.73
C LYS A 114 34.13 50.36 -9.06
N THR A 115 35.16 51.20 -9.15
CA THR A 115 35.45 51.93 -10.37
C THR A 115 36.77 51.43 -10.96
N ILE A 116 37.54 50.73 -10.13
CA ILE A 116 38.82 50.18 -10.56
C ILE A 116 39.07 48.85 -9.86
N TYR A 117 39.58 47.87 -10.60
CA TYR A 117 39.79 46.52 -10.07
C TYR A 117 41.22 46.06 -10.31
N THR A 118 41.72 45.19 -9.42
CA THR A 118 43.03 44.60 -9.58
C THR A 118 42.92 43.22 -10.22
N PRO A 119 43.91 42.85 -11.04
CA PRO A 119 43.93 41.52 -11.67
C PRO A 119 43.80 40.41 -10.63
N GLY A 120 42.75 39.61 -10.73
CA GLY A 120 42.52 38.53 -9.80
C GLY A 120 41.22 38.65 -9.05
N SER A 121 40.69 39.87 -8.98
CA SER A 121 39.44 40.13 -8.29
C SER A 121 38.24 39.87 -9.20
N THR A 122 37.04 40.03 -8.66
CA THR A 122 35.82 39.79 -9.42
C THR A 122 35.00 41.07 -9.55
N VAL A 123 34.45 41.29 -10.75
CA VAL A 123 33.64 42.47 -11.01
C VAL A 123 32.16 42.17 -10.76
N LEU A 124 31.58 42.83 -9.76
CA LEU A 124 30.17 42.66 -9.45
C LEU A 124 29.36 43.78 -10.08
N TYR A 125 28.54 43.43 -11.07
CA TYR A 125 27.72 44.43 -11.75
C TYR A 125 26.26 44.00 -11.88
N ARG A 126 25.39 44.99 -12.07
CA ARG A 126 23.96 44.74 -12.22
C ARG A 126 23.39 45.51 -13.41
N ILE A 127 22.48 44.88 -14.14
CA ILE A 127 21.81 45.54 -15.26
C ILE A 127 20.35 45.85 -14.92
N PHE A 128 19.97 47.11 -15.10
CA PHE A 128 18.59 47.54 -14.85
C PHE A 128 17.82 47.62 -16.16
N THR A 129 16.75 46.84 -16.26
CA THR A 129 15.94 46.81 -17.47
C THR A 129 14.64 47.58 -17.31
N VAL A 130 14.62 48.82 -17.82
CA VAL A 130 13.44 49.65 -17.77
C VAL A 130 12.94 50.01 -19.16
N ASN A 131 11.66 50.32 -19.28
CA ASN A 131 11.09 50.74 -20.55
C ASN A 131 11.30 52.23 -20.81
N HIS A 132 10.56 52.78 -21.77
CA HIS A 132 10.69 54.19 -22.10
C HIS A 132 9.94 55.09 -21.11
N LYS A 133 9.71 54.57 -19.91
CA LYS A 133 9.05 55.32 -18.86
C LYS A 133 9.76 55.10 -17.54
N LEU A 134 10.89 54.40 -17.60
CA LEU A 134 11.71 54.12 -16.42
C LEU A 134 11.01 53.19 -15.43
N LEU A 135 10.38 52.14 -15.95
CA LEU A 135 9.69 51.17 -15.11
C LEU A 135 10.24 49.76 -15.36
N PRO A 136 10.23 48.92 -14.32
CA PRO A 136 10.71 47.53 -14.43
C PRO A 136 9.99 46.78 -15.54
N VAL A 137 10.69 45.86 -16.20
CA VAL A 137 10.10 45.08 -17.28
C VAL A 137 10.93 43.84 -17.59
N GLY A 138 10.26 42.76 -17.96
CA GLY A 138 10.93 41.53 -18.31
C GLY A 138 11.35 41.49 -19.77
N ARG A 139 12.65 41.53 -20.01
CA ARG A 139 13.18 41.55 -21.37
C ARG A 139 14.42 40.68 -21.49
N THR A 140 14.76 40.32 -22.71
CA THR A 140 15.98 39.55 -22.99
C THR A 140 17.13 40.50 -23.32
N VAL A 141 18.22 40.39 -22.58
CA VAL A 141 19.35 41.30 -22.75
C VAL A 141 20.63 40.58 -23.14
N MET A 142 21.35 41.14 -24.10
CA MET A 142 22.64 40.62 -24.50
C MET A 142 23.75 41.37 -23.77
N VAL A 143 24.74 40.64 -23.29
CA VAL A 143 25.83 41.25 -22.52
C VAL A 143 27.20 40.83 -23.04
N ASN A 144 28.02 41.83 -23.35
CA ASN A 144 29.38 41.58 -23.81
C ASN A 144 30.42 42.23 -22.89
N ILE A 145 31.65 41.74 -22.97
CA ILE A 145 32.75 42.31 -22.19
C ILE A 145 33.97 42.53 -23.08
N GLU A 146 34.21 43.79 -23.43
CA GLU A 146 35.32 44.13 -24.32
C GLU A 146 36.58 44.50 -23.54
N ASN A 147 37.72 43.98 -23.99
CA ASN A 147 39.01 44.33 -23.41
C ASN A 147 39.39 45.75 -23.81
N PRO A 148 40.45 46.31 -23.21
CA PRO A 148 40.86 47.68 -23.52
C PRO A 148 40.95 47.96 -25.02
N GLU A 149 41.31 46.95 -25.80
CA GLU A 149 41.47 47.13 -27.25
C GLU A 149 40.17 46.91 -28.03
N GLY A 150 39.06 46.81 -27.31
CA GLY A 150 37.75 46.72 -27.92
C GLY A 150 37.43 45.38 -28.58
N ILE A 151 37.84 44.30 -27.95
CA ILE A 151 37.58 42.96 -28.47
C ILE A 151 36.84 42.12 -27.43
N PRO A 152 35.62 41.69 -27.76
CA PRO A 152 34.77 40.89 -26.86
C PRO A 152 35.49 39.62 -26.39
N VAL A 153 35.44 39.36 -25.09
CA VAL A 153 36.07 38.17 -24.53
C VAL A 153 35.03 37.25 -23.89
N LYS A 154 33.84 37.78 -23.64
CA LYS A 154 32.75 37.02 -23.05
C LYS A 154 31.41 37.64 -23.42
N GLN A 155 30.47 36.78 -23.82
CA GLN A 155 29.14 37.24 -24.18
C GLN A 155 28.07 36.25 -23.72
N ASP A 156 27.00 36.78 -23.13
CA ASP A 156 25.91 35.94 -22.65
C ASP A 156 24.55 36.49 -23.07
N SER A 157 23.52 35.68 -22.90
CA SER A 157 22.16 36.10 -23.23
C SER A 157 21.23 35.87 -22.04
N LEU A 158 21.07 36.91 -21.22
CA LEU A 158 20.24 36.81 -20.03
C LEU A 158 18.84 37.35 -20.27
N SER A 159 18.03 37.32 -19.21
CA SER A 159 16.66 37.82 -19.28
C SER A 159 16.20 38.28 -17.91
N SER A 160 15.70 39.52 -17.84
CA SER A 160 15.23 40.08 -16.59
C SER A 160 13.85 39.57 -16.23
N GLN A 161 13.38 38.58 -16.98
CA GLN A 161 12.07 38.00 -16.75
C GLN A 161 11.95 37.45 -15.34
N ASN A 162 10.84 37.75 -14.67
CA ASN A 162 10.59 37.28 -13.31
C ASN A 162 11.71 37.68 -12.34
N GLN A 163 12.47 38.70 -12.71
CA GLN A 163 13.61 39.12 -11.91
C GLN A 163 13.45 40.55 -11.40
N LEU A 164 12.38 41.20 -11.83
CA LEU A 164 12.05 42.56 -11.38
C LEU A 164 13.04 43.60 -11.89
N GLY A 165 13.33 43.54 -13.19
CA GLY A 165 14.19 44.53 -13.83
C GLY A 165 15.57 44.70 -13.22
N VAL A 166 16.11 43.61 -12.66
CA VAL A 166 17.45 43.64 -12.06
C VAL A 166 18.21 42.37 -12.37
N LEU A 167 19.35 42.50 -13.05
CA LEU A 167 20.16 41.35 -13.41
C LEU A 167 21.51 41.31 -12.70
N PRO A 168 21.56 40.70 -11.51
CA PRO A 168 22.81 40.51 -10.78
C PRO A 168 23.79 39.71 -11.62
N LEU A 169 25.02 40.18 -11.73
CA LEU A 169 26.02 39.50 -12.56
C LEU A 169 27.42 39.65 -11.99
N SER A 170 28.38 38.97 -12.62
CA SER A 170 29.77 39.01 -12.19
C SER A 170 30.71 38.51 -13.28
N TRP A 171 31.93 39.04 -13.30
CA TRP A 171 32.96 38.59 -14.21
C TRP A 171 34.30 38.45 -13.49
N ASP A 172 34.91 37.28 -13.61
CA ASP A 172 36.17 37.00 -12.94
C ASP A 172 37.36 37.51 -13.76
N ILE A 173 38.16 38.37 -13.16
CA ILE A 173 39.33 38.94 -13.83
C ILE A 173 40.55 38.04 -13.66
N PRO A 174 41.08 37.54 -14.78
CA PRO A 174 42.24 36.64 -14.77
C PRO A 174 43.47 37.29 -14.14
N GLU A 175 44.31 36.48 -13.49
CA GLU A 175 45.54 36.99 -12.90
C GLU A 175 46.44 37.58 -13.97
N LEU A 176 46.49 36.91 -15.12
CA LEU A 176 47.26 37.39 -16.26
C LEU A 176 46.34 38.11 -17.24
N VAL A 177 45.87 39.28 -16.84
CA VAL A 177 44.93 40.04 -17.66
C VAL A 177 45.60 41.29 -18.22
N ASN A 178 44.94 41.93 -19.18
CA ASN A 178 45.46 43.14 -19.80
C ASN A 178 45.03 44.40 -19.07
N MET A 179 46.00 45.20 -18.63
CA MET A 179 45.70 46.46 -17.95
C MET A 179 45.05 47.43 -18.92
N GLY A 180 44.19 48.31 -18.40
CA GLY A 180 43.54 49.31 -19.21
C GLY A 180 42.08 49.50 -18.86
N GLN A 181 41.38 50.29 -19.66
CA GLN A 181 39.97 50.57 -19.44
C GLN A 181 39.09 49.50 -20.11
N TRP A 182 38.61 48.56 -19.31
CA TRP A 182 37.70 47.53 -19.80
C TRP A 182 36.30 48.11 -19.94
N LYS A 183 35.44 47.41 -20.67
CA LYS A 183 34.12 47.93 -20.99
C LYS A 183 33.05 46.85 -20.94
N ILE A 184 31.92 47.17 -20.30
CA ILE A 184 30.79 46.26 -20.24
C ILE A 184 29.65 46.77 -21.10
N ARG A 185 29.45 46.15 -22.25
CA ARG A 185 28.42 46.58 -23.19
C ARG A 185 27.19 45.70 -23.10
N ALA A 186 26.02 46.30 -23.29
CA ALA A 186 24.75 45.57 -23.20
C ALA A 186 23.68 46.21 -24.07
N TYR A 187 22.66 45.42 -24.42
CA TYR A 187 21.57 45.89 -25.26
C TYR A 187 20.43 44.89 -25.31
N TYR A 188 19.21 45.38 -25.55
CA TYR A 188 18.05 44.50 -25.69
C TYR A 188 18.17 43.69 -26.98
N GLU A 189 17.61 42.48 -26.97
CA GLU A 189 17.70 41.61 -28.13
C GLU A 189 16.91 42.16 -29.31
N ASN A 190 15.88 42.95 -29.00
CA ASN A 190 15.04 43.55 -30.03
C ASN A 190 15.53 44.94 -30.43
N SER A 191 16.80 45.23 -30.15
CA SER A 191 17.39 46.52 -30.50
C SER A 191 18.91 46.46 -30.45
N PRO A 192 19.52 45.68 -31.35
CA PRO A 192 20.98 45.49 -31.40
C PRO A 192 21.73 46.80 -31.63
N GLN A 193 21.05 47.77 -32.24
CA GLN A 193 21.67 49.05 -32.57
C GLN A 193 21.87 49.93 -31.33
N GLN A 194 20.83 50.02 -30.49
CA GLN A 194 20.90 50.83 -29.29
C GLN A 194 21.68 50.10 -28.19
N VAL A 195 22.95 50.47 -28.02
CA VAL A 195 23.83 49.77 -27.09
C VAL A 195 24.23 50.64 -25.90
N PHE A 196 24.08 50.09 -24.70
CA PHE A 196 24.50 50.77 -23.48
C PHE A 196 25.82 50.20 -22.99
N SER A 197 26.65 51.05 -22.39
CA SER A 197 27.97 50.60 -21.93
C SER A 197 28.43 51.34 -20.67
N THR A 198 29.29 50.67 -19.91
CA THR A 198 29.90 51.26 -18.73
C THR A 198 31.34 50.79 -18.63
N GLU A 199 32.24 51.69 -18.26
CA GLU A 199 33.66 51.35 -18.19
C GLU A 199 34.14 51.10 -16.76
N PHE A 200 35.17 50.28 -16.64
CA PHE A 200 35.84 50.07 -15.36
C PHE A 200 37.32 49.81 -15.61
N GLU A 201 38.18 50.38 -14.77
CA GLU A 201 39.62 50.31 -14.98
C GLU A 201 40.23 49.10 -14.30
N VAL A 202 41.11 48.40 -15.03
CA VAL A 202 41.86 47.28 -14.46
C VAL A 202 43.34 47.64 -14.39
N LYS A 203 43.87 47.65 -13.16
CA LYS A 203 45.22 48.14 -12.91
C LYS A 203 45.75 47.63 -11.58
N GLU A 204 47.07 47.47 -11.49
CA GLU A 204 47.71 47.09 -10.24
C GLU A 204 47.87 48.32 -9.34
N TYR A 205 47.32 48.26 -8.14
CA TYR A 205 47.34 49.41 -7.24
C TYR A 205 47.17 49.03 -5.78
N VAL A 206 47.20 50.04 -4.92
CA VAL A 206 46.95 49.88 -3.49
C VAL A 206 46.25 51.12 -2.96
N LEU A 207 45.17 50.93 -2.21
CA LEU A 207 44.41 52.05 -1.67
C LEU A 207 45.24 52.91 -0.73
N PRO A 208 45.23 54.24 -0.97
CA PRO A 208 45.94 55.21 -0.13
C PRO A 208 45.31 55.33 1.25
N SER A 209 46.01 55.96 2.18
CA SER A 209 45.49 56.13 3.53
C SER A 209 44.77 57.47 3.68
N PHE A 210 45.10 58.43 2.81
CA PHE A 210 44.47 59.75 2.86
C PHE A 210 44.17 60.27 1.46
N GLU A 211 43.28 61.25 1.39
CA GLU A 211 42.91 61.86 0.12
C GLU A 211 43.55 63.22 -0.04
N VAL A 212 43.65 63.69 -1.29
CA VAL A 212 44.23 65.00 -1.57
C VAL A 212 43.31 65.81 -2.48
N ILE A 213 43.04 67.05 -2.09
CA ILE A 213 42.15 67.92 -2.85
C ILE A 213 42.87 69.20 -3.27
N VAL A 214 42.61 69.65 -4.50
CA VAL A 214 43.21 70.88 -5.00
C VAL A 214 42.15 71.83 -5.57
N GLU A 215 41.65 72.71 -4.71
CA GLU A 215 40.64 73.69 -5.11
C GLU A 215 41.23 75.09 -5.18
N PRO A 216 41.33 75.64 -6.40
CA PRO A 216 41.79 77.02 -6.60
C PRO A 216 40.80 78.00 -6.00
N THR A 217 41.27 79.20 -5.64
CA THR A 217 40.40 80.22 -5.06
C THR A 217 39.22 80.52 -5.96
N GLU A 218 39.45 80.44 -7.27
CA GLU A 218 38.38 80.65 -8.25
C GLU A 218 38.29 79.46 -9.19
N LYS A 219 37.10 79.22 -9.71
CA LYS A 219 36.88 78.13 -10.65
C LYS A 219 37.32 78.52 -12.06
N PHE A 220 38.23 79.49 -12.13
CA PHE A 220 38.75 79.97 -13.40
C PHE A 220 39.97 80.86 -13.17
N TYR A 221 40.29 81.70 -14.14
CA TYR A 221 41.39 82.65 -14.01
C TYR A 221 41.27 83.82 -14.96
N TYR A 222 41.32 85.03 -14.41
CA TYR A 222 41.29 86.24 -15.20
C TYR A 222 42.69 86.56 -15.70
N ILE A 223 42.83 86.79 -17.01
CA ILE A 223 44.14 86.98 -17.62
C ILE A 223 44.93 88.12 -16.99
N TYR A 224 44.29 89.28 -16.84
CA TYR A 224 44.97 90.46 -16.33
C TYR A 224 45.02 90.49 -14.81
N ASN A 225 44.79 89.34 -14.19
CA ASN A 225 44.83 89.23 -12.74
C ASN A 225 46.26 89.12 -12.22
N GLU A 226 46.80 90.24 -11.77
CA GLU A 226 48.18 90.29 -11.30
C GLU A 226 48.43 89.35 -10.12
N LYS A 227 47.40 89.17 -9.29
CA LYS A 227 47.52 88.32 -8.11
C LYS A 227 47.97 86.91 -8.49
N GLY A 228 47.49 86.42 -9.63
CA GLY A 228 47.84 85.10 -10.09
C GLY A 228 46.79 84.05 -9.78
N LEU A 229 47.21 82.79 -9.74
CA LEU A 229 46.30 81.69 -9.44
C LEU A 229 46.62 81.06 -8.10
N GLU A 230 45.80 81.35 -7.09
CA GLU A 230 46.00 80.81 -5.76
C GLU A 230 45.25 79.49 -5.60
N VAL A 231 45.99 78.45 -5.21
CA VAL A 231 45.39 77.12 -5.05
C VAL A 231 45.54 76.61 -3.63
N THR A 232 44.47 76.00 -3.11
CA THR A 232 44.48 75.46 -1.76
C THR A 232 44.79 73.95 -1.79
N ILE A 233 45.59 73.50 -0.83
CA ILE A 233 45.95 72.09 -0.75
C ILE A 233 45.40 71.46 0.52
N THR A 234 44.23 70.84 0.42
CA THR A 234 43.62 70.18 1.56
C THR A 234 43.84 68.67 1.51
N ALA A 235 44.46 68.14 2.56
CA ALA A 235 44.74 66.71 2.64
C ALA A 235 44.37 66.16 4.02
N ARG A 236 43.44 65.22 4.04
CA ARG A 236 43.03 64.58 5.28
C ARG A 236 42.86 63.08 5.11
N PHE A 237 43.15 62.33 6.17
CA PHE A 237 43.00 60.87 6.14
C PHE A 237 41.58 60.47 5.78
N LEU A 238 41.41 59.20 5.42
CA LEU A 238 40.10 58.69 5.04
C LEU A 238 39.10 58.70 6.19
N TYR A 239 39.61 58.75 7.41
CA TYR A 239 38.75 58.76 8.60
C TYR A 239 38.54 60.15 9.16
N GLY A 240 38.85 61.17 8.37
CA GLY A 240 38.56 62.55 8.75
C GLY A 240 39.73 63.35 9.26
N LYS A 241 40.61 62.70 10.04
CA LYS A 241 41.76 63.38 10.63
C LYS A 241 42.59 64.13 9.60
N LYS A 242 43.32 65.13 10.05
CA LYS A 242 44.10 65.99 9.15
C LYS A 242 45.53 65.51 8.95
N VAL A 243 46.06 65.71 7.74
CA VAL A 243 47.36 65.19 7.36
C VAL A 243 48.53 66.10 7.72
N GLU A 244 49.61 65.50 8.21
CA GLU A 244 50.84 66.22 8.48
C GLU A 244 51.94 65.75 7.53
N GLY A 245 52.35 66.61 6.61
CA GLY A 245 53.37 66.24 5.65
C GLY A 245 53.81 67.36 4.72
N THR A 246 54.49 67.00 3.64
CA THR A 246 54.97 67.97 2.66
C THR A 246 54.22 67.79 1.34
N ALA A 247 54.20 68.85 0.52
CA ALA A 247 53.47 68.80 -0.74
C ALA A 247 54.28 69.37 -1.91
N PHE A 248 54.24 68.67 -3.03
CA PHE A 248 54.92 69.12 -4.25
C PHE A 248 53.90 69.48 -5.32
N VAL A 249 53.71 70.77 -5.55
CA VAL A 249 52.73 71.25 -6.51
C VAL A 249 53.38 71.88 -7.73
N ILE A 250 52.85 71.57 -8.91
CA ILE A 250 53.36 72.11 -10.17
C ILE A 250 52.19 72.49 -11.08
N PHE A 251 52.43 73.38 -12.03
CA PHE A 251 51.40 73.84 -12.94
C PHE A 251 51.73 73.53 -14.40
N GLY A 252 50.77 73.79 -15.29
CA GLY A 252 50.95 73.57 -16.71
C GLY A 252 49.80 74.11 -17.52
N ILE A 253 50.00 74.23 -18.83
CA ILE A 253 48.97 74.73 -19.72
C ILE A 253 48.51 73.64 -20.69
N GLN A 254 47.20 73.59 -20.92
CA GLN A 254 46.62 72.60 -21.83
C GLN A 254 45.81 73.28 -22.92
N ASP A 255 46.23 73.11 -24.16
CA ASP A 255 45.48 73.65 -25.28
C ASP A 255 45.37 72.62 -26.39
N GLY A 256 44.20 72.00 -26.44
CA GLY A 256 43.94 70.87 -27.28
C GLY A 256 44.20 69.58 -26.53
N GLU A 257 44.32 68.50 -27.29
CA GLU A 257 44.71 67.22 -26.73
C GLU A 257 46.21 67.19 -26.59
N GLN A 258 46.77 68.27 -26.03
CA GLN A 258 48.21 68.41 -25.85
C GLN A 258 48.52 69.34 -24.69
N ARG A 259 49.39 68.88 -23.79
CA ARG A 259 49.75 69.66 -22.62
C ARG A 259 51.17 70.21 -22.69
N ILE A 260 51.39 71.34 -22.04
CA ILE A 260 52.71 71.96 -21.98
C ILE A 260 53.08 72.28 -20.53
N SER A 261 53.96 71.46 -19.97
CA SER A 261 54.36 71.61 -18.57
C SER A 261 55.13 72.91 -18.33
N LEU A 262 55.06 73.41 -17.11
CA LEU A 262 55.78 74.63 -16.73
C LEU A 262 56.76 74.33 -15.60
N PRO A 263 57.97 73.88 -15.95
CA PRO A 263 59.00 73.50 -14.99
C PRO A 263 59.33 74.62 -14.00
N GLU A 264 59.06 75.86 -14.41
CA GLU A 264 59.37 77.02 -13.57
C GLU A 264 58.41 77.16 -12.39
N SER A 265 57.24 76.54 -12.52
CA SER A 265 56.21 76.66 -11.49
C SER A 265 56.19 75.47 -10.54
N LEU A 266 57.37 75.12 -10.02
CA LEU A 266 57.48 74.02 -9.07
C LEU A 266 57.62 74.56 -7.64
N LYS A 267 56.76 74.08 -6.75
CA LYS A 267 56.75 74.56 -5.37
C LYS A 267 56.75 73.41 -4.37
N ARG A 268 57.24 73.70 -3.16
CA ARG A 268 57.29 72.70 -2.09
C ARG A 268 56.76 73.30 -0.79
N ILE A 269 55.43 73.38 -0.67
CA ILE A 269 54.81 73.96 0.51
C ILE A 269 54.55 72.90 1.58
N PRO A 270 54.73 73.27 2.86
CA PRO A 270 54.44 72.37 3.98
C PRO A 270 52.94 72.17 4.16
N ILE A 271 52.55 71.02 4.70
CA ILE A 271 51.15 70.75 4.98
C ILE A 271 50.92 70.62 6.49
N GLU A 272 50.61 71.74 7.13
CA GLU A 272 50.37 71.75 8.56
C GLU A 272 48.87 71.81 8.85
N ASP A 273 48.43 71.02 9.82
CA ASP A 273 47.02 70.95 10.19
C ASP A 273 46.15 70.60 8.98
N GLY A 274 46.65 69.68 8.16
CA GLY A 274 45.92 69.21 7.00
C GLY A 274 45.53 70.30 6.02
N SER A 275 46.42 71.26 5.83
CA SER A 275 46.16 72.36 4.91
C SER A 275 47.44 72.98 4.38
N GLY A 276 47.38 73.50 3.15
CA GLY A 276 48.52 74.14 2.53
C GLY A 276 48.08 75.26 1.61
N GLU A 277 49.04 76.02 1.11
CA GLU A 277 48.72 77.13 0.21
C GLU A 277 49.85 77.38 -0.79
N VAL A 278 49.51 77.39 -2.07
CA VAL A 278 50.48 77.65 -3.12
C VAL A 278 49.92 78.64 -4.14
N VAL A 279 50.80 79.48 -4.68
CA VAL A 279 50.39 80.50 -5.64
C VAL A 279 51.22 80.43 -6.91
N LEU A 280 50.56 80.64 -8.05
CA LEU A 280 51.24 80.70 -9.34
C LEU A 280 51.36 82.15 -9.80
N SER A 281 52.55 82.72 -9.62
CA SER A 281 52.80 84.10 -10.03
C SER A 281 52.50 84.29 -11.51
N ARG A 282 51.81 85.38 -11.83
CA ARG A 282 51.46 85.67 -13.22
C ARG A 282 52.70 85.78 -14.09
N LYS A 283 53.82 86.13 -13.46
CA LYS A 283 55.10 86.23 -14.16
C LYS A 283 55.50 84.89 -14.77
N VAL A 284 55.48 83.84 -13.95
CA VAL A 284 55.84 82.51 -14.39
C VAL A 284 54.86 81.98 -15.44
N LEU A 285 53.60 82.37 -15.32
CA LEU A 285 52.57 81.94 -16.26
C LEU A 285 52.89 82.41 -17.67
N LEU A 286 52.99 83.73 -17.83
CA LEU A 286 53.31 84.32 -19.13
C LEU A 286 54.69 83.88 -19.60
N ASP A 287 55.60 83.70 -18.64
CA ASP A 287 56.96 83.26 -18.94
C ASP A 287 56.98 81.79 -19.32
N GLY A 288 55.92 81.08 -18.96
CA GLY A 288 55.78 79.67 -19.28
C GLY A 288 55.75 79.45 -20.78
N VAL A 289 54.94 80.23 -21.47
CA VAL A 289 54.89 80.20 -22.92
C VAL A 289 56.08 81.01 -23.45
N GLN A 290 55.79 81.96 -24.34
CA GLN A 290 56.81 82.88 -24.86
C GLN A 290 56.13 83.97 -25.67
N ASN A 291 54.85 83.77 -25.96
CA ASN A 291 54.07 84.72 -26.74
C ASN A 291 53.84 86.02 -25.97
N PRO A 292 54.36 87.13 -26.51
CA PRO A 292 54.22 88.45 -25.88
C PRO A 292 52.79 88.75 -25.46
N ARG A 293 51.84 88.51 -26.36
CA ARG A 293 50.43 88.73 -26.06
C ARG A 293 49.96 87.85 -24.91
N ALA A 294 49.00 88.37 -24.14
CA ALA A 294 48.43 87.61 -23.03
C ALA A 294 47.00 87.20 -23.36
N GLU A 295 46.45 87.78 -24.42
CA GLU A 295 45.09 87.48 -24.85
C GLU A 295 45.03 86.19 -25.67
N ASP A 296 46.20 85.71 -26.09
CA ASP A 296 46.27 84.46 -26.84
C ASP A 296 46.16 83.25 -25.90
N LEU A 297 46.28 83.51 -24.61
CA LEU A 297 46.09 82.47 -23.61
C LEU A 297 44.61 82.31 -23.30
N VAL A 298 43.82 83.31 -23.68
CA VAL A 298 42.37 83.26 -23.50
C VAL A 298 41.79 82.09 -24.28
N GLY A 299 41.10 81.20 -23.57
CA GLY A 299 40.55 80.01 -24.19
C GLY A 299 41.28 78.77 -23.70
N LYS A 300 42.58 78.90 -23.51
CA LYS A 300 43.39 77.81 -22.97
C LYS A 300 43.01 77.54 -21.52
N SER A 301 43.65 76.55 -20.92
CA SER A 301 43.37 76.18 -19.54
C SER A 301 44.63 75.79 -18.79
N LEU A 302 44.56 75.83 -17.46
CA LEU A 302 45.67 75.43 -16.62
C LEU A 302 45.32 74.17 -15.84
N TYR A 303 46.33 73.42 -15.41
CA TYR A 303 46.11 72.24 -14.60
C TYR A 303 47.10 72.15 -13.46
N VAL A 304 46.64 71.71 -12.30
CA VAL A 304 47.47 71.61 -11.11
C VAL A 304 47.80 70.15 -10.79
N SER A 305 49.05 69.91 -10.40
CA SER A 305 49.49 68.56 -10.04
C SER A 305 50.11 68.54 -8.65
N ALA A 306 49.33 68.11 -7.66
CA ALA A 306 49.79 68.09 -6.28
C ALA A 306 50.28 66.71 -5.86
N THR A 307 51.07 66.67 -4.79
CA THR A 307 51.62 65.43 -4.26
C THR A 307 51.96 65.57 -2.78
N VAL A 308 51.12 64.99 -1.93
CA VAL A 308 51.35 65.06 -0.49
C VAL A 308 52.13 63.83 0.00
N ILE A 309 53.03 64.06 0.95
CA ILE A 309 53.84 62.98 1.50
C ILE A 309 53.96 63.08 3.02
N LEU A 310 53.48 62.07 3.72
CA LEU A 310 53.54 62.03 5.18
C LEU A 310 54.98 62.10 5.68
N HIS A 311 55.15 62.52 6.93
CA HIS A 311 56.48 62.61 7.52
C HIS A 311 57.06 61.24 7.83
N SER A 312 56.21 60.22 7.78
CA SER A 312 56.64 58.84 8.03
C SER A 312 57.15 58.21 6.74
N GLY A 313 56.88 58.85 5.62
CA GLY A 313 57.30 58.34 4.32
C GLY A 313 56.71 56.97 4.03
N SER A 314 55.52 56.72 4.57
CA SER A 314 54.86 55.43 4.41
C SER A 314 53.88 55.44 3.24
N ASP A 315 53.27 56.60 2.99
CA ASP A 315 52.30 56.73 1.91
C ASP A 315 52.57 57.99 1.09
N MET A 316 52.09 57.99 -0.15
CA MET A 316 52.27 59.12 -1.05
C MET A 316 51.12 59.18 -2.05
N VAL A 317 50.37 60.27 -2.01
CA VAL A 317 49.19 60.42 -2.86
C VAL A 317 49.38 61.52 -3.90
N GLN A 318 48.86 61.29 -5.11
CA GLN A 318 48.94 62.25 -6.18
C GLN A 318 47.55 62.74 -6.59
N ALA A 319 47.38 64.05 -6.68
CA ALA A 319 46.09 64.63 -7.08
C ALA A 319 46.27 65.52 -8.29
N GLU A 320 45.16 66.02 -8.83
CA GLU A 320 45.20 66.88 -10.00
C GLU A 320 43.88 67.61 -10.25
N ARG A 321 43.99 68.88 -10.64
CA ARG A 321 42.83 69.67 -11.04
C ARG A 321 43.08 70.29 -12.40
N SER A 322 42.55 69.66 -13.44
CA SER A 322 42.76 70.14 -14.80
C SER A 322 41.56 70.90 -15.34
N GLY A 323 41.72 71.53 -16.50
CA GLY A 323 40.63 72.25 -17.14
C GLY A 323 40.21 73.51 -16.41
N ILE A 324 41.17 74.40 -16.18
CA ILE A 324 40.86 75.68 -15.54
C ILE A 324 40.77 76.79 -16.60
N PRO A 325 39.53 77.15 -16.97
CA PRO A 325 39.26 78.13 -18.02
C PRO A 325 39.91 79.48 -17.74
N ILE A 326 40.73 79.96 -18.67
CA ILE A 326 41.34 81.27 -18.56
C ILE A 326 40.53 82.28 -19.37
N VAL A 327 39.34 82.59 -18.89
CA VAL A 327 38.42 83.48 -19.60
C VAL A 327 38.60 84.93 -19.18
N THR A 328 38.13 85.84 -20.03
CA THR A 328 38.17 87.26 -19.73
C THR A 328 36.93 87.68 -18.95
N SER A 329 35.84 86.95 -19.16
CA SER A 329 34.59 87.22 -18.45
C SER A 329 34.21 86.05 -17.55
N PRO A 330 33.94 86.35 -16.27
CA PRO A 330 33.60 85.34 -15.26
C PRO A 330 32.27 84.65 -15.54
N TYR A 331 31.63 84.98 -16.65
CA TYR A 331 30.31 84.42 -16.97
C TYR A 331 30.16 84.09 -18.44
N GLN A 332 29.09 83.36 -18.77
CA GLN A 332 28.78 83.00 -20.15
C GLN A 332 27.28 83.12 -20.40
N ILE A 333 26.90 83.19 -21.67
CA ILE A 333 25.48 83.31 -22.03
C ILE A 333 25.12 82.34 -23.15
N HIS A 334 24.06 81.56 -22.93
CA HIS A 334 23.62 80.57 -23.91
C HIS A 334 22.14 80.70 -24.20
N PHE A 335 21.80 80.82 -25.48
CA PHE A 335 20.40 80.89 -25.90
C PHE A 335 19.91 79.51 -26.35
N THR A 336 20.45 78.47 -25.73
CA THR A 336 20.11 77.10 -26.09
C THR A 336 18.71 76.73 -25.63
N LYS A 337 18.21 77.43 -24.62
CA LYS A 337 16.88 77.14 -24.08
C LYS A 337 15.82 78.07 -24.65
N THR A 338 16.26 79.09 -25.37
CA THR A 338 15.35 80.09 -25.95
C THR A 338 14.93 79.69 -27.36
N PRO A 339 13.62 79.75 -27.64
CA PRO A 339 13.08 79.42 -28.96
C PRO A 339 13.77 80.18 -30.08
N LYS A 340 13.72 79.64 -31.29
CA LYS A 340 14.36 80.28 -32.44
C LYS A 340 13.34 80.85 -33.42
N TYR A 341 12.13 81.10 -32.93
CA TYR A 341 11.07 81.67 -33.77
C TYR A 341 10.20 82.64 -32.98
N PHE A 342 9.83 83.74 -33.61
CA PHE A 342 9.05 84.78 -32.95
C PHE A 342 7.77 85.11 -33.71
N LYS A 343 6.85 85.78 -33.04
CA LYS A 343 5.61 86.23 -33.67
C LYS A 343 5.62 87.75 -33.81
N PRO A 344 5.51 88.23 -35.06
CA PRO A 344 5.51 89.67 -35.35
C PRO A 344 4.47 90.43 -34.52
N GLY A 345 4.93 91.39 -33.73
CA GLY A 345 4.04 92.22 -32.93
C GLY A 345 3.91 91.73 -31.50
N MET A 346 3.87 90.43 -31.32
CA MET A 346 3.68 89.84 -29.99
C MET A 346 4.99 89.83 -29.21
N PRO A 347 4.88 89.81 -27.86
CA PRO A 347 6.05 89.75 -26.99
C PRO A 347 6.90 88.52 -27.24
N PHE A 348 8.22 88.67 -27.19
CA PHE A 348 9.14 87.57 -27.39
C PHE A 348 9.96 87.32 -26.13
N ASP A 349 9.70 86.18 -25.48
CA ASP A 349 10.38 85.84 -24.24
C ASP A 349 11.74 85.17 -24.50
N LEU A 350 12.66 85.35 -23.57
CA LEU A 350 13.99 84.76 -23.68
C LEU A 350 14.34 83.93 -22.46
N MET A 351 14.87 82.73 -22.68
CA MET A 351 15.34 81.88 -21.60
C MET A 351 16.86 81.97 -21.48
N VAL A 352 17.34 83.09 -20.95
CA VAL A 352 18.78 83.32 -20.80
C VAL A 352 19.41 82.27 -19.89
N PHE A 353 20.54 81.73 -20.31
CA PHE A 353 21.22 80.69 -19.54
C PHE A 353 22.64 81.13 -19.16
N VAL A 354 22.76 81.78 -18.01
CA VAL A 354 24.05 82.28 -17.54
C VAL A 354 24.79 81.23 -16.71
N THR A 355 25.98 80.87 -17.15
CA THR A 355 26.77 79.86 -16.47
C THR A 355 28.15 80.38 -16.06
N ASN A 356 28.94 79.51 -15.44
CA ASN A 356 30.30 79.85 -15.05
C ASN A 356 31.31 79.25 -16.03
N PRO A 357 32.58 79.67 -15.92
CA PRO A 357 33.63 79.18 -16.83
C PRO A 357 33.74 77.66 -16.85
N ASP A 358 33.32 77.00 -15.78
CA ASP A 358 33.40 75.53 -15.71
C ASP A 358 32.13 74.87 -16.23
N GLY A 359 31.01 75.60 -16.16
CA GLY A 359 29.74 75.09 -16.65
C GLY A 359 28.63 75.15 -15.61
N SER A 360 29.01 75.37 -14.36
CA SER A 360 28.04 75.45 -13.27
C SER A 360 27.19 76.71 -13.37
N PRO A 361 25.89 76.60 -13.07
CA PRO A 361 24.95 77.72 -13.12
C PRO A 361 25.41 78.89 -12.26
N ALA A 362 25.07 80.10 -12.68
CA ALA A 362 25.44 81.30 -11.93
C ALA A 362 24.24 81.87 -11.20
N TYR A 363 24.35 81.96 -9.87
CA TYR A 363 23.26 82.42 -9.03
C TYR A 363 23.22 83.95 -8.93
N ARG A 364 22.05 84.52 -9.24
CA ARG A 364 21.87 85.97 -9.20
C ARG A 364 22.85 86.72 -10.09
N VAL A 365 22.51 86.85 -11.37
CA VAL A 365 23.33 87.58 -12.32
C VAL A 365 22.47 88.47 -13.20
N PRO A 366 22.46 89.78 -12.94
CA PRO A 366 21.68 90.75 -13.71
C PRO A 366 21.92 90.63 -15.20
N VAL A 367 20.84 90.56 -15.98
CA VAL A 367 20.94 90.50 -17.43
C VAL A 367 19.93 91.41 -18.09
N ALA A 368 20.33 92.01 -19.22
CA ALA A 368 19.46 92.91 -19.96
C ALA A 368 19.77 92.85 -21.45
N VAL A 369 18.98 93.56 -22.25
CA VAL A 369 19.16 93.58 -23.69
C VAL A 369 19.70 94.92 -24.17
N GLN A 370 20.54 94.88 -25.20
CA GLN A 370 21.12 96.10 -25.77
C GLN A 370 20.04 97.13 -26.11
N GLY A 371 18.86 96.63 -26.49
CA GLY A 371 17.76 97.49 -26.89
C GLY A 371 17.22 98.37 -25.80
N GLU A 372 16.66 97.76 -24.77
CA GLU A 372 15.99 98.51 -23.70
C GLU A 372 16.69 98.33 -22.35
N ASP A 373 16.81 99.42 -21.61
CA ASP A 373 17.38 99.37 -20.27
C ASP A 373 16.28 99.17 -19.23
N THR A 374 16.69 99.02 -17.97
CA THR A 374 15.75 98.82 -16.87
C THR A 374 15.08 97.45 -16.93
N VAL A 375 14.86 96.96 -18.15
CA VAL A 375 14.29 95.63 -18.35
C VAL A 375 15.33 94.57 -18.01
N GLN A 376 15.48 94.28 -16.73
CA GLN A 376 16.46 93.32 -16.25
C GLN A 376 15.80 92.20 -15.46
N SER A 377 16.60 91.21 -15.08
CA SER A 377 16.11 90.08 -14.30
C SER A 377 17.26 89.27 -13.73
N LEU A 378 17.33 89.20 -12.41
CA LEU A 378 18.39 88.46 -11.73
C LEU A 378 18.25 86.96 -11.98
N THR A 379 19.33 86.34 -12.45
CA THR A 379 19.34 84.91 -12.72
C THR A 379 18.97 84.12 -11.48
N GLN A 380 18.17 83.06 -11.67
CA GLN A 380 17.75 82.21 -10.56
C GLN A 380 18.84 81.21 -10.20
N GLY A 381 18.51 80.29 -9.29
CA GLY A 381 19.46 79.29 -8.85
C GLY A 381 19.83 78.30 -9.94
N ASP A 382 18.87 77.99 -10.80
CA ASP A 382 19.09 77.04 -11.88
C ASP A 382 19.97 77.62 -12.98
N GLY A 383 20.23 78.92 -12.91
CA GLY A 383 21.06 79.59 -13.89
C GLY A 383 20.26 80.06 -15.09
N VAL A 384 18.97 80.30 -14.88
CA VAL A 384 18.08 80.74 -15.95
C VAL A 384 17.43 82.07 -15.62
N ALA A 385 17.45 82.99 -16.58
CA ALA A 385 16.82 84.30 -16.41
C ALA A 385 15.58 84.43 -17.27
N LYS A 386 14.73 85.40 -16.94
CA LYS A 386 13.48 85.61 -17.66
C LYS A 386 13.41 87.00 -18.28
N LEU A 387 13.60 87.07 -19.59
CA LEU A 387 13.51 88.34 -20.32
C LEU A 387 12.33 88.33 -21.27
N SER A 388 11.93 89.51 -21.73
CA SER A 388 10.82 89.65 -22.66
C SER A 388 10.84 91.00 -23.37
N ILE A 389 11.17 90.99 -24.66
CA ILE A 389 11.25 92.21 -25.45
C ILE A 389 10.08 92.31 -26.42
N ASN A 390 9.73 93.54 -26.78
CA ASN A 390 8.62 93.78 -27.70
C ASN A 390 9.06 93.65 -29.16
N THR A 391 8.20 93.04 -29.98
CA THR A 391 8.51 92.81 -31.38
C THR A 391 7.61 93.63 -32.30
N HIS A 392 8.13 93.99 -33.47
CA HIS A 392 7.35 94.75 -34.45
C HIS A 392 6.71 93.81 -35.47
N PRO A 393 5.55 94.22 -36.03
CA PRO A 393 4.81 93.42 -37.02
C PRO A 393 5.61 93.13 -38.28
N SER A 394 6.82 93.68 -38.37
CA SER A 394 7.67 93.47 -39.53
C SER A 394 8.05 92.00 -39.68
N GLN A 395 8.25 91.57 -40.92
CA GLN A 395 8.64 90.19 -41.21
C GLN A 395 10.16 90.04 -41.21
N LYS A 396 10.85 91.05 -40.70
CA LYS A 396 12.30 91.06 -40.69
C LYS A 396 12.85 90.20 -39.56
N PRO A 397 13.84 89.33 -39.86
CA PRO A 397 14.48 88.48 -38.87
C PRO A 397 14.85 89.24 -37.60
N LEU A 398 14.64 88.63 -36.45
CA LEU A 398 14.88 89.29 -35.17
C LEU A 398 16.27 88.95 -34.64
N SER A 399 17.00 89.96 -34.21
CA SER A 399 18.33 89.77 -33.65
C SER A 399 18.41 90.37 -32.24
N ILE A 400 18.84 89.56 -31.27
CA ILE A 400 18.93 89.99 -29.90
C ILE A 400 20.35 89.84 -29.36
N THR A 401 20.77 90.79 -28.53
CA THR A 401 22.08 90.75 -27.91
C THR A 401 21.98 91.01 -26.42
N VAL A 402 22.10 89.95 -25.62
CA VAL A 402 22.00 90.07 -24.18
C VAL A 402 23.38 90.13 -23.54
N ARG A 403 23.55 91.06 -22.59
CA ARG A 403 24.83 91.21 -21.89
C ARG A 403 24.63 91.06 -20.38
N THR A 404 25.71 91.26 -19.63
CA THR A 404 25.66 91.14 -18.18
C THR A 404 25.94 92.47 -17.50
N LYS A 405 24.90 93.02 -16.87
CA LYS A 405 25.03 94.29 -16.15
C LYS A 405 25.56 94.05 -14.73
N LYS A 406 26.38 93.02 -14.57
CA LYS A 406 26.97 92.69 -13.29
C LYS A 406 27.89 93.81 -12.80
N GLN A 407 27.51 94.45 -11.69
CA GLN A 407 28.33 95.49 -11.10
C GLN A 407 29.66 94.91 -10.62
N GLU A 408 30.52 95.78 -10.08
CA GLU A 408 31.82 95.37 -9.58
C GLU A 408 32.67 94.77 -10.70
N LEU A 409 32.29 95.06 -11.93
CA LEU A 409 33.00 94.52 -13.09
C LEU A 409 32.83 95.43 -14.31
N SER A 410 33.94 95.75 -14.95
CA SER A 410 33.92 96.63 -16.12
C SER A 410 33.21 95.98 -17.30
N GLU A 411 32.79 96.81 -18.26
CA GLU A 411 32.11 96.32 -19.45
C GLU A 411 33.05 95.47 -20.32
N ALA A 412 34.34 95.68 -20.16
CA ALA A 412 35.34 94.94 -20.94
C ALA A 412 35.51 93.53 -20.41
N GLU A 413 35.04 93.29 -19.19
CA GLU A 413 35.18 91.98 -18.56
C GLU A 413 33.84 91.25 -18.47
N GLN A 414 32.89 91.67 -19.30
CA GLN A 414 31.57 91.04 -19.31
C GLN A 414 31.39 90.14 -20.53
N ALA A 415 30.45 89.22 -20.45
CA ALA A 415 30.18 88.29 -21.54
C ALA A 415 29.02 88.78 -22.40
N THR A 416 28.95 88.26 -23.62
CA THR A 416 27.89 88.64 -24.54
C THR A 416 27.64 87.56 -25.58
N ARG A 417 26.39 87.45 -26.03
CA ARG A 417 26.01 86.46 -27.03
C ARG A 417 24.87 87.01 -27.89
N THR A 418 24.83 86.59 -29.14
CA THR A 418 23.80 87.06 -30.07
C THR A 418 23.15 85.91 -30.83
N MET A 419 21.82 85.88 -30.83
CA MET A 419 21.07 84.85 -31.57
C MET A 419 20.20 85.48 -32.64
N GLN A 420 19.50 84.64 -33.38
CA GLN A 420 18.63 85.12 -34.46
C GLN A 420 17.35 84.29 -34.56
N ALA A 421 16.21 84.96 -34.46
CA ALA A 421 14.91 84.30 -34.56
C ALA A 421 14.26 84.61 -35.90
N LEU A 422 13.44 83.69 -36.39
CA LEU A 422 12.76 83.88 -37.67
C LEU A 422 11.25 84.00 -37.48
N PRO A 423 10.58 84.72 -38.39
CA PRO A 423 9.13 84.95 -38.33
C PRO A 423 8.34 83.64 -38.44
N TYR A 424 7.16 83.62 -37.84
CA TYR A 424 6.28 82.47 -37.90
C TYR A 424 5.33 82.59 -39.09
N SER A 425 5.56 81.76 -40.11
CA SER A 425 4.74 81.78 -41.32
C SER A 425 3.26 81.55 -41.00
N THR A 426 2.40 82.30 -41.66
CA THR A 426 0.96 82.21 -41.43
C THR A 426 0.23 81.63 -42.63
N VAL A 427 -0.78 80.82 -42.38
CA VAL A 427 -1.57 80.22 -43.45
C VAL A 427 -2.46 81.26 -44.12
N GLY A 428 -2.02 81.78 -45.26
CA GLY A 428 -2.76 82.80 -45.98
C GLY A 428 -2.42 84.20 -45.52
N ASN A 429 -1.31 84.32 -44.79
CA ASN A 429 -0.85 85.61 -44.28
C ASN A 429 -1.91 86.32 -43.44
N SER A 430 -2.83 85.55 -42.87
CA SER A 430 -3.93 86.10 -42.10
C SER A 430 -3.46 86.73 -40.78
N ASN A 431 -2.15 86.68 -40.54
CA ASN A 431 -1.57 87.25 -39.33
C ASN A 431 -2.17 86.69 -38.05
N ASN A 432 -2.62 85.44 -38.11
CA ASN A 432 -3.14 84.76 -36.94
C ASN A 432 -2.04 84.01 -36.20
N TYR A 433 -1.76 84.44 -34.97
CA TYR A 433 -0.69 83.85 -34.18
C TYR A 433 -1.18 83.32 -32.84
N LEU A 434 -0.27 82.69 -32.10
CA LEU A 434 -0.58 82.19 -30.76
C LEU A 434 0.69 82.11 -29.93
N HIS A 435 0.63 82.62 -28.70
CA HIS A 435 1.80 82.64 -27.82
C HIS A 435 1.47 82.07 -26.46
N LEU A 436 2.42 81.34 -25.88
CA LEU A 436 2.23 80.71 -24.58
C LEU A 436 3.28 81.17 -23.57
N SER A 437 2.96 82.22 -22.83
CA SER A 437 3.86 82.73 -21.81
C SER A 437 3.68 81.99 -20.50
N VAL A 438 4.79 81.64 -19.86
CA VAL A 438 4.74 80.91 -18.59
C VAL A 438 5.69 81.53 -17.57
N LEU A 439 5.17 81.81 -16.38
CA LEU A 439 5.97 82.38 -15.31
C LEU A 439 7.16 81.47 -14.99
N ARG A 440 8.34 81.87 -15.44
CA ARG A 440 9.54 81.06 -15.26
C ARG A 440 10.00 81.01 -13.80
N THR A 441 9.62 79.94 -13.11
CA THR A 441 10.10 79.69 -11.75
C THR A 441 10.37 78.20 -11.60
N GLU A 442 11.27 77.86 -10.68
CA GLU A 442 11.62 76.46 -10.46
C GLU A 442 10.40 75.65 -10.07
N LEU A 443 9.86 74.91 -11.03
CA LEU A 443 8.69 74.06 -10.78
C LEU A 443 9.06 72.86 -9.93
N ARG A 444 8.17 72.51 -9.00
CA ARG A 444 8.38 71.37 -8.12
C ARG A 444 7.12 70.51 -8.06
N PRO A 445 7.30 69.18 -8.00
CA PRO A 445 6.17 68.25 -7.96
C PRO A 445 5.18 68.58 -6.83
N GLY A 446 3.92 68.76 -7.18
CA GLY A 446 2.89 69.06 -6.19
C GLY A 446 2.38 70.48 -6.30
N GLU A 447 3.16 71.36 -6.92
CA GLU A 447 2.79 72.77 -7.06
C GLU A 447 1.80 72.98 -8.20
N THR A 448 1.63 74.22 -8.60
CA THR A 448 0.71 74.57 -9.68
C THR A 448 1.35 75.60 -10.62
N LEU A 449 1.16 75.38 -11.92
CA LEU A 449 1.71 76.27 -12.94
C LEU A 449 0.60 76.94 -13.74
N ASN A 450 0.74 78.25 -13.97
CA ASN A 450 -0.23 78.99 -14.76
C ASN A 450 0.23 79.21 -16.20
N VAL A 451 -0.40 78.49 -17.13
CA VAL A 451 -0.08 78.64 -18.55
C VAL A 451 -0.97 79.69 -19.19
N ASN A 452 -0.35 80.64 -19.87
CA ASN A 452 -1.08 81.74 -20.49
C ASN A 452 -1.26 81.56 -22.01
N PHE A 453 -2.50 81.70 -22.46
CA PHE A 453 -2.81 81.59 -23.88
C PHE A 453 -3.11 82.97 -24.49
N LEU A 454 -2.13 83.54 -25.16
CA LEU A 454 -2.29 84.86 -25.78
C LEU A 454 -2.63 84.73 -27.26
N LEU A 455 -3.71 85.39 -27.67
CA LEU A 455 -4.18 85.31 -29.05
C LEU A 455 -3.92 86.61 -29.81
N ARG A 456 -3.89 86.52 -31.14
CA ARG A 456 -3.68 87.70 -31.98
C ARG A 456 -4.39 87.56 -33.32
N MET A 457 -5.53 88.22 -33.46
CA MET A 457 -6.29 88.22 -34.70
C MET A 457 -7.37 89.29 -34.68
N ASP A 458 -7.80 89.73 -35.86
CA ASP A 458 -8.84 90.74 -35.97
C ASP A 458 -10.17 90.23 -35.43
N ARG A 459 -11.06 91.14 -35.08
CA ARG A 459 -12.37 90.78 -34.54
C ARG A 459 -13.26 90.15 -35.60
N ALA A 460 -12.75 90.10 -36.83
CA ALA A 460 -13.52 89.55 -37.95
C ALA A 460 -13.81 88.07 -37.79
N HIS A 461 -12.98 87.38 -37.01
CA HIS A 461 -13.15 85.94 -36.81
C HIS A 461 -12.73 85.49 -35.42
N GLU A 462 -12.51 86.45 -34.52
CA GLU A 462 -12.11 86.13 -33.16
C GLU A 462 -13.25 85.45 -32.40
N ALA A 463 -14.47 85.64 -32.87
CA ALA A 463 -15.64 85.06 -32.23
C ALA A 463 -15.82 83.58 -32.59
N LYS A 464 -14.91 83.08 -33.44
CA LYS A 464 -14.95 81.68 -33.84
C LYS A 464 -14.03 80.83 -32.97
N ILE A 465 -13.10 81.50 -32.28
CA ILE A 465 -12.18 80.81 -31.38
C ILE A 465 -12.84 80.59 -30.03
N ARG A 466 -13.39 79.40 -29.83
CA ARG A 466 -14.12 79.09 -28.60
C ARG A 466 -13.32 78.19 -27.67
N TYR A 467 -12.18 77.69 -28.14
CA TYR A 467 -11.35 76.80 -27.33
C TYR A 467 -9.98 76.54 -27.94
N TYR A 468 -9.02 76.22 -27.09
CA TYR A 468 -7.70 75.80 -27.52
C TYR A 468 -7.52 74.32 -27.23
N THR A 469 -6.45 73.73 -27.76
CA THR A 469 -6.18 72.32 -27.53
C THR A 469 -4.73 72.11 -27.12
N TYR A 470 -4.50 71.93 -25.82
CA TYR A 470 -3.15 71.76 -25.29
C TYR A 470 -2.77 70.29 -25.14
N LEU A 471 -1.53 69.96 -25.47
CA LEU A 471 -1.03 68.60 -25.34
C LEU A 471 0.26 68.57 -24.53
N ILE A 472 0.32 67.67 -23.55
CA ILE A 472 1.48 67.56 -22.69
C ILE A 472 2.45 66.49 -23.22
N MET A 473 3.65 66.92 -23.60
CA MET A 473 4.70 65.99 -24.02
C MET A 473 5.64 65.72 -22.85
N ASN A 474 6.02 64.46 -22.68
CA ASN A 474 6.87 64.07 -21.57
C ASN A 474 7.57 62.74 -21.80
N LYS A 475 8.90 62.77 -21.79
CA LYS A 475 9.71 61.57 -21.98
C LYS A 475 9.36 60.85 -23.29
N GLY A 476 8.90 61.62 -24.28
CA GLY A 476 8.60 61.08 -25.59
C GLY A 476 7.25 60.41 -25.71
N ARG A 477 6.28 60.89 -24.95
CA ARG A 477 4.93 60.34 -24.97
C ARG A 477 3.90 61.42 -24.66
N LEU A 478 2.62 61.07 -24.79
CA LEU A 478 1.54 61.99 -24.48
C LEU A 478 1.05 61.79 -23.05
N LEU A 479 1.46 62.68 -22.15
CA LEU A 479 1.09 62.60 -20.75
C LEU A 479 -0.38 62.96 -20.54
N LYS A 480 -0.84 63.97 -21.27
CA LYS A 480 -2.24 64.41 -21.17
C LYS A 480 -2.61 65.34 -22.32
N ALA A 481 -3.90 65.36 -22.65
CA ALA A 481 -4.40 66.25 -23.69
C ALA A 481 -5.81 66.75 -23.34
N GLY A 482 -5.98 68.07 -23.30
CA GLY A 482 -7.25 68.66 -22.94
C GLY A 482 -7.60 69.88 -23.75
N ARG A 483 -8.60 70.63 -23.28
CA ARG A 483 -9.07 71.83 -23.96
C ARG A 483 -9.01 73.06 -23.05
N GLN A 484 -9.10 74.23 -23.67
CA GLN A 484 -9.12 75.48 -22.92
C GLN A 484 -10.18 76.43 -23.47
N VAL A 485 -11.33 76.47 -22.81
CA VAL A 485 -12.45 77.28 -23.27
C VAL A 485 -12.07 78.76 -23.42
N ARG A 486 -12.85 79.47 -24.23
CA ARG A 486 -12.61 80.89 -24.48
C ARG A 486 -13.85 81.57 -25.06
N GLU A 487 -14.22 82.72 -24.48
CA GLU A 487 -15.34 83.50 -24.99
C GLU A 487 -14.85 84.67 -25.83
N PRO A 488 -15.66 85.07 -26.83
CA PRO A 488 -15.32 86.19 -27.72
C PRO A 488 -15.02 87.46 -26.94
N GLY A 489 -13.79 87.95 -27.04
CA GLY A 489 -13.38 89.16 -26.35
C GLY A 489 -12.21 88.94 -25.41
N GLN A 490 -11.93 87.67 -25.11
CA GLN A 490 -10.82 87.32 -24.22
C GLN A 490 -9.53 87.11 -25.01
N ASP A 491 -8.60 88.04 -24.85
CA ASP A 491 -7.32 87.98 -25.55
C ASP A 491 -6.31 87.12 -24.80
N LEU A 492 -6.54 86.94 -23.50
CA LEU A 492 -5.63 86.16 -22.67
C LEU A 492 -6.38 85.33 -21.62
N VAL A 493 -6.25 84.01 -21.73
CA VAL A 493 -6.86 83.11 -20.77
C VAL A 493 -5.79 82.38 -19.97
N VAL A 494 -6.19 81.76 -18.86
CA VAL A 494 -5.24 81.07 -17.99
C VAL A 494 -5.58 79.59 -17.86
N LEU A 495 -4.55 78.76 -17.70
CA LEU A 495 -4.74 77.32 -17.54
C LEU A 495 -4.18 76.83 -16.21
N PRO A 496 -5.07 76.32 -15.34
CA PRO A 496 -4.70 75.77 -14.03
C PRO A 496 -4.02 74.41 -14.17
N LEU A 497 -2.74 74.41 -14.54
CA LEU A 497 -2.01 73.16 -14.72
C LEU A 497 -1.40 72.65 -13.42
N SER A 498 -1.72 71.42 -13.05
CA SER A 498 -1.19 70.81 -11.85
C SER A 498 0.04 69.97 -12.16
N ILE A 499 1.17 70.35 -11.57
CA ILE A 499 2.42 69.62 -11.78
C ILE A 499 2.56 68.45 -10.81
N THR A 500 2.70 67.25 -11.36
CA THR A 500 2.87 66.05 -10.54
C THR A 500 4.28 65.49 -10.66
N THR A 501 4.45 64.24 -10.27
CA THR A 501 5.77 63.60 -10.34
C THR A 501 6.03 63.06 -11.74
N ASP A 502 4.99 63.06 -12.57
CA ASP A 502 5.11 62.55 -13.93
C ASP A 502 5.89 63.49 -14.83
N PHE A 503 5.63 64.78 -14.67
CA PHE A 503 6.26 65.80 -15.52
C PHE A 503 7.78 65.76 -15.49
N ILE A 504 8.33 65.17 -14.44
CA ILE A 504 9.78 65.01 -14.31
C ILE A 504 10.33 64.21 -15.49
N PRO A 505 11.46 64.64 -16.06
CA PRO A 505 12.24 65.82 -15.69
C PRO A 505 11.77 67.08 -16.41
N SER A 506 11.36 66.91 -17.66
CA SER A 506 10.95 68.04 -18.49
C SER A 506 9.69 67.70 -19.28
N PHE A 507 8.93 68.73 -19.64
CA PHE A 507 7.70 68.55 -20.40
C PHE A 507 7.46 69.69 -21.38
N ARG A 508 6.96 69.34 -22.56
CA ARG A 508 6.62 70.34 -23.56
C ARG A 508 5.10 70.55 -23.62
N LEU A 509 4.69 71.78 -23.92
CA LEU A 509 3.27 72.09 -24.00
C LEU A 509 2.95 72.73 -25.35
N VAL A 510 2.13 72.05 -26.14
CA VAL A 510 1.71 72.56 -27.43
C VAL A 510 0.22 72.87 -27.44
N ALA A 511 -0.13 74.02 -28.01
CA ALA A 511 -1.53 74.42 -28.08
C ALA A 511 -1.86 74.94 -29.48
N TYR A 512 -2.99 74.51 -30.02
CA TYR A 512 -3.41 74.94 -31.34
C TYR A 512 -4.91 75.23 -31.39
N TYR A 513 -5.30 76.18 -32.23
CA TYR A 513 -6.71 76.48 -32.45
C TYR A 513 -7.01 76.47 -33.94
N THR A 514 -8.24 76.09 -34.30
CA THR A 514 -8.62 75.99 -35.70
C THR A 514 -9.94 76.69 -35.97
N LEU A 515 -10.02 77.35 -37.12
CA LEU A 515 -11.23 78.07 -37.50
C LEU A 515 -11.32 78.21 -39.02
N ILE A 516 -12.41 78.81 -39.50
CA ILE A 516 -12.57 79.04 -40.91
C ILE A 516 -12.57 80.54 -41.22
N GLY A 517 -11.53 81.23 -40.76
CA GLY A 517 -11.37 82.64 -41.05
C GLY A 517 -11.12 82.88 -42.52
N ALA A 518 -10.48 84.00 -42.84
CA ALA A 518 -10.11 84.37 -44.21
C ALA A 518 -11.07 83.91 -45.32
N SER A 519 -10.66 84.15 -46.56
CA SER A 519 -11.47 83.83 -47.75
C SER A 519 -12.41 82.64 -47.58
N GLY A 520 -11.92 81.59 -46.93
CA GLY A 520 -12.68 80.38 -46.69
C GLY A 520 -11.82 79.15 -46.84
N GLN A 521 -11.12 78.80 -45.76
CA GLN A 521 -10.15 77.73 -45.81
C GLN A 521 -9.61 77.39 -44.42
N ARG A 522 -9.84 76.14 -44.02
CA ARG A 522 -9.42 75.66 -42.70
C ARG A 522 -7.98 76.07 -42.38
N GLU A 523 -7.82 77.02 -41.45
CA GLU A 523 -6.50 77.46 -41.03
C GLU A 523 -6.08 76.85 -39.70
N VAL A 524 -4.79 76.59 -39.55
CA VAL A 524 -4.27 76.01 -38.33
C VAL A 524 -3.14 76.86 -37.76
N VAL A 525 -3.23 77.18 -36.47
CA VAL A 525 -2.20 77.94 -35.78
C VAL A 525 -1.85 77.25 -34.47
N ALA A 526 -0.55 77.11 -34.21
CA ALA A 526 -0.09 76.43 -33.01
C ALA A 526 1.17 77.06 -32.42
N ASP A 527 1.59 76.56 -31.27
CA ASP A 527 2.79 77.05 -30.60
C ASP A 527 3.22 76.05 -29.53
N SER A 528 4.52 76.01 -29.25
CA SER A 528 5.05 75.11 -28.24
C SER A 528 5.97 75.83 -27.27
N VAL A 529 6.09 75.28 -26.06
CA VAL A 529 6.95 75.86 -25.03
C VAL A 529 7.50 74.80 -24.10
N TRP A 530 8.82 74.69 -24.04
CA TRP A 530 9.48 73.70 -23.19
C TRP A 530 9.67 74.23 -21.78
N VAL A 531 9.47 73.36 -20.80
CA VAL A 531 9.59 73.73 -19.39
C VAL A 531 10.30 72.65 -18.59
N ASP A 532 11.28 73.05 -17.80
CA ASP A 532 12.00 72.11 -16.94
C ASP A 532 11.40 72.05 -15.55
N VAL A 533 11.46 70.87 -14.94
CA VAL A 533 10.95 70.67 -13.58
C VAL A 533 12.10 70.27 -12.66
N LYS A 534 11.91 70.48 -11.36
CA LYS A 534 12.92 70.11 -10.37
C LYS A 534 13.28 68.64 -10.52
N ASP A 535 14.35 68.39 -11.27
CA ASP A 535 14.75 67.03 -11.60
C ASP A 535 15.18 66.26 -10.35
N SER A 536 14.40 65.23 -10.02
CA SER A 536 14.67 64.40 -8.85
C SER A 536 14.04 63.02 -9.02
N CYS A 537 14.09 62.21 -7.97
CA CYS A 537 13.52 60.88 -8.01
C CYS A 537 11.99 60.95 -8.09
N VAL A 538 11.40 60.06 -8.88
CA VAL A 538 9.94 59.99 -9.02
C VAL A 538 9.32 59.70 -7.66
N GLY A 539 9.93 58.76 -6.93
CA GLY A 539 9.49 58.44 -5.58
C GLY A 539 10.43 59.01 -4.55
N SER A 540 11.05 58.15 -3.76
CA SER A 540 12.01 58.58 -2.75
C SER A 540 12.80 57.40 -2.18
N LEU A 541 14.04 57.67 -1.80
CA LEU A 541 14.90 56.66 -1.18
C LEU A 541 15.98 57.32 -0.35
N VAL A 542 15.91 57.12 0.96
CA VAL A 542 16.87 57.72 1.88
C VAL A 542 17.62 56.62 2.63
N VAL A 543 18.86 56.91 3.01
CA VAL A 543 19.67 55.98 3.78
C VAL A 543 20.39 56.69 4.92
N LYS A 544 19.79 56.67 6.10
CA LYS A 544 20.39 57.29 7.28
C LYS A 544 20.82 56.24 8.29
N SER A 545 21.53 56.68 9.32
CA SER A 545 22.02 55.76 10.36
C SER A 545 20.91 55.39 11.34
N GLY A 546 20.93 54.14 11.80
CA GLY A 546 19.95 53.67 12.76
C GLY A 546 20.35 54.01 14.19
N GLN A 547 21.67 54.12 14.40
CA GLN A 547 22.19 54.48 15.72
C GLN A 547 21.61 55.81 16.20
N SER A 548 21.57 55.98 17.52
CA SER A 548 21.11 57.23 18.11
C SER A 548 22.23 58.27 18.12
N GLU A 549 22.75 58.55 16.93
CA GLU A 549 23.87 59.49 16.78
C GLU A 549 25.11 58.98 17.49
N ASP A 550 25.23 59.29 18.77
CA ASP A 550 26.34 58.83 19.59
C ASP A 550 27.68 59.24 18.99
N ARG A 551 28.66 58.35 19.10
CA ARG A 551 29.99 58.61 18.56
C ARG A 551 30.20 57.85 17.25
N GLN A 552 31.46 57.59 16.92
CA GLN A 552 31.80 56.86 15.70
C GLN A 552 31.97 55.38 15.96
N PRO A 553 31.60 54.54 14.97
CA PRO A 553 31.69 53.09 15.06
C PRO A 553 33.13 52.61 15.23
N VAL A 554 33.30 51.32 15.50
CA VAL A 554 34.60 50.72 15.71
C VAL A 554 34.76 49.48 14.84
N PRO A 555 35.93 49.31 14.24
CA PRO A 555 36.18 48.16 13.36
C PRO A 555 35.66 46.86 13.95
N GLY A 556 34.63 46.29 13.33
CA GLY A 556 34.05 45.04 13.77
C GLY A 556 32.90 45.24 14.73
N GLN A 557 32.02 46.19 14.39
CA GLN A 557 30.88 46.51 15.25
C GLN A 557 29.58 46.44 14.46
N GLN A 558 28.49 46.17 15.16
CA GLN A 558 27.18 46.16 14.53
C GLN A 558 26.59 47.57 14.52
N MET A 559 26.06 47.97 13.37
CA MET A 559 25.37 49.25 13.28
C MET A 559 24.09 49.12 12.46
N THR A 560 23.03 49.77 12.92
CA THR A 560 21.75 49.74 12.25
C THR A 560 21.76 50.66 11.04
N LEU A 561 21.05 50.26 9.99
CA LEU A 561 21.00 51.04 8.76
C LEU A 561 19.54 51.27 8.35
N LYS A 562 19.04 52.48 8.59
CA LYS A 562 17.67 52.81 8.29
C LYS A 562 17.49 53.14 6.80
N ILE A 563 16.48 52.54 6.20
CA ILE A 563 16.20 52.75 4.77
C ILE A 563 14.77 53.20 4.55
N GLU A 564 14.59 54.42 4.05
CA GLU A 564 13.27 54.98 3.79
C GLU A 564 13.01 55.06 2.29
N GLY A 565 12.24 54.12 1.76
CA GLY A 565 11.92 54.09 0.35
C GLY A 565 10.45 53.87 0.07
N ASP A 566 10.14 53.53 -1.18
CA ASP A 566 8.76 53.28 -1.60
C ASP A 566 8.33 51.87 -1.25
N HIS A 567 7.03 51.66 -1.10
CA HIS A 567 6.49 50.36 -0.74
C HIS A 567 6.67 49.34 -1.88
N GLY A 568 6.96 48.11 -1.50
CA GLY A 568 7.10 47.03 -2.46
C GLY A 568 8.29 47.19 -3.40
N ALA A 569 9.15 48.16 -3.10
CA ALA A 569 10.32 48.42 -3.92
C ALA A 569 11.48 47.54 -3.50
N ARG A 570 12.28 47.11 -4.47
CA ARG A 570 13.46 46.32 -4.19
C ARG A 570 14.69 47.23 -4.09
N VAL A 571 15.47 47.05 -3.03
CA VAL A 571 16.62 47.91 -2.77
C VAL A 571 17.93 47.13 -2.84
N VAL A 572 18.71 47.37 -3.87
CA VAL A 572 20.03 46.75 -4.00
C VAL A 572 21.11 47.65 -3.42
N LEU A 573 21.91 47.11 -2.52
CA LEU A 573 22.91 47.89 -1.80
C LEU A 573 24.33 47.62 -2.26
N VAL A 574 25.26 48.39 -1.71
CA VAL A 574 26.69 48.23 -2.00
C VAL A 574 27.51 49.23 -1.21
N ALA A 575 28.52 48.73 -0.51
CA ALA A 575 29.42 49.59 0.27
C ALA A 575 30.80 49.64 -0.38
N VAL A 576 31.35 50.85 -0.50
CA VAL A 576 32.65 51.03 -1.14
C VAL A 576 33.57 51.90 -0.29
N ASP A 577 34.83 51.46 -0.16
CA ASP A 577 35.83 52.24 0.56
C ASP A 577 36.15 53.51 -0.23
N LYS A 578 36.11 54.65 0.44
CA LYS A 578 36.37 55.92 -0.22
C LYS A 578 37.79 56.01 -0.76
N GLY A 579 38.66 55.14 -0.25
CA GLY A 579 40.03 55.06 -0.74
C GLY A 579 40.08 54.62 -2.18
N VAL A 580 38.98 54.03 -2.66
CA VAL A 580 38.88 53.59 -4.05
C VAL A 580 38.68 54.76 -4.99
N PHE A 581 37.79 55.68 -4.60
CA PHE A 581 37.47 56.82 -5.44
C PHE A 581 38.65 57.79 -5.55
N VAL A 582 39.65 57.59 -4.72
CA VAL A 582 40.86 58.40 -4.74
C VAL A 582 41.66 58.12 -6.02
N LEU A 583 41.52 56.90 -6.53
CA LEU A 583 42.23 56.50 -7.75
C LEU A 583 41.34 56.64 -8.98
N ASN A 584 40.02 56.57 -8.76
CA ASN A 584 39.07 56.67 -9.86
C ASN A 584 37.66 56.98 -9.35
N LYS A 585 37.14 58.14 -9.74
CA LYS A 585 35.80 58.55 -9.34
C LYS A 585 34.90 58.74 -10.55
N LYS A 586 35.19 57.99 -11.61
CA LYS A 586 34.45 58.09 -12.86
C LYS A 586 33.46 56.93 -13.04
N ASN A 587 32.43 57.17 -13.84
CA ASN A 587 31.44 56.14 -14.17
C ASN A 587 30.54 55.76 -13.00
N LYS A 588 30.45 56.64 -12.01
CA LYS A 588 29.58 56.39 -10.86
C LYS A 588 28.12 56.60 -11.24
N LEU A 589 27.29 55.63 -10.91
CA LEU A 589 25.85 55.70 -11.23
C LEU A 589 25.15 56.71 -10.35
N THR A 590 24.58 57.74 -10.98
CA THR A 590 23.89 58.81 -10.26
C THR A 590 22.52 59.08 -10.88
N GLN A 591 21.57 59.50 -10.04
CA GLN A 591 20.23 59.79 -10.52
C GLN A 591 20.25 60.89 -11.57
N SER A 592 21.14 61.86 -11.39
CA SER A 592 21.29 62.94 -12.35
C SER A 592 21.67 62.38 -13.72
N LYS A 593 22.51 61.35 -13.72
CA LYS A 593 22.95 60.73 -14.97
C LYS A 593 21.82 59.96 -15.63
N ILE A 594 20.88 59.48 -14.83
CA ILE A 594 19.73 58.75 -15.36
C ILE A 594 18.82 59.68 -16.16
N TRP A 595 18.40 60.77 -15.54
CA TRP A 595 17.57 61.77 -16.23
C TRP A 595 18.30 62.31 -17.44
N ASP A 596 19.63 62.37 -17.34
CA ASP A 596 20.45 62.86 -18.43
C ASP A 596 20.20 62.04 -19.70
N VAL A 597 20.15 60.73 -19.55
CA VAL A 597 19.90 59.83 -20.66
C VAL A 597 18.47 59.98 -21.18
N VAL A 598 17.53 60.11 -20.26
CA VAL A 598 16.12 60.24 -20.59
C VAL A 598 15.85 61.50 -21.40
N GLU A 599 16.40 62.62 -20.94
CA GLU A 599 16.18 63.90 -21.60
C GLU A 599 16.93 63.98 -22.93
N LYS A 600 18.13 63.42 -22.98
CA LYS A 600 18.90 63.40 -24.20
C LYS A 600 18.43 62.29 -25.14
N ALA A 601 17.12 62.16 -25.27
CA ALA A 601 16.52 61.15 -26.12
C ALA A 601 15.13 61.59 -26.58
N ASP A 602 14.75 62.81 -26.22
CA ASP A 602 13.45 63.36 -26.59
C ASP A 602 13.31 63.43 -28.11
N ILE A 603 12.09 63.23 -28.58
CA ILE A 603 11.80 63.29 -30.01
C ILE A 603 11.67 64.74 -30.47
N GLY A 604 11.73 65.66 -29.51
CA GLY A 604 11.66 67.08 -29.81
C GLY A 604 13.03 67.72 -29.82
N CYS A 605 13.20 68.73 -30.66
CA CYS A 605 14.49 69.41 -30.80
C CYS A 605 14.41 70.89 -30.43
N THR A 606 13.60 71.64 -31.17
CA THR A 606 13.46 73.06 -30.94
C THR A 606 12.88 73.36 -29.56
N PRO A 607 13.49 74.31 -28.84
CA PRO A 607 13.04 74.73 -27.50
C PRO A 607 11.62 75.31 -27.52
N GLY A 608 11.05 75.46 -28.71
CA GLY A 608 9.69 75.97 -28.84
C GLY A 608 9.44 76.68 -30.15
N SER A 609 8.19 76.64 -30.60
CA SER A 609 7.77 77.30 -31.83
C SER A 609 8.48 76.71 -33.05
N GLY A 610 8.03 77.13 -34.23
CA GLY A 610 8.61 76.67 -35.48
C GLY A 610 8.45 77.71 -36.58
N LYS A 611 8.66 77.29 -37.82
CA LYS A 611 8.53 78.19 -38.96
C LYS A 611 7.08 78.30 -39.43
N ASP A 612 6.26 77.34 -39.02
CA ASP A 612 4.84 77.34 -39.37
C ASP A 612 4.06 76.42 -38.44
N TYR A 613 2.79 76.16 -38.79
CA TYR A 613 1.93 75.34 -37.94
C TYR A 613 2.35 73.88 -37.95
N ALA A 614 2.72 73.38 -39.12
CA ALA A 614 3.14 71.99 -39.26
C ALA A 614 4.57 71.79 -38.75
N GLY A 615 5.23 72.89 -38.41
CA GLY A 615 6.59 72.84 -37.91
C GLY A 615 6.64 72.76 -36.40
N VAL A 616 5.71 73.47 -35.74
CA VAL A 616 5.64 73.47 -34.29
C VAL A 616 5.44 72.05 -33.76
N PHE A 617 4.61 71.27 -34.47
CA PHE A 617 4.36 69.88 -34.09
C PHE A 617 5.62 69.04 -34.22
N SER A 618 6.16 68.96 -35.42
CA SER A 618 7.33 68.15 -35.70
C SER A 618 8.51 68.51 -34.79
N ASP A 619 8.68 69.80 -34.52
CA ASP A 619 9.76 70.26 -33.67
C ASP A 619 9.53 69.89 -32.21
N ALA A 620 8.26 69.79 -31.82
CA ALA A 620 7.91 69.44 -30.45
C ALA A 620 7.90 67.94 -30.26
N GLY A 621 7.52 67.21 -31.30
CA GLY A 621 7.47 65.76 -31.25
C GLY A 621 6.08 65.21 -31.48
N LEU A 622 5.33 65.83 -32.38
CA LEU A 622 3.96 65.41 -32.68
C LEU A 622 3.67 65.46 -34.18
N THR A 623 2.72 64.64 -34.61
CA THR A 623 2.32 64.60 -36.02
C THR A 623 0.84 64.91 -36.18
N PHE A 624 0.54 66.13 -36.61
CA PHE A 624 -0.84 66.55 -36.83
C PHE A 624 -1.29 66.22 -38.25
N THR A 625 -2.43 65.54 -38.36
CA THR A 625 -2.98 65.16 -39.65
C THR A 625 -4.50 65.24 -39.63
N SER A 626 -5.07 65.86 -40.66
CA SER A 626 -6.53 66.03 -40.72
C SER A 626 -7.10 65.59 -42.07
N SER A 627 -8.40 65.75 -42.23
CA SER A 627 -9.08 65.38 -43.46
C SER A 627 -9.18 66.58 -44.40
N SER A 628 -8.82 67.76 -43.90
CA SER A 628 -8.88 68.98 -44.69
C SER A 628 -7.65 69.12 -45.59
N GLY A 629 -6.59 68.40 -45.25
CA GLY A 629 -5.38 68.41 -46.06
C GLY A 629 -4.13 68.79 -45.30
N GLN A 630 -4.31 69.56 -44.22
CA GLN A 630 -3.16 70.02 -43.43
C GLN A 630 -2.52 68.90 -42.64
N GLN A 631 -1.34 68.48 -43.08
CA GLN A 631 -0.59 67.44 -42.39
C GLN A 631 0.81 67.93 -42.04
N THR A 632 1.45 67.28 -41.07
CA THR A 632 2.79 67.67 -40.65
C THR A 632 3.86 67.10 -41.58
N ALA A 633 5.07 67.62 -41.46
CA ALA A 633 6.18 67.18 -42.29
C ALA A 633 6.52 65.71 -42.06
N GLN A 634 7.18 65.11 -43.04
CA GLN A 634 7.61 63.72 -42.96
C GLN A 634 8.88 63.60 -42.13
N ARG A 635 8.93 62.59 -41.26
CA ARG A 635 10.12 62.34 -40.47
C ARG A 635 10.73 60.98 -40.80
N ALA A 636 11.98 61.00 -41.27
CA ALA A 636 12.68 59.78 -41.64
C ALA A 636 13.79 59.45 -40.64
N GLU A 637 14.59 60.46 -40.31
CA GLU A 637 15.70 60.28 -39.38
C GLU A 637 15.20 60.03 -37.95
N LEU A 638 15.90 59.15 -37.24
CA LEU A 638 15.54 58.82 -35.86
C LEU A 638 15.93 59.94 -34.90
N GLN A 639 17.20 60.32 -34.91
CA GLN A 639 17.69 61.39 -34.05
C GLN A 639 17.43 62.75 -34.68
N CYS A 640 17.46 63.78 -33.85
CA CYS A 640 17.22 65.15 -34.31
C CYS A 640 18.27 65.58 -35.33
N PRO A 641 17.94 66.57 -36.18
CA PRO A 641 18.84 67.07 -37.22
C PRO A 641 20.22 67.47 -36.68
N GLN A 642 21.12 67.83 -37.58
CA GLN A 642 22.49 68.18 -37.22
C GLN A 642 23.18 67.04 -36.48
N ASP B 1 56.07 42.20 28.97
CA ASP B 1 56.70 41.95 30.26
C ASP B 1 55.68 41.50 31.30
N GLU B 2 55.65 42.19 32.43
CA GLU B 2 54.76 41.83 33.52
C GLU B 2 53.30 42.20 33.21
N ASP B 3 53.10 43.34 32.55
CA ASP B 3 51.77 43.83 32.27
C ASP B 3 51.37 43.59 30.81
N ILE B 4 50.51 44.46 30.29
CA ILE B 4 49.99 44.37 28.93
C ILE B 4 49.33 43.02 28.62
N ILE B 5 48.72 42.93 27.45
CA ILE B 5 48.08 41.70 27.01
C ILE B 5 49.09 40.78 26.32
N ALA B 6 48.92 39.48 26.49
CA ALA B 6 49.80 38.50 25.88
C ALA B 6 49.77 38.60 24.36
N GLU B 7 50.95 38.52 23.73
CA GLU B 7 51.06 38.62 22.28
C GLU B 7 50.43 37.42 21.59
N GLU B 8 49.76 36.57 22.39
CA GLU B 8 49.08 35.40 21.85
C GLU B 8 47.57 35.57 21.92
N ASN B 9 47.11 36.28 22.94
CA ASN B 9 45.67 36.52 23.11
C ASN B 9 45.19 37.70 22.28
N ILE B 10 45.99 38.10 21.30
CA ILE B 10 45.64 39.21 20.42
C ILE B 10 45.08 38.72 19.10
N VAL B 11 43.79 38.99 18.88
CA VAL B 11 43.14 38.60 17.63
C VAL B 11 43.26 39.71 16.59
N SER B 12 44.16 39.52 15.63
CA SER B 12 44.48 40.54 14.65
C SER B 12 43.38 40.72 13.60
N ARG B 13 43.26 41.94 13.09
CA ARG B 13 42.33 42.23 12.00
C ARG B 13 42.84 41.60 10.72
N SER B 14 41.94 41.39 9.76
CA SER B 14 42.32 40.77 8.50
C SER B 14 41.39 41.14 7.35
N GLU B 15 40.09 41.25 7.65
CA GLU B 15 39.10 41.54 6.63
C GLU B 15 39.15 43.01 6.19
N PHE B 16 39.83 43.27 5.08
CA PHE B 16 39.92 44.62 4.54
C PHE B 16 39.46 44.69 3.09
N PRO B 17 38.15 44.46 2.86
CA PRO B 17 37.58 44.49 1.50
C PRO B 17 37.52 45.90 0.96
N GLU B 18 37.60 46.03 -0.36
CA GLU B 18 37.45 47.32 -1.01
C GLU B 18 35.98 47.60 -1.28
N SER B 19 35.17 46.55 -1.23
CA SER B 19 33.74 46.67 -1.44
C SER B 19 33.00 45.49 -0.81
N TRP B 20 31.81 45.76 -0.27
CA TRP B 20 31.00 44.71 0.34
C TRP B 20 29.54 45.14 0.42
N LEU B 21 28.72 44.32 1.08
CA LEU B 21 27.30 44.61 1.25
C LEU B 21 26.57 44.57 -0.09
N TRP B 22 26.97 43.64 -0.94
CA TRP B 22 26.36 43.49 -2.27
C TRP B 22 25.11 42.62 -2.17
N ASN B 23 24.16 43.05 -1.35
CA ASN B 23 22.95 42.27 -1.11
C ASN B 23 21.67 42.98 -1.56
N VAL B 24 20.54 42.30 -1.37
CA VAL B 24 19.25 42.85 -1.78
C VAL B 24 18.26 42.88 -0.62
N GLU B 25 17.40 43.90 -0.61
CA GLU B 25 16.40 44.03 0.45
C GLU B 25 15.06 44.46 -0.13
N ASP B 26 13.98 43.82 0.32
CA ASP B 26 12.64 44.19 -0.09
C ASP B 26 11.90 44.90 1.03
N LEU B 27 11.15 45.94 0.68
CA LEU B 27 10.42 46.72 1.66
C LEU B 27 8.94 46.31 1.72
N LYS B 28 8.63 45.39 2.61
CA LYS B 28 7.27 44.88 2.76
C LYS B 28 6.66 45.29 4.08
N GLU B 29 7.42 46.04 4.87
CA GLU B 29 6.97 46.49 6.18
C GLU B 29 5.71 47.34 6.08
N PRO B 30 4.92 47.40 7.17
CA PRO B 30 3.68 48.20 7.21
C PRO B 30 3.91 49.62 6.74
N PRO B 31 3.37 49.97 5.56
CA PRO B 31 3.54 51.28 4.93
C PRO B 31 2.81 52.40 5.66
N LYS B 32 3.55 53.36 6.18
CA LYS B 32 2.96 54.53 6.81
C LYS B 32 3.41 55.81 6.10
N ASN B 33 2.43 56.55 5.57
CA ASN B 33 2.71 57.75 4.79
C ASN B 33 3.37 57.41 3.45
N GLY B 34 3.17 56.16 3.00
CA GLY B 34 3.73 55.70 1.75
C GLY B 34 5.24 55.52 1.84
N ILE B 35 5.76 55.49 3.06
CA ILE B 35 7.20 55.37 3.28
C ILE B 35 7.53 54.16 4.13
N SER B 36 7.81 53.03 3.48
CA SER B 36 8.23 51.82 4.18
C SER B 36 9.65 52.00 4.70
N THR B 37 9.95 51.36 5.83
CA THR B 37 11.25 51.50 6.45
C THR B 37 11.79 50.18 7.00
N LYS B 38 12.98 49.80 6.58
CA LYS B 38 13.64 48.61 7.10
C LYS B 38 14.82 49.01 7.95
N LEU B 39 15.13 48.20 8.96
CA LEU B 39 16.28 48.45 9.82
C LEU B 39 17.28 47.31 9.74
N MET B 40 18.31 47.49 8.91
CA MET B 40 19.32 46.46 8.69
C MET B 40 20.40 46.50 9.77
N ASN B 41 20.74 45.32 10.28
CA ASN B 41 21.82 45.20 11.25
C ASN B 41 23.04 44.54 10.60
N ILE B 42 23.93 45.36 10.07
CA ILE B 42 25.10 44.87 9.34
C ILE B 42 26.37 44.90 10.19
N PHE B 43 27.37 44.13 9.77
CA PHE B 43 28.64 44.05 10.49
C PHE B 43 29.76 44.75 9.73
N LEU B 44 30.29 45.81 10.32
CA LEU B 44 31.37 46.58 9.71
C LEU B 44 32.66 45.77 9.60
N LYS B 45 33.41 46.01 8.52
CA LYS B 45 34.66 45.31 8.30
C LYS B 45 35.76 45.78 9.25
N ASP B 46 36.94 45.19 9.14
CA ASP B 46 38.05 45.52 10.02
C ASP B 46 38.79 46.78 9.56
N SER B 47 38.49 47.22 8.34
CA SER B 47 39.17 48.36 7.75
C SER B 47 38.87 49.66 8.50
N ILE B 48 39.89 50.51 8.62
CA ILE B 48 39.73 51.82 9.23
C ILE B 48 39.69 52.91 8.15
N THR B 49 38.50 53.44 7.91
CA THR B 49 38.28 54.41 6.85
C THR B 49 36.83 54.89 6.90
N THR B 50 36.32 55.34 5.76
CA THR B 50 34.92 55.75 5.67
C THR B 50 34.21 55.02 4.54
N TRP B 51 33.31 54.11 4.90
CA TRP B 51 32.56 53.35 3.91
C TRP B 51 31.45 54.21 3.31
N GLU B 52 31.34 54.18 1.99
CA GLU B 52 30.29 54.91 1.30
C GLU B 52 29.21 53.96 0.80
N ILE B 53 28.10 53.91 1.53
CA ILE B 53 26.99 53.04 1.16
C ILE B 53 26.12 53.69 0.10
N LEU B 54 25.77 52.91 -0.93
CA LEU B 54 24.95 53.41 -2.02
C LEU B 54 23.75 52.51 -2.27
N ALA B 55 22.56 53.09 -2.17
CA ALA B 55 21.32 52.33 -2.33
C ALA B 55 20.61 52.65 -3.64
N VAL B 56 20.02 51.62 -4.25
CA VAL B 56 19.26 51.79 -5.48
C VAL B 56 17.93 51.04 -5.36
N SER B 57 16.84 51.80 -5.38
CA SER B 57 15.51 51.21 -5.26
C SER B 57 14.88 50.98 -6.64
N MET B 58 14.01 49.97 -6.71
CA MET B 58 13.32 49.65 -7.95
C MET B 58 11.86 49.31 -7.67
N SER B 59 10.97 50.28 -7.87
CA SER B 59 9.55 50.08 -7.64
C SER B 59 8.81 49.79 -8.94
N ASP B 60 7.94 48.78 -8.90
CA ASP B 60 7.13 48.43 -10.05
C ASP B 60 6.10 49.52 -10.35
N LYS B 61 5.84 50.34 -9.34
CA LYS B 61 4.86 51.43 -9.47
C LYS B 61 5.54 52.76 -9.71
N LYS B 62 6.41 53.16 -8.80
CA LYS B 62 7.12 54.43 -8.88
C LYS B 62 8.14 54.44 -10.01
N GLY B 63 9.13 53.55 -9.93
CA GLY B 63 10.17 53.46 -10.93
C GLY B 63 11.53 53.21 -10.34
N ILE B 64 12.56 53.74 -10.99
CA ILE B 64 13.94 53.56 -10.53
C ILE B 64 14.46 54.83 -9.86
N CYS B 65 15.31 54.65 -8.85
CA CYS B 65 15.88 55.78 -8.14
C CYS B 65 17.12 55.39 -7.33
N VAL B 66 18.22 56.10 -7.55
CA VAL B 66 19.44 55.87 -6.80
C VAL B 66 19.61 56.95 -5.72
N ALA B 67 19.70 56.52 -4.47
CA ALA B 67 19.74 57.44 -3.34
C ALA B 67 21.09 58.16 -3.23
N ASP B 68 21.15 59.12 -2.32
CA ASP B 68 22.37 59.86 -2.07
C ASP B 68 23.31 59.03 -1.19
N PRO B 69 24.61 59.06 -1.51
CA PRO B 69 25.62 58.30 -0.77
C PRO B 69 25.59 58.59 0.72
N PHE B 70 25.66 57.53 1.53
CA PHE B 70 25.71 57.67 2.98
C PHE B 70 27.06 57.19 3.50
N GLU B 71 27.82 58.09 4.12
CA GLU B 71 29.16 57.78 4.58
C GLU B 71 29.18 57.29 6.02
N VAL B 72 30.04 56.31 6.30
CA VAL B 72 30.19 55.77 7.64
C VAL B 72 31.67 55.66 8.02
N THR B 73 32.11 56.57 8.90
CA THR B 73 33.50 56.58 9.35
C THR B 73 33.71 55.53 10.43
N VAL B 74 34.85 54.86 10.39
CA VAL B 74 35.18 53.82 11.36
C VAL B 74 36.60 53.98 11.87
N MET B 75 36.74 54.63 13.02
CA MET B 75 38.06 54.94 13.58
C MET B 75 38.27 54.29 14.94
N GLN B 76 39.53 54.26 15.38
CA GLN B 76 39.88 53.68 16.68
C GLN B 76 40.99 54.51 17.33
N ASP B 77 40.92 54.65 18.66
CA ASP B 77 41.89 55.46 19.39
C ASP B 77 43.33 55.02 19.11
N PHE B 78 43.56 53.72 19.10
CA PHE B 78 44.88 53.17 18.83
C PHE B 78 44.82 52.02 17.83
N PHE B 79 45.60 52.13 16.75
CA PHE B 79 45.59 51.11 15.71
C PHE B 79 46.90 51.05 14.93
N ILE B 80 47.05 50.00 14.12
CA ILE B 80 48.25 49.79 13.33
C ILE B 80 47.96 49.96 11.85
N ASP B 81 48.86 50.64 11.15
CA ASP B 81 48.72 50.83 9.71
C ASP B 81 49.87 50.12 8.99
N LEU B 82 49.63 48.86 8.62
CA LEU B 82 50.64 48.08 7.93
C LEU B 82 50.48 48.19 6.41
N ARG B 83 51.26 49.09 5.81
CA ARG B 83 51.19 49.31 4.38
C ARG B 83 52.23 48.48 3.62
N LEU B 84 51.75 47.56 2.79
CA LEU B 84 52.62 46.70 2.00
C LEU B 84 52.49 47.01 0.52
N PRO B 85 53.55 46.72 -0.25
CA PRO B 85 53.56 46.90 -1.71
C PRO B 85 52.58 45.96 -2.39
N TYR B 86 52.28 46.22 -3.66
CA TYR B 86 51.44 45.32 -4.44
C TYR B 86 52.10 43.95 -4.54
N SER B 87 53.39 43.96 -4.86
CA SER B 87 54.17 42.74 -4.97
C SER B 87 55.65 42.98 -4.68
N VAL B 88 56.35 41.94 -4.25
CA VAL B 88 57.77 42.03 -3.97
C VAL B 88 58.51 40.84 -4.58
N VAL B 89 59.74 41.08 -5.02
CA VAL B 89 60.54 40.06 -5.68
C VAL B 89 61.15 39.10 -4.66
N ARG B 90 61.19 37.82 -5.02
CA ARG B 90 61.76 36.79 -4.15
C ARG B 90 63.27 36.94 -3.99
N ASN B 91 63.75 36.68 -2.78
CA ASN B 91 65.19 36.71 -2.48
C ASN B 91 65.76 38.12 -2.35
N GLU B 92 64.96 39.13 -2.69
CA GLU B 92 65.39 40.52 -2.58
C GLU B 92 64.96 41.13 -1.25
N GLN B 93 65.93 41.55 -0.45
CA GLN B 93 65.67 42.13 0.86
C GLN B 93 64.96 43.48 0.76
N VAL B 94 63.77 43.56 1.35
CA VAL B 94 62.98 44.78 1.31
C VAL B 94 62.62 45.24 2.72
N GLU B 95 62.02 46.43 2.82
CA GLU B 95 61.62 46.98 4.11
C GLU B 95 60.16 47.42 4.12
N ILE B 96 59.39 46.87 5.06
CA ILE B 96 58.00 47.28 5.24
C ILE B 96 57.88 48.17 6.47
N ARG B 97 56.93 49.10 6.44
CA ARG B 97 56.79 50.07 7.52
C ARG B 97 55.46 49.90 8.25
N ALA B 98 55.53 49.83 9.57
CA ALA B 98 54.33 49.70 10.40
C ALA B 98 54.09 50.99 11.18
N VAL B 99 53.09 51.76 10.77
CA VAL B 99 52.79 53.03 11.40
C VAL B 99 51.75 52.87 12.52
N LEU B 100 52.20 53.07 13.76
CA LEU B 100 51.30 52.98 14.90
C LEU B 100 50.73 54.35 15.26
N TYR B 101 49.44 54.54 15.01
CA TYR B 101 48.78 55.81 15.28
C TYR B 101 48.31 55.90 16.73
N ASN B 102 48.25 57.12 17.25
CA ASN B 102 47.76 57.35 18.61
C ASN B 102 46.93 58.63 18.67
N TYR B 103 45.63 58.49 18.49
CA TYR B 103 44.73 59.64 18.45
C TYR B 103 44.11 59.96 19.81
N ARG B 104 44.71 59.46 20.89
CA ARG B 104 44.29 59.84 22.22
C ARG B 104 44.66 61.29 22.47
N GLN B 105 43.65 62.12 22.70
CA GLN B 105 43.83 63.57 22.77
C GLN B 105 44.99 63.99 23.67
N ASN B 106 44.98 63.53 24.92
CA ASN B 106 46.03 63.89 25.87
C ASN B 106 46.51 62.72 26.72
N GLN B 107 47.27 61.82 26.12
CA GLN B 107 47.85 60.69 26.83
C GLN B 107 48.84 59.92 25.97
N GLU B 108 50.09 59.85 26.42
CA GLU B 108 51.10 59.08 25.71
C GLU B 108 50.87 57.59 25.96
N LEU B 109 51.37 56.75 25.05
CA LEU B 109 51.17 55.32 25.16
C LEU B 109 52.48 54.54 25.10
N LYS B 110 52.68 53.65 26.06
CA LYS B 110 53.86 52.79 26.09
C LYS B 110 53.53 51.47 25.41
N VAL B 111 53.74 51.42 24.10
CA VAL B 111 53.34 50.26 23.30
C VAL B 111 54.49 49.28 23.10
N ARG B 112 54.15 48.04 22.78
CA ARG B 112 55.14 47.02 22.46
C ARG B 112 54.70 46.25 21.21
N VAL B 113 55.24 46.65 20.07
CA VAL B 113 54.87 46.05 18.79
C VAL B 113 55.78 44.88 18.44
N GLU B 114 55.21 43.85 17.83
CA GLU B 114 55.96 42.65 17.46
C GLU B 114 55.59 42.15 16.06
N LEU B 115 56.59 41.63 15.36
CA LEU B 115 56.37 41.01 14.06
C LEU B 115 56.38 39.49 14.21
N LEU B 116 55.32 38.85 13.76
CA LEU B 116 55.19 37.40 13.89
C LEU B 116 56.11 36.66 12.92
N HIS B 117 56.55 35.47 13.33
CA HIS B 117 57.43 34.66 12.50
C HIS B 117 56.70 34.04 11.33
N ASN B 118 57.40 33.85 10.22
CA ASN B 118 56.84 33.21 9.04
C ASN B 118 57.94 32.56 8.21
N PRO B 119 57.88 31.24 8.04
CA PRO B 119 58.88 30.46 7.30
C PRO B 119 59.09 31.00 5.89
N ALA B 120 58.08 31.66 5.33
CA ALA B 120 58.17 32.18 3.97
C ALA B 120 58.95 33.49 3.92
N PHE B 121 59.35 33.99 5.09
CA PHE B 121 60.13 35.22 5.18
C PHE B 121 61.40 35.02 5.98
N CYS B 122 62.29 36.02 5.94
CA CYS B 122 63.53 35.97 6.69
C CYS B 122 63.72 37.26 7.47
N SER B 123 63.30 37.25 8.73
CA SER B 123 63.48 38.41 9.60
C SER B 123 64.27 38.01 10.84
N LEU B 124 64.55 38.99 11.70
CA LEU B 124 65.25 38.72 12.94
C LEU B 124 64.35 37.95 13.90
N ALA B 125 63.14 37.66 13.46
CA ALA B 125 62.18 36.90 14.26
C ALA B 125 62.22 35.42 13.87
N THR B 126 62.58 34.58 14.83
CA THR B 126 62.61 33.14 14.61
C THR B 126 61.48 32.43 15.35
N THR B 127 61.46 31.11 15.26
CA THR B 127 60.43 30.33 15.92
C THR B 127 60.62 30.33 17.44
N LYS B 128 61.82 30.67 17.89
CA LYS B 128 62.12 30.67 19.32
C LYS B 128 62.54 32.04 19.83
N ARG B 129 62.58 33.02 18.94
CA ARG B 129 62.87 34.41 19.33
C ARG B 129 61.78 35.34 18.82
N ARG B 130 61.45 36.35 19.63
CA ARG B 130 60.43 37.32 19.25
C ARG B 130 61.04 38.67 18.90
N HIS B 131 60.98 39.03 17.63
CA HIS B 131 61.46 40.34 17.19
C HIS B 131 60.43 41.40 17.57
N GLN B 132 60.63 42.03 18.71
CA GLN B 132 59.67 42.99 19.23
C GLN B 132 60.35 44.20 19.86
N GLN B 133 59.94 45.40 19.44
CA GLN B 133 60.46 46.63 20.04
C GLN B 133 59.46 47.18 21.06
N THR B 134 59.92 48.14 21.85
CA THR B 134 59.05 48.83 22.80
C THR B 134 59.26 50.33 22.65
N VAL B 135 58.20 51.03 22.25
CA VAL B 135 58.30 52.47 21.98
C VAL B 135 57.20 53.25 22.70
N THR B 136 57.39 54.56 22.79
CA THR B 136 56.41 55.44 23.42
C THR B 136 55.83 56.41 22.40
N ILE B 137 54.52 56.32 22.18
CA ILE B 137 53.86 57.17 21.20
C ILE B 137 53.19 58.37 21.87
N PRO B 138 53.72 59.57 21.60
CA PRO B 138 53.17 60.82 22.14
C PRO B 138 51.71 61.01 21.77
N PRO B 139 51.00 61.87 22.50
CA PRO B 139 49.57 62.14 22.25
C PRO B 139 49.34 62.76 20.87
N LYS B 140 48.20 62.43 20.26
CA LYS B 140 47.81 62.99 18.96
C LYS B 140 48.93 62.93 17.92
N SER B 141 49.69 61.83 17.92
CA SER B 141 50.77 61.66 16.96
C SER B 141 50.91 60.19 16.54
N SER B 142 51.86 59.94 15.65
CA SER B 142 52.08 58.58 15.16
C SER B 142 53.57 58.24 15.13
N LEU B 143 53.88 56.95 14.97
CA LEU B 143 55.25 56.49 14.92
C LEU B 143 55.41 55.37 13.91
N SER B 144 56.49 55.40 13.14
CA SER B 144 56.74 54.37 12.13
C SER B 144 57.77 53.36 12.63
N VAL B 145 57.43 52.08 12.50
CA VAL B 145 58.32 51.01 12.93
C VAL B 145 58.82 50.20 11.74
N PRO B 146 60.13 50.28 11.46
CA PRO B 146 60.76 49.62 10.32
C PRO B 146 60.87 48.11 10.51
N TYR B 147 60.65 47.36 9.45
CA TYR B 147 60.82 45.91 9.46
C TYR B 147 61.48 45.42 8.16
N VAL B 148 62.63 44.78 8.28
CA VAL B 148 63.31 44.23 7.13
C VAL B 148 63.06 42.74 7.00
N ILE B 149 62.65 42.31 5.82
CA ILE B 149 62.35 40.91 5.57
C ILE B 149 62.80 40.50 4.17
N VAL B 150 62.89 39.19 3.94
CA VAL B 150 63.28 38.67 2.64
C VAL B 150 62.39 37.52 2.22
N PRO B 151 61.52 37.75 1.21
CA PRO B 151 60.66 36.69 0.68
C PRO B 151 61.48 35.47 0.30
N LEU B 152 61.18 34.33 0.91
CA LEU B 152 61.93 33.10 0.66
C LEU B 152 61.27 32.25 -0.42
N LYS B 153 59.95 32.36 -0.53
CA LYS B 153 59.21 31.60 -1.53
C LYS B 153 58.18 32.49 -2.23
N THR B 154 57.82 32.11 -3.46
CA THR B 154 56.88 32.87 -4.26
C THR B 154 55.45 32.72 -3.76
N GLY B 155 54.50 33.27 -4.51
CA GLY B 155 53.09 33.15 -4.17
C GLY B 155 52.63 34.20 -3.18
N LEU B 156 51.33 34.20 -2.91
CA LEU B 156 50.74 35.14 -1.96
C LEU B 156 51.05 34.72 -0.52
N GLN B 157 51.85 35.54 0.17
CA GLN B 157 52.25 35.24 1.53
C GLN B 157 51.58 36.15 2.57
N GLU B 158 51.69 35.76 3.84
CA GLU B 158 50.99 36.46 4.91
C GLU B 158 51.94 37.19 5.85
N VAL B 159 51.61 38.44 6.15
CA VAL B 159 52.38 39.24 7.11
C VAL B 159 51.46 39.71 8.24
N GLU B 160 51.93 39.59 9.47
CA GLU B 160 51.11 39.93 10.63
C GLU B 160 51.92 40.61 11.73
N VAL B 161 51.47 41.79 12.14
CA VAL B 161 52.13 42.53 13.21
C VAL B 161 51.15 42.87 14.33
N LYS B 162 51.52 42.54 15.56
CA LYS B 162 50.67 42.80 16.72
C LYS B 162 51.32 43.82 17.65
N ALA B 163 50.50 44.47 18.47
CA ALA B 163 51.00 45.44 19.42
C ALA B 163 50.03 45.62 20.58
N ALA B 164 50.57 45.85 21.77
CA ALA B 164 49.76 46.06 22.96
C ALA B 164 50.38 47.13 23.84
N VAL B 165 49.53 47.96 24.45
CA VAL B 165 50.00 49.04 25.31
C VAL B 165 50.12 48.58 26.76
N TYR B 166 51.07 49.16 27.49
CA TYR B 166 51.27 48.83 28.89
C TYR B 166 50.25 49.51 29.77
N HIS B 167 49.89 48.84 30.87
CA HIS B 167 49.01 49.42 31.89
C HIS B 167 47.62 49.79 31.36
N HIS B 168 47.23 49.21 30.23
CA HIS B 168 45.92 49.47 29.66
C HIS B 168 45.33 48.24 28.98
N PHE B 169 44.01 48.24 28.82
CA PHE B 169 43.32 47.17 28.11
C PHE B 169 43.21 47.49 26.61
N ILE B 170 44.34 47.88 26.02
CA ILE B 170 44.35 48.23 24.61
C ILE B 170 45.36 47.41 23.84
N SER B 171 44.99 47.01 22.63
CA SER B 171 45.88 46.27 21.73
C SER B 171 45.28 46.23 20.33
N ASP B 172 46.11 45.89 19.35
CA ASP B 172 45.63 45.75 17.98
C ASP B 172 46.60 44.92 17.15
N GLY B 173 46.08 44.31 16.08
CA GLY B 173 46.88 43.52 15.17
C GLY B 173 46.43 43.67 13.73
N VAL B 174 47.35 43.49 12.80
CA VAL B 174 47.03 43.59 11.39
C VAL B 174 47.58 42.39 10.63
N ARG B 175 46.73 41.79 9.79
CA ARG B 175 47.14 40.65 9.00
C ARG B 175 46.77 40.84 7.53
N LYS B 176 47.75 41.18 6.70
CA LYS B 176 47.53 41.39 5.28
C LYS B 176 48.37 40.45 4.44
N SER B 177 48.04 40.34 3.16
CA SER B 177 48.75 39.44 2.26
C SER B 177 49.47 40.22 1.16
N LEU B 178 50.72 39.86 0.89
CA LEU B 178 51.50 40.50 -0.17
C LEU B 178 51.96 39.47 -1.19
N LYS B 179 51.93 39.84 -2.46
CA LYS B 179 52.34 38.94 -3.53
C LYS B 179 53.86 38.86 -3.63
N VAL B 180 54.37 37.69 -3.99
CA VAL B 180 55.80 37.51 -4.16
C VAL B 180 56.12 37.02 -5.57
N VAL B 181 56.39 37.98 -6.46
CA VAL B 181 56.70 37.67 -7.85
C VAL B 181 58.14 37.18 -7.98
N PRO B 182 58.33 36.05 -8.67
CA PRO B 182 59.67 35.48 -8.88
C PRO B 182 60.62 36.48 -9.53
N GLU B 183 61.91 36.34 -9.25
CA GLU B 183 62.91 37.22 -9.85
C GLU B 183 63.01 36.98 -11.35
N GLY B 184 63.08 38.06 -12.11
CA GLY B 184 63.19 37.96 -13.57
C GLY B 184 62.46 39.06 -14.28
N ILE B 185 61.72 38.71 -15.33
CA ILE B 185 60.97 39.69 -16.10
C ILE B 185 59.84 39.04 -16.88
N ARG B 186 58.68 39.71 -16.91
CA ARG B 186 57.53 39.21 -17.65
C ARG B 186 57.74 39.29 -19.16
N MET B 187 57.87 38.13 -19.79
CA MET B 187 58.04 38.06 -21.23
C MET B 187 56.89 37.31 -21.89
N ASN B 188 56.86 37.30 -23.21
CA ASN B 188 55.79 36.64 -23.96
C ASN B 188 56.17 36.41 -25.42
N LYS B 189 56.50 35.16 -25.74
CA LYS B 189 56.89 34.79 -27.10
C LYS B 189 55.67 34.39 -27.93
N THR B 190 55.54 34.98 -29.11
CA THR B 190 54.49 34.60 -30.03
C THR B 190 54.92 33.36 -30.82
N VAL B 191 54.41 32.21 -30.39
CA VAL B 191 54.79 30.94 -31.01
C VAL B 191 54.49 30.92 -32.50
N ALA B 192 53.24 31.19 -32.86
CA ALA B 192 52.83 31.21 -34.25
C ALA B 192 51.50 31.92 -34.43
N VAL B 193 51.19 32.28 -35.68
CA VAL B 193 49.93 32.93 -36.02
C VAL B 193 49.40 32.41 -37.35
N ARG B 194 48.67 31.31 -37.30
CA ARG B 194 48.16 30.67 -38.51
C ARG B 194 46.83 31.27 -38.97
N THR B 195 46.49 31.00 -40.23
CA THR B 195 45.22 31.46 -40.78
C THR B 195 44.30 30.28 -41.07
N LEU B 196 43.12 30.29 -40.45
CA LEU B 196 42.17 29.20 -40.63
C LEU B 196 41.22 29.49 -41.79
N ASP B 197 41.18 28.57 -42.75
CA ASP B 197 40.30 28.73 -43.91
C ASP B 197 40.32 27.50 -44.81
N PRO B 198 39.65 26.42 -44.38
CA PRO B 198 39.52 25.22 -45.21
C PRO B 198 39.01 25.58 -46.61
N GLU B 199 39.33 24.76 -47.60
CA GLU B 199 39.01 25.03 -49.00
C GLU B 199 40.15 25.78 -49.70
N ARG B 200 40.46 26.98 -49.21
CA ARG B 200 41.56 27.76 -49.77
C ARG B 200 42.91 27.10 -49.47
N LEU B 201 43.11 26.74 -48.21
CA LEU B 201 44.34 26.07 -47.79
C LEU B 201 44.03 24.72 -47.16
N GLY B 202 42.82 24.23 -47.39
CA GLY B 202 42.39 22.97 -46.80
C GLY B 202 42.56 21.78 -47.74
N ARG B 203 41.75 20.76 -47.51
CA ARG B 203 41.79 19.54 -48.31
C ARG B 203 40.66 18.60 -47.90
N GLU B 204 39.77 18.31 -48.84
CA GLU B 204 38.58 17.52 -48.54
C GLU B 204 37.69 18.23 -47.51
N GLY B 205 37.98 19.51 -47.28
CA GLY B 205 37.19 20.31 -46.35
C GLY B 205 37.82 20.46 -45.00
N VAL B 206 38.91 19.73 -44.75
CA VAL B 206 39.60 19.79 -43.46
C VAL B 206 40.95 20.46 -43.60
N GLN B 207 41.48 20.95 -42.48
CA GLN B 207 42.77 21.63 -42.46
C GLN B 207 43.54 21.30 -41.19
N LYS B 208 44.68 20.63 -41.35
CA LYS B 208 45.53 20.28 -40.22
C LYS B 208 46.59 21.36 -40.03
N GLU B 209 46.97 21.61 -38.79
CA GLU B 209 47.94 22.66 -38.49
C GLU B 209 48.73 22.38 -37.22
N ASP B 210 50.01 22.01 -37.38
CA ASP B 210 50.88 21.73 -36.24
C ASP B 210 51.43 23.02 -35.66
N ILE B 211 51.66 23.03 -34.36
CA ILE B 211 52.20 24.20 -33.67
C ILE B 211 53.36 23.83 -32.75
N PRO B 212 54.59 24.18 -33.17
CA PRO B 212 55.82 23.87 -32.44
C PRO B 212 55.80 24.41 -31.02
N PRO B 213 56.34 23.63 -30.06
CA PRO B 213 56.41 24.03 -28.65
C PRO B 213 57.19 25.33 -28.46
N ALA B 214 56.87 26.07 -27.42
CA ALA B 214 57.53 27.33 -27.12
C ALA B 214 59.01 27.14 -26.84
N ASP B 215 59.80 28.17 -27.07
CA ASP B 215 61.24 28.11 -26.83
C ASP B 215 61.51 27.99 -25.34
N LEU B 216 61.33 29.09 -24.61
CA LEU B 216 61.47 29.10 -23.16
C LEU B 216 62.81 28.55 -22.69
N SER B 217 63.83 28.63 -23.54
CA SER B 217 65.15 28.14 -23.19
C SER B 217 65.81 29.00 -22.12
N ASP B 218 65.50 30.29 -22.13
CA ASP B 218 66.08 31.23 -21.17
C ASP B 218 65.14 31.49 -20.00
N GLN B 219 64.26 30.54 -19.72
CA GLN B 219 63.29 30.68 -18.64
C GLN B 219 63.96 30.71 -17.28
N VAL B 220 63.35 31.43 -16.34
CA VAL B 220 63.84 31.49 -14.97
C VAL B 220 63.57 30.17 -14.26
N PRO B 221 64.59 29.62 -13.59
CA PRO B 221 64.47 28.35 -12.88
C PRO B 221 63.31 28.36 -11.89
N ASP B 222 62.58 27.24 -11.80
CA ASP B 222 61.48 27.09 -10.85
C ASP B 222 60.42 28.16 -10.99
N THR B 223 59.88 28.31 -12.19
CA THR B 223 58.79 29.25 -12.44
C THR B 223 57.77 28.65 -13.40
N GLU B 224 56.50 28.96 -13.18
CA GLU B 224 55.43 28.45 -14.03
C GLU B 224 55.33 29.24 -15.34
N SER B 225 54.47 28.78 -16.23
CA SER B 225 54.27 29.42 -17.52
C SER B 225 53.04 28.86 -18.22
N GLU B 226 52.21 29.73 -18.76
CA GLU B 226 51.01 29.29 -19.45
C GLU B 226 51.02 29.69 -20.93
N THR B 227 50.58 28.78 -21.78
CA THR B 227 50.45 29.05 -23.20
C THR B 227 49.00 29.43 -23.50
N ARG B 228 48.82 30.59 -24.13
CA ARG B 228 47.49 31.10 -24.41
C ARG B 228 47.06 30.87 -25.85
N ILE B 229 46.38 29.75 -26.10
CA ILE B 229 45.81 29.48 -27.41
C ILE B 229 44.60 30.38 -27.62
N LEU B 230 44.41 30.88 -28.83
CA LEU B 230 43.38 31.87 -29.08
C LEU B 230 42.78 31.79 -30.48
N LEU B 231 41.45 31.80 -30.55
CA LEU B 231 40.74 31.76 -31.81
C LEU B 231 39.84 32.99 -31.98
N GLN B 232 39.48 33.28 -33.22
CA GLN B 232 38.61 34.42 -33.52
C GLN B 232 38.14 34.38 -34.97
N GLY B 233 36.85 34.64 -35.18
CA GLY B 233 36.30 34.64 -36.53
C GLY B 233 36.55 35.96 -37.23
N THR B 234 36.81 35.89 -38.53
CA THR B 234 37.10 37.09 -39.31
C THR B 234 36.14 37.31 -40.49
N PRO B 235 35.12 38.16 -40.29
CA PRO B 235 34.20 38.60 -41.34
C PRO B 235 34.82 39.77 -42.08
N VAL B 236 34.69 40.01 -43.40
CA VAL B 236 34.32 39.12 -44.52
C VAL B 236 32.96 39.36 -45.21
N ALA B 237 32.33 40.48 -44.89
CA ALA B 237 31.10 40.88 -45.57
C ALA B 237 31.41 41.65 -46.85
N GLN B 238 30.84 41.22 -47.98
CA GLN B 238 31.12 41.85 -49.27
C GLN B 238 29.95 41.78 -50.26
N MET B 239 30.12 42.49 -51.38
CA MET B 239 29.21 42.40 -52.53
C MET B 239 27.93 43.25 -52.46
N THR B 240 26.94 42.88 -53.25
CA THR B 240 25.68 43.63 -53.38
C THR B 240 25.84 44.91 -54.20
N GLU B 241 25.01 45.06 -55.22
CA GLU B 241 25.05 46.23 -56.10
C GLU B 241 24.00 47.26 -55.70
N ASP B 242 24.23 48.52 -56.10
CA ASP B 242 23.28 49.59 -55.81
C ASP B 242 22.00 49.43 -56.60
N ALA B 243 20.87 49.71 -55.96
CA ALA B 243 19.57 49.64 -56.61
C ALA B 243 19.22 50.97 -57.26
N VAL B 244 18.34 50.93 -58.25
CA VAL B 244 17.91 52.13 -58.96
C VAL B 244 17.13 53.05 -58.02
N ASP B 245 17.53 54.32 -57.98
CA ASP B 245 16.87 55.30 -57.11
C ASP B 245 15.40 55.48 -57.48
N ALA B 246 14.55 55.51 -56.47
CA ALA B 246 13.12 55.68 -56.67
C ALA B 246 12.80 57.04 -57.29
N GLU B 247 13.68 58.00 -57.05
CA GLU B 247 13.52 59.35 -57.59
C GLU B 247 13.46 59.32 -59.12
N ARG B 248 14.06 58.30 -59.71
CA ARG B 248 14.09 58.16 -61.16
C ARG B 248 12.83 57.49 -61.69
N LEU B 249 11.91 57.14 -60.81
CA LEU B 249 10.72 56.40 -61.19
C LEU B 249 9.43 57.11 -60.77
N LYS B 250 9.39 58.42 -60.97
CA LYS B 250 8.20 59.20 -60.62
C LYS B 250 7.23 59.30 -61.79
N HIS B 251 7.44 58.46 -62.80
CA HIS B 251 6.61 58.50 -64.01
C HIS B 251 5.92 57.16 -64.26
N LEU B 252 6.32 56.15 -63.50
CA LEU B 252 5.75 54.81 -63.66
C LEU B 252 4.36 54.70 -63.02
N ILE B 253 3.97 55.75 -62.30
CA ILE B 253 2.66 55.78 -61.67
C ILE B 253 1.58 56.22 -62.65
N VAL B 254 1.18 55.30 -63.53
CA VAL B 254 0.20 55.59 -64.55
C VAL B 254 -1.18 55.07 -64.17
N THR B 255 -2.23 55.83 -64.53
CA THR B 255 -3.59 55.42 -64.26
C THR B 255 -4.11 54.52 -65.37
N PRO B 256 -4.31 53.23 -65.07
CA PRO B 256 -4.77 52.24 -66.04
C PRO B 256 -6.11 52.62 -66.66
N SER B 257 -6.19 52.56 -67.99
CA SER B 257 -7.41 52.87 -68.71
C SER B 257 -7.31 52.44 -70.16
N GLY B 258 -8.43 52.08 -70.76
CA GLY B 258 -8.47 51.63 -72.13
C GLY B 258 -9.17 50.29 -72.28
N CYS B 259 -8.99 49.66 -73.45
CA CYS B 259 -9.60 48.37 -73.72
C CYS B 259 -8.93 47.25 -72.94
N GLY B 260 -9.20 46.02 -73.33
CA GLY B 260 -8.64 44.86 -72.66
C GLY B 260 -7.12 44.77 -72.72
N GLU B 261 -6.53 45.54 -73.63
CA GLU B 261 -5.09 45.54 -73.81
C GLU B 261 -4.47 46.86 -73.35
N GLU B 262 -5.15 47.96 -73.66
CA GLU B 262 -4.67 49.28 -73.26
C GLU B 262 -4.70 49.45 -71.75
N ASN B 263 -5.55 48.66 -71.08
CA ASN B 263 -5.65 48.69 -69.63
C ASN B 263 -4.43 48.05 -68.96
N MET B 264 -3.99 46.93 -69.51
CA MET B 264 -2.83 46.21 -68.99
C MET B 264 -1.56 47.01 -69.20
N ILE B 265 -1.47 47.70 -70.33
CA ILE B 265 -0.30 48.50 -70.64
C ILE B 265 -0.14 49.65 -69.66
N GLY B 266 -1.26 50.11 -69.11
CA GLY B 266 -1.26 51.21 -68.16
C GLY B 266 -1.20 50.75 -66.71
N MET B 267 -1.45 49.46 -66.50
CA MET B 267 -1.43 48.90 -65.15
C MET B 267 -0.06 48.33 -64.82
N THR B 268 0.69 47.97 -65.85
CA THR B 268 2.01 47.37 -65.67
C THR B 268 3.02 48.32 -65.02
N PRO B 269 3.15 49.55 -65.53
CA PRO B 269 4.14 50.48 -64.98
C PRO B 269 3.94 50.78 -63.50
N THR B 270 2.71 50.62 -63.01
CA THR B 270 2.40 50.93 -61.61
C THR B 270 2.65 49.73 -60.70
N VAL B 271 2.28 48.55 -61.16
CA VAL B 271 2.43 47.33 -60.37
C VAL B 271 3.90 47.00 -60.11
N ILE B 272 4.70 47.04 -61.16
CA ILE B 272 6.12 46.68 -61.05
C ILE B 272 6.93 47.78 -60.36
N ALA B 273 6.34 48.95 -60.23
CA ALA B 273 6.98 50.07 -59.55
C ALA B 273 6.86 49.91 -58.04
N VAL B 274 5.64 49.74 -57.56
CA VAL B 274 5.38 49.55 -56.14
C VAL B 274 6.10 48.29 -55.66
N HIS B 275 6.18 47.29 -56.53
CA HIS B 275 6.85 46.04 -56.21
C HIS B 275 8.34 46.22 -56.01
N TYR B 276 8.93 47.16 -56.75
CA TYR B 276 10.37 47.42 -56.66
C TYR B 276 10.70 48.32 -55.47
N LEU B 277 9.73 49.13 -55.06
CA LEU B 277 9.93 50.05 -53.95
C LEU B 277 9.70 49.35 -52.61
N ASP B 278 8.88 48.30 -52.62
CA ASP B 278 8.62 47.53 -51.41
C ASP B 278 9.83 46.69 -51.04
N GLU B 279 10.59 46.28 -52.04
CA GLU B 279 11.79 45.46 -51.82
C GLU B 279 12.98 46.31 -51.43
N THR B 280 13.30 47.29 -52.27
CA THR B 280 14.45 48.15 -52.02
C THR B 280 14.19 49.15 -50.90
N GLU B 281 12.93 49.27 -50.50
CA GLU B 281 12.55 50.17 -49.41
C GLU B 281 13.04 51.59 -49.66
N GLN B 282 12.57 52.19 -50.76
CA GLN B 282 12.97 53.55 -51.11
C GLN B 282 11.78 54.51 -51.12
N TRP B 283 10.73 54.15 -50.39
CA TRP B 283 9.55 55.01 -50.31
C TRP B 283 9.85 56.31 -49.57
N GLU B 284 10.95 56.33 -48.85
CA GLU B 284 11.37 57.52 -48.11
C GLU B 284 11.77 58.64 -49.06
N LYS B 285 12.69 58.32 -49.98
CA LYS B 285 13.22 59.30 -50.91
C LYS B 285 12.27 59.57 -52.07
N PHE B 286 11.41 58.58 -52.35
CA PHE B 286 10.45 58.71 -53.45
C PHE B 286 9.35 59.70 -53.12
N GLY B 287 8.90 59.68 -51.87
CA GLY B 287 7.85 60.58 -51.42
C GLY B 287 7.12 60.08 -50.19
N LEU B 288 6.81 58.79 -50.18
CA LEU B 288 6.07 58.19 -49.07
C LEU B 288 4.66 58.76 -48.98
N GLU B 289 3.75 58.00 -48.39
CA GLU B 289 2.36 58.41 -48.27
C GLU B 289 1.65 58.39 -49.62
N LYS B 290 2.43 58.59 -50.69
CA LYS B 290 1.90 58.57 -52.04
C LYS B 290 1.60 57.14 -52.48
N ARG B 291 2.11 56.18 -51.73
CA ARG B 291 1.89 54.76 -52.05
C ARG B 291 0.40 54.44 -52.04
N GLN B 292 -0.33 55.06 -51.11
CA GLN B 292 -1.77 54.86 -51.01
C GLN B 292 -2.47 55.21 -52.32
N GLY B 293 -1.96 56.23 -53.00
CA GLY B 293 -2.52 56.65 -54.27
C GLY B 293 -2.17 55.70 -55.39
N ALA B 294 -1.09 54.93 -55.21
CA ALA B 294 -0.66 53.97 -56.21
C ALA B 294 -1.42 52.67 -56.10
N LEU B 295 -1.85 52.35 -54.87
CA LEU B 295 -2.62 51.13 -54.63
C LEU B 295 -4.02 51.22 -55.21
N GLU B 296 -4.66 52.36 -55.04
CA GLU B 296 -6.01 52.56 -55.56
C GLU B 296 -6.02 52.49 -57.09
N LEU B 297 -4.86 52.76 -57.70
CA LEU B 297 -4.73 52.66 -59.14
C LEU B 297 -4.65 51.21 -59.58
N ILE B 298 -3.95 50.40 -58.79
CA ILE B 298 -3.80 48.98 -59.08
C ILE B 298 -5.15 48.27 -58.93
N LYS B 299 -5.89 48.63 -57.89
CA LYS B 299 -7.21 48.06 -57.66
C LYS B 299 -8.19 48.53 -58.73
N LYS B 300 -8.04 49.80 -59.11
CA LYS B 300 -8.91 50.38 -60.14
C LYS B 300 -8.69 49.68 -61.48
N GLY B 301 -7.43 49.46 -61.83
CA GLY B 301 -7.09 48.77 -63.07
C GLY B 301 -7.44 47.29 -63.00
N TYR B 302 -7.36 46.74 -61.80
CA TYR B 302 -7.70 45.35 -61.57
C TYR B 302 -9.17 45.08 -61.90
N THR B 303 -10.05 45.92 -61.35
CA THR B 303 -11.48 45.79 -61.58
C THR B 303 -11.84 45.98 -63.04
N GLN B 304 -11.21 46.97 -63.68
CA GLN B 304 -11.46 47.26 -65.08
C GLN B 304 -11.06 46.08 -65.97
N GLN B 305 -10.00 45.39 -65.60
CA GLN B 305 -9.52 44.25 -66.38
C GLN B 305 -10.52 43.10 -66.35
N LEU B 306 -11.30 43.03 -65.28
CA LEU B 306 -12.31 41.99 -65.14
C LEU B 306 -13.46 42.20 -66.14
N ALA B 307 -13.68 43.46 -66.51
CA ALA B 307 -14.73 43.79 -67.46
C ALA B 307 -14.40 43.25 -68.86
N PHE B 308 -13.16 42.79 -69.03
CA PHE B 308 -12.73 42.23 -70.29
C PHE B 308 -12.48 40.73 -70.16
N ARG B 309 -13.00 40.16 -69.08
CA ARG B 309 -12.86 38.72 -68.84
C ARG B 309 -14.06 37.96 -69.39
N GLN B 310 -13.84 37.23 -70.47
CA GLN B 310 -14.90 36.44 -71.09
C GLN B 310 -15.28 35.26 -70.19
N PRO B 311 -16.52 34.76 -70.35
CA PRO B 311 -17.02 33.63 -69.55
C PRO B 311 -16.07 32.45 -69.54
N SER B 312 -15.27 32.30 -70.58
CA SER B 312 -14.32 31.19 -70.68
C SER B 312 -13.10 31.42 -69.79
N SER B 313 -13.21 32.40 -68.89
CA SER B 313 -12.13 32.74 -67.97
C SER B 313 -10.88 33.24 -68.69
N ALA B 314 -11.03 33.59 -69.96
CA ALA B 314 -9.92 34.10 -70.75
C ALA B 314 -10.02 35.62 -70.90
N PHE B 315 -9.11 36.20 -71.67
CA PHE B 315 -9.11 37.64 -71.87
C PHE B 315 -8.85 38.00 -73.34
N ALA B 316 -9.22 39.23 -73.70
CA ALA B 316 -9.01 39.72 -75.06
C ALA B 316 -9.20 41.23 -75.10
N ALA B 317 -8.87 41.83 -76.24
CA ALA B 317 -9.01 43.28 -76.40
C ALA B 317 -10.45 43.72 -76.15
N PHE B 318 -11.40 42.92 -76.60
CA PHE B 318 -12.81 43.22 -76.41
C PHE B 318 -13.61 41.95 -76.08
N VAL B 319 -14.78 42.13 -75.50
CA VAL B 319 -15.62 41.00 -75.11
C VAL B 319 -16.14 40.24 -76.33
N LYS B 320 -16.01 40.85 -77.50
CA LYS B 320 -16.47 40.22 -78.74
C LYS B 320 -15.32 39.56 -79.49
N ARG B 321 -14.11 40.09 -79.31
CA ARG B 321 -12.94 39.58 -79.99
C ARG B 321 -12.56 38.19 -79.48
N ALA B 322 -11.99 37.37 -80.35
CA ALA B 322 -11.58 36.02 -79.98
C ALA B 322 -10.54 36.05 -78.88
N PRO B 323 -10.61 35.10 -77.94
CA PRO B 323 -9.69 35.01 -76.81
C PRO B 323 -8.24 34.96 -77.28
N SER B 324 -7.35 35.62 -76.55
CA SER B 324 -5.93 35.63 -76.88
C SER B 324 -5.14 34.81 -75.87
N THR B 325 -4.31 33.90 -76.37
CA THR B 325 -3.53 33.03 -75.51
C THR B 325 -2.45 33.81 -74.76
N TRP B 326 -1.86 34.79 -75.43
CA TRP B 326 -0.78 35.58 -74.85
C TRP B 326 -1.29 36.54 -73.79
N LEU B 327 -2.29 37.35 -74.14
CA LEU B 327 -2.84 38.34 -73.22
C LEU B 327 -3.33 37.68 -71.94
N THR B 328 -3.99 36.53 -72.08
CA THR B 328 -4.50 35.79 -70.93
C THR B 328 -3.36 35.34 -70.03
N ALA B 329 -2.32 34.79 -70.63
CA ALA B 329 -1.16 34.32 -69.89
C ALA B 329 -0.45 35.48 -69.20
N TYR B 330 -0.41 36.62 -69.88
CA TYR B 330 0.24 37.81 -69.33
C TYR B 330 -0.52 38.32 -68.11
N VAL B 331 -1.84 38.28 -68.18
CA VAL B 331 -2.67 38.71 -67.07
C VAL B 331 -2.36 37.88 -65.83
N VAL B 332 -2.06 36.60 -66.03
CA VAL B 332 -1.70 35.72 -64.93
C VAL B 332 -0.37 36.16 -64.33
N LYS B 333 0.55 36.61 -65.18
CA LYS B 333 1.87 37.03 -64.72
C LYS B 333 1.81 38.25 -63.81
N VAL B 334 1.04 39.25 -64.22
CA VAL B 334 0.90 40.47 -63.43
C VAL B 334 0.09 40.23 -62.17
N PHE B 335 -1.04 39.56 -62.31
CA PHE B 335 -1.94 39.29 -61.18
C PHE B 335 -1.25 38.47 -60.10
N SER B 336 -0.42 37.51 -60.51
CA SER B 336 0.27 36.64 -59.56
C SER B 336 1.34 37.39 -58.78
N LEU B 337 1.67 38.59 -59.24
CA LEU B 337 2.67 39.42 -58.58
C LEU B 337 1.99 40.44 -57.67
N ALA B 338 0.80 40.86 -58.06
CA ALA B 338 0.06 41.86 -57.30
C ALA B 338 -0.78 41.24 -56.19
N VAL B 339 -0.58 39.94 -55.95
CA VAL B 339 -1.31 39.25 -54.90
C VAL B 339 -0.85 39.74 -53.52
N ASN B 340 0.38 40.22 -53.45
CA ASN B 340 0.93 40.74 -52.20
C ASN B 340 0.61 42.22 -52.02
N LEU B 341 0.04 42.83 -53.05
CA LEU B 341 -0.30 44.25 -53.02
C LEU B 341 -1.80 44.46 -52.80
N ILE B 342 -2.61 43.73 -53.56
CA ILE B 342 -4.05 43.86 -53.46
C ILE B 342 -4.72 42.49 -53.39
N ALA B 343 -6.05 42.48 -53.31
CA ALA B 343 -6.81 41.24 -53.22
C ALA B 343 -7.14 40.70 -54.61
N ILE B 344 -6.60 39.52 -54.92
CA ILE B 344 -6.83 38.90 -56.21
C ILE B 344 -7.76 37.69 -56.07
N ASP B 345 -8.85 37.70 -56.84
CA ASP B 345 -9.81 36.60 -56.82
C ASP B 345 -9.19 35.34 -57.41
N SER B 346 -9.19 34.27 -56.63
CA SER B 346 -8.61 33.01 -57.08
C SER B 346 -9.39 32.41 -58.24
N GLN B 347 -10.69 32.65 -58.26
CA GLN B 347 -11.55 32.16 -59.33
C GLN B 347 -11.11 32.71 -60.69
N VAL B 348 -10.66 33.96 -60.69
CA VAL B 348 -10.22 34.61 -61.92
C VAL B 348 -8.78 34.22 -62.25
N LEU B 349 -7.91 34.31 -61.26
CA LEU B 349 -6.50 34.01 -61.45
C LEU B 349 -6.29 32.56 -61.89
N CYS B 350 -6.96 31.63 -61.22
CA CYS B 350 -6.85 30.22 -61.56
C CYS B 350 -7.72 29.89 -62.78
N GLY B 351 -8.71 30.73 -63.03
CA GLY B 351 -9.58 30.54 -64.18
C GLY B 351 -8.82 30.67 -65.48
N ALA B 352 -7.94 31.66 -65.55
CA ALA B 352 -7.13 31.89 -66.73
C ALA B 352 -6.09 30.79 -66.89
N VAL B 353 -5.63 30.25 -65.76
CA VAL B 353 -4.65 29.18 -65.78
C VAL B 353 -5.24 27.89 -66.35
N LYS B 354 -6.44 27.55 -65.89
CA LYS B 354 -7.12 26.35 -66.34
C LYS B 354 -7.47 26.44 -67.83
N TRP B 355 -7.77 27.65 -68.29
CA TRP B 355 -8.12 27.87 -69.69
C TRP B 355 -6.91 27.64 -70.59
N LEU B 356 -5.74 28.01 -70.12
CA LEU B 356 -4.51 27.83 -70.88
C LEU B 356 -4.13 26.36 -70.96
N ILE B 357 -4.34 25.63 -69.85
CA ILE B 357 -3.96 24.23 -69.78
C ILE B 357 -4.89 23.32 -70.56
N LEU B 358 -6.16 23.33 -70.20
CA LEU B 358 -7.14 22.43 -70.82
C LEU B 358 -7.44 22.78 -72.27
N GLU B 359 -7.70 24.05 -72.54
CA GLU B 359 -8.12 24.48 -73.87
C GLU B 359 -6.94 24.69 -74.81
N LYS B 360 -6.11 25.70 -74.52
CA LYS B 360 -5.03 26.07 -75.42
C LYS B 360 -3.70 25.39 -75.06
N GLN B 361 -3.64 24.08 -75.23
CA GLN B 361 -2.41 23.34 -75.02
C GLN B 361 -2.43 21.97 -75.69
N LYS B 362 -1.45 21.73 -76.54
CA LYS B 362 -1.31 20.45 -77.23
C LYS B 362 -0.66 19.42 -76.30
N PRO B 363 -0.76 18.14 -76.64
CA PRO B 363 -0.10 17.09 -75.86
C PRO B 363 1.41 17.32 -75.83
N ASP B 364 1.92 18.04 -76.82
CA ASP B 364 3.34 18.36 -76.90
C ASP B 364 3.72 19.36 -75.82
N GLY B 365 2.71 20.02 -75.24
CA GLY B 365 2.93 21.04 -74.24
C GLY B 365 3.09 22.40 -74.87
N VAL B 366 3.03 22.45 -76.19
CA VAL B 366 3.19 23.70 -76.93
C VAL B 366 1.94 24.57 -76.84
N PHE B 367 2.15 25.85 -76.58
CA PHE B 367 1.05 26.81 -76.55
C PHE B 367 1.01 27.63 -77.83
N GLN B 368 -0.17 27.73 -78.43
CA GLN B 368 -0.32 28.42 -79.70
C GLN B 368 -1.21 29.66 -79.57
N GLU B 369 -0.84 30.72 -80.28
CA GLU B 369 -1.60 31.96 -80.27
C GLU B 369 -2.65 31.95 -81.37
N ASP B 370 -3.91 32.16 -80.99
CA ASP B 370 -5.00 32.15 -81.95
C ASP B 370 -5.37 33.56 -82.40
N ALA B 371 -5.57 34.46 -81.44
CA ALA B 371 -5.93 35.84 -81.75
C ALA B 371 -4.92 36.81 -81.16
N PRO B 372 -3.80 37.02 -81.86
CA PRO B 372 -2.74 37.93 -81.41
C PRO B 372 -3.31 39.30 -81.07
N VAL B 373 -2.75 39.93 -80.03
CA VAL B 373 -3.22 41.25 -79.60
C VAL B 373 -2.98 42.29 -80.70
N ILE B 374 -3.89 43.25 -80.79
CA ILE B 374 -3.75 44.34 -81.75
C ILE B 374 -2.46 45.11 -81.47
N HIS B 375 -2.18 45.32 -80.19
CA HIS B 375 -0.97 46.02 -79.78
C HIS B 375 0.22 45.07 -79.78
N GLN B 376 0.86 44.95 -80.94
CA GLN B 376 2.01 44.07 -81.11
C GLN B 376 3.26 44.62 -80.41
N GLU B 377 3.11 45.76 -79.74
CA GLU B 377 4.24 46.40 -79.09
C GLU B 377 4.38 46.02 -77.63
N MET B 378 3.31 45.51 -77.04
CA MET B 378 3.32 45.15 -75.63
C MET B 378 3.76 43.70 -75.40
N ILE B 379 3.97 42.97 -76.50
CA ILE B 379 4.38 41.58 -76.41
C ILE B 379 5.90 41.45 -76.32
N GLY B 380 6.59 42.58 -76.37
CA GLY B 380 8.04 42.62 -76.24
C GLY B 380 8.75 41.86 -77.33
N GLY B 381 9.70 41.01 -76.94
CA GLY B 381 10.53 40.29 -77.89
C GLY B 381 9.88 39.06 -78.50
N LEU B 382 8.55 39.09 -78.60
CA LEU B 382 7.82 37.99 -79.22
C LEU B 382 7.28 38.40 -80.59
N ARG B 383 7.42 39.68 -80.92
CA ARG B 383 6.94 40.19 -82.19
C ARG B 383 7.67 39.54 -83.36
N ASN B 384 8.93 39.20 -83.15
CA ASN B 384 9.71 38.49 -84.15
C ASN B 384 9.31 37.02 -84.17
N ASN B 385 9.04 36.49 -85.36
CA ASN B 385 8.46 35.17 -85.51
C ASN B 385 9.47 34.03 -85.53
N ASN B 386 10.76 34.35 -85.41
CA ASN B 386 11.79 33.33 -85.39
C ASN B 386 11.73 32.53 -84.09
N GLU B 387 11.21 31.30 -84.19
CA GLU B 387 11.04 30.43 -83.03
C GLU B 387 9.90 30.92 -82.13
N LYS B 388 8.67 30.70 -82.56
CA LYS B 388 7.51 31.12 -81.80
C LYS B 388 7.03 30.03 -80.84
N ASP B 389 7.32 28.78 -81.18
CA ASP B 389 6.94 27.66 -80.33
C ASP B 389 7.76 27.64 -79.04
N MET B 390 9.04 27.97 -79.15
CA MET B 390 9.93 27.97 -78.00
C MET B 390 9.75 29.23 -77.15
N ALA B 391 9.32 30.31 -77.79
CA ALA B 391 9.16 31.59 -77.12
C ALA B 391 7.83 31.68 -76.37
N LEU B 392 6.75 31.35 -77.05
CA LEU B 392 5.42 31.45 -76.46
C LEU B 392 5.18 30.38 -75.39
N THR B 393 5.59 29.15 -75.68
CA THR B 393 5.45 28.06 -74.72
C THR B 393 6.14 28.41 -73.41
N ALA B 394 7.31 29.02 -73.51
CA ALA B 394 8.06 29.44 -72.33
C ALA B 394 7.36 30.58 -71.61
N PHE B 395 6.94 31.59 -72.38
CA PHE B 395 6.29 32.76 -71.81
C PHE B 395 5.06 32.37 -70.99
N VAL B 396 4.26 31.47 -71.54
CA VAL B 396 3.06 31.00 -70.86
C VAL B 396 3.42 30.09 -69.69
N LEU B 397 4.45 29.28 -69.88
CA LEU B 397 4.90 28.35 -68.86
C LEU B 397 5.32 29.09 -67.59
N ILE B 398 6.00 30.22 -67.77
CA ILE B 398 6.45 31.03 -66.66
C ILE B 398 5.26 31.58 -65.87
N SER B 399 4.25 32.04 -66.60
CA SER B 399 3.06 32.59 -65.98
C SER B 399 2.35 31.56 -65.11
N LEU B 400 2.50 30.29 -65.48
CA LEU B 400 1.87 29.21 -64.74
C LEU B 400 2.65 28.91 -63.46
N GLN B 401 3.97 28.91 -63.56
CA GLN B 401 4.82 28.59 -62.41
C GLN B 401 4.82 29.71 -61.38
N GLU B 402 4.58 30.94 -61.83
CA GLU B 402 4.52 32.08 -60.93
C GLU B 402 3.15 32.16 -60.26
N ALA B 403 2.26 31.26 -60.65
CA ALA B 403 0.93 31.19 -60.05
C ALA B 403 0.69 29.78 -59.52
N LYS B 404 1.75 28.98 -59.47
CA LYS B 404 1.66 27.60 -59.03
C LYS B 404 1.31 27.49 -57.56
N ASP B 405 1.89 28.37 -56.74
CA ASP B 405 1.67 28.35 -55.31
C ASP B 405 0.25 28.80 -54.94
N ILE B 406 -0.46 29.37 -55.91
CA ILE B 406 -1.81 29.86 -55.68
C ILE B 406 -2.84 28.89 -56.26
N CYS B 407 -2.62 28.44 -57.48
CA CYS B 407 -3.53 27.52 -58.14
C CYS B 407 -3.02 26.08 -58.04
N GLU B 408 -2.66 25.67 -56.83
CA GLU B 408 -2.15 24.33 -56.60
C GLU B 408 -3.24 23.46 -55.96
N GLU B 409 -4.36 24.08 -55.62
CA GLU B 409 -5.47 23.37 -55.00
C GLU B 409 -6.67 23.30 -55.94
N GLN B 410 -6.88 24.36 -56.72
CA GLN B 410 -8.04 24.44 -57.60
C GLN B 410 -7.78 23.77 -58.95
N VAL B 411 -6.54 23.84 -59.41
CA VAL B 411 -6.18 23.23 -60.69
C VAL B 411 -5.30 22.00 -60.48
N ASN B 412 -5.88 20.83 -60.73
CA ASN B 412 -5.18 19.57 -60.52
C ASN B 412 -4.25 19.24 -61.69
N SER B 413 -4.57 19.77 -62.86
CA SER B 413 -3.79 19.47 -64.06
C SER B 413 -2.65 20.46 -64.26
N LEU B 414 -2.30 21.19 -63.21
CA LEU B 414 -1.21 22.15 -63.29
C LEU B 414 0.16 21.48 -63.27
N PRO B 415 0.43 20.65 -62.25
CA PRO B 415 1.73 19.98 -62.19
C PRO B 415 1.99 19.13 -63.43
N GLY B 416 0.92 18.66 -64.06
CA GLY B 416 1.04 17.87 -65.27
C GLY B 416 1.39 18.74 -66.46
N SER B 417 0.68 19.87 -66.59
CA SER B 417 0.93 20.80 -67.68
C SER B 417 2.33 21.38 -67.62
N ILE B 418 2.76 21.72 -66.40
CA ILE B 418 4.08 22.29 -66.19
C ILE B 418 5.17 21.32 -66.65
N THR B 419 4.97 20.04 -66.39
CA THR B 419 5.92 19.02 -66.80
C THR B 419 5.93 18.86 -68.32
N LYS B 420 4.75 18.92 -68.93
CA LYS B 420 4.63 18.79 -70.37
C LYS B 420 5.44 19.87 -71.09
N ALA B 421 5.11 21.13 -70.81
CA ALA B 421 5.79 22.25 -71.45
C ALA B 421 7.30 22.19 -71.23
N GLY B 422 7.70 21.69 -70.07
CA GLY B 422 9.10 21.57 -69.74
C GLY B 422 9.81 20.56 -70.63
N ASP B 423 9.11 19.48 -70.97
CA ASP B 423 9.68 18.42 -71.80
C ASP B 423 9.95 18.91 -73.22
N PHE B 424 9.12 19.84 -73.69
CA PHE B 424 9.23 20.37 -75.04
C PHE B 424 10.37 21.37 -75.16
N LEU B 425 10.54 22.21 -74.14
CA LEU B 425 11.57 23.24 -74.15
C LEU B 425 12.96 22.62 -73.97
N GLU B 426 13.02 21.46 -73.35
CA GLU B 426 14.29 20.79 -73.09
C GLU B 426 14.76 20.00 -74.30
N ALA B 427 13.90 19.87 -75.29
CA ALA B 427 14.22 19.10 -76.49
C ALA B 427 14.70 19.98 -77.62
N ASN B 428 14.39 21.27 -77.54
CA ASN B 428 14.76 22.20 -78.60
C ASN B 428 15.55 23.40 -78.08
N TYR B 429 16.15 23.24 -76.91
CA TYR B 429 16.94 24.32 -76.31
C TYR B 429 18.36 24.34 -76.87
N MET B 430 18.75 23.24 -77.50
CA MET B 430 20.08 23.11 -78.08
C MET B 430 20.08 23.54 -79.54
N ASN B 431 18.90 23.88 -80.05
CA ASN B 431 18.76 24.28 -81.45
C ASN B 431 18.47 25.78 -81.60
N LEU B 432 18.19 26.44 -80.48
CA LEU B 432 17.88 27.86 -80.49
C LEU B 432 19.04 28.68 -81.02
N GLN B 433 18.73 29.81 -81.65
CA GLN B 433 19.75 30.67 -82.23
C GLN B 433 19.78 32.04 -81.57
N ARG B 434 18.64 32.73 -81.60
CA ARG B 434 18.53 34.06 -81.01
C ARG B 434 18.82 34.03 -79.52
N SER B 435 19.62 34.99 -79.04
CA SER B 435 19.96 35.08 -77.63
C SER B 435 18.71 35.31 -76.78
N TYR B 436 17.72 35.99 -77.36
CA TYR B 436 16.49 36.28 -76.66
C TYR B 436 15.77 35.01 -76.22
N THR B 437 15.40 34.19 -77.20
CA THR B 437 14.70 32.95 -76.92
C THR B 437 15.47 32.09 -75.93
N VAL B 438 16.78 32.08 -76.05
CA VAL B 438 17.64 31.29 -75.16
C VAL B 438 17.45 31.71 -73.70
N ALA B 439 17.20 33.00 -73.49
CA ALA B 439 17.03 33.53 -72.15
C ALA B 439 15.65 33.21 -71.58
N ILE B 440 14.62 33.60 -72.30
CA ILE B 440 13.25 33.42 -71.84
C ILE B 440 12.94 31.94 -71.60
N ALA B 441 13.57 31.07 -72.38
CA ALA B 441 13.38 29.63 -72.22
C ALA B 441 14.21 29.09 -71.07
N GLY B 442 15.44 29.59 -70.96
CA GLY B 442 16.34 29.16 -69.90
C GLY B 442 15.78 29.45 -68.52
N TYR B 443 15.12 30.59 -68.38
CA TYR B 443 14.52 30.98 -67.11
C TYR B 443 13.31 30.09 -66.79
N ALA B 444 12.68 29.57 -67.84
CA ALA B 444 11.54 28.67 -67.66
C ALA B 444 12.01 27.30 -67.17
N LEU B 445 13.17 26.86 -67.66
CA LEU B 445 13.74 25.59 -67.27
C LEU B 445 14.43 25.69 -65.92
N ALA B 446 14.93 26.88 -65.61
CA ALA B 446 15.63 27.12 -64.35
C ALA B 446 14.69 26.96 -63.15
N GLN B 447 13.43 27.37 -63.33
CA GLN B 447 12.45 27.28 -62.27
C GLN B 447 12.09 25.83 -61.97
N MET B 448 12.58 24.92 -62.79
CA MET B 448 12.32 23.49 -62.59
C MET B 448 13.59 22.76 -62.17
N GLY B 449 14.73 23.42 -62.32
CA GLY B 449 16.00 22.81 -62.03
C GLY B 449 16.40 21.84 -63.13
N ARG B 450 15.76 22.01 -64.29
CA ARG B 450 16.02 21.14 -65.43
C ARG B 450 16.97 21.82 -66.41
N LEU B 451 17.77 22.75 -65.91
CA LEU B 451 18.75 23.45 -66.72
C LEU B 451 20.16 23.00 -66.36
N LYS B 452 20.52 21.79 -66.80
CA LYS B 452 21.82 21.21 -66.48
C LYS B 452 22.51 20.70 -67.74
N GLY B 453 23.79 20.35 -67.59
CA GLY B 453 24.56 19.80 -68.69
C GLY B 453 24.73 20.77 -69.85
N PRO B 454 24.54 20.26 -71.08
CA PRO B 454 24.68 21.06 -72.31
C PRO B 454 23.78 22.29 -72.32
N LEU B 455 22.55 22.13 -71.85
CA LEU B 455 21.58 23.23 -71.84
C LEU B 455 22.09 24.39 -70.99
N LEU B 456 22.75 24.06 -69.88
CA LEU B 456 23.28 25.08 -68.98
C LEU B 456 24.49 25.77 -69.60
N ASN B 457 25.29 25.00 -70.33
CA ASN B 457 26.49 25.53 -70.97
C ASN B 457 26.16 26.54 -72.06
N LYS B 458 25.08 26.28 -72.80
CA LYS B 458 24.68 27.16 -73.88
C LYS B 458 24.07 28.45 -73.35
N PHE B 459 23.29 28.35 -72.28
CA PHE B 459 22.66 29.51 -71.67
C PHE B 459 23.69 30.52 -71.18
N LEU B 460 24.84 30.03 -70.75
CA LEU B 460 25.89 30.88 -70.20
C LEU B 460 26.76 31.49 -71.29
N THR B 461 27.07 30.70 -72.32
CA THR B 461 27.94 31.14 -73.39
C THR B 461 27.22 32.06 -74.39
N THR B 462 25.90 31.99 -74.40
CA THR B 462 25.11 32.83 -75.29
C THR B 462 25.34 34.30 -75.02
N ALA B 463 25.55 34.63 -73.75
CA ALA B 463 25.79 36.02 -73.34
C ALA B 463 27.13 36.53 -73.86
N LYS B 464 27.08 37.62 -74.62
CA LYS B 464 28.29 38.23 -75.15
C LYS B 464 28.99 39.05 -74.07
N ASP B 465 30.29 38.82 -73.93
CA ASP B 465 31.09 39.50 -72.90
C ASP B 465 30.63 39.11 -71.49
N LYS B 466 29.85 38.04 -71.41
CA LYS B 466 29.39 37.52 -70.13
C LYS B 466 28.67 38.57 -69.28
N ASN B 467 27.86 39.41 -69.93
CA ASN B 467 27.16 40.46 -69.20
C ASN B 467 25.83 40.86 -69.82
N ARG B 468 25.47 40.25 -70.94
CA ARG B 468 24.24 40.60 -71.63
C ARG B 468 23.82 39.57 -72.67
N TRP B 469 22.51 39.41 -72.83
CA TRP B 469 21.96 38.57 -73.89
C TRP B 469 21.31 39.46 -74.94
N GLU B 470 22.13 39.97 -75.85
CA GLU B 470 21.65 40.93 -76.85
C GLU B 470 21.43 40.30 -78.21
N ASP B 471 20.57 40.93 -79.01
CA ASP B 471 20.33 40.50 -80.38
C ASP B 471 20.35 41.70 -81.32
N PRO B 472 20.86 41.50 -82.55
CA PRO B 472 20.96 42.58 -83.53
C PRO B 472 19.64 43.29 -83.77
N GLY B 473 19.47 44.47 -83.17
CA GLY B 473 18.28 45.27 -83.40
C GLY B 473 17.48 45.58 -82.16
N LYS B 474 17.06 46.84 -82.04
CA LYS B 474 16.17 47.29 -80.98
C LYS B 474 16.81 47.26 -79.59
N GLN B 475 16.22 48.02 -78.67
CA GLN B 475 16.67 48.07 -77.28
C GLN B 475 15.75 47.21 -76.42
N LEU B 476 14.45 47.31 -76.69
CA LEU B 476 13.44 46.55 -75.97
C LEU B 476 13.78 45.07 -75.85
N TYR B 477 14.29 44.49 -76.93
CA TYR B 477 14.54 43.05 -76.97
C TYR B 477 15.81 42.65 -76.24
N ASN B 478 16.74 43.60 -76.09
CA ASN B 478 18.00 43.33 -75.41
C ASN B 478 17.89 43.42 -73.90
N VAL B 479 17.22 44.47 -73.41
CA VAL B 479 17.04 44.67 -71.98
C VAL B 479 16.12 43.60 -71.40
N GLU B 480 15.09 43.23 -72.15
CA GLU B 480 14.13 42.23 -71.71
C GLU B 480 14.78 40.85 -71.62
N ALA B 481 15.54 40.49 -72.65
CA ALA B 481 16.20 39.20 -72.69
C ALA B 481 17.18 39.03 -71.54
N THR B 482 17.94 40.09 -71.25
CA THR B 482 18.92 40.07 -70.19
C THR B 482 18.27 39.93 -68.81
N SER B 483 17.11 40.54 -68.66
CA SER B 483 16.37 40.47 -67.40
C SER B 483 15.92 39.04 -67.11
N TYR B 484 15.44 38.36 -68.15
CA TYR B 484 15.04 36.97 -68.01
C TYR B 484 16.23 36.11 -67.59
N ALA B 485 17.39 36.37 -68.20
CA ALA B 485 18.59 35.62 -67.90
C ALA B 485 19.03 35.84 -66.44
N LEU B 486 18.88 37.07 -65.97
CA LEU B 486 19.24 37.40 -64.59
C LEU B 486 18.38 36.62 -63.61
N LEU B 487 17.09 36.54 -63.88
CA LEU B 487 16.17 35.77 -63.05
C LEU B 487 16.53 34.29 -63.08
N ALA B 488 17.09 33.85 -64.20
CA ALA B 488 17.50 32.46 -64.35
C ALA B 488 18.75 32.19 -63.53
N LEU B 489 19.64 33.18 -63.46
CA LEU B 489 20.86 33.05 -62.68
C LEU B 489 20.56 33.05 -61.19
N LEU B 490 19.73 33.99 -60.77
CA LEU B 490 19.30 34.07 -59.36
C LEU B 490 18.58 32.79 -58.96
N GLN B 491 18.01 32.11 -59.95
CA GLN B 491 17.31 30.86 -59.71
C GLN B 491 18.32 29.73 -59.53
N LEU B 492 19.36 29.73 -60.35
CA LEU B 492 20.41 28.73 -60.27
C LEU B 492 21.33 29.00 -59.09
N LYS B 493 21.16 30.17 -58.48
CA LYS B 493 21.96 30.57 -57.33
C LYS B 493 23.45 30.66 -57.65
N ASP B 494 23.76 31.04 -58.89
CA ASP B 494 25.13 31.23 -59.33
C ASP B 494 25.55 32.69 -59.17
N PHE B 495 25.90 33.09 -57.95
CA PHE B 495 26.23 34.47 -57.67
C PHE B 495 27.65 34.84 -58.08
N ASP B 496 28.17 34.13 -59.07
CA ASP B 496 29.51 34.40 -59.59
C ASP B 496 29.42 35.04 -60.98
N PHE B 497 28.35 34.73 -61.68
CA PHE B 497 28.14 35.23 -63.04
C PHE B 497 27.12 36.37 -63.02
N VAL B 498 26.48 36.55 -61.86
CA VAL B 498 25.43 37.55 -61.71
C VAL B 498 25.94 38.99 -61.69
N PRO B 499 26.96 39.27 -60.87
CA PRO B 499 27.45 40.65 -60.74
C PRO B 499 27.66 41.37 -62.08
N PRO B 500 28.34 40.73 -63.04
CA PRO B 500 28.55 41.40 -64.33
C PRO B 500 27.23 41.74 -65.02
N VAL B 501 26.26 40.84 -64.92
CA VAL B 501 24.97 41.05 -65.56
C VAL B 501 24.20 42.20 -64.92
N VAL B 502 24.08 42.16 -63.60
CA VAL B 502 23.37 43.19 -62.86
C VAL B 502 23.99 44.56 -63.11
N ARG B 503 25.31 44.61 -63.06
CA ARG B 503 26.04 45.86 -63.27
C ARG B 503 25.77 46.43 -64.65
N TRP B 504 25.55 45.55 -65.63
CA TRP B 504 25.29 45.97 -66.99
C TRP B 504 23.96 46.69 -67.12
N LEU B 505 22.93 46.13 -66.49
CA LEU B 505 21.60 46.73 -66.50
C LEU B 505 21.63 48.10 -65.84
N ASN B 506 22.33 48.20 -64.72
CA ASN B 506 22.48 49.46 -64.02
C ASN B 506 23.24 50.48 -64.85
N GLU B 507 24.33 50.05 -65.47
CA GLU B 507 25.16 50.92 -66.29
C GLU B 507 24.52 51.19 -67.64
N GLN B 508 23.22 50.93 -67.74
CA GLN B 508 22.49 51.18 -68.97
C GLN B 508 21.29 52.08 -68.72
N ARG B 509 21.08 52.40 -67.44
CA ARG B 509 20.06 53.36 -67.03
C ARG B 509 18.77 53.30 -67.85
N TYR B 510 18.01 52.24 -67.67
CA TYR B 510 16.70 52.12 -68.32
C TYR B 510 15.60 52.20 -67.28
N TYR B 511 14.90 53.33 -67.24
CA TYR B 511 13.87 53.57 -66.25
C TYR B 511 12.46 53.25 -66.77
N GLY B 512 12.38 52.30 -67.69
CA GLY B 512 11.10 51.88 -68.24
C GLY B 512 10.30 53.02 -68.84
N GLY B 513 9.02 52.78 -69.06
CA GLY B 513 8.13 53.77 -69.63
C GLY B 513 8.37 53.95 -71.12
N GLY B 514 7.34 54.42 -71.82
CA GLY B 514 7.45 54.68 -73.25
C GLY B 514 6.49 53.83 -74.07
N TYR B 515 6.75 53.77 -75.38
CA TYR B 515 5.91 53.00 -76.29
C TYR B 515 6.46 51.59 -76.51
N GLY B 516 5.63 50.59 -76.25
CA GLY B 516 6.02 49.21 -76.44
C GLY B 516 7.02 48.73 -75.40
N SER B 517 7.11 49.47 -74.30
CA SER B 517 8.06 49.16 -73.24
C SER B 517 7.40 48.32 -72.13
N THR B 518 6.24 47.76 -72.45
CA THR B 518 5.48 46.99 -71.47
C THR B 518 6.27 45.80 -70.93
N GLN B 519 6.99 45.12 -71.82
CA GLN B 519 7.75 43.94 -71.43
C GLN B 519 9.10 44.29 -70.81
N ALA B 520 9.75 45.32 -71.34
CA ALA B 520 11.05 45.73 -70.84
C ALA B 520 10.95 46.36 -69.46
N THR B 521 9.78 46.90 -69.13
CA THR B 521 9.57 47.54 -67.84
C THR B 521 9.28 46.53 -66.74
N PHE B 522 8.31 45.66 -66.99
CA PHE B 522 7.88 44.68 -65.99
C PHE B 522 8.96 43.65 -65.69
N MET B 523 9.84 43.42 -66.65
CA MET B 523 10.87 42.38 -66.51
C MET B 523 12.17 42.91 -65.89
N VAL B 524 12.56 44.12 -66.27
CA VAL B 524 13.82 44.69 -65.78
C VAL B 524 13.75 45.01 -64.29
N PHE B 525 12.56 45.42 -63.83
CA PHE B 525 12.38 45.75 -62.42
C PHE B 525 12.03 44.52 -61.60
N GLN B 526 11.54 43.48 -62.27
CA GLN B 526 11.25 42.22 -61.61
C GLN B 526 12.53 41.47 -61.31
N ALA B 527 13.52 41.65 -62.19
CA ALA B 527 14.81 40.99 -62.05
C ALA B 527 15.71 41.71 -61.06
N LEU B 528 15.74 43.03 -61.13
CA LEU B 528 16.57 43.83 -60.24
C LEU B 528 16.02 43.83 -58.82
N ALA B 529 14.70 43.71 -58.69
CA ALA B 529 14.07 43.63 -57.38
C ALA B 529 14.33 42.27 -56.75
N GLN B 530 14.40 41.25 -57.59
CA GLN B 530 14.67 39.90 -57.14
C GLN B 530 16.13 39.77 -56.70
N TYR B 531 16.99 40.53 -57.36
CA TYR B 531 18.42 40.53 -57.02
C TYR B 531 18.68 41.17 -55.66
N GLN B 532 17.79 42.06 -55.26
CA GLN B 532 17.94 42.75 -53.98
C GLN B 532 17.54 41.89 -52.80
N LYS B 533 16.97 40.72 -53.08
CA LYS B 533 16.61 39.77 -52.03
C LYS B 533 17.62 38.63 -51.94
N ASP B 534 18.10 38.19 -53.11
CA ASP B 534 19.03 37.07 -53.17
C ASP B 534 20.47 37.52 -52.99
N ALA B 535 20.64 38.76 -52.53
CA ALA B 535 21.97 39.33 -52.35
C ALA B 535 22.46 39.21 -50.91
N PRO B 536 23.47 38.37 -50.68
CA PRO B 536 24.08 38.15 -49.36
C PRO B 536 24.89 39.36 -48.93
N ASP B 537 25.00 39.56 -47.61
CA ASP B 537 25.83 40.63 -47.07
C ASP B 537 27.26 40.16 -46.93
N HIS B 538 27.42 38.89 -46.57
CA HIS B 538 28.72 38.28 -46.31
C HIS B 538 28.76 36.87 -46.88
N GLN B 539 29.86 36.17 -46.64
CA GLN B 539 29.95 34.76 -47.02
C GLN B 539 29.80 33.87 -45.80
N GLU B 540 29.57 32.57 -46.04
CA GLU B 540 29.36 31.62 -44.96
C GLU B 540 30.44 31.73 -43.89
N LEU B 541 30.01 31.78 -42.63
CA LEU B 541 30.93 31.83 -41.51
C LEU B 541 30.56 30.75 -40.49
N ASN B 542 31.12 29.56 -40.69
CA ASN B 542 30.84 28.42 -39.81
C ASN B 542 32.08 27.54 -39.66
N LEU B 543 33.01 27.97 -38.80
CA LEU B 543 34.24 27.23 -38.59
C LEU B 543 34.14 26.26 -37.43
N ASP B 544 34.55 25.02 -37.66
CA ASP B 544 34.56 24.00 -36.64
C ASP B 544 36.01 23.68 -36.26
N VAL B 545 36.61 24.56 -35.47
CA VAL B 545 38.00 24.41 -35.07
C VAL B 545 38.12 23.57 -33.80
N SER B 546 38.97 22.55 -33.86
CA SER B 546 39.20 21.69 -32.71
C SER B 546 40.69 21.47 -32.47
N LEU B 547 41.14 21.80 -31.27
CA LEU B 547 42.55 21.66 -30.90
C LEU B 547 42.76 20.54 -29.89
N GLN B 548 43.65 19.61 -30.23
CA GLN B 548 43.93 18.47 -29.36
C GLN B 548 45.32 18.55 -28.75
N LEU B 549 45.38 18.62 -27.43
CA LEU B 549 46.65 18.66 -26.70
C LEU B 549 47.03 17.26 -26.23
N PRO B 550 48.33 16.95 -26.27
CA PRO B 550 48.84 15.63 -25.83
C PRO B 550 48.61 15.39 -24.35
N SER B 551 48.58 16.47 -23.57
CA SER B 551 48.40 16.36 -22.12
C SER B 551 46.92 16.26 -21.76
N ARG B 552 46.06 16.23 -22.77
CA ARG B 552 44.63 16.21 -22.54
C ARG B 552 43.97 15.04 -23.27
N SER B 553 42.97 14.44 -22.62
CA SER B 553 42.31 13.26 -23.18
C SER B 553 41.33 13.61 -24.29
N SER B 554 40.57 14.68 -24.08
CA SER B 554 39.54 15.07 -25.04
C SER B 554 39.95 16.27 -25.88
N LYS B 555 39.29 16.43 -27.02
CA LYS B 555 39.54 17.55 -27.91
C LYS B 555 38.84 18.82 -27.40
N ILE B 556 39.34 19.97 -27.84
CA ILE B 556 38.70 21.24 -27.52
C ILE B 556 38.01 21.80 -28.77
N THR B 557 36.72 21.53 -28.89
CA THR B 557 35.96 21.89 -30.08
C THR B 557 35.24 23.23 -29.93
N HIS B 558 35.44 24.11 -30.91
CA HIS B 558 34.77 25.40 -30.95
C HIS B 558 34.05 25.58 -32.28
N ARG B 559 33.01 26.42 -32.29
CA ARG B 559 32.31 26.74 -33.52
C ARG B 559 32.07 28.24 -33.65
N ILE B 560 32.62 28.83 -34.71
CA ILE B 560 32.50 30.26 -34.96
C ILE B 560 31.43 30.54 -36.01
N HIS B 561 30.49 31.43 -35.67
CA HIS B 561 29.45 31.83 -36.60
C HIS B 561 29.61 33.29 -36.99
N TRP B 562 28.85 33.71 -38.00
CA TRP B 562 28.90 35.09 -38.47
C TRP B 562 28.61 36.08 -37.35
N GLU B 563 27.54 35.82 -36.59
CA GLU B 563 27.13 36.71 -35.52
C GLU B 563 28.12 36.68 -34.35
N SER B 564 28.59 35.49 -34.03
CA SER B 564 29.49 35.32 -32.89
C SER B 564 30.96 35.47 -33.29
N ALA B 565 31.19 35.98 -34.50
CA ALA B 565 32.55 36.20 -34.98
C ALA B 565 33.24 37.28 -34.15
N SER B 566 34.52 37.52 -34.46
CA SER B 566 35.31 38.52 -33.74
C SER B 566 35.20 38.33 -32.23
N LEU B 567 35.15 37.08 -31.79
CA LEU B 567 35.03 36.76 -30.38
C LEU B 567 36.30 36.10 -29.86
N LEU B 568 36.87 36.68 -28.82
CA LEU B 568 38.10 36.15 -28.22
C LEU B 568 37.83 34.84 -27.49
N ARG B 569 38.33 33.75 -28.08
CA ARG B 569 38.12 32.43 -27.51
C ARG B 569 39.46 31.80 -27.18
N SER B 570 39.86 31.86 -25.91
CA SER B 570 41.18 31.41 -25.51
C SER B 570 41.17 30.16 -24.65
N GLU B 571 42.14 29.29 -24.87
CA GLU B 571 42.34 28.11 -24.06
C GLU B 571 43.76 28.10 -23.49
N GLU B 572 43.86 28.18 -22.17
CA GLU B 572 45.15 28.29 -21.51
C GLU B 572 45.72 26.92 -21.14
N THR B 573 47.05 26.82 -21.13
CA THR B 573 47.71 25.57 -20.79
C THR B 573 49.01 25.83 -20.03
N LYS B 574 49.02 25.48 -18.74
CA LYS B 574 50.19 25.69 -17.90
C LYS B 574 51.34 24.78 -18.31
N GLU B 575 51.10 23.93 -19.29
CA GLU B 575 52.12 22.99 -19.75
C GLU B 575 52.57 23.28 -21.18
N ASN B 576 53.88 23.21 -21.42
CA ASN B 576 54.45 23.51 -22.72
C ASN B 576 54.59 22.27 -23.59
N GLU B 577 53.58 22.02 -24.42
CA GLU B 577 53.58 20.87 -25.31
C GLU B 577 53.40 21.28 -26.76
N GLY B 578 53.55 20.33 -27.68
CA GLY B 578 53.34 20.58 -29.09
C GLY B 578 51.98 20.06 -29.54
N PHE B 579 50.98 20.94 -29.52
CA PHE B 579 49.62 20.55 -29.87
C PHE B 579 49.30 20.82 -31.34
N THR B 580 48.28 20.14 -31.85
CA THR B 580 47.84 20.33 -33.23
C THR B 580 46.43 20.93 -33.25
N VAL B 581 46.12 21.61 -34.35
CA VAL B 581 44.81 22.24 -34.49
C VAL B 581 44.15 21.80 -35.80
N THR B 582 42.86 21.51 -35.75
CA THR B 582 42.10 21.10 -36.93
C THR B 582 40.92 22.01 -37.17
N ALA B 583 40.89 22.64 -38.34
CA ALA B 583 39.78 23.49 -38.73
C ALA B 583 38.98 22.85 -39.85
N GLU B 584 37.67 23.09 -39.85
CA GLU B 584 36.79 22.48 -40.85
C GLU B 584 35.51 23.29 -40.98
N GLY B 585 35.01 23.42 -42.20
CA GLY B 585 33.80 24.18 -42.46
C GLY B 585 34.00 25.26 -43.50
N LYS B 586 33.01 26.13 -43.63
CA LYS B 586 33.07 27.21 -44.60
C LYS B 586 33.27 28.56 -43.90
N GLY B 587 34.29 29.29 -44.33
CA GLY B 587 34.58 30.59 -43.76
C GLY B 587 36.07 30.84 -43.59
N GLN B 588 36.41 31.70 -42.63
CA GLN B 588 37.80 32.03 -42.37
C GLN B 588 37.99 32.57 -40.94
N GLY B 589 39.08 32.17 -40.31
CA GLY B 589 39.36 32.58 -38.94
C GLY B 589 40.84 32.81 -38.69
N THR B 590 41.17 33.25 -37.47
CA THR B 590 42.53 33.56 -37.11
C THR B 590 43.01 32.78 -35.89
N LEU B 591 44.15 32.10 -36.02
CA LEU B 591 44.74 31.37 -34.92
C LEU B 591 46.01 32.06 -34.45
N SER B 592 46.18 32.15 -33.13
CA SER B 592 47.36 32.77 -32.55
C SER B 592 47.73 32.15 -31.21
N VAL B 593 48.98 31.72 -31.09
CA VAL B 593 49.46 31.07 -29.88
C VAL B 593 50.60 31.85 -29.23
N VAL B 594 50.37 32.33 -28.01
CA VAL B 594 51.37 33.11 -27.29
C VAL B 594 51.59 32.54 -25.90
N THR B 595 52.85 32.26 -25.57
CA THR B 595 53.20 31.75 -24.25
C THR B 595 53.77 32.86 -23.38
N MET B 596 53.40 32.87 -22.10
CA MET B 596 53.87 33.89 -21.17
C MET B 596 54.66 33.24 -20.03
N TYR B 597 55.85 33.75 -19.77
CA TYR B 597 56.73 33.17 -18.76
C TYR B 597 57.65 34.23 -18.18
N HIS B 598 58.46 33.82 -17.21
CA HIS B 598 59.46 34.70 -16.61
C HIS B 598 60.83 34.41 -17.20
N ALA B 599 61.41 35.39 -17.88
CA ALA B 599 62.70 35.23 -18.51
C ALA B 599 63.85 35.65 -17.60
N LYS B 600 64.96 34.94 -17.69
CA LYS B 600 66.14 35.23 -16.89
C LYS B 600 66.92 36.38 -17.51
N ALA B 601 66.20 37.34 -18.09
CA ALA B 601 66.82 38.46 -18.79
C ALA B 601 67.91 39.14 -17.96
N LYS B 602 67.58 39.43 -16.70
CA LYS B 602 68.53 40.06 -15.79
C LYS B 602 69.91 39.38 -15.89
N ASP B 603 70.97 40.16 -16.13
CA ASP B 603 70.95 41.62 -16.27
C ASP B 603 70.60 42.37 -14.98
N GLN B 604 70.00 43.54 -15.13
CA GLN B 604 69.64 44.41 -14.00
C GLN B 604 69.16 43.60 -12.79
N LEU B 605 69.54 44.00 -11.57
CA LEU B 605 70.32 45.22 -11.30
C LEU B 605 69.53 46.46 -11.69
N THR B 606 68.26 46.49 -11.32
CA THR B 606 67.36 47.58 -11.67
C THR B 606 67.41 48.73 -10.67
N CYS B 607 68.59 49.33 -10.50
CA CYS B 607 68.73 50.45 -9.59
C CYS B 607 68.23 51.73 -10.25
N ASN B 608 67.89 51.63 -11.54
CA ASN B 608 67.29 52.73 -12.28
C ASN B 608 68.15 53.99 -12.37
N LYS B 609 67.49 55.14 -12.31
CA LYS B 609 68.15 56.42 -12.53
C LYS B 609 68.84 56.97 -11.27
N PHE B 610 69.29 56.07 -10.41
CA PHE B 610 69.99 56.48 -9.19
C PHE B 610 71.09 55.49 -8.80
N ASP B 611 72.18 56.02 -8.27
CA ASP B 611 73.26 55.20 -7.74
C ASP B 611 73.52 55.55 -6.28
N LEU B 612 72.84 54.84 -5.39
CA LEU B 612 72.93 55.11 -3.96
C LEU B 612 74.02 54.28 -3.29
N LYS B 613 74.91 54.97 -2.58
CA LYS B 613 75.97 54.31 -1.82
C LYS B 613 75.90 54.73 -0.37
N VAL B 614 75.70 53.76 0.53
CA VAL B 614 75.57 54.05 1.95
C VAL B 614 76.65 53.32 2.75
N THR B 615 77.25 54.04 3.70
CA THR B 615 78.32 53.48 4.52
C THR B 615 78.17 53.88 5.98
N ILE B 616 78.37 52.93 6.88
CA ILE B 616 78.30 53.21 8.31
C ILE B 616 79.65 52.93 8.99
N LYS B 617 80.23 53.97 9.59
CA LYS B 617 81.54 53.85 10.22
C LYS B 617 81.49 54.31 11.67
N PRO B 618 82.45 53.84 12.48
CA PRO B 618 82.56 54.22 13.90
C PRO B 618 82.90 55.69 14.07
N ALA B 619 83.24 56.09 15.29
CA ALA B 619 83.57 57.48 15.59
C ALA B 619 84.95 57.58 16.26
N PRO B 620 85.58 58.77 16.15
CA PRO B 620 86.89 59.00 16.74
C PRO B 620 86.92 58.67 18.24
N LYS B 630 75.74 56.53 22.90
CA LYS B 630 76.79 55.65 23.40
C LYS B 630 77.85 55.40 22.33
N ASN B 631 77.57 54.44 21.45
CA ASN B 631 78.49 54.11 20.37
C ASN B 631 78.20 54.93 19.12
N THR B 632 78.49 56.23 19.19
CA THR B 632 78.26 57.14 18.07
C THR B 632 78.89 56.62 16.78
N MET B 633 78.18 56.78 15.68
CA MET B 633 78.69 56.37 14.37
C MET B 633 78.41 57.42 13.31
N ILE B 634 79.08 57.30 12.17
CA ILE B 634 78.92 58.25 11.08
C ILE B 634 78.26 57.58 9.88
N LEU B 635 77.18 58.18 9.40
CA LEU B 635 76.45 57.63 8.26
C LEU B 635 76.64 58.49 7.01
N GLU B 636 77.53 58.06 6.13
CA GLU B 636 77.78 58.77 4.88
C GLU B 636 76.91 58.23 3.75
N ILE B 637 76.16 59.12 3.11
CA ILE B 637 75.23 58.72 2.06
C ILE B 637 75.52 59.45 0.75
N CYS B 638 76.17 58.75 -0.18
CA CYS B 638 76.47 59.31 -1.49
C CYS B 638 75.38 58.93 -2.50
N THR B 639 75.09 59.83 -3.41
CA THR B 639 74.05 59.60 -4.41
C THR B 639 74.34 60.28 -5.74
N ARG B 640 73.98 59.61 -6.83
CA ARG B 640 74.18 60.16 -8.17
C ARG B 640 72.96 59.86 -9.04
N TYR B 641 72.79 60.63 -10.11
CA TYR B 641 71.65 60.44 -11.01
C TYR B 641 72.10 59.95 -12.38
N ARG B 642 71.42 58.92 -12.89
CA ARG B 642 71.72 58.39 -14.21
C ARG B 642 70.87 59.07 -15.28
N GLY B 643 71.35 60.19 -15.80
CA GLY B 643 70.64 60.92 -16.82
C GLY B 643 71.47 62.04 -17.43
N ASP B 644 70.84 62.86 -18.26
CA ASP B 644 71.52 63.97 -18.90
C ASP B 644 71.19 65.29 -18.19
N GLN B 645 70.34 65.20 -17.17
CA GLN B 645 69.90 66.39 -16.44
C GLN B 645 70.19 66.25 -14.95
N ASP B 646 70.44 67.39 -14.30
CA ASP B 646 70.57 67.41 -12.85
C ASP B 646 69.20 67.15 -12.24
N ALA B 647 68.95 65.90 -11.84
CA ALA B 647 67.66 65.49 -11.31
C ALA B 647 67.03 66.56 -10.43
N THR B 648 65.74 66.77 -10.61
CA THR B 648 65.00 67.77 -9.85
C THR B 648 64.91 67.39 -8.37
N MET B 649 63.87 67.89 -7.71
CA MET B 649 63.67 67.64 -6.29
C MET B 649 63.54 66.14 -6.00
N SER B 650 64.28 65.67 -5.01
CA SER B 650 64.28 64.25 -4.66
C SER B 650 64.01 64.06 -3.16
N ILE B 651 63.89 62.80 -2.75
CA ILE B 651 63.57 62.47 -1.37
C ILE B 651 64.61 61.53 -0.75
N LEU B 652 64.83 61.66 0.55
CA LEU B 652 65.74 60.78 1.28
C LEU B 652 65.05 60.14 2.47
N ASP B 653 64.46 58.97 2.26
CA ASP B 653 63.82 58.23 3.34
C ASP B 653 64.85 57.34 4.05
N ILE B 654 65.12 57.65 5.31
CA ILE B 654 66.12 56.91 6.07
C ILE B 654 65.52 56.26 7.30
N SER B 655 65.86 55.00 7.52
CA SER B 655 65.41 54.27 8.70
C SER B 655 66.60 53.90 9.59
N MET B 656 66.60 54.40 10.82
CA MET B 656 67.68 54.17 11.75
C MET B 656 67.78 52.70 12.17
N MET B 657 68.96 52.32 12.67
CA MET B 657 69.13 51.00 13.25
C MET B 657 68.48 50.98 14.62
N THR B 658 67.70 49.94 14.89
CA THR B 658 66.97 49.86 16.16
C THR B 658 67.89 50.12 17.36
N GLY B 659 67.75 51.29 17.96
CA GLY B 659 68.59 51.68 19.07
C GLY B 659 69.54 52.82 18.72
N PHE B 660 69.29 53.44 17.56
CA PHE B 660 70.12 54.55 17.10
C PHE B 660 69.29 55.74 16.67
N ALA B 661 69.81 56.95 16.92
CA ALA B 661 69.13 58.17 16.55
C ALA B 661 70.12 59.21 16.03
N PRO B 662 69.70 59.98 15.02
CA PRO B 662 70.55 61.02 14.40
C PRO B 662 70.91 62.12 15.39
N ASP B 663 72.11 62.67 15.24
CA ASP B 663 72.54 63.78 16.08
C ASP B 663 71.82 65.06 15.68
N THR B 664 70.97 65.55 16.57
CA THR B 664 70.19 66.75 16.30
C THR B 664 71.04 67.90 15.76
N ASP B 665 72.22 68.08 16.35
CA ASP B 665 73.13 69.15 15.94
C ASP B 665 73.48 69.06 14.45
N ASP B 666 73.82 67.85 14.01
CA ASP B 666 74.22 67.65 12.62
C ASP B 666 73.05 67.85 11.65
N LEU B 667 71.84 67.56 12.13
CA LEU B 667 70.65 67.71 11.30
C LEU B 667 70.37 69.19 10.99
N LYS B 668 70.52 70.03 12.00
CA LYS B 668 70.34 71.47 11.82
C LYS B 668 71.30 72.00 10.77
N GLN B 669 72.55 71.54 10.80
CA GLN B 669 73.57 71.97 9.86
C GLN B 669 73.18 71.64 8.43
N LEU B 670 72.60 70.45 8.23
CA LEU B 670 72.19 70.01 6.91
C LEU B 670 70.89 70.70 6.48
N ALA B 671 70.03 70.98 7.46
CA ALA B 671 68.77 71.66 7.19
C ALA B 671 68.99 73.07 6.65
N ASN B 672 69.94 73.78 7.24
CA ASN B 672 70.25 75.13 6.83
C ASN B 672 71.03 75.16 5.51
N GLY B 673 71.70 74.06 5.20
CA GLY B 673 72.49 73.95 3.99
C GLY B 673 71.67 74.22 2.74
N VAL B 674 72.33 74.70 1.69
CA VAL B 674 71.65 75.00 0.43
C VAL B 674 71.19 73.73 -0.27
N ASP B 675 70.01 73.79 -0.88
CA ASP B 675 69.43 72.67 -1.60
C ASP B 675 69.05 71.53 -0.66
N ARG B 676 68.97 71.82 0.63
CA ARG B 676 68.56 70.82 1.62
C ARG B 676 67.54 71.39 2.61
N TYR B 677 66.48 70.63 2.85
CA TYR B 677 65.42 71.05 3.76
C TYR B 677 64.88 69.88 4.56
N ILE B 678 64.65 70.12 5.85
CA ILE B 678 64.07 69.11 6.72
C ILE B 678 62.89 69.70 7.50
N SER B 679 61.70 69.12 7.29
CA SER B 679 60.48 69.62 7.91
C SER B 679 60.68 69.95 9.39
N LYS B 680 60.19 71.11 9.80
CA LYS B 680 60.29 71.56 11.18
C LYS B 680 59.69 70.51 12.11
N TYR B 681 58.67 69.81 11.63
CA TYR B 681 57.99 68.79 12.41
C TYR B 681 58.96 67.68 12.82
N GLU B 682 59.96 67.44 11.98
CA GLU B 682 60.90 66.35 12.21
C GLU B 682 62.07 66.77 13.11
N LEU B 683 62.31 68.07 13.19
CA LEU B 683 63.41 68.59 14.00
C LEU B 683 63.17 68.40 15.49
N ASP B 684 62.15 69.09 16.01
CA ASP B 684 61.85 69.04 17.44
C ASP B 684 61.13 67.75 17.85
N LYS B 685 61.85 66.63 17.81
CA LYS B 685 61.31 65.35 18.24
C LYS B 685 62.11 64.77 19.39
N ALA B 686 63.38 65.16 19.48
CA ALA B 686 64.30 64.63 20.49
C ALA B 686 64.55 63.15 20.27
N PHE B 687 65.39 62.56 21.14
CA PHE B 687 65.71 61.14 21.03
C PHE B 687 64.52 60.27 21.40
N SER B 688 63.36 60.89 21.60
CA SER B 688 62.15 60.16 21.91
C SER B 688 61.85 59.12 20.84
N ASP B 689 61.55 59.60 19.64
CA ASP B 689 61.27 58.71 18.51
C ASP B 689 61.56 59.37 17.17
N ARG B 690 62.83 59.38 16.78
CA ARG B 690 63.23 59.85 15.46
C ARG B 690 63.95 58.73 14.72
N ASN B 691 63.30 57.56 14.63
CA ASN B 691 63.88 56.40 13.97
C ASN B 691 63.68 56.45 12.46
N THR B 692 62.90 57.41 11.99
CA THR B 692 62.67 57.61 10.56
C THR B 692 62.82 59.07 10.20
N LEU B 693 63.72 59.36 9.26
CA LEU B 693 64.01 60.73 8.87
C LEU B 693 63.84 60.92 7.37
N ILE B 694 63.26 62.05 6.98
CA ILE B 694 63.08 62.37 5.57
C ILE B 694 63.80 63.66 5.20
N ILE B 695 64.90 63.54 4.49
CA ILE B 695 65.69 64.71 4.07
C ILE B 695 65.42 65.06 2.62
N TYR B 696 64.51 65.99 2.39
CA TYR B 696 64.16 66.42 1.04
C TYR B 696 65.35 67.12 0.39
N LEU B 697 65.47 66.95 -0.93
CA LEU B 697 66.56 67.58 -1.68
C LEU B 697 66.01 68.43 -2.81
N ASP B 698 66.77 69.45 -3.20
CA ASP B 698 66.36 70.34 -4.29
C ASP B 698 66.90 69.85 -5.63
N LYS B 699 67.99 69.11 -5.60
CA LYS B 699 68.60 68.58 -6.81
C LYS B 699 69.73 67.62 -6.51
N VAL B 700 70.04 66.76 -7.48
CA VAL B 700 71.19 65.85 -7.37
C VAL B 700 71.89 65.70 -8.71
N SER B 701 73.13 66.17 -8.76
CA SER B 701 73.90 66.17 -10.00
C SER B 701 73.99 64.78 -10.62
N HIS B 702 73.94 64.73 -11.95
CA HIS B 702 74.07 63.48 -12.68
C HIS B 702 75.54 63.20 -12.97
N SER B 703 76.39 64.14 -12.60
CA SER B 703 77.82 64.01 -12.83
C SER B 703 78.52 63.28 -11.69
N GLU B 704 78.82 64.02 -10.63
CA GLU B 704 79.47 63.45 -9.44
C GLU B 704 78.46 63.05 -8.38
N ASP B 705 78.96 62.63 -7.22
CA ASP B 705 78.11 62.17 -6.14
C ASP B 705 77.91 63.25 -5.07
N ASP B 706 76.66 63.66 -4.87
CA ASP B 706 76.33 64.65 -3.84
C ASP B 706 76.27 63.99 -2.47
N CYS B 707 77.44 63.63 -1.95
CA CYS B 707 77.52 62.90 -0.69
C CYS B 707 77.29 63.80 0.53
N LEU B 708 76.58 63.27 1.52
CA LEU B 708 76.37 63.97 2.78
C LEU B 708 76.44 62.97 3.92
N ALA B 709 76.43 63.47 5.16
CA ALA B 709 76.54 62.58 6.31
C ALA B 709 76.13 63.25 7.62
N PHE B 710 75.97 62.45 8.67
CA PHE B 710 75.65 62.95 10.00
C PHE B 710 75.87 61.87 11.06
N LYS B 711 76.00 62.30 12.31
CA LYS B 711 76.26 61.38 13.41
C LYS B 711 74.99 60.69 13.87
N VAL B 712 75.14 59.50 14.45
CA VAL B 712 74.01 58.74 14.97
C VAL B 712 74.37 58.04 16.28
N HIS B 713 73.87 58.57 17.39
CA HIS B 713 74.18 58.04 18.70
C HIS B 713 73.30 56.85 19.07
N GLN B 714 73.83 55.94 19.88
CA GLN B 714 73.07 54.79 20.33
C GLN B 714 72.43 55.07 21.69
N TYR B 715 71.18 55.52 21.68
CA TYR B 715 70.49 55.89 22.91
C TYR B 715 69.96 54.68 23.66
N PHE B 716 69.76 53.58 22.96
CA PHE B 716 69.24 52.36 23.57
C PHE B 716 70.03 51.13 23.12
N ASN B 717 70.58 50.41 24.09
CA ASN B 717 71.40 49.23 23.79
C ASN B 717 70.59 47.93 23.85
N VAL B 718 70.81 47.06 22.87
CA VAL B 718 70.12 45.78 22.81
C VAL B 718 70.79 44.85 21.80
N GLU B 719 70.91 43.57 22.17
CA GLU B 719 71.53 42.59 21.29
C GLU B 719 70.68 42.35 20.04
N LEU B 720 71.34 41.97 18.95
CA LEU B 720 70.66 41.76 17.68
C LEU B 720 69.91 43.00 17.22
N ILE B 721 70.63 43.92 16.59
CA ILE B 721 70.01 45.14 16.07
C ILE B 721 69.65 45.00 14.59
N GLN B 722 68.60 45.68 14.19
CA GLN B 722 68.07 45.58 12.83
C GLN B 722 68.73 46.56 11.88
N PRO B 723 69.25 46.07 10.75
CA PRO B 723 69.91 46.90 9.73
C PRO B 723 69.03 48.04 9.26
N GLY B 724 69.62 49.21 9.05
CA GLY B 724 68.88 50.37 8.57
C GLY B 724 68.78 50.38 7.06
N ALA B 725 68.09 51.39 6.51
CA ALA B 725 67.89 51.48 5.08
C ALA B 725 67.77 52.92 4.60
N VAL B 726 68.14 53.16 3.35
CA VAL B 726 68.04 54.47 2.74
C VAL B 726 67.41 54.36 1.35
N LYS B 727 66.48 55.25 1.05
CA LYS B 727 65.76 55.20 -0.22
C LYS B 727 65.70 56.57 -0.88
N VAL B 728 66.02 56.62 -2.17
CA VAL B 728 65.99 57.87 -2.92
C VAL B 728 65.05 57.76 -4.13
N TYR B 729 64.50 58.90 -4.54
CA TYR B 729 63.59 58.94 -5.68
C TYR B 729 63.11 60.36 -5.96
N ALA B 730 62.56 60.58 -7.15
CA ALA B 730 62.01 61.88 -7.51
C ALA B 730 60.59 62.03 -6.96
N TYR B 731 60.06 63.24 -7.03
CA TYR B 731 58.74 63.53 -6.46
C TYR B 731 57.61 63.11 -7.41
N TYR B 732 57.95 62.78 -8.65
CA TYR B 732 56.95 62.42 -9.64
C TYR B 732 56.84 60.91 -9.85
N ASN B 733 57.97 60.22 -9.79
CA ASN B 733 57.97 58.77 -9.98
C ASN B 733 58.48 58.01 -8.76
N LEU B 734 57.60 57.20 -8.17
CA LEU B 734 57.95 56.44 -6.98
C LEU B 734 58.58 55.10 -7.32
N GLU B 735 58.06 54.45 -8.36
CA GLU B 735 58.58 53.15 -8.78
C GLU B 735 60.08 53.18 -9.02
N GLU B 736 60.52 54.05 -9.92
CA GLU B 736 61.94 54.18 -10.24
C GLU B 736 62.69 54.75 -9.04
N SER B 737 63.37 53.87 -8.31
CA SER B 737 64.11 54.28 -7.12
C SER B 737 65.20 53.28 -6.77
N CYS B 738 66.02 53.61 -5.77
CA CYS B 738 67.08 52.73 -5.33
C CYS B 738 67.19 52.73 -3.81
N THR B 739 67.21 51.55 -3.22
CA THR B 739 67.26 51.41 -1.77
C THR B 739 68.47 50.58 -1.33
N ARG B 740 69.17 51.05 -0.30
CA ARG B 740 70.32 50.34 0.24
C ARG B 740 70.17 50.12 1.74
N PHE B 741 70.88 49.11 2.26
CA PHE B 741 70.83 48.81 3.69
C PHE B 741 72.21 48.94 4.32
N TYR B 742 72.26 49.49 5.52
CA TYR B 742 73.52 49.65 6.23
C TYR B 742 73.51 48.95 7.59
N HIS B 743 74.65 48.37 7.96
CA HIS B 743 74.78 47.67 9.23
C HIS B 743 76.25 47.64 9.63
N PRO B 744 76.52 47.81 10.93
CA PRO B 744 77.89 47.80 11.46
C PRO B 744 78.67 46.57 11.01
N GLU B 745 78.19 45.39 11.37
CA GLU B 745 78.88 44.14 11.04
C GLU B 745 78.49 43.62 9.66
N LYS B 746 77.26 43.15 9.54
CA LYS B 746 76.76 42.57 8.29
C LYS B 746 77.04 43.46 7.09
N GLU B 747 77.74 42.90 6.10
CA GLU B 747 78.10 43.65 4.90
C GLU B 747 76.88 44.11 4.11
N ASP B 748 76.96 45.32 3.56
CA ASP B 748 75.89 45.91 2.76
C ASP B 748 74.49 45.76 3.36
N GLY B 749 74.42 45.57 4.67
CA GLY B 749 73.16 45.52 5.39
C GLY B 749 72.22 44.40 4.98
N LYS B 750 72.79 43.24 4.66
CA LYS B 750 71.99 42.08 4.30
C LYS B 750 71.91 41.09 5.44
N LEU B 751 70.85 40.28 5.45
CA LEU B 751 70.65 39.28 6.50
C LEU B 751 71.20 37.93 6.08
N ASN B 752 71.79 37.21 7.03
CA ASN B 752 72.34 35.89 6.76
C ASN B 752 71.29 34.92 6.22
N LYS B 753 71.56 34.36 5.04
CA LYS B 753 70.64 33.40 4.42
C LYS B 753 71.37 32.46 3.47
N LEU B 754 71.30 31.17 3.76
CA LEU B 754 71.94 30.16 2.93
C LEU B 754 71.25 30.06 1.57
N CYS B 755 71.95 30.45 0.51
CA CYS B 755 71.39 30.48 -0.82
C CYS B 755 71.96 29.38 -1.72
N ARG B 756 71.19 29.00 -2.74
CA ARG B 756 71.63 27.97 -3.69
C ARG B 756 70.76 27.99 -4.95
N ASP B 757 71.33 28.49 -6.04
CA ASP B 757 70.61 28.57 -7.32
C ASP B 757 69.48 29.59 -7.27
N GLU B 758 68.41 29.26 -6.56
CA GLU B 758 67.28 30.16 -6.44
C GLU B 758 66.44 29.82 -5.21
N LEU B 759 66.99 28.94 -4.36
CA LEU B 759 66.33 28.55 -3.13
C LEU B 759 67.16 29.00 -1.93
N CYS B 760 66.62 29.94 -1.17
CA CYS B 760 67.30 30.46 0.01
C CYS B 760 66.50 30.21 1.29
N ARG B 761 67.22 29.98 2.38
CA ARG B 761 66.57 29.81 3.69
C ARG B 761 67.19 30.75 4.72
N CYS B 762 66.33 31.42 5.48
CA CYS B 762 66.79 32.41 6.45
C CYS B 762 67.66 31.78 7.53
N ALA B 763 68.89 32.27 7.64
CA ALA B 763 69.84 31.76 8.63
C ALA B 763 70.13 32.81 9.70
N GLU B 764 69.08 33.33 10.31
CA GLU B 764 69.23 34.34 11.37
C GLU B 764 68.80 33.78 12.73
N GLU B 765 69.47 32.71 13.15
CA GLU B 765 69.15 32.07 14.43
C GLU B 765 70.42 31.65 15.16
N ASN B 766 70.25 30.90 16.25
CA ASN B 766 71.38 30.43 17.04
C ASN B 766 72.27 29.48 16.26
N CYS B 767 73.40 29.10 16.86
CA CYS B 767 74.35 28.22 16.20
C CYS B 767 73.93 26.76 16.30
N PHE B 768 73.86 26.24 17.52
CA PHE B 768 73.39 24.88 17.75
C PHE B 768 72.51 24.81 19.00
N ILE B 769 72.08 23.59 19.34
CA ILE B 769 71.15 23.39 20.44
C ILE B 769 71.55 24.17 21.70
N GLN B 770 72.41 23.56 22.51
CA GLN B 770 72.85 24.20 23.76
C GLN B 770 74.34 23.99 23.99
N LYS B 771 74.70 23.54 25.18
CA LYS B 771 76.11 23.36 25.55
C LYS B 771 76.30 22.12 26.41
N ASP B 774 73.24 20.87 33.17
CA ASP B 774 74.61 21.33 32.94
C ASP B 774 75.59 20.16 33.00
N LYS B 775 75.07 18.95 32.95
CA LYS B 775 75.90 17.75 33.01
C LYS B 775 75.56 16.77 31.90
N VAL B 776 74.41 16.99 31.26
CA VAL B 776 73.92 16.11 30.19
C VAL B 776 74.30 14.64 30.40
N THR B 777 73.57 13.98 31.30
CA THR B 777 73.87 12.59 31.65
C THR B 777 73.53 11.64 30.51
N LEU B 778 73.51 10.34 30.82
CA LEU B 778 73.24 9.31 29.82
C LEU B 778 71.77 9.34 29.40
N GLU B 779 70.88 9.30 30.39
CA GLU B 779 69.45 9.32 30.13
C GLU B 779 69.03 10.59 29.39
N GLU B 780 69.82 11.65 29.58
CA GLU B 780 69.58 12.91 28.88
C GLU B 780 69.81 12.76 27.39
N ARG B 781 70.92 12.11 27.03
CA ARG B 781 71.27 11.88 25.63
C ARG B 781 70.29 10.92 24.97
N LEU B 782 69.79 9.95 25.73
CA LEU B 782 68.86 8.96 25.21
C LEU B 782 67.57 9.61 24.72
N ASP B 783 66.92 10.38 25.59
CA ASP B 783 65.66 11.04 25.25
C ASP B 783 65.85 12.08 24.14
N LYS B 784 66.91 12.87 24.25
CA LYS B 784 67.18 13.92 23.28
C LYS B 784 67.45 13.35 21.88
N ALA B 785 68.06 12.17 21.83
CA ALA B 785 68.40 11.54 20.56
C ALA B 785 67.24 10.71 20.02
N CYS B 786 66.20 10.54 20.83
CA CYS B 786 65.02 9.79 20.41
C CYS B 786 63.80 10.66 20.24
N GLU B 787 63.99 11.98 20.37
CA GLU B 787 62.92 12.93 20.12
C GLU B 787 62.41 12.74 18.70
N PRO B 788 61.11 12.98 18.48
CA PRO B 788 60.50 12.80 17.16
C PRO B 788 61.28 13.54 16.07
N GLY B 789 61.70 14.77 16.36
CA GLY B 789 62.39 15.60 15.40
C GLY B 789 63.71 15.02 14.91
N VAL B 790 64.53 14.53 15.85
CA VAL B 790 65.83 13.96 15.51
C VAL B 790 65.72 12.83 14.50
N ASP B 791 66.48 12.96 13.41
CA ASP B 791 66.44 11.98 12.33
C ASP B 791 67.67 11.07 12.35
N TYR B 792 68.84 11.67 12.15
CA TYR B 792 70.08 10.91 12.05
C TYR B 792 70.93 11.03 13.31
N VAL B 793 71.77 10.02 13.55
CA VAL B 793 72.73 10.05 14.64
C VAL B 793 74.01 9.35 14.22
N TYR B 794 75.07 10.13 13.99
CA TYR B 794 76.32 9.56 13.52
C TYR B 794 77.50 9.82 14.46
N LYS B 795 78.54 9.01 14.32
CA LYS B 795 79.84 9.29 14.94
C LYS B 795 80.82 9.57 13.81
N THR B 796 81.03 10.85 13.53
CA THR B 796 81.79 11.24 12.34
C THR B 796 83.19 11.78 12.65
N ARG B 797 84.04 11.81 11.62
CA ARG B 797 85.38 12.36 11.74
C ARG B 797 85.56 13.50 10.75
N LEU B 798 85.84 14.69 11.26
CA LEU B 798 86.00 15.87 10.42
C LEU B 798 87.24 15.77 9.53
N VAL B 799 87.04 15.37 8.28
CA VAL B 799 88.14 15.17 7.34
C VAL B 799 88.71 16.48 6.84
N LYS B 800 87.85 17.30 6.25
CA LYS B 800 88.29 18.56 5.65
C LYS B 800 87.38 19.71 6.05
N VAL B 801 87.95 20.91 6.14
CA VAL B 801 87.19 22.11 6.45
C VAL B 801 87.41 23.19 5.40
N GLN B 802 86.31 23.75 4.90
CA GLN B 802 86.38 24.71 3.79
C GLN B 802 85.65 26.02 4.04
N LEU B 803 86.17 27.09 3.45
CA LEU B 803 85.50 28.38 3.43
C LEU B 803 85.29 28.81 1.98
N SER B 804 84.10 28.51 1.44
CA SER B 804 83.83 28.78 0.02
C SER B 804 82.61 29.66 -0.20
N ASN B 805 82.84 30.89 -0.66
CA ASN B 805 81.78 31.81 -1.04
C ASN B 805 80.52 31.75 -0.16
N ASP B 806 79.42 31.33 -0.76
CA ASP B 806 78.12 31.33 -0.10
C ASP B 806 78.03 30.42 1.12
N PHE B 807 78.25 29.11 0.92
CA PHE B 807 78.08 28.16 2.01
C PHE B 807 79.39 27.62 2.57
N ASP B 808 79.51 27.64 3.90
CA ASP B 808 80.68 27.11 4.59
C ASP B 808 80.56 25.59 4.66
N GLU B 809 81.70 24.90 4.62
CA GLU B 809 81.66 23.45 4.42
C GLU B 809 82.49 22.64 5.41
N TYR B 810 81.84 21.72 6.10
CA TYR B 810 82.51 20.75 6.94
C TYR B 810 82.29 19.35 6.38
N ILE B 811 83.35 18.74 5.85
CA ILE B 811 83.25 17.41 5.28
C ILE B 811 83.57 16.33 6.32
N MET B 812 82.53 15.64 6.77
CA MET B 812 82.67 14.62 7.80
C MET B 812 82.68 13.22 7.21
N ALA B 813 83.33 12.29 7.90
CA ALA B 813 83.36 10.90 7.48
C ALA B 813 82.66 10.03 8.53
N ILE B 814 81.52 9.46 8.17
CA ILE B 814 80.72 8.67 9.10
C ILE B 814 81.42 7.38 9.53
N GLU B 815 81.79 7.31 10.79
CA GLU B 815 82.48 6.14 11.34
C GLU B 815 81.49 5.02 11.67
N GLN B 816 80.32 5.38 12.19
CA GLN B 816 79.27 4.41 12.46
C GLN B 816 77.90 5.07 12.56
N THR B 817 76.91 4.44 11.93
CA THR B 817 75.55 4.95 11.95
C THR B 817 74.80 4.45 13.18
N ILE B 818 74.86 5.23 14.26
CA ILE B 818 74.17 4.86 15.50
C ILE B 818 72.67 4.71 15.27
N LYS B 819 72.06 5.67 14.60
CA LYS B 819 70.66 5.58 14.20
C LYS B 819 70.51 5.92 12.73
N SER B 820 70.27 4.91 11.90
CA SER B 820 70.08 5.12 10.47
C SER B 820 68.90 6.06 10.21
N GLY B 821 69.19 7.18 9.56
CA GLY B 821 68.16 8.16 9.27
C GLY B 821 67.48 7.91 7.93
N SER B 822 66.94 8.97 7.33
CA SER B 822 66.27 8.86 6.04
C SER B 822 67.29 8.97 4.90
N ASP B 823 68.56 9.02 5.26
CA ASP B 823 69.63 9.06 4.27
C ASP B 823 70.42 7.75 4.29
N GLU B 824 70.27 6.97 3.23
CA GLU B 824 70.96 5.69 3.12
C GLU B 824 72.46 5.89 2.98
N VAL B 825 73.16 5.93 4.11
CA VAL B 825 74.60 6.13 4.11
C VAL B 825 75.30 5.05 4.95
N GLN B 826 76.35 4.46 4.39
CA GLN B 826 77.12 3.43 5.07
C GLN B 826 78.45 3.97 5.58
N VAL B 827 79.07 3.23 6.50
CA VAL B 827 80.34 3.62 7.08
C VAL B 827 81.43 3.76 6.01
N GLY B 828 82.22 4.82 6.11
CA GLY B 828 83.31 5.05 5.18
C GLY B 828 83.02 6.18 4.20
N GLN B 829 81.74 6.46 4.00
CA GLN B 829 81.33 7.52 3.09
C GLN B 829 81.48 8.89 3.74
N GLN B 830 81.40 9.94 2.92
CA GLN B 830 81.56 11.30 3.41
C GLN B 830 80.31 12.14 3.14
N ARG B 831 79.98 12.99 4.10
CA ARG B 831 78.83 13.90 3.96
C ARG B 831 79.25 15.33 4.29
N THR B 832 78.80 16.28 3.49
CA THR B 832 79.15 17.67 3.68
C THR B 832 78.14 18.40 4.57
N PHE B 833 78.65 19.14 5.54
CA PHE B 833 77.80 19.90 6.46
C PHE B 833 77.97 21.39 6.23
N ILE B 834 76.91 22.15 6.47
CA ILE B 834 76.92 23.59 6.24
C ILE B 834 76.50 24.37 7.47
N SER B 835 77.23 25.43 7.79
CA SER B 835 76.92 26.28 8.93
C SER B 835 77.41 27.70 8.70
N PRO B 836 76.60 28.69 9.11
CA PRO B 836 76.95 30.12 8.97
C PRO B 836 78.25 30.47 9.70
N ILE B 837 78.87 31.57 9.28
CA ILE B 837 80.13 32.01 9.87
C ILE B 837 79.96 32.44 11.33
N LYS B 838 78.84 33.09 11.63
CA LYS B 838 78.59 33.59 12.97
C LYS B 838 78.69 32.50 14.03
N CYS B 839 78.51 31.25 13.61
CA CYS B 839 78.54 30.13 14.55
C CYS B 839 79.86 29.38 14.49
N ARG B 840 80.70 29.74 13.52
CA ARG B 840 82.00 29.08 13.36
C ARG B 840 82.85 29.21 14.62
N GLU B 841 82.74 30.37 15.28
CA GLU B 841 83.50 30.61 16.50
C GLU B 841 83.08 29.66 17.62
N ALA B 842 81.79 29.34 17.65
CA ALA B 842 81.25 28.46 18.70
C ALA B 842 81.55 26.99 18.40
N LEU B 843 81.63 26.65 17.12
CA LEU B 843 81.90 25.28 16.72
C LEU B 843 83.36 24.90 16.96
N LYS B 844 84.26 25.83 16.66
CA LYS B 844 85.70 25.61 16.80
C LYS B 844 86.14 24.19 16.43
N LEU B 845 85.52 23.64 15.40
CA LEU B 845 85.80 22.28 14.96
C LEU B 845 87.21 22.18 14.39
N GLU B 846 87.93 21.13 14.76
CA GLU B 846 89.26 20.89 14.23
C GLU B 846 89.31 19.57 13.45
N GLU B 847 90.02 19.59 12.33
CA GLU B 847 90.09 18.42 11.46
C GLU B 847 90.68 17.20 12.18
N LYS B 848 90.43 16.02 11.61
CA LYS B 848 90.96 14.77 12.14
C LYS B 848 90.32 14.38 13.49
N LYS B 849 89.48 15.27 14.02
CA LYS B 849 88.81 15.00 15.28
C LYS B 849 87.43 14.38 15.06
N HIS B 850 86.99 13.56 16.02
CA HIS B 850 85.71 12.88 15.92
C HIS B 850 84.63 13.60 16.71
N TYR B 851 83.40 13.55 16.22
CA TYR B 851 82.28 14.22 16.87
C TYR B 851 81.00 13.39 16.82
N LEU B 852 80.25 13.41 17.91
CA LEU B 852 78.94 12.78 17.95
C LEU B 852 77.87 13.82 17.64
N MET B 853 77.21 13.68 16.50
CA MET B 853 76.25 14.68 16.06
C MET B 853 74.93 14.08 15.54
N TRP B 854 73.82 14.71 15.91
CA TRP B 854 72.52 14.35 15.39
C TRP B 854 71.71 15.59 15.02
N GLY B 855 70.89 15.48 13.98
CA GLY B 855 70.12 16.61 13.49
C GLY B 855 68.71 16.26 13.10
N LEU B 856 67.95 17.27 12.70
CA LEU B 856 66.55 17.09 12.33
C LEU B 856 66.40 16.75 10.85
N SER B 857 65.28 16.14 10.49
CA SER B 857 65.01 15.78 9.10
C SER B 857 64.69 17.02 8.27
N SER B 858 64.52 18.15 8.94
CA SER B 858 64.23 19.41 8.27
C SER B 858 65.51 20.19 8.00
N ASP B 859 66.64 19.56 8.23
CA ASP B 859 67.94 20.21 8.06
C ASP B 859 68.71 19.66 6.85
N PHE B 860 68.00 18.93 5.98
CA PHE B 860 68.62 18.44 4.75
C PHE B 860 68.63 19.54 3.69
N TRP B 861 69.49 19.39 2.69
CA TRP B 861 69.70 20.45 1.70
C TRP B 861 70.21 19.88 0.39
N GLY B 862 69.39 19.98 -0.65
CA GLY B 862 69.77 19.50 -1.97
C GLY B 862 69.08 18.21 -2.36
N GLU B 863 69.17 17.86 -3.64
CA GLU B 863 68.55 16.64 -4.14
C GLU B 863 69.50 15.45 -4.03
N LYS B 864 68.94 14.30 -3.66
CA LYS B 864 69.71 13.08 -3.51
C LYS B 864 70.23 12.60 -4.86
N PRO B 865 71.35 11.85 -4.86
CA PRO B 865 72.12 11.47 -3.67
C PRO B 865 73.14 12.54 -3.28
N ASN B 866 72.84 13.80 -3.57
CA ASN B 866 73.75 14.90 -3.27
C ASN B 866 73.29 15.72 -2.07
N LEU B 867 72.80 15.05 -1.04
CA LEU B 867 72.31 15.71 0.16
C LEU B 867 73.42 16.46 0.90
N SER B 868 73.02 17.47 1.65
CA SER B 868 73.97 18.26 2.43
C SER B 868 73.35 18.63 3.77
N TYR B 869 73.88 18.07 4.84
CA TYR B 869 73.38 18.35 6.18
C TYR B 869 73.62 19.80 6.58
N ILE B 870 72.63 20.40 7.24
CA ILE B 870 72.74 21.78 7.69
C ILE B 870 72.80 21.84 9.22
N ILE B 871 73.87 22.43 9.74
CA ILE B 871 74.03 22.58 11.18
C ILE B 871 73.23 23.77 11.69
N GLY B 872 71.98 23.54 12.04
CA GLY B 872 71.10 24.59 12.52
C GLY B 872 71.04 24.66 14.03
N LYS B 873 70.17 25.53 14.54
CA LYS B 873 70.05 25.75 15.97
C LYS B 873 69.51 24.52 16.69
N ASP B 874 69.19 23.48 15.93
CA ASP B 874 68.64 22.26 16.49
C ASP B 874 69.55 21.06 16.22
N THR B 875 70.81 21.33 15.94
CA THR B 875 71.78 20.28 15.67
C THR B 875 72.72 20.07 16.86
N TRP B 876 72.78 18.83 17.33
CA TRP B 876 73.63 18.48 18.46
C TRP B 876 75.03 18.11 17.99
N VAL B 877 76.04 18.75 18.58
CA VAL B 877 77.43 18.42 18.27
C VAL B 877 78.24 18.28 19.55
N GLU B 878 79.00 17.20 19.64
CA GLU B 878 79.78 16.92 20.84
C GLU B 878 81.13 16.30 20.48
N HIS B 879 82.20 16.83 21.07
CA HIS B 879 83.54 16.30 20.84
C HIS B 879 83.64 14.87 21.38
N TRP B 880 84.21 13.99 20.57
CA TRP B 880 84.36 12.59 20.96
C TRP B 880 85.83 12.27 21.22
N PRO B 881 86.24 12.31 22.50
CA PRO B 881 87.61 12.00 22.89
C PRO B 881 88.06 10.66 22.31
N GLU B 882 89.16 10.68 21.55
CA GLU B 882 89.64 9.48 20.89
C GLU B 882 90.10 8.43 21.90
N GLU B 883 90.40 7.23 21.41
CA GLU B 883 90.74 6.10 22.27
C GLU B 883 91.78 6.44 23.34
N ASP B 884 92.99 6.74 22.92
CA ASP B 884 94.09 7.01 23.84
C ASP B 884 93.84 8.19 24.76
N GLU B 885 92.83 8.99 24.43
CA GLU B 885 92.49 10.18 25.22
C GLU B 885 91.43 9.87 26.28
N CYS B 886 90.80 8.70 26.16
CA CYS B 886 89.79 8.28 27.12
C CYS B 886 90.43 7.70 28.39
N GLN B 887 91.75 7.75 28.44
CA GLN B 887 92.48 7.24 29.60
C GLN B 887 92.77 8.39 30.57
N ASP B 888 92.32 9.59 30.20
CA ASP B 888 92.53 10.77 31.02
C ASP B 888 91.51 10.83 32.14
N GLU B 889 91.95 11.27 33.32
CA GLU B 889 91.07 11.35 34.49
C GLU B 889 90.11 12.53 34.36
N GLU B 890 89.88 12.99 33.14
CA GLU B 890 88.93 14.06 32.87
C GLU B 890 87.98 13.65 31.76
N ASN B 891 88.37 12.62 31.01
CA ASN B 891 87.57 12.13 29.90
C ASN B 891 86.94 10.77 30.20
N GLN B 892 87.45 10.11 31.23
CA GLN B 892 86.92 8.81 31.64
C GLN B 892 85.44 8.90 31.99
N LYS B 893 85.02 10.06 32.48
CA LYS B 893 83.63 10.27 32.87
C LYS B 893 82.75 10.52 31.66
N GLN B 894 83.36 10.93 30.55
CA GLN B 894 82.62 11.22 29.34
C GLN B 894 82.60 10.03 28.37
N CYS B 895 83.76 9.39 28.21
CA CYS B 895 83.88 8.25 27.31
C CYS B 895 83.02 7.06 27.75
N GLN B 896 82.65 7.06 29.02
CA GLN B 896 81.78 6.01 29.55
C GLN B 896 80.32 6.30 29.24
N ASP B 897 79.95 7.58 29.26
CA ASP B 897 78.59 7.99 28.91
C ASP B 897 78.34 7.79 27.43
N LEU B 898 79.28 8.24 26.61
CA LEU B 898 79.19 8.09 25.16
C LEU B 898 79.22 6.61 24.78
N GLY B 899 80.15 5.87 25.36
CA GLY B 899 80.26 4.45 25.11
C GLY B 899 78.98 3.71 25.44
N ALA B 900 78.36 4.09 26.57
CA ALA B 900 77.12 3.48 27.01
C ALA B 900 75.96 3.93 26.12
N PHE B 901 76.01 5.18 25.67
CA PHE B 901 75.00 5.72 24.79
C PHE B 901 74.96 5.00 23.46
N THR B 902 76.14 4.62 22.96
CA THR B 902 76.26 3.95 21.67
C THR B 902 75.57 2.59 21.67
N GLU B 903 76.04 1.69 22.51
CA GLU B 903 75.48 0.34 22.56
C GLU B 903 73.98 0.35 22.84
N SER B 904 73.55 1.23 23.74
CA SER B 904 72.14 1.34 24.11
C SER B 904 71.28 1.76 22.92
N MET B 905 71.86 2.52 22.01
CA MET B 905 71.13 3.02 20.85
C MET B 905 71.25 2.08 19.64
N VAL B 906 72.26 1.21 19.67
CA VAL B 906 72.48 0.27 18.58
C VAL B 906 71.69 -1.02 18.77
N VAL B 907 71.91 -1.67 19.91
CA VAL B 907 71.25 -2.94 20.21
C VAL B 907 69.75 -2.78 20.41
N PHE B 908 69.37 -1.98 21.40
CA PHE B 908 67.97 -1.81 21.76
C PHE B 908 67.28 -0.75 20.90
N GLY B 909 68.00 0.32 20.58
CA GLY B 909 67.43 1.41 19.83
C GLY B 909 66.58 2.30 20.72
N CYS B 910 65.96 3.32 20.14
CA CYS B 910 65.15 4.26 20.91
C CYS B 910 64.02 3.56 21.65
N PRO B 911 63.87 3.84 22.95
CA PRO B 911 62.78 3.31 23.77
C PRO B 911 61.48 4.02 23.44
N ASN B 912 60.37 3.28 23.40
CA ASN B 912 59.08 3.84 23.04
C ASN B 912 59.05 4.32 21.59
N SER C 1 -73.51 -14.82 -41.71
CA SER C 1 -73.24 -14.35 -40.36
C SER C 1 -72.03 -15.06 -39.75
N PRO C 2 -70.89 -14.37 -39.71
CA PRO C 2 -69.64 -14.92 -39.15
C PRO C 2 -69.83 -15.38 -37.71
N MET C 3 -69.26 -16.53 -37.38
CA MET C 3 -69.35 -17.09 -36.04
C MET C 3 -67.96 -17.29 -35.44
N TYR C 4 -67.75 -16.70 -34.27
CA TYR C 4 -66.45 -16.80 -33.60
C TYR C 4 -66.57 -17.63 -32.33
N SER C 5 -65.78 -18.70 -32.24
CA SER C 5 -65.82 -19.60 -31.09
C SER C 5 -64.54 -19.53 -30.26
N ILE C 6 -64.58 -20.15 -29.09
CA ILE C 6 -63.43 -20.16 -28.19
C ILE C 6 -63.46 -21.42 -27.30
N ILE C 7 -62.30 -22.03 -27.11
CA ILE C 7 -62.20 -23.26 -26.35
C ILE C 7 -61.06 -23.23 -25.33
N THR C 8 -61.41 -23.41 -24.06
CA THR C 8 -60.42 -23.51 -22.98
C THR C 8 -60.85 -24.57 -21.97
N PRO C 9 -59.88 -25.16 -21.27
CA PRO C 9 -60.18 -26.18 -20.26
C PRO C 9 -61.22 -25.71 -19.24
N ASN C 10 -62.00 -26.64 -18.70
CA ASN C 10 -63.04 -26.30 -17.72
C ASN C 10 -62.49 -25.52 -16.54
N ILE C 11 -61.28 -25.88 -16.12
CA ILE C 11 -60.64 -25.22 -14.98
C ILE C 11 -59.25 -24.70 -15.35
N LEU C 12 -59.03 -23.41 -15.17
CA LEU C 12 -57.74 -22.79 -15.44
C LEU C 12 -56.81 -22.95 -14.24
N ARG C 13 -55.52 -23.13 -14.52
CA ARG C 13 -54.54 -23.36 -13.46
C ARG C 13 -53.64 -22.15 -13.24
N LEU C 14 -53.28 -21.90 -11.98
CA LEU C 14 -52.43 -20.78 -11.62
C LEU C 14 -50.97 -21.09 -11.87
N GLU C 15 -50.19 -20.07 -12.19
CA GLU C 15 -48.75 -20.21 -12.39
C GLU C 15 -48.42 -21.25 -13.47
N SER C 16 -49.15 -21.20 -14.58
CA SER C 16 -48.93 -22.11 -15.69
C SER C 16 -49.44 -21.50 -16.99
N GLU C 17 -49.16 -22.18 -18.11
CA GLU C 17 -49.59 -21.70 -19.41
C GLU C 17 -50.76 -22.52 -19.95
N GLU C 18 -51.96 -21.97 -19.86
CA GLU C 18 -53.16 -22.62 -20.40
C GLU C 18 -53.34 -22.26 -21.87
N THR C 19 -53.58 -23.26 -22.70
CA THR C 19 -53.76 -23.05 -24.13
C THR C 19 -55.16 -22.53 -24.45
N MET C 20 -55.29 -21.80 -25.55
CA MET C 20 -56.55 -21.18 -25.92
C MET C 20 -56.76 -21.24 -27.43
N VAL C 21 -57.77 -21.99 -27.87
CA VAL C 21 -58.02 -22.20 -29.29
C VAL C 21 -58.99 -21.18 -29.87
N LEU C 22 -58.55 -20.46 -30.90
CA LEU C 22 -59.38 -19.46 -31.56
C LEU C 22 -59.78 -19.91 -32.96
N GLU C 23 -61.04 -19.65 -33.32
CA GLU C 23 -61.55 -20.02 -34.63
C GLU C 23 -62.51 -18.96 -35.18
N ALA C 24 -62.89 -19.12 -36.45
CA ALA C 24 -63.81 -18.20 -37.10
C ALA C 24 -64.50 -18.85 -38.29
N HIS C 25 -65.82 -18.96 -38.23
CA HIS C 25 -66.59 -19.61 -39.28
C HIS C 25 -67.71 -18.70 -39.79
N ASP C 26 -67.55 -18.17 -41.00
CA ASP C 26 -66.38 -18.44 -41.82
C ASP C 26 -65.55 -17.18 -42.00
N ALA C 27 -66.21 -16.12 -42.46
CA ALA C 27 -65.55 -14.85 -42.72
C ALA C 27 -64.41 -15.01 -43.73
N GLN C 28 -63.76 -13.91 -44.07
CA GLN C 28 -62.66 -13.93 -45.02
C GLN C 28 -61.58 -12.91 -44.66
N GLY C 29 -60.40 -13.07 -45.26
CA GLY C 29 -59.29 -12.17 -45.01
C GLY C 29 -58.75 -12.31 -43.59
N ASP C 30 -58.10 -11.26 -43.12
CA ASP C 30 -57.53 -11.26 -41.78
C ASP C 30 -58.55 -10.82 -40.74
N VAL C 31 -58.34 -11.20 -39.49
CA VAL C 31 -59.22 -10.81 -38.40
C VAL C 31 -58.45 -10.75 -37.08
N PRO C 32 -58.04 -9.54 -36.67
CA PRO C 32 -57.28 -9.32 -35.44
C PRO C 32 -58.03 -9.82 -34.20
N VAL C 33 -57.29 -10.34 -33.23
CA VAL C 33 -57.88 -10.84 -32.00
C VAL C 33 -57.08 -10.38 -30.78
N THR C 34 -57.79 -9.83 -29.79
CA THR C 34 -57.15 -9.37 -28.57
C THR C 34 -57.74 -10.07 -27.35
N VAL C 35 -57.06 -11.11 -26.89
CA VAL C 35 -57.51 -11.86 -25.72
C VAL C 35 -57.13 -11.17 -24.42
N THR C 36 -58.12 -10.92 -23.57
CA THR C 36 -57.88 -10.28 -22.29
C THR C 36 -58.55 -11.06 -21.17
N VAL C 37 -57.77 -11.38 -20.13
CA VAL C 37 -58.29 -12.14 -19.00
C VAL C 37 -58.38 -11.28 -17.75
N HIS C 38 -59.58 -11.19 -17.19
CA HIS C 38 -59.79 -10.43 -15.96
C HIS C 38 -60.10 -11.38 -14.80
N ASP C 39 -60.39 -10.81 -13.63
CA ASP C 39 -60.77 -11.61 -12.47
C ASP C 39 -62.28 -11.66 -12.34
N PHE C 40 -62.76 -12.11 -11.19
CA PHE C 40 -64.19 -12.18 -10.92
C PHE C 40 -64.47 -12.31 -9.42
N PRO C 41 -65.46 -11.54 -8.93
CA PRO C 41 -66.24 -10.59 -9.72
C PRO C 41 -65.46 -9.32 -10.06
N GLY C 42 -66.07 -8.42 -10.82
CA GLY C 42 -65.45 -7.16 -11.18
C GLY C 42 -64.57 -7.26 -12.41
N LYS C 43 -64.26 -6.11 -13.00
CA LYS C 43 -63.41 -6.06 -14.17
C LYS C 43 -61.99 -5.61 -13.78
N LYS C 44 -61.53 -6.11 -12.64
CA LYS C 44 -60.20 -5.78 -12.13
C LYS C 44 -59.11 -6.27 -13.08
N LEU C 45 -58.65 -5.36 -13.94
CA LEU C 45 -57.63 -5.70 -14.93
C LEU C 45 -56.25 -5.25 -14.46
N VAL C 46 -55.20 -5.90 -14.97
CA VAL C 46 -55.34 -6.98 -15.94
C VAL C 46 -54.44 -8.16 -15.55
N LEU C 47 -54.92 -9.37 -15.80
CA LEU C 47 -54.16 -10.57 -15.47
C LEU C 47 -53.19 -10.97 -16.58
N SER C 48 -53.74 -11.22 -17.77
CA SER C 48 -52.93 -11.59 -18.93
C SER C 48 -53.60 -11.18 -20.24
N SER C 49 -52.86 -10.48 -21.08
CA SER C 49 -53.36 -10.05 -22.37
C SER C 49 -52.46 -10.51 -23.51
N GLU C 50 -53.06 -11.11 -24.53
CA GLU C 50 -52.32 -11.59 -25.69
C GLU C 50 -52.99 -11.16 -26.98
N LYS C 51 -52.24 -11.22 -28.09
CA LYS C 51 -52.76 -10.82 -29.39
C LYS C 51 -52.40 -11.82 -30.48
N THR C 52 -53.19 -11.84 -31.55
CA THR C 52 -52.96 -12.73 -32.68
C THR C 52 -53.91 -12.40 -33.83
N VAL C 53 -53.56 -12.83 -35.03
CA VAL C 53 -54.38 -12.58 -36.20
C VAL C 53 -54.66 -13.87 -36.97
N LEU C 54 -55.93 -14.14 -37.23
CA LEU C 54 -56.34 -15.34 -37.94
C LEU C 54 -56.24 -15.15 -39.46
N THR C 55 -55.24 -15.78 -40.06
CA THR C 55 -55.02 -15.69 -41.50
C THR C 55 -55.61 -16.91 -42.20
N PRO C 56 -56.31 -16.70 -43.32
CA PRO C 56 -56.89 -17.78 -44.10
C PRO C 56 -55.86 -18.85 -44.49
N ALA C 57 -54.58 -18.51 -44.37
CA ALA C 57 -53.51 -19.45 -44.68
C ALA C 57 -53.45 -20.57 -43.64
N THR C 58 -54.03 -20.32 -42.47
CA THR C 58 -54.03 -21.30 -41.39
C THR C 58 -55.43 -21.82 -41.10
N ASN C 59 -56.33 -21.63 -42.07
CA ASN C 59 -57.71 -22.08 -41.94
C ASN C 59 -58.42 -21.45 -40.76
N HIS C 60 -57.97 -20.27 -40.36
CA HIS C 60 -58.57 -19.51 -39.27
C HIS C 60 -58.45 -20.20 -37.90
N MET C 61 -57.23 -20.58 -37.52
CA MET C 61 -56.96 -21.11 -36.18
C MET C 61 -55.74 -20.45 -35.52
N GLY C 62 -55.83 -20.16 -34.22
CA GLY C 62 -54.73 -19.52 -33.52
C GLY C 62 -54.17 -20.31 -32.35
N ASN C 63 -52.86 -20.15 -32.03
CA ASN C 63 -52.21 -20.78 -30.90
C ASN C 63 -51.79 -19.77 -29.91
N VAL C 64 -52.79 -19.36 -29.18
CA VAL C 64 -52.47 -18.41 -28.11
C VAL C 64 -52.45 -18.96 -26.68
N THR C 65 -51.36 -18.70 -25.96
CA THR C 65 -51.20 -19.18 -24.59
C THR C 65 -50.89 -18.07 -23.59
N PHE C 66 -51.54 -18.11 -22.43
CA PHE C 66 -51.36 -17.11 -21.37
C PHE C 66 -50.95 -17.72 -20.03
N THR C 67 -50.39 -16.90 -19.16
CA THR C 67 -49.94 -17.35 -17.85
C THR C 67 -50.63 -16.56 -16.73
N ILE C 68 -51.61 -17.17 -16.10
CA ILE C 68 -52.35 -16.53 -15.02
C ILE C 68 -51.53 -16.48 -13.74
N PRO C 69 -51.53 -15.31 -13.08
CA PRO C 69 -50.89 -15.10 -11.77
C PRO C 69 -51.20 -16.24 -10.81
N ALA C 70 -50.37 -16.49 -9.80
CA ALA C 70 -49.19 -15.69 -9.45
C ALA C 70 -49.53 -14.31 -8.90
N ASN C 71 -50.59 -14.25 -8.10
CA ASN C 71 -50.99 -13.01 -7.42
C ASN C 71 -51.55 -13.31 -6.03
N ARG C 72 -51.21 -12.45 -5.07
CA ARG C 72 -51.69 -12.60 -3.70
C ARG C 72 -53.14 -12.14 -3.59
N GLU C 73 -53.72 -11.77 -4.72
CA GLU C 73 -55.12 -11.34 -4.77
C GLU C 73 -56.05 -12.54 -4.78
N PHE C 74 -55.47 -13.73 -4.94
CA PHE C 74 -56.24 -14.97 -4.94
C PHE C 74 -56.10 -15.70 -3.60
N LYS C 75 -56.77 -15.19 -2.57
CA LYS C 75 -56.74 -15.80 -1.25
C LYS C 75 -58.14 -15.98 -0.69
N LYS C 78 -61.40 -17.79 2.69
CA LYS C 78 -61.32 -19.23 2.50
C LYS C 78 -62.64 -19.79 1.98
N GLY C 79 -62.63 -21.06 1.61
CA GLY C 79 -63.82 -21.71 1.08
C GLY C 79 -64.25 -21.12 -0.24
N ARG C 80 -65.41 -21.56 -0.72
CA ARG C 80 -65.95 -21.08 -1.99
C ARG C 80 -64.96 -21.29 -3.14
N ASN C 81 -65.22 -20.64 -4.27
CA ASN C 81 -64.35 -20.76 -5.44
C ASN C 81 -64.08 -19.42 -6.11
N LYS C 82 -63.00 -19.37 -6.88
CA LYS C 82 -62.58 -18.14 -7.54
C LYS C 82 -62.62 -18.33 -9.06
N PHE C 83 -63.05 -17.29 -9.76
CA PHE C 83 -63.20 -17.37 -11.21
C PHE C 83 -62.49 -16.22 -11.92
N VAL C 84 -62.29 -16.38 -13.23
CA VAL C 84 -61.70 -15.34 -14.06
C VAL C 84 -62.52 -15.11 -15.31
N THR C 85 -62.64 -13.85 -15.72
CA THR C 85 -63.42 -13.51 -16.90
C THR C 85 -62.56 -13.58 -18.17
N VAL C 86 -62.51 -14.77 -18.77
CA VAL C 86 -61.77 -14.95 -20.01
C VAL C 86 -62.51 -14.28 -21.16
N GLN C 87 -61.86 -13.30 -21.78
CA GLN C 87 -62.50 -12.51 -22.83
C GLN C 87 -61.67 -12.52 -24.11
N ALA C 88 -62.34 -12.53 -25.25
CA ALA C 88 -61.68 -12.52 -26.55
C ALA C 88 -62.45 -11.68 -27.56
N THR C 89 -61.77 -10.67 -28.12
CA THR C 89 -62.40 -9.78 -29.08
C THR C 89 -61.94 -10.06 -30.51
N PHE C 90 -62.90 -10.32 -31.40
CA PHE C 90 -62.61 -10.58 -32.79
C PHE C 90 -62.92 -9.36 -33.65
N GLY C 91 -62.06 -8.34 -33.55
CA GLY C 91 -62.27 -7.10 -34.27
C GLY C 91 -63.26 -6.20 -33.55
N THR C 92 -64.55 -6.53 -33.67
CA THR C 92 -65.59 -5.79 -32.99
C THR C 92 -66.39 -6.71 -32.09
N GLN C 93 -66.85 -7.83 -32.66
CA GLN C 93 -67.61 -8.82 -31.91
C GLN C 93 -66.81 -9.38 -30.74
N VAL C 94 -67.28 -9.13 -29.53
CA VAL C 94 -66.58 -9.58 -28.34
C VAL C 94 -67.24 -10.83 -27.74
N VAL C 95 -66.46 -11.89 -27.59
CA VAL C 95 -66.94 -13.13 -26.99
C VAL C 95 -66.28 -13.36 -25.64
N GLU C 96 -67.09 -13.45 -24.60
CA GLU C 96 -66.58 -13.61 -23.23
C GLU C 96 -67.17 -14.82 -22.54
N LYS C 97 -66.41 -15.40 -21.62
CA LYS C 97 -66.84 -16.58 -20.88
C LYS C 97 -66.08 -16.74 -19.57
N VAL C 98 -66.82 -16.91 -18.48
CA VAL C 98 -66.22 -17.07 -17.16
C VAL C 98 -65.73 -18.51 -16.96
N VAL C 99 -64.52 -18.65 -16.44
CA VAL C 99 -63.93 -19.97 -16.24
C VAL C 99 -63.48 -20.17 -14.79
N LEU C 100 -63.70 -21.36 -14.26
CA LEU C 100 -63.28 -21.71 -12.91
C LEU C 100 -61.77 -21.68 -12.78
N VAL C 101 -61.28 -21.38 -11.58
CA VAL C 101 -59.84 -21.31 -11.33
C VAL C 101 -59.43 -22.28 -10.22
N SER C 102 -58.41 -23.09 -10.50
CA SER C 102 -57.89 -24.04 -9.51
C SER C 102 -56.71 -23.44 -8.75
N LEU C 103 -56.70 -23.63 -7.44
CA LEU C 103 -55.64 -23.09 -6.59
C LEU C 103 -54.43 -24.02 -6.59
N GLN C 104 -54.61 -25.22 -7.13
CA GLN C 104 -53.55 -26.22 -7.17
C GLN C 104 -52.33 -25.71 -7.92
N SER C 105 -51.15 -25.89 -7.33
CA SER C 105 -49.90 -25.48 -7.96
C SER C 105 -49.36 -26.60 -8.85
N GLY C 106 -49.38 -27.82 -8.33
CA GLY C 106 -48.90 -28.97 -9.06
C GLY C 106 -48.99 -30.25 -8.26
N TYR C 107 -47.93 -31.05 -8.31
CA TYR C 107 -47.89 -32.31 -7.58
C TYR C 107 -46.71 -32.36 -6.61
N LEU C 108 -46.90 -33.03 -5.48
CA LEU C 108 -45.84 -33.26 -4.52
C LEU C 108 -45.70 -34.75 -4.21
N PHE C 109 -44.49 -35.28 -4.38
CA PHE C 109 -44.23 -36.68 -4.08
C PHE C 109 -43.19 -36.79 -2.97
N ILE C 110 -43.52 -37.57 -1.94
CA ILE C 110 -42.64 -37.72 -0.79
C ILE C 110 -42.03 -39.12 -0.73
N GLN C 111 -40.70 -39.18 -0.66
CA GLN C 111 -39.99 -40.45 -0.61
C GLN C 111 -39.27 -40.63 0.71
N THR C 112 -39.44 -41.80 1.31
CA THR C 112 -38.72 -42.15 2.54
C THR C 112 -37.86 -43.38 2.31
N ASP C 113 -36.62 -43.34 2.77
CA ASP C 113 -35.68 -44.44 2.57
C ASP C 113 -36.28 -45.79 2.97
N LYS C 114 -36.71 -45.91 4.22
CA LYS C 114 -37.33 -47.14 4.70
C LYS C 114 -38.85 -47.00 4.76
N THR C 115 -39.50 -48.09 5.18
CA THR C 115 -40.95 -48.11 5.34
C THR C 115 -41.30 -48.20 6.82
N ILE C 116 -40.32 -48.60 7.63
CA ILE C 116 -40.50 -48.71 9.07
C ILE C 116 -39.21 -48.35 9.80
N TYR C 117 -39.34 -47.59 10.89
CA TYR C 117 -38.18 -47.10 11.63
C TYR C 117 -38.26 -47.46 13.11
N THR C 118 -37.11 -47.63 13.74
CA THR C 118 -37.05 -47.88 15.18
C THR C 118 -36.80 -46.59 15.93
N PRO C 119 -37.39 -46.47 17.13
CA PRO C 119 -37.16 -45.28 17.97
C PRO C 119 -35.69 -45.02 18.20
N GLY C 120 -35.21 -43.85 17.77
CA GLY C 120 -33.81 -43.50 17.92
C GLY C 120 -33.12 -43.24 16.59
N SER C 121 -33.70 -43.79 15.52
CA SER C 121 -33.13 -43.62 14.18
C SER C 121 -33.62 -42.33 13.53
N THR C 122 -33.10 -42.05 12.34
CA THR C 122 -33.46 -40.82 11.62
C THR C 122 -34.19 -41.13 10.32
N VAL C 123 -35.26 -40.38 10.05
CA VAL C 123 -36.04 -40.57 8.83
C VAL C 123 -35.50 -39.68 7.72
N LEU C 124 -34.98 -40.31 6.67
CA LEU C 124 -34.49 -39.57 5.52
C LEU C 124 -35.56 -39.54 4.43
N TYR C 125 -36.08 -38.35 4.14
CA TYR C 125 -37.11 -38.21 3.12
C TYR C 125 -36.82 -37.05 2.16
N ARG C 126 -37.41 -37.12 0.97
CA ARG C 126 -37.25 -36.08 -0.04
C ARG C 126 -38.60 -35.67 -0.61
N ILE C 127 -38.77 -34.38 -0.87
CA ILE C 127 -39.98 -33.87 -1.49
C ILE C 127 -39.72 -33.44 -2.93
N PHE C 128 -40.52 -33.97 -3.86
CA PHE C 128 -40.40 -33.61 -5.26
C PHE C 128 -41.45 -32.57 -5.65
N THR C 129 -40.98 -31.41 -6.12
CA THR C 129 -41.87 -30.32 -6.49
C THR C 129 -42.03 -30.19 -8.00
N VAL C 130 -43.14 -30.73 -8.52
CA VAL C 130 -43.42 -30.66 -9.95
C VAL C 130 -44.73 -29.91 -10.21
N ASN C 131 -44.85 -29.34 -11.41
CA ASN C 131 -46.06 -28.64 -11.80
C ASN C 131 -47.12 -29.61 -12.32
N HIS C 132 -48.14 -29.08 -12.98
CA HIS C 132 -49.21 -29.90 -13.52
C HIS C 132 -48.81 -30.58 -14.83
N LYS C 133 -47.51 -30.71 -15.03
CA LYS C 133 -46.97 -31.39 -16.20
C LYS C 133 -45.82 -32.30 -15.81
N LEU C 134 -45.63 -32.46 -14.50
CA LEU C 134 -44.59 -33.33 -13.95
C LEU C 134 -43.17 -32.84 -14.31
N LEU C 135 -42.97 -31.53 -14.18
CA LEU C 135 -41.66 -30.94 -14.44
C LEU C 135 -41.14 -30.19 -13.21
N PRO C 136 -39.81 -30.16 -13.03
CA PRO C 136 -39.19 -29.47 -11.90
C PRO C 136 -39.61 -28.00 -11.84
N VAL C 137 -39.73 -27.45 -10.64
CA VAL C 137 -40.12 -26.06 -10.47
C VAL C 137 -39.78 -25.56 -9.07
N GLY C 138 -39.41 -24.28 -8.99
CA GLY C 138 -39.08 -23.67 -7.71
C GLY C 138 -40.32 -23.12 -7.01
N ARG C 139 -40.68 -23.74 -5.90
CA ARG C 139 -41.87 -23.35 -5.15
C ARG C 139 -41.61 -23.39 -3.64
N THR C 140 -42.47 -22.71 -2.88
CA THR C 140 -42.40 -22.74 -1.43
C THR C 140 -43.33 -23.83 -0.89
N VAL C 141 -42.78 -24.75 -0.11
CA VAL C 141 -43.54 -25.89 0.40
C VAL C 141 -43.60 -25.91 1.93
N MET C 142 -44.77 -26.19 2.45
CA MET C 142 -44.96 -26.36 3.89
C MET C 142 -44.89 -27.84 4.25
N VAL C 143 -44.19 -28.15 5.33
CA VAL C 143 -44.00 -29.55 5.73
C VAL C 143 -44.36 -29.76 7.20
N ASN C 144 -45.26 -30.70 7.44
CA ASN C 144 -45.65 -31.06 8.80
C ASN C 144 -45.37 -32.53 9.11
N ILE C 145 -45.30 -32.85 10.39
CA ILE C 145 -45.09 -34.23 10.82
C ILE C 145 -46.07 -34.60 11.92
N GLU C 146 -47.09 -35.38 11.56
CA GLU C 146 -48.12 -35.78 12.51
C GLU C 146 -47.82 -37.12 13.18
N ASN C 147 -48.00 -37.16 14.49
CA ASN C 147 -47.87 -38.40 15.24
C ASN C 147 -49.03 -39.34 14.91
N PRO C 148 -48.95 -40.61 15.36
CA PRO C 148 -50.02 -41.58 15.07
C PRO C 148 -51.41 -41.04 15.36
N GLU C 149 -51.56 -40.17 16.36
CA GLU C 149 -52.86 -39.64 16.74
C GLU C 149 -53.24 -38.38 15.97
N GLY C 150 -52.47 -38.06 14.94
CA GLY C 150 -52.78 -36.96 14.05
C GLY C 150 -52.55 -35.57 14.62
N ILE C 151 -51.47 -35.41 15.37
CA ILE C 151 -51.14 -34.13 15.95
C ILE C 151 -49.73 -33.69 15.54
N PRO C 152 -49.64 -32.55 14.82
CA PRO C 152 -48.38 -32.02 14.32
C PRO C 152 -47.36 -31.82 15.44
N VAL C 153 -46.14 -32.29 15.23
CA VAL C 153 -45.08 -32.15 16.23
C VAL C 153 -43.93 -31.30 15.69
N LYS C 154 -43.90 -31.13 14.37
CA LYS C 154 -42.86 -30.34 13.71
C LYS C 154 -43.37 -29.81 12.38
N GLN C 155 -43.12 -28.51 12.14
CA GLN C 155 -43.54 -27.89 10.89
C GLN C 155 -42.49 -26.88 10.41
N ASP C 156 -42.17 -26.93 9.12
CA ASP C 156 -41.19 -26.03 8.54
C ASP C 156 -41.70 -25.43 7.23
N SER C 157 -41.01 -24.41 6.75
CA SER C 157 -41.37 -23.76 5.49
C SER C 157 -40.17 -23.70 4.54
N LEU C 158 -40.03 -24.74 3.72
CA LEU C 158 -38.90 -24.82 2.80
C LEU C 158 -39.24 -24.26 1.42
N SER C 159 -38.26 -24.34 0.51
CA SER C 159 -38.45 -23.88 -0.85
C SER C 159 -37.53 -24.63 -1.80
N SER C 160 -38.10 -25.21 -2.85
CA SER C 160 -37.33 -25.96 -3.83
C SER C 160 -36.61 -25.04 -4.80
N GLN C 161 -36.63 -23.75 -4.50
CA GLN C 161 -35.98 -22.76 -5.34
C GLN C 161 -34.49 -23.07 -5.48
N ASN C 162 -33.99 -22.97 -6.71
CA ASN C 162 -32.58 -23.24 -6.99
C ASN C 162 -32.13 -24.60 -6.49
N GLN C 163 -33.08 -25.52 -6.31
CA GLN C 163 -32.77 -26.83 -5.77
C GLN C 163 -33.14 -27.95 -6.76
N LEU C 164 -33.73 -27.57 -7.88
CA LEU C 164 -34.07 -28.50 -8.95
C LEU C 164 -35.18 -29.48 -8.53
N GLY C 165 -36.26 -28.93 -7.98
CA GLY C 165 -37.42 -29.73 -7.62
C GLY C 165 -37.15 -30.91 -6.71
N VAL C 166 -36.15 -30.78 -5.84
CA VAL C 166 -35.81 -31.85 -4.90
C VAL C 166 -35.45 -31.26 -3.54
N LEU C 167 -36.19 -31.64 -2.50
CA LEU C 167 -35.94 -31.14 -1.15
C LEU C 167 -35.48 -32.23 -0.18
N PRO C 168 -34.16 -32.45 -0.10
CA PRO C 168 -33.57 -33.39 0.86
C PRO C 168 -33.90 -32.98 2.29
N LEU C 169 -34.38 -33.91 3.08
CA LEU C 169 -34.82 -33.61 4.44
C LEU C 169 -34.58 -34.77 5.39
N SER C 170 -34.86 -34.54 6.67
CA SER C 170 -34.67 -35.55 7.70
C SER C 170 -35.39 -35.18 8.98
N TRP C 171 -35.83 -36.21 9.71
CA TRP C 171 -36.44 -36.00 11.03
C TRP C 171 -35.90 -37.02 12.02
N ASP C 172 -35.45 -36.53 13.16
CA ASP C 172 -34.87 -37.39 14.19
C ASP C 172 -35.97 -37.96 15.09
N ILE C 173 -36.03 -39.28 15.18
CA ILE C 173 -37.03 -39.94 16.01
C ILE C 173 -36.52 -40.13 17.44
N PRO C 174 -37.21 -39.50 18.41
CA PRO C 174 -36.83 -39.57 19.82
C PRO C 174 -36.79 -41.00 20.35
N GLU C 175 -35.90 -41.26 21.30
CA GLU C 175 -35.83 -42.58 21.92
C GLU C 175 -37.14 -42.91 22.61
N LEU C 176 -37.74 -41.90 23.26
CA LEU C 176 -39.02 -42.08 23.92
C LEU C 176 -40.14 -41.53 23.03
N VAL C 177 -40.41 -42.22 21.94
CA VAL C 177 -41.41 -41.79 20.97
C VAL C 177 -42.64 -42.69 21.02
N ASN C 178 -43.71 -42.26 20.37
CA ASN C 178 -44.94 -43.04 20.33
C ASN C 178 -44.98 -44.01 19.15
N MET C 179 -45.17 -45.29 19.45
CA MET C 179 -45.29 -46.30 18.40
C MET C 179 -46.56 -46.09 17.59
N GLY C 180 -46.51 -46.46 16.32
CA GLY C 180 -47.67 -46.33 15.46
C GLY C 180 -47.33 -45.82 14.07
N GLN C 181 -48.37 -45.56 13.28
CA GLN C 181 -48.18 -45.07 11.92
C GLN C 181 -48.05 -43.56 11.88
N TRP C 182 -46.81 -43.08 11.79
CA TRP C 182 -46.54 -41.65 11.66
C TRP C 182 -46.82 -41.18 10.24
N LYS C 183 -46.94 -39.87 10.06
CA LYS C 183 -47.35 -39.32 8.78
C LYS C 183 -46.59 -38.03 8.44
N ILE C 184 -46.12 -37.95 7.19
CA ILE C 184 -45.43 -36.75 6.72
C ILE C 184 -46.31 -36.02 5.71
N ARG C 185 -46.91 -34.91 6.15
CA ARG C 185 -47.81 -34.14 5.30
C ARG C 185 -47.13 -32.92 4.71
N ALA C 186 -47.47 -32.58 3.48
CA ALA C 186 -46.86 -31.45 2.78
C ALA C 186 -47.82 -30.82 1.78
N TYR C 187 -47.55 -29.58 1.41
CA TYR C 187 -48.39 -28.85 0.47
C TYR C 187 -47.75 -27.53 0.05
N TYR C 188 -48.09 -27.05 -1.14
CA TYR C 188 -47.62 -25.76 -1.61
C TYR C 188 -48.24 -24.64 -0.78
N GLU C 189 -47.51 -23.54 -0.63
CA GLU C 189 -47.99 -22.41 0.16
C GLU C 189 -49.18 -21.74 -0.51
N ASN C 190 -49.24 -21.84 -1.84
CA ASN C 190 -50.33 -21.26 -2.60
C ASN C 190 -51.48 -22.24 -2.81
N SER C 191 -51.54 -23.27 -1.98
CA SER C 191 -52.59 -24.27 -2.07
C SER C 191 -52.68 -25.09 -0.79
N PRO C 192 -53.07 -24.43 0.32
CA PRO C 192 -53.17 -25.09 1.63
C PRO C 192 -54.17 -26.24 1.63
N GLN C 193 -55.14 -26.20 0.73
CA GLN C 193 -56.18 -27.23 0.67
C GLN C 193 -55.67 -28.54 0.08
N GLN C 194 -54.92 -28.46 -1.01
CA GLN C 194 -54.37 -29.64 -1.65
C GLN C 194 -53.14 -30.13 -0.88
N VAL C 195 -53.33 -31.17 -0.08
CA VAL C 195 -52.26 -31.68 0.79
C VAL C 195 -51.81 -33.09 0.40
N PHE C 196 -50.50 -33.27 0.28
CA PHE C 196 -49.92 -34.57 -0.02
C PHE C 196 -49.36 -35.18 1.26
N SER C 197 -49.41 -36.50 1.35
CA SER C 197 -48.94 -37.19 2.57
C SER C 197 -48.38 -38.57 2.29
N THR C 198 -47.44 -38.99 3.14
CA THR C 198 -46.87 -40.33 3.07
C THR C 198 -46.68 -40.86 4.48
N GLU C 199 -47.00 -42.14 4.68
CA GLU C 199 -46.90 -42.74 6.00
C GLU C 199 -45.63 -43.57 6.18
N PHE C 200 -45.18 -43.66 7.43
CA PHE C 200 -44.08 -44.54 7.79
C PHE C 200 -44.31 -45.07 9.21
N GLU C 201 -44.01 -46.34 9.42
CA GLU C 201 -44.29 -47.00 10.69
C GLU C 201 -43.12 -46.87 11.67
N VAL C 202 -43.43 -46.54 12.91
CA VAL C 202 -42.43 -46.51 13.97
C VAL C 202 -42.73 -47.60 14.98
N LYS C 203 -41.78 -48.52 15.14
CA LYS C 203 -41.99 -49.72 15.94
C LYS C 203 -40.67 -50.37 16.33
N GLU C 204 -40.66 -51.04 17.47
CA GLU C 204 -39.48 -51.79 17.90
C GLU C 204 -39.44 -53.15 17.20
N TYR C 205 -38.37 -53.40 16.48
CA TYR C 205 -38.26 -54.64 15.70
C TYR C 205 -36.82 -55.04 15.41
N VAL C 206 -36.67 -56.17 14.72
CA VAL C 206 -35.37 -56.65 14.26
C VAL C 206 -35.55 -57.36 12.92
N LEU C 207 -34.70 -57.01 11.95
CA LEU C 207 -34.80 -57.59 10.62
C LEU C 207 -34.58 -59.11 10.64
N PRO C 208 -35.50 -59.86 10.01
CA PRO C 208 -35.43 -61.32 9.90
C PRO C 208 -34.28 -61.75 9.00
N SER C 209 -33.94 -63.03 9.03
CA SER C 209 -32.86 -63.56 8.21
C SER C 209 -33.40 -64.12 6.90
N PHE C 210 -34.68 -64.46 6.88
CA PHE C 210 -35.31 -65.01 5.68
C PHE C 210 -36.73 -64.45 5.49
N GLU C 211 -37.24 -64.59 4.27
CA GLU C 211 -38.58 -64.14 3.94
C GLU C 211 -39.55 -65.32 3.81
N VAL C 212 -40.84 -65.04 3.96
CA VAL C 212 -41.87 -66.06 3.85
C VAL C 212 -42.97 -65.63 2.89
N ILE C 213 -43.30 -66.49 1.93
CA ILE C 213 -44.32 -66.18 0.94
C ILE C 213 -45.45 -67.22 0.97
N VAL C 214 -46.68 -66.74 0.82
CA VAL C 214 -47.84 -67.62 0.81
C VAL C 214 -48.72 -67.39 -0.41
N GLU C 215 -48.43 -68.12 -1.49
CA GLU C 215 -49.20 -67.99 -2.73
C GLU C 215 -50.10 -69.20 -2.93
N PRO C 216 -51.43 -68.98 -2.86
CA PRO C 216 -52.41 -70.04 -3.14
C PRO C 216 -52.34 -70.45 -4.60
N THR C 217 -52.76 -71.67 -4.91
CA THR C 217 -52.75 -72.17 -6.28
C THR C 217 -53.54 -71.25 -7.20
N GLU C 218 -54.61 -70.66 -6.67
CA GLU C 218 -55.41 -69.71 -7.42
C GLU C 218 -55.53 -68.39 -6.66
N LYS C 219 -55.69 -67.29 -7.41
CA LYS C 219 -55.83 -65.98 -6.81
C LYS C 219 -57.26 -65.76 -6.31
N PHE C 220 -57.95 -66.85 -6.04
CA PHE C 220 -59.33 -66.81 -5.56
C PHE C 220 -59.75 -68.19 -5.07
N TYR C 221 -61.05 -68.41 -5.00
CA TYR C 221 -61.58 -69.72 -4.61
C TYR C 221 -63.01 -69.93 -5.09
N TYR C 222 -63.22 -71.05 -5.79
CA TYR C 222 -64.56 -71.42 -6.25
C TYR C 222 -65.29 -72.14 -5.13
N ILE C 223 -66.51 -71.70 -4.84
CA ILE C 223 -67.27 -72.23 -3.71
C ILE C 223 -67.46 -73.74 -3.78
N TYR C 224 -67.92 -74.23 -4.94
CA TYR C 224 -68.22 -75.65 -5.10
C TYR C 224 -66.99 -76.47 -5.44
N ASN C 225 -65.81 -75.90 -5.18
CA ASN C 225 -64.55 -76.59 -5.43
C ASN C 225 -64.23 -77.58 -4.31
N GLU C 226 -64.52 -78.86 -4.54
CA GLU C 226 -64.32 -79.89 -3.54
C GLU C 226 -62.85 -80.02 -3.14
N LYS C 227 -61.95 -79.75 -4.09
CA LYS C 227 -60.52 -79.85 -3.84
C LYS C 227 -60.10 -78.98 -2.66
N GLY C 228 -60.71 -77.81 -2.55
CA GLY C 228 -60.42 -76.89 -1.46
C GLY C 228 -59.46 -75.79 -1.88
N LEU C 229 -58.77 -75.22 -0.89
CA LEU C 229 -57.82 -74.14 -1.14
C LEU C 229 -56.39 -74.60 -0.87
N GLU C 230 -55.64 -74.85 -1.93
CA GLU C 230 -54.26 -75.28 -1.80
C GLU C 230 -53.32 -74.08 -1.78
N VAL C 231 -52.50 -74.00 -0.73
CA VAL C 231 -51.57 -72.89 -0.57
C VAL C 231 -50.11 -73.36 -0.52
N THR C 232 -49.25 -72.64 -1.23
CA THR C 232 -47.83 -72.96 -1.26
C THR C 232 -47.06 -72.14 -0.22
N ILE C 233 -46.09 -72.78 0.43
CA ILE C 233 -45.28 -72.11 1.44
C ILE C 233 -43.82 -72.05 1.01
N THR C 234 -43.43 -70.94 0.39
CA THR C 234 -42.06 -70.75 -0.05
C THR C 234 -41.29 -69.86 0.93
N ALA C 235 -40.19 -70.37 1.47
CA ALA C 235 -39.36 -69.61 2.39
C ALA C 235 -37.88 -69.75 2.05
N ARG C 236 -37.24 -68.63 1.74
CA ARG C 236 -35.82 -68.63 1.43
C ARG C 236 -35.12 -67.46 2.10
N PHE C 237 -33.86 -67.66 2.49
CA PHE C 237 -33.07 -66.62 3.13
C PHE C 237 -32.99 -65.38 2.24
N LEU C 238 -32.55 -64.27 2.82
CA LEU C 238 -32.46 -63.02 2.09
C LEU C 238 -31.41 -63.06 0.99
N TYR C 239 -30.48 -64.01 1.09
CA TYR C 239 -29.42 -64.14 0.11
C TYR C 239 -29.69 -65.23 -0.92
N GLY C 240 -30.95 -65.67 -1.01
CA GLY C 240 -31.35 -66.61 -2.05
C GLY C 240 -31.52 -68.04 -1.59
N LYS C 241 -30.62 -68.51 -0.72
CA LYS C 241 -30.63 -69.89 -0.26
C LYS C 241 -31.99 -70.31 0.30
N LYS C 242 -32.26 -71.61 0.28
CA LYS C 242 -33.56 -72.13 0.70
C LYS C 242 -33.60 -72.51 2.18
N VAL C 243 -34.77 -72.31 2.79
CA VAL C 243 -34.93 -72.50 4.23
C VAL C 243 -35.27 -73.93 4.64
N GLU C 244 -34.64 -74.38 5.73
CA GLU C 244 -34.94 -75.68 6.32
C GLU C 244 -35.58 -75.48 7.69
N GLY C 245 -36.85 -75.80 7.82
CA GLY C 245 -37.55 -75.63 9.08
C GLY C 245 -38.99 -76.12 9.07
N THR C 246 -39.75 -75.72 10.08
CA THR C 246 -41.15 -76.11 10.20
C THR C 246 -42.06 -74.92 9.96
N ALA C 247 -43.32 -75.17 9.61
CA ALA C 247 -44.26 -74.10 9.32
C ALA C 247 -45.63 -74.31 9.96
N PHE C 248 -46.16 -73.25 10.56
CA PHE C 248 -47.47 -73.28 11.19
C PHE C 248 -48.45 -72.42 10.40
N VAL C 249 -49.36 -73.05 9.67
CA VAL C 249 -50.31 -72.32 8.84
C VAL C 249 -51.75 -72.49 9.34
N ILE C 250 -52.49 -71.38 9.33
CA ILE C 250 -53.89 -71.40 9.76
C ILE C 250 -54.72 -70.52 8.83
N PHE C 251 -56.03 -70.75 8.80
CA PHE C 251 -56.93 -70.01 7.92
C PHE C 251 -58.01 -69.25 8.68
N GLY C 252 -58.76 -68.43 7.97
CA GLY C 252 -59.84 -67.65 8.56
C GLY C 252 -60.69 -66.95 7.53
N ILE C 253 -61.84 -66.44 7.94
CA ILE C 253 -62.75 -65.73 7.04
C ILE C 253 -62.91 -64.27 7.44
N GLN C 254 -63.00 -63.39 6.45
CA GLN C 254 -63.10 -61.95 6.70
C GLN C 254 -64.29 -61.33 5.96
N ASP C 255 -65.09 -60.53 6.69
CA ASP C 255 -66.29 -59.92 6.14
C ASP C 255 -66.98 -59.00 7.16
N GLY C 256 -66.76 -57.68 7.11
CA GLY C 256 -65.79 -57.01 6.28
C GLY C 256 -64.66 -56.48 7.16
N GLU C 257 -64.95 -55.45 7.97
CA GLU C 257 -63.96 -54.97 8.94
C GLU C 257 -63.99 -55.83 10.20
N GLN C 258 -64.18 -57.13 10.00
CA GLN C 258 -64.25 -58.08 11.10
C GLN C 258 -63.83 -59.46 10.61
N ARG C 259 -62.92 -60.09 11.35
CA ARG C 259 -62.41 -61.41 10.97
C ARG C 259 -62.93 -62.50 11.89
N ILE C 260 -63.05 -63.71 11.33
CA ILE C 260 -63.49 -64.88 12.09
C ILE C 260 -62.50 -66.02 11.90
N SER C 261 -61.69 -66.27 12.91
CA SER C 261 -60.66 -67.31 12.84
C SER C 261 -61.26 -68.70 12.76
N LEU C 262 -60.53 -69.63 12.15
CA LEU C 262 -60.96 -71.01 12.04
C LEU C 262 -59.97 -71.94 12.72
N PRO C 263 -60.14 -72.13 14.04
CA PRO C 263 -59.24 -72.94 14.86
C PRO C 263 -59.09 -74.37 14.32
N GLU C 264 -60.08 -74.83 13.57
CA GLU C 264 -60.07 -76.19 13.03
C GLU C 264 -59.05 -76.34 11.89
N SER C 265 -58.70 -75.22 11.26
CA SER C 265 -57.81 -75.24 10.12
C SER C 265 -56.36 -74.95 10.49
N LEU C 266 -55.85 -75.65 11.50
CA LEU C 266 -54.46 -75.47 11.93
C LEU C 266 -53.60 -76.63 11.44
N LYS C 267 -52.51 -76.31 10.75
CA LYS C 267 -51.64 -77.33 10.18
C LYS C 267 -50.17 -77.10 10.53
N ARG C 268 -49.40 -78.17 10.52
CA ARG C 268 -47.96 -78.09 10.81
C ARG C 268 -47.16 -78.86 9.75
N ILE C 269 -46.97 -78.24 8.60
CA ILE C 269 -46.23 -78.87 7.51
C ILE C 269 -44.74 -78.58 7.58
N PRO C 270 -43.90 -79.58 7.25
CA PRO C 270 -42.45 -79.40 7.21
C PRO C 270 -42.04 -78.54 6.02
N ILE C 271 -40.91 -77.84 6.15
CA ILE C 271 -40.39 -77.03 5.07
C ILE C 271 -39.05 -77.58 4.58
N GLU C 272 -39.11 -78.48 3.60
CA GLU C 272 -37.91 -79.09 3.05
C GLU C 272 -37.53 -78.46 1.72
N ASP C 273 -36.24 -78.19 1.54
CA ASP C 273 -35.74 -77.55 0.33
C ASP C 273 -36.46 -76.22 0.08
N GLY C 274 -36.68 -75.48 1.15
CA GLY C 274 -37.30 -74.17 1.05
C GLY C 274 -38.67 -74.18 0.40
N SER C 275 -39.45 -75.22 0.70
CA SER C 275 -40.80 -75.33 0.13
C SER C 275 -41.72 -76.17 1.00
N GLY C 276 -43.00 -75.82 0.99
CA GLY C 276 -43.99 -76.55 1.75
C GLY C 276 -45.33 -76.57 1.02
N GLU C 277 -46.27 -77.33 1.55
CA GLU C 277 -47.60 -77.44 0.92
C GLU C 277 -48.68 -77.73 1.96
N VAL C 278 -49.70 -76.87 1.99
CA VAL C 278 -50.82 -77.05 2.91
C VAL C 278 -52.14 -76.88 2.17
N VAL C 279 -53.15 -77.63 2.60
CA VAL C 279 -54.46 -77.58 1.96
C VAL C 279 -55.58 -77.34 2.97
N LEU C 280 -56.55 -76.52 2.59
CA LEU C 280 -57.73 -76.27 3.43
C LEU C 280 -58.92 -77.06 2.90
N SER C 281 -59.22 -78.18 3.55
CA SER C 281 -60.34 -79.02 3.15
C SER C 281 -61.64 -78.22 3.15
N ARG C 282 -62.44 -78.39 2.10
CA ARG C 282 -63.71 -77.68 1.98
C ARG C 282 -64.61 -77.99 3.17
N LYS C 283 -64.42 -79.16 3.76
CA LYS C 283 -65.19 -79.57 4.93
C LYS C 283 -64.99 -78.60 6.08
N VAL C 284 -63.73 -78.33 6.41
CA VAL C 284 -63.39 -77.42 7.50
C VAL C 284 -63.86 -75.99 7.20
N LEU C 285 -63.85 -75.63 5.93
CA LEU C 285 -64.28 -74.29 5.52
C LEU C 285 -65.75 -74.05 5.87
N LEU C 286 -66.62 -74.89 5.32
CA LEU C 286 -68.05 -74.79 5.59
C LEU C 286 -68.34 -75.02 7.07
N ASP C 287 -67.54 -75.88 7.69
CA ASP C 287 -67.70 -76.19 9.10
C ASP C 287 -67.20 -75.04 9.97
N GLY C 288 -66.38 -74.18 9.36
CA GLY C 288 -65.85 -73.01 10.05
C GLY C 288 -66.96 -72.09 10.48
N VAL C 289 -67.87 -71.79 9.57
CA VAL C 289 -69.05 -71.01 9.89
C VAL C 289 -70.06 -71.92 10.58
N GLN C 290 -71.29 -71.94 10.07
CA GLN C 290 -72.34 -72.82 10.57
C GLN C 290 -73.55 -72.75 9.65
N ASN C 291 -73.53 -71.77 8.76
CA ASN C 291 -74.62 -71.56 7.80
C ASN C 291 -74.68 -72.68 6.78
N PRO C 292 -75.80 -73.42 6.76
CA PRO C 292 -75.99 -74.54 5.82
C PRO C 292 -75.64 -74.15 4.39
N ARG C 293 -76.17 -73.02 3.93
CA ARG C 293 -75.90 -72.55 2.57
C ARG C 293 -74.41 -72.30 2.36
N ALA C 294 -73.96 -72.51 1.13
CA ALA C 294 -72.56 -72.26 0.78
C ALA C 294 -72.44 -71.03 -0.11
N GLU C 295 -73.59 -70.55 -0.60
CA GLU C 295 -73.62 -69.38 -1.47
C GLU C 295 -73.59 -68.08 -0.67
N ASP C 296 -73.79 -68.19 0.64
CA ASP C 296 -73.72 -67.03 1.52
C ASP C 296 -72.28 -66.66 1.83
N LEU C 297 -71.35 -67.56 1.48
CA LEU C 297 -69.93 -67.28 1.62
C LEU C 297 -69.43 -66.51 0.41
N VAL C 298 -70.21 -66.53 -0.67
CA VAL C 298 -69.88 -65.79 -1.87
C VAL C 298 -69.81 -64.30 -1.57
N GLY C 299 -68.66 -63.70 -1.86
CA GLY C 299 -68.45 -62.30 -1.55
C GLY C 299 -67.44 -62.15 -0.44
N LYS C 300 -67.49 -63.04 0.53
CA LYS C 300 -66.54 -63.05 1.63
C LYS C 300 -65.14 -63.40 1.12
N SER C 301 -64.17 -63.41 2.02
CA SER C 301 -62.80 -63.71 1.64
C SER C 301 -62.09 -64.53 2.71
N LEU C 302 -61.02 -65.21 2.31
CA LEU C 302 -60.21 -65.99 3.24
C LEU C 302 -58.83 -65.36 3.40
N TYR C 303 -58.18 -65.66 4.53
CA TYR C 303 -56.82 -65.17 4.75
C TYR C 303 -55.94 -66.27 5.35
N VAL C 304 -54.68 -66.31 4.92
CA VAL C 304 -53.75 -67.32 5.39
C VAL C 304 -52.70 -66.72 6.32
N SER C 305 -52.39 -67.43 7.40
CA SER C 305 -51.40 -66.97 8.36
C SER C 305 -50.31 -68.02 8.55
N ALA C 306 -49.16 -67.79 7.90
CA ALA C 306 -48.05 -68.74 7.97
C ALA C 306 -47.00 -68.32 8.98
N THR C 307 -46.18 -69.29 9.40
CA THR C 307 -45.12 -69.05 10.36
C THR C 307 -44.02 -70.09 10.22
N VAL C 308 -42.89 -69.68 9.64
CA VAL C 308 -41.76 -70.59 9.44
C VAL C 308 -40.77 -70.47 10.60
N ILE C 309 -40.19 -71.59 11.00
CA ILE C 309 -39.22 -71.62 12.09
C ILE C 309 -38.05 -72.53 11.78
N LEU C 310 -36.85 -71.95 11.72
CA LEU C 310 -35.64 -72.72 11.44
C LEU C 310 -35.43 -73.80 12.49
N HIS C 311 -34.65 -74.83 12.13
CA HIS C 311 -34.36 -75.93 13.04
C HIS C 311 -33.40 -75.50 14.15
N SER C 312 -32.78 -74.34 13.98
CA SER C 312 -31.86 -73.81 14.98
C SER C 312 -32.62 -73.02 16.03
N GLY C 313 -33.88 -72.70 15.74
CA GLY C 313 -34.71 -71.95 16.66
C GLY C 313 -34.13 -70.57 16.93
N SER C 314 -33.43 -70.02 15.96
CA SER C 314 -32.77 -68.73 16.11
C SER C 314 -33.63 -67.59 15.57
N ASP C 315 -34.42 -67.88 14.54
CA ASP C 315 -35.28 -66.88 13.93
C ASP C 315 -36.68 -67.42 13.70
N MET C 316 -37.65 -66.52 13.59
CA MET C 316 -39.04 -66.90 13.38
C MET C 316 -39.79 -65.79 12.63
N VAL C 317 -40.25 -66.11 11.42
CA VAL C 317 -40.91 -65.12 10.58
C VAL C 317 -42.40 -65.43 10.41
N GLN C 318 -43.22 -64.37 10.41
CA GLN C 318 -44.65 -64.51 10.22
C GLN C 318 -45.09 -63.84 8.93
N ALA C 319 -45.88 -64.56 8.13
CA ALA C 319 -46.39 -64.02 6.87
C ALA C 319 -47.91 -64.07 6.84
N GLU C 320 -48.50 -63.51 5.80
CA GLU C 320 -49.95 -63.48 5.67
C GLU C 320 -50.43 -63.12 4.26
N ARG C 321 -51.45 -63.82 3.80
CA ARG C 321 -52.11 -63.52 2.53
C ARG C 321 -53.61 -63.36 2.75
N SER C 322 -54.07 -62.13 2.87
CA SER C 322 -55.48 -61.86 3.13
C SER C 322 -56.20 -61.41 1.87
N GLY C 323 -57.53 -61.33 1.95
CA GLY C 323 -58.34 -60.87 0.84
C GLY C 323 -58.39 -61.83 -0.32
N ILE C 324 -58.81 -63.07 -0.05
CA ILE C 324 -58.96 -64.08 -1.10
C ILE C 324 -60.43 -64.20 -1.50
N PRO C 325 -60.80 -63.57 -2.62
CA PRO C 325 -62.18 -63.53 -3.11
C PRO C 325 -62.76 -64.92 -3.33
N ILE C 326 -63.89 -65.21 -2.68
CA ILE C 326 -64.59 -66.47 -2.87
C ILE C 326 -65.73 -66.27 -3.87
N VAL C 327 -65.37 -66.04 -5.13
CA VAL C 327 -66.36 -65.77 -6.17
C VAL C 327 -66.83 -67.03 -6.87
N THR C 328 -67.98 -66.95 -7.52
CA THR C 328 -68.53 -68.06 -8.28
C THR C 328 -67.97 -68.04 -9.70
N SER C 329 -67.63 -66.85 -10.18
CA SER C 329 -67.07 -66.69 -11.51
C SER C 329 -65.64 -66.17 -11.44
N PRO C 330 -64.71 -66.87 -12.11
CA PRO C 330 -63.28 -66.53 -12.12
C PRO C 330 -62.98 -65.20 -12.82
N TYR C 331 -64.02 -64.50 -13.26
CA TYR C 331 -63.83 -63.25 -13.98
C TYR C 331 -64.85 -62.18 -13.59
N GLN C 332 -64.59 -60.95 -14.02
CA GLN C 332 -65.50 -59.84 -13.76
C GLN C 332 -65.62 -58.95 -15.00
N ILE C 333 -66.66 -58.14 -15.06
CA ILE C 333 -66.88 -57.25 -16.19
C ILE C 333 -67.22 -55.84 -15.74
N HIS C 334 -66.48 -54.86 -16.26
CA HIS C 334 -66.70 -53.46 -15.89
C HIS C 334 -66.86 -52.58 -17.12
N PHE C 335 -67.94 -51.80 -17.16
CA PHE C 335 -68.18 -50.86 -18.24
C PHE C 335 -67.74 -49.46 -17.83
N THR C 336 -66.71 -49.39 -17.01
CA THR C 336 -66.20 -48.12 -16.49
C THR C 336 -65.47 -47.33 -17.57
N LYS C 337 -64.97 -48.03 -18.59
CA LYS C 337 -64.22 -47.40 -19.67
C LYS C 337 -65.09 -47.12 -20.89
N THR C 338 -66.30 -47.67 -20.88
CA THR C 338 -67.22 -47.52 -22.01
C THR C 338 -68.13 -46.31 -21.82
N PRO C 339 -68.24 -45.46 -22.86
CA PRO C 339 -69.08 -44.27 -22.82
C PRO C 339 -70.51 -44.58 -22.38
N LYS C 340 -71.21 -43.59 -21.87
CA LYS C 340 -72.57 -43.77 -21.39
C LYS C 340 -73.59 -43.08 -22.29
N TYR C 341 -73.20 -42.82 -23.54
CA TYR C 341 -74.09 -42.18 -24.51
C TYR C 341 -73.88 -42.75 -25.91
N PHE C 342 -74.98 -42.94 -26.64
CA PHE C 342 -74.92 -43.54 -27.96
C PHE C 342 -75.60 -42.66 -29.01
N LYS C 343 -75.32 -42.93 -30.28
CA LYS C 343 -75.96 -42.22 -31.38
C LYS C 343 -76.92 -43.14 -32.12
N PRO C 344 -78.20 -42.76 -32.17
CA PRO C 344 -79.23 -43.55 -32.83
C PRO C 344 -78.86 -43.91 -34.26
N GLY C 345 -78.79 -45.20 -34.56
CA GLY C 345 -78.49 -45.67 -35.89
C GLY C 345 -77.03 -46.01 -36.11
N MET C 346 -76.15 -45.21 -35.51
CA MET C 346 -74.71 -45.40 -35.67
C MET C 346 -74.19 -46.52 -34.77
N PRO C 347 -73.07 -47.14 -35.18
CA PRO C 347 -72.45 -48.21 -34.40
C PRO C 347 -72.06 -47.73 -33.00
N PHE C 348 -72.24 -48.59 -32.00
CA PHE C 348 -71.89 -48.26 -30.63
C PHE C 348 -70.80 -49.19 -30.13
N ASP C 349 -69.61 -48.63 -29.90
CA ASP C 349 -68.46 -49.41 -29.45
C ASP C 349 -68.45 -49.60 -27.93
N LEU C 350 -67.89 -50.70 -27.48
CA LEU C 350 -67.79 -51.00 -26.05
C LEU C 350 -66.36 -51.28 -25.63
N MET C 351 -65.94 -50.67 -24.52
CA MET C 351 -64.63 -50.92 -23.95
C MET C 351 -64.75 -51.88 -22.77
N VAL C 352 -65.00 -53.15 -23.06
CA VAL C 352 -65.15 -54.16 -22.03
C VAL C 352 -63.88 -54.30 -21.19
N PHE C 353 -64.04 -54.36 -19.88
CA PHE C 353 -62.90 -54.45 -18.97
C PHE C 353 -62.99 -55.71 -18.11
N VAL C 354 -62.41 -56.79 -18.61
CA VAL C 354 -62.44 -58.08 -17.92
C VAL C 354 -61.25 -58.21 -16.97
N THR C 355 -61.54 -58.43 -15.69
CA THR C 355 -60.50 -58.55 -14.67
C THR C 355 -60.61 -59.86 -13.89
N ASN C 356 -59.70 -60.05 -12.95
CA ASN C 356 -59.70 -61.22 -12.09
C ASN C 356 -60.30 -60.88 -10.72
N PRO C 357 -60.59 -61.91 -9.92
CA PRO C 357 -61.17 -61.71 -8.58
C PRO C 357 -60.37 -60.75 -7.71
N ASP C 358 -59.07 -60.63 -7.98
CA ASP C 358 -58.20 -59.76 -7.18
C ASP C 358 -58.13 -58.34 -7.75
N GLY C 359 -58.34 -58.22 -9.07
CA GLY C 359 -58.31 -56.93 -9.72
C GLY C 359 -57.38 -56.90 -10.92
N SER C 360 -56.51 -57.90 -11.03
CA SER C 360 -55.56 -57.99 -12.12
C SER C 360 -56.25 -58.30 -13.45
N PRO C 361 -55.78 -57.66 -14.53
CA PRO C 361 -56.34 -57.85 -15.87
C PRO C 361 -56.34 -59.33 -16.30
N ALA C 362 -57.32 -59.72 -17.10
CA ALA C 362 -57.42 -61.08 -17.59
C ALA C 362 -56.99 -61.18 -19.06
N TYR C 363 -55.96 -61.97 -19.31
CA TYR C 363 -55.41 -62.10 -20.65
C TYR C 363 -56.17 -63.13 -21.49
N ARG C 364 -56.61 -62.71 -22.67
CA ARG C 364 -57.36 -63.58 -23.58
C ARG C 364 -58.63 -64.16 -22.94
N VAL C 365 -59.70 -63.40 -22.97
CA VAL C 365 -60.99 -63.84 -22.44
C VAL C 365 -62.12 -63.48 -23.40
N PRO C 366 -62.61 -64.48 -24.14
CA PRO C 366 -63.69 -64.29 -25.12
C PRO C 366 -64.89 -63.59 -24.51
N VAL C 367 -65.38 -62.54 -25.17
CA VAL C 367 -66.56 -61.81 -24.71
C VAL C 367 -67.52 -61.52 -25.86
N ALA C 368 -68.81 -61.56 -25.57
CA ALA C 368 -69.82 -61.30 -26.58
C ALA C 368 -71.06 -60.66 -25.94
N VAL C 369 -72.02 -60.28 -26.78
CA VAL C 369 -73.24 -59.64 -26.29
C VAL C 369 -74.43 -60.58 -26.43
N GLN C 370 -75.36 -60.51 -25.47
CA GLN C 370 -76.57 -61.32 -25.48
C GLN C 370 -77.31 -61.22 -26.81
N GLY C 371 -77.20 -60.05 -27.44
CA GLY C 371 -77.90 -59.79 -28.69
C GLY C 371 -77.43 -60.64 -29.86
N GLU C 372 -76.18 -60.46 -30.25
CA GLU C 372 -75.64 -61.13 -31.43
C GLU C 372 -74.49 -62.08 -31.09
N ASP C 373 -74.50 -63.25 -31.70
CA ASP C 373 -73.43 -64.23 -31.54
C ASP C 373 -72.34 -64.02 -32.58
N THR C 374 -71.26 -64.79 -32.47
CA THR C 374 -70.14 -64.70 -33.40
C THR C 374 -69.37 -63.39 -33.22
N VAL C 375 -70.07 -62.32 -32.87
CA VAL C 375 -69.44 -61.04 -32.61
C VAL C 375 -68.69 -61.09 -31.30
N GLN C 376 -67.48 -61.64 -31.33
CA GLN C 376 -66.67 -61.79 -30.14
C GLN C 376 -65.32 -61.10 -30.29
N SER C 377 -64.55 -61.08 -29.21
CA SER C 377 -63.22 -60.46 -29.24
C SER C 377 -62.42 -60.86 -28.00
N LEU C 378 -61.31 -61.54 -28.23
CA LEU C 378 -60.46 -61.98 -27.12
C LEU C 378 -59.82 -60.80 -26.41
N THR C 379 -59.98 -60.76 -25.09
CA THR C 379 -59.40 -59.69 -24.28
C THR C 379 -57.89 -59.59 -24.48
N GLN C 380 -57.39 -58.36 -24.55
CA GLN C 380 -55.97 -58.13 -24.72
C GLN C 380 -55.21 -58.26 -23.40
N GLY C 381 -53.93 -57.94 -23.42
CA GLY C 381 -53.10 -58.04 -22.24
C GLY C 381 -53.48 -57.04 -21.17
N ASP C 382 -53.94 -55.85 -21.60
CA ASP C 382 -54.33 -54.79 -20.67
C ASP C 382 -55.64 -55.10 -19.97
N GLY C 383 -56.33 -56.13 -20.44
CA GLY C 383 -57.61 -56.53 -19.87
C GLY C 383 -58.77 -55.78 -20.49
N VAL C 384 -58.59 -55.34 -21.73
CA VAL C 384 -59.62 -54.59 -22.43
C VAL C 384 -60.02 -55.27 -23.74
N ALA C 385 -61.32 -55.39 -23.97
CA ALA C 385 -61.83 -56.00 -25.19
C ALA C 385 -62.48 -54.94 -26.09
N LYS C 386 -62.66 -55.30 -27.36
CA LYS C 386 -63.24 -54.38 -28.32
C LYS C 386 -64.51 -54.93 -28.95
N LEU C 387 -65.66 -54.41 -28.51
CA LEU C 387 -66.95 -54.82 -29.07
C LEU C 387 -67.61 -53.67 -29.82
N SER C 388 -68.60 -54.00 -30.64
CA SER C 388 -69.32 -52.99 -31.41
C SER C 388 -70.66 -53.54 -31.91
N ILE C 389 -71.74 -53.03 -31.33
CA ILE C 389 -73.08 -53.47 -31.71
C ILE C 389 -73.82 -52.39 -32.49
N ASN C 390 -74.76 -52.82 -33.34
CA ASN C 390 -75.53 -51.90 -34.16
C ASN C 390 -76.71 -51.30 -33.41
N THR C 391 -76.95 -50.01 -33.60
CA THR C 391 -78.02 -49.30 -32.90
C THR C 391 -79.13 -48.89 -33.84
N HIS C 392 -80.35 -48.80 -33.32
CA HIS C 392 -81.50 -48.37 -34.11
C HIS C 392 -81.75 -46.87 -33.93
N PRO C 393 -82.31 -46.22 -34.95
CA PRO C 393 -82.60 -44.78 -34.94
C PRO C 393 -83.57 -44.38 -33.83
N SER C 394 -84.08 -45.35 -33.09
CA SER C 394 -85.01 -45.09 -32.00
C SER C 394 -84.36 -44.26 -30.90
N GLN C 395 -85.16 -43.46 -30.21
CA GLN C 395 -84.68 -42.61 -29.12
C GLN C 395 -84.75 -43.35 -27.79
N LYS C 396 -84.99 -44.66 -27.86
CA LYS C 396 -85.14 -45.48 -26.65
C LYS C 396 -83.78 -45.79 -26.04
N PRO C 397 -83.66 -45.63 -24.71
CA PRO C 397 -82.43 -45.93 -23.97
C PRO C 397 -81.85 -47.29 -24.35
N LEU C 398 -80.54 -47.35 -24.48
CA LEU C 398 -79.87 -48.57 -24.92
C LEU C 398 -79.39 -49.40 -23.73
N SER C 399 -79.69 -50.70 -23.75
CA SER C 399 -79.28 -51.60 -22.69
C SER C 399 -78.45 -52.76 -23.24
N ILE C 400 -77.25 -52.93 -22.72
CA ILE C 400 -76.35 -53.98 -23.19
C ILE C 400 -75.97 -54.95 -22.06
N THR C 401 -75.88 -56.23 -22.40
CA THR C 401 -75.48 -57.24 -21.43
C THR C 401 -74.39 -58.12 -22.01
N VAL C 402 -73.15 -57.90 -21.56
CA VAL C 402 -72.01 -58.68 -22.05
C VAL C 402 -71.67 -59.80 -21.08
N ARG C 403 -71.41 -60.99 -21.63
CA ARG C 403 -71.05 -62.15 -20.83
C ARG C 403 -69.71 -62.72 -21.28
N THR C 404 -69.31 -63.82 -20.65
CA THR C 404 -68.03 -64.46 -20.97
C THR C 404 -68.24 -65.84 -21.59
N LYS C 405 -67.92 -65.97 -22.87
CA LYS C 405 -68.04 -67.23 -23.57
C LYS C 405 -66.81 -68.10 -23.36
N LYS C 406 -66.19 -67.94 -22.19
CA LYS C 406 -65.01 -68.73 -21.82
C LYS C 406 -65.32 -70.21 -21.75
N GLN C 407 -64.71 -70.98 -22.65
CA GLN C 407 -64.89 -72.42 -22.66
C GLN C 407 -64.33 -73.03 -21.38
N GLU C 408 -64.46 -74.35 -21.24
CA GLU C 408 -63.95 -75.05 -20.07
C GLU C 408 -64.63 -74.57 -18.79
N LEU C 409 -65.77 -73.92 -18.96
CA LEU C 409 -66.51 -73.36 -17.83
C LEU C 409 -67.99 -73.24 -18.15
N SER C 410 -68.84 -73.73 -17.24
CA SER C 410 -70.28 -73.71 -17.45
C SER C 410 -70.83 -72.28 -17.42
N GLU C 411 -72.03 -72.11 -17.95
CA GLU C 411 -72.67 -70.80 -17.99
C GLU C 411 -73.01 -70.31 -16.59
N ALA C 412 -73.13 -71.24 -15.65
CA ALA C 412 -73.47 -70.90 -14.27
C ALA C 412 -72.27 -70.33 -13.52
N GLU C 413 -71.08 -70.55 -14.07
CA GLU C 413 -69.85 -70.08 -13.43
C GLU C 413 -69.25 -68.91 -14.19
N GLN C 414 -70.06 -68.24 -15.00
CA GLN C 414 -69.58 -67.10 -15.77
C GLN C 414 -70.07 -65.78 -15.16
N ALA C 415 -69.38 -64.70 -15.50
CA ALA C 415 -69.74 -63.38 -14.99
C ALA C 415 -70.60 -62.62 -15.99
N THR C 416 -71.30 -61.59 -15.51
CA THR C 416 -72.17 -60.79 -16.36
C THR C 416 -72.40 -59.40 -15.76
N ARG C 417 -72.56 -58.42 -16.63
CA ARG C 417 -72.80 -57.05 -16.21
C ARG C 417 -73.68 -56.33 -17.22
N THR C 418 -74.49 -55.38 -16.75
CA THR C 418 -75.40 -54.65 -17.63
C THR C 418 -75.32 -53.14 -17.40
N MET C 419 -75.16 -52.40 -18.48
CA MET C 419 -75.12 -50.94 -18.39
C MET C 419 -76.26 -50.32 -19.18
N GLN C 420 -76.34 -48.99 -19.15
CA GLN C 420 -77.39 -48.26 -19.85
C GLN C 420 -76.87 -46.96 -20.46
N ALA C 421 -77.03 -46.83 -21.77
CA ALA C 421 -76.63 -45.62 -22.48
C ALA C 421 -77.83 -44.79 -22.88
N LEU C 422 -77.64 -43.47 -22.95
CA LEU C 422 -78.72 -42.56 -23.33
C LEU C 422 -78.46 -41.91 -24.68
N PRO C 423 -79.54 -41.57 -25.40
CA PRO C 423 -79.45 -40.94 -26.72
C PRO C 423 -78.74 -39.60 -26.67
N TYR C 424 -78.11 -39.23 -27.78
CA TYR C 424 -77.44 -37.94 -27.90
C TYR C 424 -78.39 -36.88 -28.46
N SER C 425 -78.80 -35.95 -27.62
CA SER C 425 -79.71 -34.90 -28.03
C SER C 425 -79.17 -34.09 -29.20
N THR C 426 -80.04 -33.76 -30.15
CA THR C 426 -79.65 -33.03 -31.34
C THR C 426 -80.24 -31.62 -31.36
N VAL C 427 -79.46 -30.66 -31.84
CA VAL C 427 -79.93 -29.28 -31.94
C VAL C 427 -80.96 -29.13 -33.05
N GLY C 428 -82.23 -29.14 -32.68
CA GLY C 428 -83.31 -29.03 -33.64
C GLY C 428 -83.76 -30.38 -34.17
N ASN C 429 -83.32 -31.43 -33.50
CA ASN C 429 -83.67 -32.80 -33.88
C ASN C 429 -83.25 -33.13 -35.31
N SER C 430 -82.27 -32.39 -35.83
CA SER C 430 -81.82 -32.55 -37.20
C SER C 430 -81.13 -33.89 -37.45
N ASN C 431 -81.05 -34.70 -36.40
CA ASN C 431 -80.42 -36.01 -36.50
C ASN C 431 -78.99 -35.96 -37.02
N ASN C 432 -78.30 -34.86 -36.73
CA ASN C 432 -76.89 -34.73 -37.10
C ASN C 432 -75.98 -35.23 -35.97
N TYR C 433 -75.25 -36.29 -36.24
CA TYR C 433 -74.38 -36.91 -35.23
C TYR C 433 -72.93 -36.98 -35.69
N LEU C 434 -72.07 -37.45 -34.80
CA LEU C 434 -70.65 -37.63 -35.11
C LEU C 434 -70.07 -38.71 -34.21
N HIS C 435 -69.32 -39.64 -34.82
CA HIS C 435 -68.73 -40.74 -34.07
C HIS C 435 -67.25 -40.88 -34.37
N LEU C 436 -66.47 -41.23 -33.34
CA LEU C 436 -65.03 -41.37 -33.48
C LEU C 436 -64.56 -42.78 -33.10
N SER C 437 -64.50 -43.67 -34.08
CA SER C 437 -64.05 -45.04 -33.83
C SER C 437 -62.53 -45.13 -33.91
N VAL C 438 -61.92 -45.82 -32.96
CA VAL C 438 -60.48 -45.97 -32.92
C VAL C 438 -60.07 -47.42 -32.70
N LEU C 439 -59.19 -47.93 -33.55
CA LEU C 439 -58.69 -49.29 -33.43
C LEU C 439 -58.06 -49.52 -32.06
N ARG C 440 -58.78 -50.20 -31.18
CA ARG C 440 -58.32 -50.42 -29.81
C ARG C 440 -57.14 -51.40 -29.75
N THR C 441 -55.93 -50.84 -29.68
CA THR C 441 -54.73 -51.63 -29.48
C THR C 441 -53.81 -50.88 -28.52
N GLU C 442 -52.95 -51.62 -27.82
CA GLU C 442 -52.04 -51.02 -26.86
C GLU C 442 -51.11 -50.01 -27.54
N LEU C 443 -51.45 -48.73 -27.40
CA LEU C 443 -50.65 -47.67 -27.99
C LEU C 443 -49.32 -47.52 -27.28
N ARG C 444 -48.27 -47.25 -28.06
CA ARG C 444 -46.93 -47.07 -27.50
C ARG C 444 -46.28 -45.84 -28.12
N PRO C 445 -45.50 -45.10 -27.32
CA PRO C 445 -44.83 -43.88 -27.78
C PRO C 445 -43.98 -44.13 -29.02
N GLY C 446 -44.23 -43.37 -30.08
CA GLY C 446 -43.47 -43.52 -31.32
C GLY C 446 -44.29 -44.11 -32.44
N GLU C 447 -45.36 -44.80 -32.09
CA GLU C 447 -46.22 -45.45 -33.08
C GLU C 447 -47.18 -44.45 -33.74
N THR C 448 -48.18 -44.97 -34.43
CA THR C 448 -49.16 -44.14 -35.10
C THR C 448 -50.59 -44.67 -34.88
N LEU C 449 -51.51 -43.76 -34.62
CA LEU C 449 -52.90 -44.14 -34.39
C LEU C 449 -53.82 -43.55 -35.45
N ASN C 450 -54.75 -44.38 -35.94
CA ASN C 450 -55.71 -43.93 -36.94
C ASN C 450 -57.07 -43.58 -36.33
N VAL C 451 -57.37 -42.30 -36.27
CA VAL C 451 -58.65 -41.84 -35.74
C VAL C 451 -59.67 -41.70 -36.87
N ASN C 452 -60.83 -42.31 -36.68
CA ASN C 452 -61.87 -42.32 -37.71
C ASN C 452 -63.00 -41.33 -37.41
N PHE C 453 -63.32 -40.50 -38.39
CA PHE C 453 -64.41 -39.53 -38.26
C PHE C 453 -65.62 -39.96 -39.08
N LEU C 454 -66.61 -40.52 -38.41
CA LEU C 454 -67.82 -41.00 -39.07
C LEU C 454 -68.95 -39.97 -38.94
N LEU C 455 -69.53 -39.59 -40.08
CA LEU C 455 -70.58 -38.57 -40.10
C LEU C 455 -71.95 -39.18 -40.37
N ARG C 456 -73.00 -38.46 -39.98
CA ARG C 456 -74.37 -38.91 -40.21
C ARG C 456 -75.33 -37.73 -40.41
N MET C 457 -75.68 -37.47 -41.66
CA MET C 457 -76.62 -36.42 -41.99
C MET C 457 -77.07 -36.53 -43.44
N ASP C 458 -78.25 -35.98 -43.73
CA ASP C 458 -78.79 -36.01 -45.08
C ASP C 458 -77.92 -35.21 -46.05
N ARG C 459 -78.03 -35.51 -47.33
CA ARG C 459 -77.24 -34.83 -48.36
C ARG C 459 -77.67 -33.38 -48.51
N ALA C 460 -78.72 -32.99 -47.80
CA ALA C 460 -79.26 -31.64 -47.89
C ALA C 460 -78.28 -30.59 -47.40
N HIS C 461 -77.35 -30.99 -46.55
CA HIS C 461 -76.38 -30.06 -45.99
C HIS C 461 -75.02 -30.70 -45.74
N GLU C 462 -74.83 -31.91 -46.27
CA GLU C 462 -73.57 -32.62 -46.09
C GLU C 462 -72.44 -31.93 -46.86
N ALA C 463 -72.80 -31.14 -47.86
CA ALA C 463 -71.83 -30.43 -48.68
C ALA C 463 -71.29 -29.19 -47.97
N LYS C 464 -71.81 -28.92 -46.78
CA LYS C 464 -71.36 -27.78 -45.99
C LYS C 464 -70.27 -28.17 -45.00
N ILE C 465 -70.16 -29.47 -44.74
CA ILE C 465 -69.14 -30.00 -43.84
C ILE C 465 -67.83 -30.18 -44.60
N ARG C 466 -66.95 -29.19 -44.49
CA ARG C 466 -65.69 -29.22 -45.23
C ARG C 466 -64.51 -29.54 -44.32
N TYR C 467 -64.75 -29.60 -43.02
CA TYR C 467 -63.69 -29.90 -42.06
C TYR C 467 -64.19 -30.17 -40.65
N TYR C 468 -63.41 -30.93 -39.90
CA TYR C 468 -63.68 -31.16 -38.48
C TYR C 468 -62.63 -30.43 -37.66
N THR C 469 -62.86 -30.37 -36.34
CA THR C 469 -61.92 -29.71 -35.44
C THR C 469 -61.62 -30.59 -34.24
N TYR C 470 -60.47 -31.26 -34.27
CA TYR C 470 -60.09 -32.16 -33.18
C TYR C 470 -59.18 -31.47 -32.17
N LEU C 471 -59.42 -31.77 -30.89
CA LEU C 471 -58.60 -31.22 -29.81
C LEU C 471 -58.06 -32.34 -28.92
N ILE C 472 -56.77 -32.30 -28.65
CA ILE C 472 -56.12 -33.30 -27.82
C ILE C 472 -56.07 -32.87 -26.36
N MET C 473 -56.75 -33.62 -25.50
CA MET C 473 -56.69 -33.37 -24.07
C MET C 473 -55.66 -34.31 -23.42
N ASN C 474 -54.87 -33.78 -22.51
CA ASN C 474 -53.82 -34.56 -21.86
C ASN C 474 -53.36 -33.95 -20.55
N LYS C 475 -53.51 -34.71 -19.46
CA LYS C 475 -53.09 -34.26 -18.14
C LYS C 475 -53.73 -32.94 -17.74
N GLY C 476 -54.91 -32.67 -18.29
CA GLY C 476 -55.66 -31.48 -17.93
C GLY C 476 -55.24 -30.23 -18.68
N ARG C 477 -54.78 -30.41 -19.92
CA ARG C 477 -54.36 -29.29 -20.74
C ARG C 477 -54.58 -29.59 -22.23
N LEU C 478 -54.37 -28.59 -23.06
CA LEU C 478 -54.51 -28.76 -24.51
C LEU C 478 -53.15 -29.08 -25.14
N LEU C 479 -52.95 -30.36 -25.45
CA LEU C 479 -51.70 -30.81 -26.05
C LEU C 479 -51.59 -30.34 -27.50
N LYS C 480 -52.69 -30.38 -28.24
CA LYS C 480 -52.71 -29.95 -29.62
C LYS C 480 -54.13 -29.76 -30.14
N ALA C 481 -54.28 -28.91 -31.15
CA ALA C 481 -55.58 -28.67 -31.79
C ALA C 481 -55.41 -28.41 -33.28
N GLY C 482 -56.09 -29.20 -34.11
CA GLY C 482 -55.98 -29.08 -35.54
C GLY C 482 -57.29 -29.27 -36.28
N ARG C 483 -57.20 -29.43 -37.59
CA ARG C 483 -58.38 -29.61 -38.43
C ARG C 483 -58.31 -30.92 -39.22
N GLN C 484 -59.46 -31.34 -39.76
CA GLN C 484 -59.53 -32.53 -40.59
C GLN C 484 -60.39 -32.29 -41.81
N VAL C 485 -59.75 -32.03 -42.94
CA VAL C 485 -60.47 -31.70 -44.18
C VAL C 485 -61.45 -32.80 -44.59
N ARG C 486 -62.44 -32.42 -45.39
CA ARG C 486 -63.45 -33.35 -45.87
C ARG C 486 -64.18 -32.82 -47.10
N GLU C 487 -64.28 -33.65 -48.13
CA GLU C 487 -65.01 -33.29 -49.33
C GLU C 487 -66.41 -33.91 -49.33
N PRO C 488 -67.37 -33.22 -49.96
CA PRO C 488 -68.76 -33.67 -50.05
C PRO C 488 -68.86 -35.09 -50.63
N GLY C 489 -69.35 -36.03 -49.83
CA GLY C 489 -69.51 -37.40 -50.27
C GLY C 489 -68.73 -38.37 -49.42
N GLN C 490 -67.80 -37.86 -48.62
CA GLN C 490 -66.99 -38.69 -47.74
C GLN C 490 -67.66 -38.87 -46.39
N ASP C 491 -68.15 -40.09 -46.13
CA ASP C 491 -68.82 -40.39 -44.88
C ASP C 491 -67.84 -40.77 -43.78
N LEU C 492 -66.64 -41.18 -44.19
CA LEU C 492 -65.62 -41.60 -43.23
C LEU C 492 -64.23 -41.18 -43.66
N VAL C 493 -63.60 -40.32 -42.86
CA VAL C 493 -62.23 -39.89 -43.13
C VAL C 493 -61.28 -40.41 -42.05
N VAL C 494 -59.99 -40.34 -42.32
CA VAL C 494 -58.98 -40.87 -41.40
C VAL C 494 -58.02 -39.77 -40.95
N LEU C 495 -57.53 -39.89 -39.72
CA LEU C 495 -56.59 -38.92 -39.17
C LEU C 495 -55.27 -39.58 -38.77
N PRO C 496 -54.18 -39.21 -39.44
CA PRO C 496 -52.84 -39.72 -39.16
C PRO C 496 -52.27 -39.14 -37.88
N LEU C 497 -52.71 -39.64 -36.73
CA LEU C 497 -52.25 -39.14 -35.44
C LEU C 497 -50.96 -39.81 -34.99
N SER C 498 -49.94 -39.00 -34.71
CA SER C 498 -48.66 -39.52 -34.25
C SER C 498 -48.59 -39.49 -32.72
N ILE C 499 -48.43 -40.66 -32.12
CA ILE C 499 -48.34 -40.75 -30.66
C ILE C 499 -46.91 -40.56 -30.19
N THR C 500 -46.71 -39.57 -29.32
CA THR C 500 -45.38 -39.29 -28.77
C THR C 500 -45.33 -39.65 -27.29
N THR C 501 -44.34 -39.12 -26.59
CA THR C 501 -44.17 -39.38 -25.16
C THR C 501 -45.07 -38.46 -24.33
N ASP C 502 -45.64 -37.45 -24.99
CA ASP C 502 -46.48 -36.48 -24.31
C ASP C 502 -47.83 -37.08 -23.94
N PHE C 503 -48.40 -37.86 -24.84
CA PHE C 503 -49.72 -38.44 -24.65
C PHE C 503 -49.84 -39.27 -23.38
N ILE C 504 -48.71 -39.73 -22.87
CA ILE C 504 -48.67 -40.49 -21.62
C ILE C 504 -49.26 -39.66 -20.47
N PRO C 505 -50.10 -40.30 -19.64
CA PRO C 505 -50.52 -41.69 -19.68
C PRO C 505 -51.77 -41.89 -20.54
N SER C 506 -52.67 -40.91 -20.50
CA SER C 506 -53.93 -41.01 -21.22
C SER C 506 -54.26 -39.69 -21.92
N PHE C 507 -55.04 -39.77 -22.98
CA PHE C 507 -55.43 -38.57 -23.72
C PHE C 507 -56.86 -38.68 -24.27
N ARG C 508 -57.58 -37.57 -24.23
CA ARG C 508 -58.93 -37.52 -24.79
C ARG C 508 -58.92 -36.79 -26.13
N LEU C 509 -59.79 -37.22 -27.03
CA LEU C 509 -59.90 -36.61 -28.34
C LEU C 509 -61.33 -36.15 -28.63
N VAL C 510 -61.51 -34.84 -28.77
CA VAL C 510 -62.82 -34.28 -29.07
C VAL C 510 -62.83 -33.65 -30.46
N ALA C 511 -63.89 -33.91 -31.20
CA ALA C 511 -64.03 -33.37 -32.55
C ALA C 511 -65.43 -32.82 -32.76
N TYR C 512 -65.52 -31.63 -33.35
CA TYR C 512 -66.81 -31.00 -33.61
C TYR C 512 -66.85 -30.33 -34.97
N TYR C 513 -68.02 -30.31 -35.59
CA TYR C 513 -68.23 -29.62 -36.86
C TYR C 513 -69.42 -28.68 -36.75
N THR C 514 -69.36 -27.58 -37.47
CA THR C 514 -70.42 -26.58 -37.42
C THR C 514 -70.90 -26.17 -38.81
N LEU C 515 -72.20 -25.98 -38.95
CA LEU C 515 -72.79 -25.59 -40.22
C LEU C 515 -74.10 -24.86 -40.01
N ILE C 516 -74.71 -24.40 -41.09
CA ILE C 516 -76.01 -23.74 -41.02
C ILE C 516 -77.07 -24.59 -41.71
N GLY C 517 -77.19 -25.85 -41.29
CA GLY C 517 -78.19 -26.75 -41.83
C GLY C 517 -79.59 -26.24 -41.54
N ALA C 518 -80.54 -27.15 -41.35
CA ALA C 518 -81.94 -26.87 -40.98
C ALA C 518 -82.43 -25.42 -41.09
N SER C 519 -83.74 -25.24 -40.92
CA SER C 519 -84.39 -23.92 -40.83
C SER C 519 -83.48 -22.72 -41.14
N GLY C 520 -82.43 -22.59 -40.34
CA GLY C 520 -81.49 -21.50 -40.46
C GLY C 520 -81.03 -21.13 -39.07
N GLN C 521 -80.02 -21.85 -38.58
CA GLN C 521 -79.60 -21.69 -37.21
C GLN C 521 -78.30 -22.45 -36.92
N ARG C 522 -77.25 -21.72 -36.55
CA ARG C 522 -75.96 -22.33 -36.26
C ARG C 522 -76.08 -23.55 -35.35
N GLU C 523 -75.85 -24.73 -35.92
CA GLU C 523 -75.90 -25.97 -35.16
C GLU C 523 -74.50 -26.49 -34.82
N VAL C 524 -74.36 -27.11 -33.65
CA VAL C 524 -73.09 -27.66 -33.22
C VAL C 524 -73.22 -29.14 -32.87
N VAL C 525 -72.31 -29.95 -33.41
CA VAL C 525 -72.28 -31.37 -33.11
C VAL C 525 -70.86 -31.80 -32.77
N ALA C 526 -70.71 -32.56 -31.68
CA ALA C 526 -69.38 -32.98 -31.23
C ALA C 526 -69.39 -34.39 -30.65
N ASP C 527 -68.20 -34.87 -30.32
CA ASP C 527 -68.03 -36.19 -29.73
C ASP C 527 -66.64 -36.32 -29.11
N SER C 528 -66.52 -37.17 -28.10
CA SER C 528 -65.23 -37.37 -27.43
C SER C 528 -64.93 -38.86 -27.27
N VAL C 529 -63.65 -39.18 -27.19
CA VAL C 529 -63.21 -40.56 -27.01
C VAL C 529 -61.90 -40.64 -26.22
N TRP C 530 -61.95 -41.32 -25.08
CA TRP C 530 -60.77 -41.48 -24.24
C TRP C 530 -59.93 -42.66 -24.69
N VAL C 531 -58.60 -42.49 -24.64
CA VAL C 531 -57.68 -43.53 -25.06
C VAL C 531 -56.48 -43.62 -24.11
N ASP C 532 -56.16 -44.84 -23.68
CA ASP C 532 -55.01 -45.04 -22.81
C ASP C 532 -53.76 -45.39 -23.61
N VAL C 533 -52.61 -44.96 -23.10
CA VAL C 533 -51.33 -45.24 -23.73
C VAL C 533 -50.47 -46.08 -22.79
N LYS C 534 -49.48 -46.77 -23.36
CA LYS C 534 -48.57 -47.60 -22.58
C LYS C 534 -47.92 -46.77 -21.48
N ASP C 535 -48.52 -46.80 -20.30
CA ASP C 535 -48.09 -45.97 -19.19
C ASP C 535 -46.67 -46.34 -18.75
N SER C 536 -45.74 -45.40 -18.93
CA SER C 536 -44.35 -45.60 -18.56
C SER C 536 -43.66 -44.26 -18.34
N CYS C 537 -42.34 -44.30 -18.14
CA CYS C 537 -41.58 -43.08 -17.93
C CYS C 537 -41.52 -42.24 -19.20
N VAL C 538 -41.64 -40.93 -19.04
CA VAL C 538 -41.55 -40.00 -20.17
C VAL C 538 -40.19 -40.17 -20.85
N GLY C 539 -39.15 -40.25 -20.04
CA GLY C 539 -37.80 -40.48 -20.54
C GLY C 539 -37.37 -41.92 -20.31
N SER C 540 -36.31 -42.10 -19.53
CA SER C 540 -35.81 -43.43 -19.20
C SER C 540 -34.78 -43.38 -18.09
N LEU C 541 -34.74 -44.45 -17.29
CA LEU C 541 -33.76 -44.56 -16.21
C LEU C 541 -33.54 -46.01 -15.85
N VAL C 542 -32.34 -46.52 -16.13
CA VAL C 542 -32.02 -47.91 -15.85
C VAL C 542 -30.87 -48.00 -14.86
N VAL C 543 -30.85 -49.07 -14.07
CA VAL C 543 -29.78 -49.31 -13.11
C VAL C 543 -29.32 -50.76 -13.14
N LYS C 544 -28.27 -51.02 -13.91
CA LYS C 544 -27.72 -52.37 -14.00
C LYS C 544 -26.33 -52.42 -13.36
N SER C 545 -25.80 -53.64 -13.21
CA SER C 545 -24.50 -53.84 -12.59
C SER C 545 -23.37 -53.49 -13.56
N GLY C 546 -22.30 -52.92 -13.01
CA GLY C 546 -21.14 -52.56 -13.81
C GLY C 546 -20.20 -53.74 -13.98
N GLN C 547 -20.22 -54.64 -13.00
CA GLN C 547 -19.38 -55.84 -13.05
C GLN C 547 -19.66 -56.65 -14.32
N SER C 548 -18.66 -57.41 -14.75
CA SER C 548 -18.81 -58.27 -15.91
C SER C 548 -19.51 -59.57 -15.53
N GLU C 549 -20.70 -59.44 -14.95
CA GLU C 549 -21.46 -60.59 -14.48
C GLU C 549 -20.73 -61.31 -13.36
N ASP C 550 -19.85 -62.24 -13.73
CA ASP C 550 -19.05 -62.97 -12.76
C ASP C 550 -19.92 -63.68 -11.73
N ARG C 551 -19.45 -63.69 -10.48
CA ARG C 551 -20.17 -64.33 -9.39
C ARG C 551 -20.87 -63.28 -8.53
N GLN C 552 -21.12 -63.63 -7.28
CA GLN C 552 -21.77 -62.70 -6.34
C GLN C 552 -20.74 -61.95 -5.50
N PRO C 553 -21.07 -60.69 -5.14
CA PRO C 553 -20.19 -59.84 -4.33
C PRO C 553 -19.93 -60.41 -2.94
N VAL C 554 -19.01 -59.79 -2.22
CA VAL C 554 -18.65 -60.23 -0.88
C VAL C 554 -18.70 -59.04 0.08
N PRO C 555 -19.23 -59.27 1.30
CA PRO C 555 -19.36 -58.20 2.30
C PRO C 555 -18.09 -57.36 2.41
N GLY C 556 -18.16 -56.11 1.97
CA GLY C 556 -17.02 -55.20 2.04
C GLY C 556 -16.23 -55.19 0.74
N GLN C 557 -16.94 -55.15 -0.38
CA GLN C 557 -16.29 -55.16 -1.69
C GLN C 557 -16.79 -54.01 -2.55
N GLN C 558 -15.93 -53.56 -3.48
CA GLN C 558 -16.30 -52.51 -4.41
C GLN C 558 -17.02 -53.11 -5.61
N MET C 559 -18.15 -52.51 -5.98
CA MET C 559 -18.85 -52.92 -7.19
C MET C 559 -19.32 -51.70 -7.99
N THR C 560 -19.17 -51.79 -9.31
CA THR C 560 -19.57 -50.70 -10.19
C THR C 560 -21.09 -50.68 -10.36
N LEU C 561 -21.65 -49.49 -10.48
CA LEU C 561 -23.10 -49.34 -10.64
C LEU C 561 -23.40 -48.48 -11.86
N LYS C 562 -23.84 -49.14 -12.94
CA LYS C 562 -24.13 -48.44 -14.19
C LYS C 562 -25.51 -47.80 -14.16
N ILE C 563 -25.58 -46.53 -14.54
CA ILE C 563 -26.84 -45.79 -14.55
C ILE C 563 -27.11 -45.16 -15.91
N GLU C 564 -28.17 -45.62 -16.57
CA GLU C 564 -28.55 -45.11 -17.88
C GLU C 564 -29.81 -44.26 -17.79
N GLY C 565 -29.64 -42.94 -17.81
CA GLY C 565 -30.77 -42.04 -17.73
C GLY C 565 -30.70 -40.92 -18.75
N ASP C 566 -31.51 -39.88 -18.53
CA ASP C 566 -31.57 -38.75 -19.45
C ASP C 566 -30.46 -37.75 -19.16
N HIS C 567 -30.09 -36.97 -20.18
CA HIS C 567 -29.01 -35.99 -20.04
C HIS C 567 -29.41 -34.85 -19.11
N GLY C 568 -28.45 -34.37 -18.33
CA GLY C 568 -28.66 -33.25 -17.44
C GLY C 568 -29.64 -33.54 -16.32
N ALA C 569 -30.02 -34.81 -16.18
CA ALA C 569 -30.96 -35.20 -15.15
C ALA C 569 -30.26 -35.50 -13.83
N ARG C 570 -30.90 -35.16 -12.72
CA ARG C 570 -30.37 -35.44 -11.40
C ARG C 570 -30.91 -36.77 -10.88
N VAL C 571 -30.01 -37.63 -10.41
CA VAL C 571 -30.39 -38.97 -9.95
C VAL C 571 -30.15 -39.15 -8.46
N VAL C 572 -31.23 -39.18 -7.68
CA VAL C 572 -31.14 -39.44 -6.25
C VAL C 572 -31.28 -40.92 -5.96
N LEU C 573 -30.32 -41.47 -5.23
CA LEU C 573 -30.28 -42.92 -4.98
C LEU C 573 -30.66 -43.29 -3.55
N VAL C 574 -30.75 -44.59 -3.30
CA VAL C 574 -31.05 -45.12 -1.97
C VAL C 574 -31.05 -46.65 -2.00
N ALA C 575 -30.30 -47.25 -1.08
CA ALA C 575 -30.24 -48.70 -0.97
C ALA C 575 -30.95 -49.16 0.30
N VAL C 576 -31.76 -50.20 0.17
CA VAL C 576 -32.53 -50.70 1.30
C VAL C 576 -32.42 -52.22 1.43
N ASP C 577 -32.21 -52.69 2.66
CA ASP C 577 -32.15 -54.12 2.93
C ASP C 577 -33.53 -54.73 2.73
N LYS C 578 -33.61 -55.80 1.94
CA LYS C 578 -34.89 -56.44 1.66
C LYS C 578 -35.54 -57.01 2.92
N GLY C 579 -34.74 -57.19 3.97
CA GLY C 579 -35.25 -57.65 5.25
C GLY C 579 -36.21 -56.64 5.85
N VAL C 580 -36.14 -55.41 5.36
CA VAL C 580 -37.02 -54.34 5.83
C VAL C 580 -38.43 -54.51 5.29
N PHE C 581 -38.53 -54.82 4.00
CA PHE C 581 -39.82 -54.97 3.35
C PHE C 581 -40.57 -56.20 3.85
N VAL C 582 -39.85 -57.06 4.57
CA VAL C 582 -40.47 -58.24 5.16
C VAL C 582 -41.45 -57.84 6.26
N LEU C 583 -41.18 -56.70 6.90
CA LEU C 583 -42.03 -56.21 7.97
C LEU C 583 -43.03 -55.18 7.47
N ASN C 584 -42.68 -54.52 6.36
CA ASN C 584 -43.54 -53.50 5.78
C ASN C 584 -43.13 -53.18 4.34
N LYS C 585 -44.04 -53.47 3.40
CA LYS C 585 -43.79 -53.19 2.00
C LYS C 585 -44.81 -52.20 1.45
N LYS C 586 -45.29 -51.31 2.32
CA LYS C 586 -46.30 -50.33 1.95
C LYS C 586 -45.70 -48.94 1.77
N ASN C 587 -46.38 -48.12 0.98
CA ASN C 587 -45.98 -46.72 0.77
C ASN C 587 -44.71 -46.57 -0.07
N LYS C 588 -44.35 -47.62 -0.81
CA LYS C 588 -43.18 -47.57 -1.67
C LYS C 588 -43.45 -46.70 -2.90
N LEU C 589 -42.57 -45.75 -3.16
CA LEU C 589 -42.72 -44.85 -4.30
C LEU C 589 -42.49 -45.58 -5.61
N THR C 590 -43.51 -45.62 -6.46
CA THR C 590 -43.43 -46.30 -7.74
C THR C 590 -43.93 -45.41 -8.87
N GLN C 591 -43.36 -45.57 -10.05
CA GLN C 591 -43.77 -44.78 -11.22
C GLN C 591 -45.25 -44.98 -11.52
N SER C 592 -45.73 -46.20 -11.33
CA SER C 592 -47.14 -46.51 -11.53
C SER C 592 -48.01 -45.66 -10.61
N LYS C 593 -47.54 -45.44 -9.40
CA LYS C 593 -48.26 -44.64 -8.41
C LYS C 593 -48.26 -43.17 -8.79
N ILE C 594 -47.24 -42.74 -9.51
CA ILE C 594 -47.15 -41.36 -9.97
C ILE C 594 -48.22 -41.05 -11.00
N TRP C 595 -48.26 -41.85 -12.06
CA TRP C 595 -49.28 -41.69 -13.09
C TRP C 595 -50.67 -41.82 -12.48
N ASP C 596 -50.77 -42.64 -11.43
CA ASP C 596 -52.03 -42.86 -10.75
C ASP C 596 -52.60 -41.54 -10.23
N VAL C 597 -51.73 -40.73 -9.63
CA VAL C 597 -52.13 -39.43 -9.12
C VAL C 597 -52.49 -38.48 -10.25
N VAL C 598 -51.68 -38.52 -11.32
CA VAL C 598 -51.89 -37.65 -12.47
C VAL C 598 -53.23 -37.93 -13.14
N GLU C 599 -53.53 -39.20 -13.37
CA GLU C 599 -54.76 -39.59 -14.06
C GLU C 599 -55.98 -39.36 -13.17
N LYS C 600 -55.83 -39.63 -11.87
CA LYS C 600 -56.92 -39.40 -10.93
C LYS C 600 -57.02 -37.93 -10.53
N ALA C 601 -56.92 -37.06 -11.52
CA ALA C 601 -57.01 -35.62 -11.30
C ALA C 601 -57.47 -34.92 -12.57
N ASP C 602 -57.82 -35.71 -13.58
CA ASP C 602 -58.30 -35.16 -14.85
C ASP C 602 -59.58 -34.35 -14.66
N ILE C 603 -59.71 -33.29 -15.44
CA ILE C 603 -60.89 -32.44 -15.38
C ILE C 603 -62.06 -33.09 -16.11
N GLY C 604 -61.79 -34.22 -16.76
CA GLY C 604 -62.82 -34.96 -17.46
C GLY C 604 -63.33 -36.14 -16.66
N CYS C 605 -64.61 -36.46 -16.85
CA CYS C 605 -65.24 -37.54 -16.10
C CYS C 605 -65.74 -38.65 -17.01
N THR C 606 -66.69 -38.33 -17.89
CA THR C 606 -67.26 -39.30 -18.80
C THR C 606 -66.22 -39.88 -19.76
N PRO C 607 -66.20 -41.22 -19.89
CA PRO C 607 -65.28 -41.92 -20.80
C PRO C 607 -65.47 -41.51 -22.26
N GLY C 608 -66.49 -40.70 -22.55
CA GLY C 608 -66.71 -40.23 -23.90
C GLY C 608 -68.17 -39.87 -24.17
N SER C 609 -68.37 -38.91 -25.06
CA SER C 609 -69.71 -38.48 -25.45
C SER C 609 -70.48 -37.86 -24.29
N GLY C 610 -71.65 -37.30 -24.60
CA GLY C 610 -72.48 -36.68 -23.59
C GLY C 610 -73.95 -36.70 -23.99
N LYS C 611 -74.76 -35.90 -23.30
CA LYS C 611 -76.18 -35.83 -23.60
C LYS C 611 -76.48 -34.85 -24.74
N ASP C 612 -75.52 -33.99 -25.03
CA ASP C 612 -75.64 -33.03 -26.13
C ASP C 612 -74.28 -32.46 -26.52
N TYR C 613 -74.30 -31.42 -27.36
CA TYR C 613 -73.06 -30.84 -27.86
C TYR C 613 -72.29 -30.11 -26.76
N ALA C 614 -73.02 -29.37 -25.92
CA ALA C 614 -72.39 -28.63 -24.83
C ALA C 614 -72.03 -29.54 -23.67
N GLY C 615 -72.44 -30.80 -23.76
CA GLY C 615 -72.16 -31.78 -22.73
C GLY C 615 -70.87 -32.54 -23.01
N VAL C 616 -70.61 -32.83 -24.28
CA VAL C 616 -69.39 -33.52 -24.68
C VAL C 616 -68.16 -32.75 -24.23
N PHE C 617 -68.23 -31.43 -24.36
CA PHE C 617 -67.11 -30.57 -23.95
C PHE C 617 -66.89 -30.64 -22.44
N SER C 618 -67.91 -30.28 -21.67
CA SER C 618 -67.81 -30.26 -20.22
C SER C 618 -67.38 -31.61 -19.64
N ASP C 619 -67.89 -32.69 -20.24
CA ASP C 619 -67.56 -34.03 -19.78
C ASP C 619 -66.13 -34.42 -20.15
N ALA C 620 -65.61 -33.84 -21.22
CA ALA C 620 -64.25 -34.11 -21.66
C ALA C 620 -63.25 -33.22 -20.95
N GLY C 621 -63.67 -31.99 -20.64
CA GLY C 621 -62.82 -31.03 -19.95
C GLY C 621 -62.54 -29.79 -20.76
N LEU C 622 -63.56 -29.32 -21.49
CA LEU C 622 -63.43 -28.12 -22.32
C LEU C 622 -64.66 -27.23 -22.23
N THR C 623 -64.47 -25.94 -22.50
CA THR C 623 -65.57 -24.99 -22.49
C THR C 623 -65.71 -24.29 -23.84
N PHE C 624 -66.70 -24.70 -24.61
CA PHE C 624 -66.97 -24.10 -25.91
C PHE C 624 -67.90 -22.91 -25.77
N THR C 625 -67.50 -21.78 -26.34
CA THR C 625 -68.31 -20.56 -26.29
C THR C 625 -68.16 -19.78 -27.59
N SER C 626 -69.29 -19.35 -28.15
CA SER C 626 -69.29 -18.62 -29.41
C SER C 626 -70.09 -17.33 -29.34
N SER C 627 -70.18 -16.64 -30.48
CA SER C 627 -70.93 -15.39 -30.55
C SER C 627 -72.36 -15.63 -31.02
N SER C 628 -72.63 -16.86 -31.46
CA SER C 628 -73.96 -17.23 -31.94
C SER C 628 -74.90 -17.54 -30.79
N GLY C 629 -74.34 -17.82 -29.62
CA GLY C 629 -75.13 -18.08 -28.43
C GLY C 629 -74.85 -19.42 -27.77
N GLN C 630 -74.39 -20.38 -28.56
CA GLN C 630 -74.11 -21.72 -28.05
C GLN C 630 -72.90 -21.74 -27.12
N GLN C 631 -73.16 -21.89 -25.83
CA GLN C 631 -72.09 -21.99 -24.84
C GLN C 631 -72.23 -23.26 -24.01
N THR C 632 -71.14 -23.69 -23.40
CA THR C 632 -71.15 -24.91 -22.59
C THR C 632 -71.73 -24.64 -21.20
N ALA C 633 -72.03 -25.71 -20.48
CA ALA C 633 -72.61 -25.60 -19.14
C ALA C 633 -71.63 -24.96 -18.16
N GLN C 634 -72.18 -24.41 -17.08
CA GLN C 634 -71.39 -23.78 -16.04
C GLN C 634 -70.77 -24.83 -15.12
N ARG C 635 -69.50 -24.63 -14.76
CA ARG C 635 -68.84 -25.52 -13.83
C ARG C 635 -68.43 -24.80 -12.55
N ALA C 636 -68.94 -25.26 -11.42
CA ALA C 636 -68.64 -24.66 -10.13
C ALA C 636 -67.75 -25.57 -9.29
N GLU C 637 -68.12 -26.84 -9.20
CA GLU C 637 -67.37 -27.81 -8.42
C GLU C 637 -66.01 -28.10 -9.04
N LEU C 638 -65.00 -28.29 -8.18
CA LEU C 638 -63.65 -28.57 -8.64
C LEU C 638 -63.51 -30.01 -9.12
N GLN C 639 -63.89 -30.94 -8.25
CA GLN C 639 -63.83 -32.37 -8.60
C GLN C 639 -65.07 -32.80 -9.36
N CYS C 640 -64.96 -33.92 -10.07
CA CYS C 640 -66.08 -34.46 -10.84
C CYS C 640 -67.27 -34.79 -9.95
N PRO C 641 -68.47 -34.83 -10.53
CA PRO C 641 -69.71 -35.12 -9.81
C PRO C 641 -69.64 -36.42 -9.01
N GLN C 642 -70.68 -36.69 -8.22
CA GLN C 642 -70.71 -37.85 -7.35
C GLN C 642 -69.54 -37.87 -6.37
N ASP D 1 -4.10 -72.71 18.63
CA ASP D 1 -3.45 -73.81 17.94
C ASP D 1 -2.58 -73.30 16.79
N GLU D 2 -2.00 -74.24 16.05
CA GLU D 2 -1.17 -73.90 14.90
C GLU D 2 -2.00 -73.94 13.61
N ASP D 3 -1.45 -73.34 12.55
CA ASP D 3 -2.11 -73.32 11.26
C ASP D 3 -3.56 -72.84 11.37
N ILE D 4 -3.73 -71.58 11.74
CA ILE D 4 -5.07 -70.99 11.86
C ILE D 4 -4.97 -69.48 12.06
N ILE D 5 -5.87 -68.75 11.41
CA ILE D 5 -5.87 -67.29 11.50
C ILE D 5 -5.94 -66.82 12.95
N ALA D 6 -5.09 -65.89 13.31
CA ALA D 6 -5.02 -65.35 14.67
C ALA D 6 -6.36 -64.72 15.07
N GLU D 7 -6.79 -65.00 16.30
CA GLU D 7 -8.06 -64.48 16.81
C GLU D 7 -7.98 -62.98 17.06
N GLU D 8 -6.83 -62.39 16.73
CA GLU D 8 -6.64 -60.95 16.84
C GLU D 8 -6.56 -60.32 15.46
N ASN D 9 -6.01 -61.06 14.51
CA ASN D 9 -5.89 -60.60 13.14
C ASN D 9 -7.22 -60.64 12.41
N ILE D 10 -8.31 -60.68 13.17
CA ILE D 10 -9.65 -60.76 12.59
C ILE D 10 -10.39 -59.43 12.68
N VAL D 11 -10.54 -58.77 11.54
CA VAL D 11 -11.31 -57.54 11.47
C VAL D 11 -12.79 -57.84 11.27
N SER D 12 -13.56 -57.73 12.35
CA SER D 12 -14.97 -58.11 12.33
C SER D 12 -15.83 -57.10 11.57
N ARG D 13 -16.95 -57.56 11.05
CA ARG D 13 -17.92 -56.71 10.38
C ARG D 13 -18.71 -55.93 11.42
N SER D 14 -19.20 -54.76 11.04
CA SER D 14 -19.92 -53.90 11.98
C SER D 14 -21.01 -53.05 11.33
N GLU D 15 -20.80 -52.68 10.06
CA GLU D 15 -21.73 -51.81 9.36
C GLU D 15 -22.92 -52.58 8.79
N PHE D 16 -24.01 -52.63 9.54
CA PHE D 16 -25.21 -53.32 9.09
C PHE D 16 -26.41 -52.38 9.05
N PRO D 17 -26.40 -51.42 8.11
CA PRO D 17 -27.48 -50.44 7.96
C PRO D 17 -28.74 -51.08 7.40
N GLU D 18 -29.89 -50.45 7.63
CA GLU D 18 -31.12 -50.88 7.01
C GLU D 18 -31.36 -50.05 5.75
N SER D 19 -30.64 -48.94 5.65
CA SER D 19 -30.74 -48.06 4.49
C SER D 19 -29.47 -47.23 4.31
N TRP D 20 -28.97 -47.17 3.09
CA TRP D 20 -27.77 -46.39 2.79
C TRP D 20 -27.76 -45.90 1.34
N LEU D 21 -26.65 -45.29 0.93
CA LEU D 21 -26.52 -44.75 -0.42
C LEU D 21 -27.57 -43.68 -0.69
N TRP D 22 -27.80 -42.82 0.30
CA TRP D 22 -28.77 -41.75 0.18
C TRP D 22 -28.11 -40.51 -0.41
N ASN D 23 -27.51 -40.68 -1.58
CA ASN D 23 -26.77 -39.58 -2.22
C ASN D 23 -27.45 -39.03 -3.47
N VAL D 24 -26.76 -38.12 -4.14
CA VAL D 24 -27.28 -37.48 -5.35
C VAL D 24 -26.25 -37.54 -6.48
N GLU D 25 -26.74 -37.70 -7.70
CA GLU D 25 -25.87 -37.73 -8.87
C GLU D 25 -26.39 -36.84 -10.00
N ASP D 26 -25.49 -36.46 -10.91
CA ASP D 26 -25.87 -35.64 -12.05
C ASP D 26 -25.32 -36.25 -13.34
N LEU D 27 -26.22 -36.54 -14.27
CA LEU D 27 -25.83 -37.12 -15.55
C LEU D 27 -25.47 -36.02 -16.56
N LYS D 28 -24.23 -35.55 -16.48
CA LYS D 28 -23.76 -34.49 -17.37
C LYS D 28 -22.73 -35.03 -18.37
N GLU D 29 -22.84 -36.32 -18.69
CA GLU D 29 -21.94 -36.95 -19.64
C GLU D 29 -22.48 -36.83 -21.06
N PRO D 30 -21.59 -36.87 -22.05
CA PRO D 30 -21.98 -36.80 -23.46
C PRO D 30 -23.00 -37.88 -23.81
N PRO D 31 -24.26 -37.48 -24.07
CA PRO D 31 -25.34 -38.41 -24.37
C PRO D 31 -25.14 -39.15 -25.68
N LYS D 32 -25.73 -40.34 -25.80
CA LYS D 32 -25.71 -41.09 -27.03
C LYS D 32 -27.12 -41.61 -27.33
N ASN D 33 -27.75 -41.03 -28.33
CA ASN D 33 -29.14 -41.33 -28.65
C ASN D 33 -30.07 -40.82 -27.55
N GLY D 34 -29.66 -39.73 -26.90
CA GLY D 34 -30.44 -39.13 -25.84
C GLY D 34 -30.31 -39.86 -24.52
N ILE D 35 -29.32 -40.74 -24.42
CA ILE D 35 -29.12 -41.53 -23.21
C ILE D 35 -27.71 -41.35 -22.64
N SER D 36 -27.63 -40.77 -21.44
CA SER D 36 -26.36 -40.60 -20.77
C SER D 36 -26.06 -41.78 -19.85
N THR D 37 -24.78 -42.08 -19.66
CA THR D 37 -24.38 -43.21 -18.84
C THR D 37 -23.29 -42.85 -17.83
N LYS D 38 -23.57 -43.10 -16.56
CA LYS D 38 -22.60 -42.87 -15.49
C LYS D 38 -22.16 -44.18 -14.86
N LEU D 39 -20.86 -44.29 -14.56
CA LEU D 39 -20.31 -45.49 -13.94
C LEU D 39 -19.87 -45.23 -12.51
N MET D 40 -20.81 -45.35 -11.58
CA MET D 40 -20.51 -45.16 -10.16
C MET D 40 -19.70 -46.32 -9.60
N ASN D 41 -19.17 -46.14 -8.40
CA ASN D 41 -18.39 -47.17 -7.73
C ASN D 41 -18.74 -47.25 -6.25
N ILE D 42 -19.84 -47.92 -5.94
CA ILE D 42 -20.32 -48.00 -4.55
C ILE D 42 -19.57 -49.04 -3.74
N PHE D 43 -19.52 -48.82 -2.43
CA PHE D 43 -18.90 -49.77 -1.51
C PHE D 43 -19.95 -50.51 -0.69
N LEU D 44 -20.06 -51.81 -0.92
CA LEU D 44 -21.07 -52.62 -0.23
C LEU D 44 -20.82 -52.69 1.27
N LYS D 45 -21.91 -52.69 2.03
CA LYS D 45 -21.83 -52.75 3.48
C LYS D 45 -21.34 -54.12 3.95
N ASP D 46 -21.75 -54.51 5.16
CA ASP D 46 -21.31 -55.77 5.74
C ASP D 46 -22.46 -56.76 5.86
N SER D 47 -23.69 -56.26 5.75
CA SER D 47 -24.88 -57.11 5.85
C SER D 47 -24.92 -58.14 4.73
N ILE D 48 -25.14 -59.40 5.09
CA ILE D 48 -25.31 -60.45 4.11
C ILE D 48 -26.78 -60.58 3.75
N THR D 49 -27.16 -59.98 2.63
CA THR D 49 -28.54 -59.94 2.19
C THR D 49 -28.58 -59.36 0.77
N THR D 50 -29.79 -59.05 0.30
CA THR D 50 -29.94 -58.46 -1.03
C THR D 50 -30.39 -57.02 -0.92
N TRP D 51 -29.61 -56.11 -1.51
CA TRP D 51 -29.92 -54.69 -1.46
C TRP D 51 -30.81 -54.26 -2.62
N GLU D 52 -31.92 -53.62 -2.31
CA GLU D 52 -32.82 -53.11 -3.34
C GLU D 52 -32.57 -51.62 -3.56
N ILE D 53 -31.83 -51.30 -4.62
CA ILE D 53 -31.48 -49.92 -4.93
C ILE D 53 -32.54 -49.24 -5.79
N LEU D 54 -33.08 -48.14 -5.30
CA LEU D 54 -34.08 -47.37 -6.04
C LEU D 54 -33.45 -46.12 -6.66
N ALA D 55 -33.84 -45.83 -7.90
CA ALA D 55 -33.30 -44.67 -8.60
C ALA D 55 -34.42 -43.77 -9.10
N VAL D 56 -34.34 -42.49 -8.74
CA VAL D 56 -35.35 -41.51 -9.17
C VAL D 56 -34.71 -40.39 -9.96
N SER D 57 -34.99 -40.35 -11.25
CA SER D 57 -34.43 -39.33 -12.13
C SER D 57 -35.30 -38.08 -12.17
N MET D 58 -34.65 -36.92 -12.10
CA MET D 58 -35.36 -35.65 -12.14
C MET D 58 -34.83 -34.77 -13.27
N SER D 59 -35.50 -34.82 -14.42
CA SER D 59 -35.09 -34.03 -15.57
C SER D 59 -36.06 -32.88 -15.82
N ASP D 60 -35.53 -31.76 -16.29
CA ASP D 60 -36.34 -30.57 -16.54
C ASP D 60 -37.09 -30.67 -17.88
N LYS D 61 -36.84 -31.74 -18.62
CA LYS D 61 -37.48 -31.96 -19.90
C LYS D 61 -38.45 -33.13 -19.85
N LYS D 62 -37.91 -34.32 -19.56
CA LYS D 62 -38.73 -35.52 -19.48
C LYS D 62 -39.61 -35.51 -18.23
N GLY D 63 -39.00 -35.17 -17.09
CA GLY D 63 -39.73 -35.09 -15.83
C GLY D 63 -39.32 -36.15 -14.84
N ILE D 64 -40.04 -36.20 -13.72
CA ILE D 64 -39.77 -37.17 -12.68
C ILE D 64 -40.06 -38.60 -13.17
N CYS D 65 -39.17 -39.53 -12.87
CA CYS D 65 -39.32 -40.90 -13.29
C CYS D 65 -38.76 -41.89 -12.27
N VAL D 66 -39.64 -42.68 -11.66
CA VAL D 66 -39.22 -43.70 -10.71
C VAL D 66 -38.86 -45.00 -11.42
N ALA D 67 -37.55 -45.25 -11.50
CA ALA D 67 -37.05 -46.42 -12.21
C ALA D 67 -37.43 -47.73 -11.51
N ASP D 68 -37.00 -48.84 -12.08
CA ASP D 68 -37.27 -50.16 -11.52
C ASP D 68 -36.21 -50.54 -10.49
N PRO D 69 -36.65 -51.07 -9.35
CA PRO D 69 -35.75 -51.50 -8.27
C PRO D 69 -34.76 -52.56 -8.76
N PHE D 70 -33.47 -52.30 -8.58
CA PHE D 70 -32.43 -53.23 -8.97
C PHE D 70 -31.84 -53.93 -7.76
N GLU D 71 -32.00 -55.25 -7.70
CA GLU D 71 -31.53 -56.03 -6.55
C GLU D 71 -30.06 -56.39 -6.66
N VAL D 72 -29.42 -56.53 -5.50
CA VAL D 72 -28.01 -56.92 -5.45
C VAL D 72 -27.78 -57.89 -4.29
N THR D 73 -27.62 -59.17 -4.60
CA THR D 73 -27.39 -60.19 -3.58
C THR D 73 -25.92 -60.28 -3.23
N VAL D 74 -25.62 -60.32 -1.94
CA VAL D 74 -24.24 -60.41 -1.46
C VAL D 74 -24.10 -61.51 -0.41
N MET D 75 -23.52 -62.63 -0.81
CA MET D 75 -23.35 -63.77 0.09
C MET D 75 -21.88 -64.11 0.29
N GLN D 76 -21.61 -65.04 1.19
CA GLN D 76 -20.26 -65.50 1.45
C GLN D 76 -20.29 -66.99 1.79
N ASP D 77 -19.27 -67.72 1.36
CA ASP D 77 -19.19 -69.16 1.58
C ASP D 77 -19.33 -69.53 3.05
N PHE D 78 -18.65 -68.77 3.92
CA PHE D 78 -18.70 -69.01 5.35
C PHE D 78 -18.89 -67.71 6.11
N PHE D 79 -19.91 -67.66 6.96
CA PHE D 79 -20.19 -66.45 7.72
C PHE D 79 -20.92 -66.74 9.03
N ILE D 80 -21.05 -65.72 9.87
CA ILE D 80 -21.71 -65.86 11.17
C ILE D 80 -23.01 -65.05 11.20
N ASP D 81 -24.05 -65.65 11.77
CA ASP D 81 -25.34 -64.98 11.90
C ASP D 81 -25.66 -64.76 13.38
N LEU D 82 -25.25 -63.60 13.91
CA LEU D 82 -25.47 -63.29 15.32
C LEU D 82 -26.78 -62.53 15.50
N ARG D 83 -27.85 -63.25 15.84
CA ARG D 83 -29.15 -62.63 16.02
C ARG D 83 -29.43 -62.28 17.47
N LEU D 84 -29.55 -60.98 17.74
CA LEU D 84 -29.82 -60.49 19.09
C LEU D 84 -31.20 -59.86 19.18
N PRO D 85 -31.78 -59.87 20.40
CA PRO D 85 -33.10 -59.27 20.65
C PRO D 85 -33.05 -57.76 20.50
N TYR D 86 -34.22 -57.12 20.44
CA TYR D 86 -34.28 -55.67 20.37
C TYR D 86 -33.68 -55.08 21.63
N SER D 87 -34.07 -55.62 22.78
CA SER D 87 -33.55 -55.17 24.07
C SER D 87 -33.60 -56.29 25.10
N VAL D 88 -32.72 -56.22 26.09
CA VAL D 88 -32.67 -57.21 27.16
C VAL D 88 -32.59 -56.53 28.53
N VAL D 89 -33.22 -57.15 29.52
CA VAL D 89 -33.27 -56.57 30.86
C VAL D 89 -31.97 -56.79 31.62
N ARG D 90 -31.56 -55.79 32.38
CA ARG D 90 -30.33 -55.86 33.15
C ARG D 90 -30.43 -56.87 34.29
N ASN D 91 -29.33 -57.58 34.53
CA ASN D 91 -29.23 -58.54 35.63
C ASN D 91 -29.97 -59.85 35.38
N GLU D 92 -30.71 -59.92 34.26
CA GLU D 92 -31.42 -61.14 33.90
C GLU D 92 -30.62 -61.98 32.91
N GLN D 93 -30.32 -63.22 33.31
CA GLN D 93 -29.51 -64.10 32.48
C GLN D 93 -30.26 -64.55 31.24
N VAL D 94 -29.70 -64.25 30.07
CA VAL D 94 -30.32 -64.58 28.80
C VAL D 94 -29.39 -65.41 27.93
N GLU D 95 -29.90 -65.91 26.81
CA GLU D 95 -29.08 -66.71 25.90
C GLU D 95 -29.18 -66.20 24.46
N ILE D 96 -28.03 -65.90 23.87
CA ILE D 96 -27.97 -65.49 22.47
C ILE D 96 -27.43 -66.65 21.62
N ARG D 97 -27.88 -66.71 20.38
CA ARG D 97 -27.51 -67.81 19.50
C ARG D 97 -26.68 -67.33 18.31
N ALA D 98 -25.54 -67.99 18.09
CA ALA D 98 -24.68 -67.67 16.96
C ALA D 98 -24.72 -68.79 15.93
N VAL D 99 -25.39 -68.53 14.81
CA VAL D 99 -25.54 -69.53 13.75
C VAL D 99 -24.44 -69.42 12.71
N LEU D 100 -23.56 -70.41 12.68
CA LEU D 100 -22.47 -70.46 11.70
C LEU D 100 -22.90 -71.23 10.45
N TYR D 101 -23.07 -70.51 9.35
CA TYR D 101 -23.47 -71.12 8.09
C TYR D 101 -22.27 -71.63 7.30
N ASN D 102 -22.50 -72.69 6.51
CA ASN D 102 -21.46 -73.25 5.66
C ASN D 102 -22.02 -73.67 4.31
N TYR D 103 -21.97 -72.76 3.35
CA TYR D 103 -22.55 -73.00 2.03
C TYR D 103 -21.55 -73.56 1.02
N ARG D 104 -20.44 -74.11 1.51
CA ARG D 104 -19.49 -74.80 0.65
C ARG D 104 -20.12 -76.11 0.17
N GLN D 105 -20.30 -76.20 -1.15
CA GLN D 105 -21.06 -77.29 -1.74
C GLN D 105 -20.64 -78.67 -1.22
N ASN D 106 -19.34 -78.97 -1.30
CA ASN D 106 -18.85 -80.27 -0.85
C ASN D 106 -17.54 -80.20 -0.07
N GLN D 107 -17.63 -79.75 1.18
CA GLN D 107 -16.47 -79.69 2.06
C GLN D 107 -16.86 -79.28 3.47
N GLU D 108 -16.57 -80.14 4.45
CA GLU D 108 -16.82 -79.82 5.85
C GLU D 108 -15.77 -78.84 6.34
N LEU D 109 -16.11 -78.10 7.39
CA LEU D 109 -15.21 -77.09 7.92
C LEU D 109 -14.95 -77.27 9.41
N LYS D 110 -13.69 -77.27 9.79
CA LYS D 110 -13.30 -77.37 11.19
C LYS D 110 -13.10 -75.96 11.76
N VAL D 111 -14.18 -75.38 12.27
CA VAL D 111 -14.17 -73.99 12.72
C VAL D 111 -13.90 -73.88 14.22
N ARG D 112 -13.45 -72.70 14.65
CA ARG D 112 -13.26 -72.41 16.06
C ARG D 112 -13.84 -71.04 16.40
N VAL D 113 -15.06 -71.03 16.93
CA VAL D 113 -15.77 -69.80 17.24
C VAL D 113 -15.49 -69.33 18.67
N GLU D 114 -15.36 -68.03 18.86
CA GLU D 114 -15.09 -67.46 20.17
C GLU D 114 -15.95 -66.24 20.47
N LEU D 115 -16.33 -66.07 21.73
CA LEU D 115 -17.04 -64.89 22.18
C LEU D 115 -16.08 -63.97 22.92
N LEU D 116 -15.98 -62.72 22.47
CA LEU D 116 -15.07 -61.76 23.06
C LEU D 116 -15.55 -61.28 24.43
N HIS D 117 -14.60 -60.92 25.29
CA HIS D 117 -14.91 -60.45 26.63
C HIS D 117 -15.49 -59.03 26.61
N ASN D 118 -16.38 -58.77 27.56
CA ASN D 118 -16.97 -57.43 27.72
C ASN D 118 -17.41 -57.20 29.16
N PRO D 119 -16.81 -56.20 29.82
CA PRO D 119 -17.08 -55.85 31.22
C PRO D 119 -18.57 -55.60 31.47
N ALA D 120 -19.30 -55.21 30.43
CA ALA D 120 -20.72 -54.93 30.57
C ALA D 120 -21.56 -56.20 30.53
N PHE D 121 -20.90 -57.34 30.35
CA PHE D 121 -21.57 -58.62 30.34
C PHE D 121 -20.91 -59.60 31.30
N CYS D 122 -21.60 -60.71 31.57
CA CYS D 122 -21.05 -61.76 32.41
C CYS D 122 -21.14 -63.12 31.73
N SER D 123 -20.05 -63.52 31.09
CA SER D 123 -19.99 -64.83 30.43
C SER D 123 -18.83 -65.63 31.00
N LEU D 124 -18.67 -66.85 30.51
CA LEU D 124 -17.56 -67.70 30.93
C LEU D 124 -16.25 -67.19 30.34
N ALA D 125 -16.34 -66.08 29.60
CA ALA D 125 -15.17 -65.46 29.01
C ALA D 125 -14.67 -64.31 29.88
N THR D 126 -13.44 -64.42 30.36
CA THR D 126 -12.85 -63.38 31.18
C THR D 126 -11.73 -62.66 30.42
N THR D 127 -11.07 -61.73 31.09
CA THR D 127 -9.98 -60.97 30.48
C THR D 127 -8.75 -61.84 30.27
N LYS D 128 -8.68 -62.96 30.98
CA LYS D 128 -7.53 -63.85 30.88
C LYS D 128 -7.91 -65.26 30.42
N ARG D 129 -9.19 -65.48 30.18
CA ARG D 129 -9.66 -66.75 29.62
C ARG D 129 -10.48 -66.52 28.36
N ARG D 130 -10.33 -67.41 27.39
CA ARG D 130 -11.08 -67.30 26.14
C ARG D 130 -12.18 -68.36 26.06
N HIS D 131 -13.43 -67.92 26.11
CA HIS D 131 -14.55 -68.82 25.96
C HIS D 131 -14.75 -69.16 24.49
N GLN D 132 -14.16 -70.27 24.05
CA GLN D 132 -14.18 -70.64 22.65
C GLN D 132 -14.38 -72.13 22.45
N GLN D 133 -15.35 -72.49 21.61
CA GLN D 133 -15.58 -73.88 21.26
C GLN D 133 -14.96 -74.22 19.91
N THR D 134 -14.86 -75.50 19.61
CA THR D 134 -14.37 -75.95 18.31
C THR D 134 -15.34 -76.98 17.74
N VAL D 135 -15.96 -76.64 16.63
CA VAL D 135 -16.98 -77.50 16.04
C VAL D 135 -16.71 -77.78 14.55
N THR D 136 -17.38 -78.80 14.04
CA THR D 136 -17.25 -79.18 12.63
C THR D 136 -18.57 -79.00 11.90
N ILE D 137 -18.59 -78.10 10.92
CA ILE D 137 -19.81 -77.81 10.18
C ILE D 137 -19.84 -78.58 8.86
N PRO D 138 -20.77 -79.53 8.75
CA PRO D 138 -20.96 -80.33 7.54
C PRO D 138 -21.24 -79.45 6.32
N PRO D 139 -21.03 -79.99 5.11
CA PRO D 139 -21.25 -79.25 3.86
C PRO D 139 -22.72 -78.83 3.69
N LYS D 140 -22.93 -77.69 3.05
CA LYS D 140 -24.28 -77.19 2.76
C LYS D 140 -25.21 -77.26 3.98
N SER D 141 -24.67 -76.94 5.16
CA SER D 141 -25.48 -76.95 6.37
C SER D 141 -25.00 -75.86 7.34
N SER D 142 -25.72 -75.72 8.45
CA SER D 142 -25.39 -74.71 9.44
C SER D 142 -25.37 -75.29 10.85
N LEU D 143 -24.83 -74.53 11.79
CA LEU D 143 -24.75 -74.95 13.18
C LEU D 143 -24.98 -73.78 14.12
N SER D 144 -25.75 -74.00 15.18
CA SER D 144 -26.04 -72.95 16.14
C SER D 144 -25.17 -73.10 17.39
N VAL D 145 -24.54 -72.00 17.80
CA VAL D 145 -23.67 -72.00 18.98
C VAL D 145 -24.26 -71.15 20.09
N PRO D 146 -24.68 -71.79 21.20
CA PRO D 146 -25.31 -71.13 22.34
C PRO D 146 -24.32 -70.28 23.15
N TYR D 147 -24.78 -69.11 23.58
CA TYR D 147 -23.99 -68.25 24.46
C TYR D 147 -24.86 -67.65 25.56
N VAL D 148 -24.50 -67.91 26.81
CA VAL D 148 -25.24 -67.35 27.94
C VAL D 148 -24.49 -66.15 28.53
N ILE D 149 -25.19 -65.04 28.68
CA ILE D 149 -24.60 -63.83 29.22
C ILE D 149 -25.58 -63.10 30.13
N VAL D 150 -25.06 -62.16 30.91
CA VAL D 150 -25.90 -61.37 31.81
C VAL D 150 -25.51 -59.90 31.75
N PRO D 151 -26.39 -59.06 31.19
CA PRO D 151 -26.16 -57.62 31.13
C PRO D 151 -25.89 -57.05 32.53
N LEU D 152 -24.71 -56.46 32.72
CA LEU D 152 -24.33 -55.94 34.03
C LEU D 152 -24.69 -54.47 34.17
N LYS D 153 -24.71 -53.75 33.05
CA LYS D 153 -25.06 -52.33 33.06
C LYS D 153 -26.01 -51.99 31.92
N THR D 154 -26.78 -50.92 32.10
CA THR D 154 -27.76 -50.49 31.12
C THR D 154 -27.12 -49.84 29.90
N GLY D 155 -27.96 -49.29 29.03
CA GLY D 155 -27.48 -48.61 27.83
C GLY D 155 -27.18 -49.55 26.69
N LEU D 156 -26.85 -48.97 25.54
CA LEU D 156 -26.53 -49.76 24.35
C LEU D 156 -25.15 -50.40 24.48
N GLN D 157 -25.10 -51.72 24.55
CA GLN D 157 -23.84 -52.43 24.70
C GLN D 157 -23.43 -53.20 23.44
N GLU D 158 -22.19 -53.65 23.42
CA GLU D 158 -21.61 -54.27 22.23
C GLU D 158 -21.33 -55.76 22.42
N VAL D 159 -21.74 -56.56 21.44
CA VAL D 159 -21.45 -57.99 21.43
C VAL D 159 -20.68 -58.35 20.16
N GLU D 160 -19.64 -59.16 20.31
CA GLU D 160 -18.80 -59.51 19.17
C GLU D 160 -18.35 -60.96 19.24
N VAL D 161 -18.60 -61.70 18.17
CA VAL D 161 -18.17 -63.10 18.08
C VAL D 161 -17.33 -63.34 16.83
N LYS D 162 -16.17 -63.96 17.01
CA LYS D 162 -15.27 -64.24 15.91
C LYS D 162 -15.13 -65.75 15.70
N ALA D 163 -14.73 -66.15 14.49
CA ALA D 163 -14.52 -67.55 14.19
C ALA D 163 -13.57 -67.72 13.01
N ALA D 164 -12.77 -68.78 13.05
CA ALA D 164 -11.82 -69.06 11.97
C ALA D 164 -11.74 -70.56 11.74
N VAL D 165 -11.59 -70.94 10.47
CA VAL D 165 -11.52 -72.35 10.11
C VAL D 165 -10.08 -72.85 10.08
N TYR D 166 -9.89 -74.12 10.42
CA TYR D 166 -8.57 -74.73 10.42
C TYR D 166 -8.11 -75.06 9.00
N HIS D 167 -6.80 -74.98 8.78
CA HIS D 167 -6.19 -75.38 7.51
C HIS D 167 -6.69 -74.60 6.30
N HIS D 168 -7.28 -73.43 6.55
CA HIS D 168 -7.78 -72.58 5.46
C HIS D 168 -7.61 -71.09 5.77
N PHE D 169 -7.62 -70.28 4.71
CA PHE D 169 -7.55 -68.83 4.85
C PHE D 169 -8.93 -68.23 4.96
N ILE D 170 -9.75 -68.80 5.84
CA ILE D 170 -11.13 -68.35 6.01
C ILE D 170 -11.42 -67.95 7.45
N SER D 171 -12.15 -66.87 7.63
CA SER D 171 -12.56 -66.40 8.95
C SER D 171 -13.65 -65.34 8.81
N ASP D 172 -14.28 -65.00 9.93
CA ASP D 172 -15.33 -63.98 9.94
C ASP D 172 -15.63 -63.52 11.36
N GLY D 173 -16.18 -62.31 11.48
CA GLY D 173 -16.55 -61.76 12.77
C GLY D 173 -17.73 -60.81 12.66
N VAL D 174 -18.61 -60.88 13.64
CA VAL D 174 -19.78 -60.01 13.67
C VAL D 174 -19.80 -59.18 14.94
N ARG D 175 -20.12 -57.89 14.80
CA ARG D 175 -20.18 -57.00 15.95
C ARG D 175 -21.47 -56.17 15.92
N LYS D 176 -22.46 -56.61 16.69
CA LYS D 176 -23.74 -55.91 16.77
C LYS D 176 -23.99 -55.38 18.16
N SER D 177 -24.90 -54.40 18.26
CA SER D 177 -25.21 -53.78 19.55
C SER D 177 -26.68 -53.96 19.93
N LEU D 178 -26.91 -54.41 21.16
CA LEU D 178 -28.26 -54.57 21.67
C LEU D 178 -28.51 -53.61 22.82
N LYS D 179 -29.73 -53.11 22.92
CA LYS D 179 -30.09 -52.18 23.98
C LYS D 179 -30.31 -52.93 25.29
N VAL D 180 -29.87 -52.35 26.40
CA VAL D 180 -30.07 -52.93 27.71
C VAL D 180 -30.98 -52.05 28.56
N VAL D 181 -32.26 -52.42 28.61
CA VAL D 181 -33.25 -51.65 29.37
C VAL D 181 -33.22 -52.06 30.84
N PRO D 182 -33.25 -51.06 31.74
CA PRO D 182 -33.26 -51.28 33.19
C PRO D 182 -34.40 -52.20 33.61
N GLU D 183 -34.23 -52.87 34.75
CA GLU D 183 -35.25 -53.78 35.27
C GLU D 183 -36.39 -52.98 35.89
N GLY D 184 -37.62 -53.40 35.62
CA GLY D 184 -38.80 -52.72 36.12
C GLY D 184 -39.92 -52.65 35.12
N ILE D 185 -40.52 -51.47 34.96
CA ILE D 185 -41.62 -51.28 34.03
C ILE D 185 -41.76 -49.82 33.60
N ARG D 186 -42.03 -49.61 32.32
CA ARG D 186 -42.22 -48.26 31.79
C ARG D 186 -43.52 -47.66 32.29
N MET D 187 -43.41 -46.63 33.14
CA MET D 187 -44.58 -45.94 33.65
C MET D 187 -44.56 -44.46 33.24
N ASN D 188 -45.66 -43.77 33.52
CA ASN D 188 -45.80 -42.37 33.16
C ASN D 188 -46.91 -41.67 33.95
N LYS D 189 -46.51 -40.87 34.93
CA LYS D 189 -47.47 -40.14 35.76
C LYS D 189 -47.79 -38.78 35.16
N THR D 190 -49.08 -38.48 35.02
CA THR D 190 -49.50 -37.16 34.57
C THR D 190 -49.49 -36.19 35.74
N VAL D 191 -48.45 -35.38 35.82
CA VAL D 191 -48.28 -34.44 36.93
C VAL D 191 -49.46 -33.48 37.03
N ALA D 192 -49.77 -32.78 35.95
CA ALA D 192 -50.87 -31.84 35.94
C ALA D 192 -51.27 -31.44 34.52
N VAL D 193 -52.47 -30.88 34.40
CA VAL D 193 -52.97 -30.43 33.10
C VAL D 193 -53.73 -29.11 33.25
N ARG D 194 -52.99 -28.00 33.22
CA ARG D 194 -53.58 -26.69 33.41
C ARG D 194 -54.13 -26.12 32.11
N THR D 195 -54.97 -25.09 32.24
CA THR D 195 -55.54 -24.40 31.09
C THR D 195 -55.02 -22.98 31.00
N LEU D 196 -54.36 -22.66 29.89
CA LEU D 196 -53.81 -21.32 29.69
C LEU D 196 -54.82 -20.39 29.05
N ASP D 197 -55.08 -19.26 29.70
CA ASP D 197 -56.02 -18.27 29.17
C ASP D 197 -56.08 -17.01 30.04
N PRO D 198 -55.05 -16.17 29.94
CA PRO D 198 -55.05 -14.89 30.66
C PRO D 198 -56.34 -14.12 30.37
N GLU D 199 -56.73 -13.24 31.30
CA GLU D 199 -58.00 -12.51 31.22
C GLU D 199 -59.12 -13.27 31.94
N ARG D 200 -59.42 -14.47 31.46
CA ARG D 200 -60.45 -15.30 32.10
C ARG D 200 -59.98 -15.77 33.47
N LEU D 201 -58.76 -16.29 33.53
CA LEU D 201 -58.18 -16.76 34.78
C LEU D 201 -56.87 -16.04 35.07
N GLY D 202 -56.64 -14.94 34.37
CA GLY D 202 -55.41 -14.18 34.52
C GLY D 202 -55.55 -13.02 35.49
N ARG D 203 -54.70 -12.01 35.32
CA ARG D 203 -54.68 -10.83 36.16
C ARG D 203 -53.69 -9.81 35.61
N GLU D 204 -54.20 -8.64 35.25
CA GLU D 204 -53.38 -7.62 34.60
C GLU D 204 -52.84 -8.12 33.26
N GLY D 205 -53.39 -9.23 32.77
CA GLY D 205 -52.98 -9.80 31.50
C GLY D 205 -52.01 -10.96 31.63
N VAL D 206 -51.52 -11.20 32.85
CA VAL D 206 -50.57 -12.28 33.09
C VAL D 206 -51.21 -13.41 33.90
N GLN D 207 -50.63 -14.60 33.80
CA GLN D 207 -51.13 -15.77 34.51
C GLN D 207 -49.98 -16.65 35.00
N LYS D 208 -49.85 -16.74 36.32
CA LYS D 208 -48.82 -17.58 36.92
C LYS D 208 -49.40 -18.97 37.19
N GLU D 209 -48.55 -19.99 37.10
CA GLU D 209 -49.01 -21.36 37.29
C GLU D 209 -47.89 -22.27 37.80
N ASP D 210 -47.96 -22.66 39.07
CA ASP D 210 -46.97 -23.54 39.66
C ASP D 210 -47.27 -25.00 39.33
N ILE D 211 -46.22 -25.80 39.21
CA ILE D 211 -46.38 -27.22 38.89
C ILE D 211 -45.55 -28.09 39.83
N PRO D 212 -46.23 -28.78 40.76
CA PRO D 212 -45.61 -29.64 41.77
C PRO D 212 -44.74 -30.72 41.13
N PRO D 213 -43.59 -31.02 41.74
CA PRO D 213 -42.66 -32.05 41.25
C PRO D 213 -43.32 -33.43 41.20
N ALA D 214 -42.85 -34.27 40.29
CA ALA D 214 -43.41 -35.61 40.13
C ALA D 214 -43.21 -36.45 41.39
N ASP D 215 -44.07 -37.46 41.57
CA ASP D 215 -43.99 -38.34 42.72
C ASP D 215 -42.72 -39.18 42.65
N LEU D 216 -42.72 -40.17 41.77
CA LEU D 216 -41.54 -41.00 41.53
C LEU D 216 -40.99 -41.64 42.80
N SER D 217 -41.86 -41.82 43.80
CA SER D 217 -41.44 -42.40 45.06
C SER D 217 -41.12 -43.88 44.91
N ASP D 218 -41.82 -44.55 44.00
CA ASP D 218 -41.63 -45.98 43.77
C ASP D 218 -40.71 -46.24 42.58
N GLN D 219 -39.84 -45.27 42.29
CA GLN D 219 -38.93 -45.39 41.15
C GLN D 219 -37.90 -46.49 41.37
N VAL D 220 -37.47 -47.11 40.28
CA VAL D 220 -36.43 -48.14 40.33
C VAL D 220 -35.08 -47.50 40.60
N PRO D 221 -34.34 -48.04 41.57
CA PRO D 221 -33.02 -47.51 41.95
C PRO D 221 -32.08 -47.41 40.75
N ASP D 222 -31.30 -46.32 40.71
CA ASP D 222 -30.31 -46.12 39.66
C ASP D 222 -30.92 -46.15 38.26
N THR D 223 -31.92 -45.30 38.03
CA THR D 223 -32.53 -45.18 36.71
C THR D 223 -32.87 -43.72 36.41
N GLU D 224 -32.71 -43.32 35.15
CA GLU D 224 -33.02 -41.96 34.74
C GLU D 224 -34.52 -41.76 34.57
N SER D 225 -34.90 -40.52 34.27
CA SER D 225 -36.31 -40.17 34.08
C SER D 225 -36.43 -38.76 33.53
N GLU D 226 -37.28 -38.58 32.52
CA GLU D 226 -37.46 -37.26 31.93
C GLU D 226 -38.90 -36.76 32.07
N THR D 227 -39.02 -35.48 32.40
CA THR D 227 -40.34 -34.84 32.47
C THR D 227 -40.63 -34.14 31.16
N ARG D 228 -41.77 -34.47 30.56
CA ARG D 228 -42.13 -33.92 29.26
C ARG D 228 -43.14 -32.78 29.38
N ILE D 229 -42.64 -31.55 29.44
CA ILE D 229 -43.49 -30.37 29.42
C ILE D 229 -44.04 -30.17 28.01
N LEU D 230 -45.31 -29.78 27.91
CA LEU D 230 -45.96 -29.73 26.61
C LEU D 230 -47.00 -28.62 26.48
N LEU D 231 -46.89 -27.85 25.40
CA LEU D 231 -47.83 -26.76 25.12
C LEU D 231 -48.55 -26.98 23.79
N GLN D 232 -49.70 -26.34 23.64
CA GLN D 232 -50.48 -26.45 22.41
C GLN D 232 -51.61 -25.40 22.38
N GLY D 233 -51.75 -24.74 21.25
CA GLY D 233 -52.81 -23.75 21.07
C GLY D 233 -54.13 -24.42 20.77
N THR D 234 -55.20 -23.92 21.38
CA THR D 234 -56.52 -24.50 21.17
C THR D 234 -57.46 -23.55 20.43
N PRO D 235 -57.49 -23.68 19.09
CA PRO D 235 -58.35 -22.86 18.24
C PRO D 235 -59.79 -22.98 18.64
N VAL D 236 -60.53 -21.95 18.27
CA VAL D 236 -61.65 -21.46 19.01
C VAL D 236 -62.45 -20.59 18.07
N ALA D 237 -62.83 -21.18 16.94
CA ALA D 237 -63.62 -20.49 15.92
C ALA D 237 -65.10 -20.59 16.26
N GLN D 238 -65.75 -19.44 16.37
CA GLN D 238 -67.15 -19.41 16.77
C GLN D 238 -67.90 -18.32 16.01
N MET D 239 -69.18 -18.16 16.31
CA MET D 239 -70.01 -17.12 15.72
C MET D 239 -70.31 -17.39 14.25
N THR D 240 -70.91 -16.39 13.60
CA THR D 240 -71.27 -16.43 12.18
C THR D 240 -72.58 -17.18 11.89
N GLU D 241 -73.55 -16.45 11.36
CA GLU D 241 -74.84 -17.02 11.01
C GLU D 241 -74.90 -17.32 9.52
N ASP D 242 -75.81 -18.21 9.13
CA ASP D 242 -75.99 -18.57 7.74
C ASP D 242 -76.59 -17.41 6.94
N ALA D 243 -76.07 -17.21 5.73
CA ALA D 243 -76.58 -16.16 4.85
C ALA D 243 -77.74 -16.67 4.01
N VAL D 244 -78.56 -15.74 3.52
CA VAL D 244 -79.72 -16.10 2.70
C VAL D 244 -79.26 -16.70 1.36
N ASP D 245 -79.82 -17.86 1.03
CA ASP D 245 -79.47 -18.55 -0.22
C ASP D 245 -79.81 -17.70 -1.44
N ALA D 246 -78.88 -17.63 -2.39
CA ALA D 246 -79.07 -16.86 -3.61
C ALA D 246 -80.22 -17.43 -4.44
N GLU D 247 -80.47 -18.72 -4.27
CA GLU D 247 -81.55 -19.39 -4.99
C GLU D 247 -82.90 -18.74 -4.70
N ARG D 248 -83.00 -18.11 -3.53
CA ARG D 248 -84.24 -17.46 -3.11
C ARG D 248 -84.36 -16.05 -3.67
N LEU D 249 -83.36 -15.63 -4.44
CA LEU D 249 -83.31 -14.26 -4.94
C LEU D 249 -83.22 -14.20 -6.47
N LYS D 250 -83.98 -15.05 -7.14
CA LYS D 250 -83.98 -15.10 -8.60
C LYS D 250 -85.03 -14.16 -9.19
N HIS D 251 -85.55 -13.26 -8.35
CA HIS D 251 -86.61 -12.35 -8.79
C HIS D 251 -86.21 -10.88 -8.59
N LEU D 252 -85.08 -10.67 -7.92
CA LEU D 252 -84.60 -9.32 -7.65
C LEU D 252 -83.91 -8.71 -8.88
N ILE D 253 -83.73 -9.52 -9.91
CA ILE D 253 -83.11 -9.05 -11.15
C ILE D 253 -84.14 -8.38 -12.04
N VAL D 254 -84.49 -7.14 -11.70
CA VAL D 254 -85.50 -6.39 -12.43
C VAL D 254 -84.87 -5.37 -13.38
N THR D 255 -85.48 -5.20 -14.55
CA THR D 255 -85.00 -4.22 -15.52
C THR D 255 -85.58 -2.83 -15.22
N PRO D 256 -84.71 -1.92 -14.77
CA PRO D 256 -85.12 -0.55 -14.41
C PRO D 256 -85.79 0.17 -15.58
N SER D 257 -86.96 0.77 -15.31
CA SER D 257 -87.70 1.51 -16.33
C SER D 257 -88.81 2.33 -15.69
N GLY D 258 -89.11 3.48 -16.30
CA GLY D 258 -90.14 4.36 -15.79
C GLY D 258 -89.63 5.79 -15.61
N CYS D 259 -90.40 6.60 -14.89
CA CYS D 259 -90.03 7.99 -14.66
C CYS D 259 -88.85 8.11 -13.69
N GLY D 260 -88.65 9.31 -13.16
CA GLY D 260 -87.54 9.57 -12.26
C GLY D 260 -87.62 8.79 -10.96
N GLU D 261 -88.79 8.27 -10.65
CA GLU D 261 -89.03 7.52 -9.42
C GLU D 261 -89.23 6.03 -9.70
N GLU D 262 -89.98 5.74 -10.77
CA GLU D 262 -90.23 4.37 -11.17
C GLU D 262 -88.96 3.66 -11.61
N ASN D 263 -87.98 4.44 -12.04
CA ASN D 263 -86.70 3.90 -12.49
C ASN D 263 -85.85 3.42 -11.30
N MET D 264 -85.88 4.19 -10.23
CA MET D 264 -85.14 3.86 -9.02
C MET D 264 -85.74 2.63 -8.33
N ILE D 265 -87.06 2.51 -8.38
CA ILE D 265 -87.76 1.39 -7.77
C ILE D 265 -87.40 0.07 -8.46
N GLY D 266 -87.06 0.15 -9.74
CA GLY D 266 -86.70 -1.01 -10.51
C GLY D 266 -85.21 -1.26 -10.55
N MET D 267 -84.44 -0.27 -10.15
CA MET D 267 -82.98 -0.38 -10.13
C MET D 267 -82.48 -0.89 -8.78
N THR D 268 -83.27 -0.63 -7.73
CA THR D 268 -82.90 -1.02 -6.38
C THR D 268 -82.78 -2.54 -6.18
N PRO D 269 -83.79 -3.30 -6.63
CA PRO D 269 -83.77 -4.76 -6.43
C PRO D 269 -82.58 -5.44 -7.09
N THR D 270 -82.01 -4.81 -8.12
CA THR D 270 -80.88 -5.39 -8.84
C THR D 270 -79.54 -5.03 -8.20
N VAL D 271 -79.40 -3.78 -7.78
CA VAL D 271 -78.16 -3.29 -7.19
C VAL D 271 -77.83 -3.99 -5.87
N ILE D 272 -78.82 -4.06 -4.99
CA ILE D 272 -78.63 -4.65 -3.67
C ILE D 272 -78.55 -6.18 -3.73
N ALA D 273 -78.94 -6.74 -4.88
CA ALA D 273 -78.86 -8.19 -5.07
C ALA D 273 -77.45 -8.61 -5.44
N VAL D 274 -76.89 -7.97 -6.46
CA VAL D 274 -75.52 -8.23 -6.87
C VAL D 274 -74.56 -7.91 -5.73
N HIS D 275 -74.89 -6.89 -4.95
CA HIS D 275 -74.06 -6.49 -3.82
C HIS D 275 -74.03 -7.55 -2.73
N TYR D 276 -75.13 -8.27 -2.57
CA TYR D 276 -75.22 -9.30 -1.54
C TYR D 276 -74.59 -10.61 -2.00
N LEU D 277 -74.54 -10.82 -3.31
CA LEU D 277 -73.97 -12.03 -3.87
C LEU D 277 -72.46 -11.93 -4.01
N ASP D 278 -71.96 -10.70 -4.13
CA ASP D 278 -70.52 -10.46 -4.23
C ASP D 278 -69.85 -10.68 -2.88
N GLU D 279 -70.60 -10.43 -1.80
CA GLU D 279 -70.09 -10.60 -0.45
C GLU D 279 -70.17 -12.05 0.01
N THR D 280 -71.37 -12.61 -0.06
CA THR D 280 -71.60 -13.98 0.39
C THR D 280 -71.03 -15.00 -0.60
N GLU D 281 -70.67 -14.53 -1.79
CA GLU D 281 -70.09 -15.39 -2.82
C GLU D 281 -70.98 -16.60 -3.11
N GLN D 282 -72.21 -16.33 -3.56
CA GLN D 282 -73.16 -17.39 -3.87
C GLN D 282 -73.54 -17.42 -5.34
N TRP D 283 -72.69 -16.86 -6.19
CA TRP D 283 -72.94 -16.84 -7.62
C TRP D 283 -72.89 -18.25 -8.22
N GLU D 284 -72.29 -19.18 -7.47
CA GLU D 284 -72.19 -20.56 -7.93
C GLU D 284 -73.55 -21.23 -7.95
N LYS D 285 -74.26 -21.16 -6.84
CA LYS D 285 -75.56 -21.82 -6.71
C LYS D 285 -76.67 -21.01 -7.38
N PHE D 286 -76.45 -19.70 -7.50
CA PHE D 286 -77.45 -18.81 -8.11
C PHE D 286 -77.55 -19.04 -9.60
N GLY D 287 -76.40 -19.26 -10.25
CA GLY D 287 -76.38 -19.48 -11.68
C GLY D 287 -75.03 -19.17 -12.30
N LEU D 288 -74.42 -18.07 -11.88
CA LEU D 288 -73.13 -17.63 -12.41
C LEU D 288 -73.25 -17.29 -13.90
N GLU D 289 -72.33 -16.46 -14.39
CA GLU D 289 -72.34 -16.02 -15.78
C GLU D 289 -73.51 -15.08 -16.04
N LYS D 290 -74.58 -15.24 -15.27
CA LYS D 290 -75.76 -14.39 -15.39
C LYS D 290 -75.50 -13.02 -14.78
N ARG D 291 -74.41 -12.91 -14.03
CA ARG D 291 -74.05 -11.64 -13.40
C ARG D 291 -73.82 -10.56 -14.47
N GLN D 292 -73.27 -10.96 -15.61
CA GLN D 292 -73.03 -10.06 -16.71
C GLN D 292 -74.32 -9.40 -17.18
N GLY D 293 -75.41 -10.15 -17.13
CA GLY D 293 -76.71 -9.64 -17.52
C GLY D 293 -77.30 -8.71 -16.49
N ALA D 294 -76.84 -8.83 -15.25
CA ALA D 294 -77.32 -7.99 -14.17
C ALA D 294 -76.58 -6.65 -14.12
N LEU D 295 -75.33 -6.66 -14.59
CA LEU D 295 -74.53 -5.44 -14.62
C LEU D 295 -75.01 -4.48 -15.70
N GLU D 296 -75.36 -5.02 -16.86
CA GLU D 296 -75.87 -4.19 -17.96
C GLU D 296 -77.19 -3.54 -17.59
N LEU D 297 -77.90 -4.14 -16.64
CA LEU D 297 -79.16 -3.57 -16.15
C LEU D 297 -78.90 -2.41 -15.22
N ILE D 298 -77.86 -2.52 -14.40
CA ILE D 298 -77.48 -1.46 -13.48
C ILE D 298 -76.97 -0.24 -14.23
N LYS D 299 -76.18 -0.48 -15.27
CA LYS D 299 -75.66 0.60 -16.12
C LYS D 299 -76.78 1.22 -16.93
N LYS D 300 -77.70 0.37 -17.39
CA LYS D 300 -78.84 0.82 -18.17
C LYS D 300 -79.73 1.74 -17.33
N GLY D 301 -80.02 1.32 -16.10
CA GLY D 301 -80.83 2.11 -15.19
C GLY D 301 -80.08 3.34 -14.71
N TYR D 302 -78.76 3.23 -14.63
CA TYR D 302 -77.91 4.35 -14.23
C TYR D 302 -78.02 5.50 -15.22
N THR D 303 -77.90 5.19 -16.50
CA THR D 303 -77.96 6.18 -17.56
C THR D 303 -79.35 6.81 -17.64
N GLN D 304 -80.38 5.98 -17.49
CA GLN D 304 -81.76 6.46 -17.52
C GLN D 304 -82.05 7.45 -16.39
N GLN D 305 -81.44 7.20 -15.24
CA GLN D 305 -81.64 8.05 -14.07
C GLN D 305 -81.05 9.44 -14.30
N LEU D 306 -80.03 9.52 -15.15
CA LEU D 306 -79.40 10.80 -15.47
C LEU D 306 -80.32 11.68 -16.30
N ALA D 307 -81.23 11.04 -17.05
CA ALA D 307 -82.18 11.77 -17.88
C ALA D 307 -83.20 12.52 -17.02
N PHE D 308 -83.21 12.22 -15.73
CA PHE D 308 -84.11 12.88 -14.79
C PHE D 308 -83.32 13.77 -13.84
N ARG D 309 -82.07 14.04 -14.18
CA ARG D 309 -81.22 14.92 -13.38
C ARG D 309 -81.32 16.36 -13.84
N GLN D 310 -81.97 17.19 -13.04
CA GLN D 310 -82.11 18.61 -13.36
C GLN D 310 -80.77 19.34 -13.26
N PRO D 311 -80.63 20.46 -13.97
CA PRO D 311 -79.39 21.25 -13.98
C PRO D 311 -78.89 21.57 -12.58
N SER D 312 -79.80 21.62 -11.61
CA SER D 312 -79.42 21.91 -10.22
C SER D 312 -78.80 20.70 -9.55
N SER D 313 -78.41 19.71 -10.35
CA SER D 313 -77.78 18.49 -9.85
C SER D 313 -78.71 17.71 -8.92
N ALA D 314 -80.00 18.06 -8.95
CA ALA D 314 -81.00 17.37 -8.13
C ALA D 314 -81.80 16.39 -8.97
N PHE D 315 -82.76 15.73 -8.35
CA PHE D 315 -83.60 14.75 -9.05
C PHE D 315 -85.08 14.93 -8.70
N ALA D 316 -85.93 14.39 -9.56
CA ALA D 316 -87.38 14.44 -9.34
C ALA D 316 -88.09 13.46 -10.27
N ALA D 317 -89.39 13.29 -10.05
CA ALA D 317 -90.19 12.39 -10.89
C ALA D 317 -90.09 12.77 -12.36
N PHE D 318 -90.09 14.08 -12.62
CA PHE D 318 -89.99 14.59 -13.98
C PHE D 318 -89.10 15.82 -14.05
N VAL D 319 -88.62 16.13 -15.25
CA VAL D 319 -87.73 17.28 -15.44
C VAL D 319 -88.45 18.61 -15.20
N LYS D 320 -89.78 18.56 -15.14
CA LYS D 320 -90.58 19.75 -14.92
C LYS D 320 -91.00 19.87 -13.45
N ARG D 321 -91.13 18.73 -12.79
CA ARG D 321 -91.55 18.69 -11.39
C ARG D 321 -90.48 19.29 -10.48
N ALA D 322 -90.92 19.92 -9.39
CA ALA D 322 -90.01 20.52 -8.43
C ALA D 322 -89.08 19.46 -7.83
N PRO D 323 -87.81 19.83 -7.60
CA PRO D 323 -86.81 18.93 -7.04
C PRO D 323 -87.26 18.32 -5.72
N SER D 324 -86.95 17.05 -5.50
CA SER D 324 -87.30 16.36 -4.27
C SER D 324 -86.07 16.11 -3.41
N THR D 325 -86.13 16.51 -2.15
CA THR D 325 -85.01 16.35 -1.23
C THR D 325 -84.74 14.88 -0.92
N TRP D 326 -85.81 14.10 -0.80
CA TRP D 326 -85.69 12.70 -0.45
C TRP D 326 -85.16 11.86 -1.61
N LEU D 327 -85.77 12.00 -2.77
CA LEU D 327 -85.37 11.24 -3.95
C LEU D 327 -83.91 11.49 -4.31
N THR D 328 -83.49 12.75 -4.22
CA THR D 328 -82.12 13.12 -4.50
C THR D 328 -81.15 12.46 -3.53
N ALA D 329 -81.49 12.48 -2.25
CA ALA D 329 -80.66 11.87 -1.21
C ALA D 329 -80.60 10.36 -1.38
N TYR D 330 -81.72 9.78 -1.81
CA TYR D 330 -81.79 8.34 -2.02
C TYR D 330 -80.91 7.91 -3.19
N VAL D 331 -80.89 8.73 -4.24
CA VAL D 331 -80.04 8.47 -5.40
C VAL D 331 -78.58 8.39 -4.98
N VAL D 332 -78.20 9.23 -4.03
CA VAL D 332 -76.84 9.23 -3.50
C VAL D 332 -76.55 7.93 -2.77
N LYS D 333 -77.55 7.42 -2.06
CA LYS D 333 -77.41 6.18 -1.29
C LYS D 333 -77.13 4.98 -2.19
N VAL D 334 -77.91 4.85 -3.26
CA VAL D 334 -77.76 3.73 -4.19
C VAL D 334 -76.49 3.86 -5.02
N PHE D 335 -76.27 5.06 -5.56
CA PHE D 335 -75.10 5.32 -6.40
C PHE D 335 -73.78 5.12 -5.65
N SER D 336 -73.76 5.49 -4.37
CA SER D 336 -72.55 5.35 -3.56
C SER D 336 -72.24 3.89 -3.25
N LEU D 337 -73.21 3.02 -3.50
CA LEU D 337 -73.03 1.59 -3.26
C LEU D 337 -72.64 0.88 -4.55
N ALA D 338 -73.12 1.40 -5.67
CA ALA D 338 -72.85 0.80 -6.98
C ALA D 338 -71.55 1.31 -7.59
N VAL D 339 -70.76 2.03 -6.80
CA VAL D 339 -69.47 2.54 -7.27
C VAL D 339 -68.48 1.39 -7.46
N ASN D 340 -68.70 0.30 -6.72
CA ASN D 340 -67.85 -0.88 -6.82
C ASN D 340 -68.33 -1.84 -7.90
N LEU D 341 -69.51 -1.56 -8.45
CA LEU D 341 -70.11 -2.40 -9.47
C LEU D 341 -69.93 -1.79 -10.87
N ILE D 342 -70.27 -0.52 -10.99
CA ILE D 342 -70.17 0.18 -12.27
C ILE D 342 -69.46 1.53 -12.12
N ALA D 343 -69.32 2.25 -13.22
CA ALA D 343 -68.66 3.55 -13.22
C ALA D 343 -69.63 4.68 -12.89
N ILE D 344 -69.40 5.34 -11.75
CA ILE D 344 -70.26 6.44 -11.33
C ILE D 344 -69.56 7.78 -11.50
N ASP D 345 -70.21 8.69 -12.22
CA ASP D 345 -69.66 10.02 -12.44
C ASP D 345 -69.65 10.82 -11.15
N SER D 346 -68.47 11.29 -10.76
CA SER D 346 -68.32 12.05 -9.52
C SER D 346 -69.05 13.39 -9.59
N GLN D 347 -69.14 13.96 -10.78
CA GLN D 347 -69.84 15.22 -10.99
C GLN D 347 -71.32 15.09 -10.61
N VAL D 348 -71.90 13.93 -10.91
CA VAL D 348 -73.31 13.68 -10.61
C VAL D 348 -73.49 13.27 -9.15
N LEU D 349 -72.67 12.34 -8.69
CA LEU D 349 -72.76 11.84 -7.33
C LEU D 349 -72.51 12.94 -6.30
N CYS D 350 -71.48 13.74 -6.53
CA CYS D 350 -71.15 14.84 -5.63
C CYS D 350 -72.03 16.05 -5.88
N GLY D 351 -72.61 16.11 -7.07
CA GLY D 351 -73.50 17.19 -7.44
C GLY D 351 -74.77 17.17 -6.60
N ALA D 352 -75.31 15.97 -6.38
CA ALA D 352 -76.51 15.81 -5.57
C ALA D 352 -76.21 16.05 -4.10
N VAL D 353 -74.97 15.76 -3.69
CA VAL D 353 -74.54 15.99 -2.31
C VAL D 353 -74.45 17.47 -2.00
N LYS D 354 -73.84 18.23 -2.91
CA LYS D 354 -73.67 19.67 -2.73
C LYS D 354 -75.02 20.39 -2.75
N TRP D 355 -75.96 19.86 -3.53
CA TRP D 355 -77.30 20.42 -3.61
C TRP D 355 -78.06 20.28 -2.30
N LEU D 356 -77.85 19.14 -1.64
CA LEU D 356 -78.49 18.88 -0.35
C LEU D 356 -77.92 19.76 0.75
N ILE D 357 -76.61 19.97 0.70
CA ILE D 357 -75.91 20.74 1.73
C ILE D 357 -76.17 22.24 1.62
N LEU D 358 -75.80 22.82 0.49
CA LEU D 358 -75.90 24.27 0.29
C LEU D 358 -77.35 24.75 0.19
N GLU D 359 -78.14 24.07 -0.62
CA GLU D 359 -79.51 24.52 -0.90
C GLU D 359 -80.50 24.06 0.18
N LYS D 360 -80.73 22.75 0.26
CA LYS D 360 -81.75 22.21 1.16
C LYS D 360 -81.18 21.82 2.52
N GLN D 361 -80.74 22.79 3.30
CA GLN D 361 -80.27 22.54 4.66
C GLN D 361 -80.26 23.80 5.51
N LYS D 362 -80.94 23.75 6.64
CA LYS D 362 -80.97 24.87 7.57
C LYS D 362 -79.72 24.86 8.43
N PRO D 363 -79.42 25.98 9.10
CA PRO D 363 -78.28 26.05 10.01
C PRO D 363 -78.43 25.03 11.14
N ASP D 364 -79.67 24.62 11.39
CA ASP D 364 -79.96 23.62 12.41
C ASP D 364 -79.45 22.25 11.96
N GLY D 365 -79.19 22.12 10.66
CA GLY D 365 -78.75 20.87 10.08
C GLY D 365 -79.94 20.04 9.63
N VAL D 366 -81.14 20.57 9.83
CA VAL D 366 -82.38 19.88 9.48
C VAL D 366 -82.64 19.92 7.99
N PHE D 367 -82.99 18.77 7.42
CA PHE D 367 -83.33 18.67 6.01
C PHE D 367 -84.85 18.60 5.84
N GLN D 368 -85.39 19.44 4.96
CA GLN D 368 -86.82 19.51 4.76
C GLN D 368 -87.22 19.08 3.35
N GLU D 369 -88.34 18.36 3.26
CA GLU D 369 -88.86 17.91 1.98
C GLU D 369 -89.80 18.94 1.36
N ASP D 370 -89.49 19.35 0.14
CA ASP D 370 -90.30 20.36 -0.55
C ASP D 370 -91.32 19.72 -1.48
N ALA D 371 -90.84 18.81 -2.32
CA ALA D 371 -91.72 18.13 -3.27
C ALA D 371 -91.66 16.61 -3.08
N PRO D 372 -92.44 16.10 -2.12
CA PRO D 372 -92.50 14.66 -1.83
C PRO D 372 -92.79 13.85 -3.10
N VAL D 373 -92.19 12.66 -3.19
CA VAL D 373 -92.37 11.80 -4.35
C VAL D 373 -93.82 11.30 -4.45
N ILE D 374 -94.26 11.02 -5.66
CA ILE D 374 -95.60 10.51 -5.90
C ILE D 374 -95.78 9.14 -5.26
N HIS D 375 -94.80 8.26 -5.49
CA HIS D 375 -94.82 6.92 -4.91
C HIS D 375 -94.49 6.98 -3.42
N GLN D 376 -95.53 7.08 -2.60
CA GLN D 376 -95.36 7.17 -1.15
C GLN D 376 -95.03 5.82 -0.52
N GLU D 377 -94.74 4.82 -1.35
CA GLU D 377 -94.43 3.49 -0.86
C GLU D 377 -92.95 3.16 -0.97
N MET D 378 -92.23 3.94 -1.78
CA MET D 378 -90.80 3.71 -1.96
C MET D 378 -89.98 4.41 -0.88
N ILE D 379 -90.64 5.22 -0.07
CA ILE D 379 -89.97 5.96 1.00
C ILE D 379 -89.89 5.15 2.29
N GLY D 380 -90.46 3.96 2.28
CA GLY D 380 -90.42 3.06 3.42
C GLY D 380 -91.10 3.60 4.66
N GLY D 381 -90.40 3.54 5.79
CA GLY D 381 -90.97 3.95 7.07
C GLY D 381 -90.94 5.45 7.31
N LEU D 382 -90.96 6.22 6.23
CA LEU D 382 -91.01 7.68 6.34
C LEU D 382 -92.39 8.21 5.99
N ARG D 383 -93.26 7.34 5.53
CA ARG D 383 -94.61 7.74 5.13
C ARG D 383 -95.41 8.25 6.34
N ASN D 384 -95.12 7.68 7.51
CA ASN D 384 -95.73 8.15 8.75
C ASN D 384 -95.07 9.45 9.19
N ASN D 385 -95.89 10.44 9.51
CA ASN D 385 -95.41 11.80 9.77
C ASN D 385 -94.95 12.06 11.21
N ASN D 386 -95.04 11.04 12.06
CA ASN D 386 -94.61 11.19 13.44
C ASN D 386 -93.08 11.31 13.53
N GLU D 387 -92.60 12.53 13.76
CA GLU D 387 -91.17 12.80 13.81
C GLU D 387 -90.53 12.75 12.42
N LYS D 388 -90.79 13.79 11.62
CA LYS D 388 -90.23 13.85 10.27
C LYS D 388 -88.88 14.53 10.24
N ASP D 389 -88.64 15.41 11.21
CA ASP D 389 -87.36 16.11 11.30
C ASP D 389 -86.23 15.17 11.70
N MET D 390 -86.54 14.23 12.58
CA MET D 390 -85.54 13.27 13.06
C MET D 390 -85.35 12.13 12.06
N ALA D 391 -86.37 11.85 11.27
CA ALA D 391 -86.33 10.75 10.33
C ALA D 391 -85.66 11.15 9.01
N LEU D 392 -86.07 12.29 8.46
CA LEU D 392 -85.54 12.75 7.18
C LEU D 392 -84.11 13.26 7.30
N THR D 393 -83.82 14.01 8.36
CA THR D 393 -82.47 14.52 8.60
C THR D 393 -81.47 13.37 8.69
N ALA D 394 -81.89 12.29 9.34
CA ALA D 394 -81.05 11.11 9.48
C ALA D 394 -80.88 10.38 8.15
N PHE D 395 -82.00 10.20 7.44
CA PHE D 395 -81.99 9.50 6.15
C PHE D 395 -81.04 10.17 5.17
N VAL D 396 -81.09 11.51 5.11
CA VAL D 396 -80.22 12.27 4.21
C VAL D 396 -78.79 12.27 4.73
N LEU D 397 -78.64 12.35 6.05
CA LEU D 397 -77.33 12.37 6.67
C LEU D 397 -76.54 11.10 6.35
N ILE D 398 -77.23 9.97 6.35
CA ILE D 398 -76.61 8.68 6.04
C ILE D 398 -76.11 8.65 4.59
N SER D 399 -76.92 9.19 3.68
CA SER D 399 -76.58 9.24 2.27
C SER D 399 -75.31 10.06 2.03
N LEU D 400 -75.08 11.03 2.91
CA LEU D 400 -73.91 11.89 2.81
C LEU D 400 -72.65 11.18 3.32
N GLN D 401 -72.81 10.44 4.42
CA GLN D 401 -71.68 9.75 5.03
C GLN D 401 -71.25 8.53 4.21
N GLU D 402 -72.19 7.96 3.46
CA GLU D 402 -71.89 6.82 2.60
C GLU D 402 -71.27 7.29 1.29
N ALA D 403 -71.18 8.60 1.12
CA ALA D 403 -70.56 9.18 -0.06
C ALA D 403 -69.46 10.15 0.35
N LYS D 404 -69.08 10.09 1.63
CA LYS D 404 -68.07 10.98 2.18
C LYS D 404 -66.68 10.69 1.63
N ASP D 405 -66.36 9.41 1.45
CA ASP D 405 -65.06 9.00 0.95
C ASP D 405 -64.89 9.33 -0.53
N ILE D 406 -65.98 9.68 -1.19
CA ILE D 406 -65.95 10.02 -2.60
C ILE D 406 -65.99 11.54 -2.81
N CYS D 407 -66.91 12.20 -2.11
CA CYS D 407 -67.05 13.65 -2.22
C CYS D 407 -66.34 14.36 -1.07
N GLU D 408 -65.09 14.00 -0.85
CA GLU D 408 -64.30 14.59 0.22
C GLU D 408 -63.30 15.60 -0.35
N GLU D 409 -63.23 15.66 -1.68
CA GLU D 409 -62.33 16.57 -2.36
C GLU D 409 -63.08 17.66 -3.10
N GLN D 410 -64.24 17.32 -3.66
CA GLN D 410 -65.03 18.25 -4.44
C GLN D 410 -65.96 19.11 -3.57
N VAL D 411 -66.45 18.53 -2.49
CA VAL D 411 -67.34 19.25 -1.58
C VAL D 411 -66.63 19.57 -0.26
N ASN D 412 -66.30 20.84 -0.07
CA ASN D 412 -65.58 21.28 1.13
C ASN D 412 -66.51 21.43 2.33
N SER D 413 -67.79 21.69 2.06
CA SER D 413 -68.76 21.93 3.12
C SER D 413 -69.43 20.63 3.57
N LEU D 414 -68.82 19.50 3.25
CA LEU D 414 -69.36 18.21 3.64
C LEU D 414 -69.09 17.89 5.12
N PRO D 415 -67.82 17.96 5.55
CA PRO D 415 -67.49 17.70 6.96
C PRO D 415 -68.25 18.64 7.89
N GLY D 416 -68.56 19.83 7.41
CA GLY D 416 -69.32 20.80 8.20
C GLY D 416 -70.78 20.44 8.29
N SER D 417 -71.37 20.06 7.16
CA SER D 417 -72.77 19.66 7.11
C SER D 417 -73.02 18.41 7.94
N ILE D 418 -72.11 17.45 7.84
CA ILE D 418 -72.22 16.19 8.58
C ILE D 418 -72.25 16.45 10.09
N THR D 419 -71.44 17.41 10.53
CA THR D 419 -71.39 17.77 11.95
C THR D 419 -72.68 18.47 12.38
N LYS D 420 -73.21 19.32 11.51
CA LYS D 420 -74.45 20.05 11.80
C LYS D 420 -75.61 19.10 12.05
N ALA D 421 -75.89 18.24 11.06
CA ALA D 421 -76.98 17.29 11.18
C ALA D 421 -76.82 16.39 12.39
N GLY D 422 -75.58 16.08 12.74
CA GLY D 422 -75.29 15.23 13.89
C GLY D 422 -75.64 15.90 15.20
N ASP D 423 -75.44 17.21 15.27
CA ASP D 423 -75.74 17.98 16.47
C ASP D 423 -77.25 18.02 16.75
N PHE D 424 -78.04 17.99 15.69
CA PHE D 424 -79.49 18.07 15.81
C PHE D 424 -80.10 16.73 16.24
N LEU D 425 -79.55 15.64 15.71
CA LEU D 425 -80.06 14.31 16.03
C LEU D 425 -79.68 13.88 17.44
N GLU D 426 -78.60 14.45 17.97
CA GLU D 426 -78.13 14.11 19.30
C GLU D 426 -78.88 14.89 20.39
N ALA D 427 -79.67 15.86 19.96
CA ALA D 427 -80.41 16.70 20.90
C ALA D 427 -81.84 16.23 21.09
N ASN D 428 -82.33 15.43 20.14
CA ASN D 428 -83.71 14.94 20.18
C ASN D 428 -83.81 13.43 20.09
N TYR D 429 -82.71 12.75 20.41
CA TYR D 429 -82.68 11.29 20.35
C TYR D 429 -83.24 10.68 21.63
N MET D 430 -83.33 11.51 22.67
CA MET D 430 -83.85 11.06 23.96
C MET D 430 -85.35 11.31 24.07
N ASN D 431 -85.91 11.94 23.03
CA ASN D 431 -87.33 12.25 23.01
C ASN D 431 -88.12 11.40 22.03
N LEU D 432 -87.40 10.64 21.19
CA LEU D 432 -88.02 9.80 20.20
C LEU D 432 -88.91 8.74 20.84
N GLN D 433 -89.97 8.34 20.14
CA GLN D 433 -90.90 7.35 20.67
C GLN D 433 -90.91 6.08 19.81
N ARG D 434 -91.21 6.23 18.52
CA ARG D 434 -91.27 5.10 17.61
C ARG D 434 -89.92 4.39 17.53
N SER D 435 -89.96 3.05 17.56
CA SER D 435 -88.75 2.25 17.47
C SER D 435 -88.05 2.45 16.13
N TYR D 436 -88.83 2.77 15.11
CA TYR D 436 -88.28 2.99 13.77
C TYR D 436 -87.31 4.16 13.75
N THR D 437 -87.80 5.34 14.10
CA THR D 437 -86.97 6.54 14.11
C THR D 437 -85.72 6.36 14.97
N VAL D 438 -85.88 5.64 16.08
CA VAL D 438 -84.77 5.38 16.99
C VAL D 438 -83.65 4.61 16.29
N ALA D 439 -84.03 3.73 15.37
CA ALA D 439 -83.05 2.92 14.64
C ALA D 439 -82.35 3.70 13.55
N ILE D 440 -83.14 4.33 12.67
CA ILE D 440 -82.58 5.08 11.54
C ILE D 440 -81.70 6.24 12.00
N ALA D 441 -82.02 6.80 13.16
CA ALA D 441 -81.23 7.90 13.71
C ALA D 441 -79.99 7.38 14.44
N GLY D 442 -80.16 6.27 15.16
CA GLY D 442 -79.06 5.66 15.88
C GLY D 442 -77.93 5.23 14.97
N TYR D 443 -78.30 4.74 13.78
CA TYR D 443 -77.31 4.31 12.80
C TYR D 443 -76.59 5.50 12.18
N ALA D 444 -77.26 6.65 12.18
CA ALA D 444 -76.66 7.88 11.67
C ALA D 444 -75.63 8.42 12.66
N LEU D 445 -75.92 8.26 13.95
CA LEU D 445 -75.02 8.71 15.01
C LEU D 445 -73.89 7.72 15.22
N ALA D 446 -74.16 6.44 14.93
CA ALA D 446 -73.17 5.39 15.10
C ALA D 446 -71.98 5.57 14.14
N GLN D 447 -72.27 6.06 12.95
CA GLN D 447 -71.24 6.29 11.94
C GLN D 447 -70.31 7.44 12.33
N MET D 448 -70.66 8.14 13.40
CA MET D 448 -69.85 9.25 13.88
C MET D 448 -69.19 8.90 15.21
N GLY D 449 -69.66 7.82 15.84
CA GLY D 449 -69.17 7.43 17.15
C GLY D 449 -69.75 8.33 18.22
N ARG D 450 -70.83 9.01 17.89
CA ARG D 450 -71.48 9.94 18.81
C ARG D 450 -72.71 9.28 19.46
N LEU D 451 -72.69 7.95 19.50
CA LEU D 451 -73.78 7.19 20.12
C LEU D 451 -73.32 6.59 21.43
N LYS D 452 -73.17 7.43 22.45
CA LYS D 452 -72.69 6.98 23.76
C LYS D 452 -73.60 7.45 24.88
N GLY D 453 -73.37 6.92 26.07
CA GLY D 453 -74.15 7.30 27.25
C GLY D 453 -75.61 6.94 27.15
N PRO D 454 -76.49 7.89 27.52
CA PRO D 454 -77.94 7.70 27.51
C PRO D 454 -78.46 7.33 26.11
N LEU D 455 -77.93 7.97 25.08
CA LEU D 455 -78.36 7.72 23.71
C LEU D 455 -78.13 6.26 23.32
N LEU D 456 -77.02 5.70 23.78
CA LEU D 456 -76.69 4.31 23.50
C LEU D 456 -77.60 3.35 24.26
N ASN D 457 -77.94 3.73 25.49
CA ASN D 457 -78.80 2.91 26.34
C ASN D 457 -80.21 2.79 25.79
N LYS D 458 -80.71 3.87 25.21
CA LYS D 458 -82.06 3.88 24.65
C LYS D 458 -82.14 3.08 23.35
N PHE D 459 -81.10 3.20 22.53
CA PHE D 459 -81.05 2.48 21.25
C PHE D 459 -81.10 0.96 21.46
N LEU D 460 -80.53 0.49 22.57
CA LEU D 460 -80.46 -0.93 22.85
C LEU D 460 -81.75 -1.46 23.50
N THR D 461 -82.32 -0.67 24.40
CA THR D 461 -83.52 -1.08 25.12
C THR D 461 -84.79 -0.95 24.28
N THR D 462 -84.72 -0.12 23.24
CA THR D 462 -85.86 0.07 22.34
C THR D 462 -86.26 -1.25 21.69
N ALA D 463 -85.29 -2.10 21.42
CA ALA D 463 -85.54 -3.39 20.80
C ALA D 463 -86.28 -4.32 21.74
N LYS D 464 -87.44 -4.80 21.30
CA LYS D 464 -88.24 -5.72 22.09
C LYS D 464 -87.67 -7.14 22.00
N ASP D 465 -87.47 -7.77 23.14
CA ASP D 465 -86.90 -9.11 23.21
C ASP D 465 -85.45 -9.12 22.73
N LYS D 466 -84.86 -7.93 22.61
CA LYS D 466 -83.47 -7.77 22.22
C LYS D 466 -83.15 -8.47 20.90
N ASN D 467 -84.07 -8.35 19.93
CA ASN D 467 -83.87 -9.00 18.64
C ASN D 467 -84.55 -8.28 17.47
N ARG D 468 -85.28 -7.21 17.76
CA ARG D 468 -86.00 -6.50 16.71
C ARG D 468 -86.46 -5.11 17.15
N TRP D 469 -86.47 -4.19 16.19
CA TRP D 469 -87.02 -2.85 16.42
C TRP D 469 -88.33 -2.71 15.66
N GLU D 470 -89.41 -3.20 16.27
CA GLU D 470 -90.71 -3.25 15.60
C GLU D 470 -91.64 -2.14 16.08
N ASP D 471 -92.60 -1.80 15.22
CA ASP D 471 -93.63 -0.83 15.55
C ASP D 471 -95.01 -1.35 15.15
N PRO D 472 -96.04 -1.01 15.93
CA PRO D 472 -97.41 -1.47 15.69
C PRO D 472 -97.90 -1.14 14.27
N GLY D 473 -97.86 -2.14 13.39
CA GLY D 473 -98.38 -1.96 12.04
C GLY D 473 -97.38 -2.22 10.93
N LYS D 474 -97.83 -2.93 9.91
CA LYS D 474 -97.04 -3.16 8.70
C LYS D 474 -95.81 -4.05 8.92
N GLN D 475 -95.29 -4.59 7.83
CA GLN D 475 -94.08 -5.42 7.87
C GLN D 475 -92.90 -4.61 7.38
N LEU D 476 -93.12 -3.82 6.33
CA LEU D 476 -92.11 -2.97 5.73
C LEU D 476 -91.35 -2.14 6.76
N TYR D 477 -92.08 -1.59 7.72
CA TYR D 477 -91.49 -0.67 8.69
C TYR D 477 -90.71 -1.40 9.79
N ASN D 478 -91.03 -2.66 10.00
CA ASN D 478 -90.36 -3.46 11.03
C ASN D 478 -89.03 -4.04 10.55
N VAL D 479 -89.05 -4.62 9.36
CA VAL D 479 -87.85 -5.21 8.77
C VAL D 479 -86.81 -4.14 8.44
N GLU D 480 -87.29 -3.00 7.95
CA GLU D 480 -86.41 -1.89 7.59
C GLU D 480 -85.74 -1.29 8.84
N ALA D 481 -86.54 -1.07 9.87
CA ALA D 481 -86.02 -0.49 11.11
C ALA D 481 -84.96 -1.38 11.75
N THR D 482 -85.21 -2.69 11.73
CA THR D 482 -84.27 -3.65 12.32
C THR D 482 -82.96 -3.69 11.54
N SER D 483 -83.04 -3.51 10.23
CA SER D 483 -81.85 -3.52 9.38
C SER D 483 -80.94 -2.33 9.69
N TYR D 484 -81.54 -1.16 9.89
CA TYR D 484 -80.79 0.02 10.27
C TYR D 484 -80.08 -0.19 11.61
N ALA D 485 -80.78 -0.82 12.54
CA ALA D 485 -80.22 -1.09 13.87
C ALA D 485 -79.04 -2.06 13.79
N LEU D 486 -79.15 -3.05 12.92
CA LEU D 486 -78.08 -4.02 12.73
C LEU D 486 -76.82 -3.34 12.21
N LEU D 487 -76.99 -2.44 11.25
CA LEU D 487 -75.86 -1.68 10.71
C LEU D 487 -75.24 -0.79 11.78
N ALA D 488 -76.07 -0.36 12.73
CA ALA D 488 -75.60 0.47 13.84
C ALA D 488 -74.79 -0.37 14.83
N LEU D 489 -75.21 -1.61 15.03
CA LEU D 489 -74.50 -2.52 15.92
C LEU D 489 -73.15 -2.92 15.33
N LEU D 490 -73.16 -3.29 14.05
CA LEU D 490 -71.93 -3.64 13.35
C LEU D 490 -70.98 -2.46 13.33
N GLN D 491 -71.53 -1.26 13.44
CA GLN D 491 -70.74 -0.04 13.47
C GLN D 491 -70.11 0.14 14.84
N LEU D 492 -70.89 -0.16 15.88
CA LEU D 492 -70.42 -0.06 17.26
C LEU D 492 -69.50 -1.23 17.61
N LYS D 493 -69.47 -2.24 16.72
CA LYS D 493 -68.63 -3.41 16.91
C LYS D 493 -69.03 -4.21 18.16
N ASP D 494 -70.32 -4.18 18.49
CA ASP D 494 -70.84 -4.94 19.61
C ASP D 494 -71.39 -6.29 19.14
N PHE D 495 -70.48 -7.24 18.97
CA PHE D 495 -70.84 -8.55 18.43
C PHE D 495 -71.44 -9.47 19.49
N ASP D 496 -72.03 -8.87 20.52
CA ASP D 496 -72.68 -9.64 21.59
C ASP D 496 -74.19 -9.51 21.49
N PHE D 497 -74.65 -8.39 20.94
CA PHE D 497 -76.07 -8.12 20.81
C PHE D 497 -76.51 -8.37 19.36
N VAL D 498 -75.54 -8.59 18.48
CA VAL D 498 -75.79 -8.77 17.06
C VAL D 498 -76.44 -10.11 16.71
N PRO D 499 -75.87 -11.23 17.22
CA PRO D 499 -76.39 -12.56 16.88
C PRO D 499 -77.92 -12.68 16.98
N PRO D 500 -78.52 -12.22 18.09
CA PRO D 500 -79.98 -12.33 18.21
C PRO D 500 -80.71 -11.56 17.10
N VAL D 501 -80.17 -10.40 16.73
CA VAL D 501 -80.78 -9.55 15.71
C VAL D 501 -80.69 -10.19 14.32
N VAL D 502 -79.48 -10.62 13.95
CA VAL D 502 -79.26 -11.24 12.66
C VAL D 502 -80.11 -12.50 12.50
N ARG D 503 -80.15 -13.31 13.55
CA ARG D 503 -80.91 -14.55 13.53
C ARG D 503 -82.41 -14.28 13.33
N TRP D 504 -82.88 -13.15 13.84
CA TRP D 504 -84.29 -12.79 13.72
C TRP D 504 -84.67 -12.47 12.27
N LEU D 505 -83.81 -11.73 11.58
CA LEU D 505 -84.04 -11.40 10.18
C LEU D 505 -84.05 -12.65 9.32
N ASN D 506 -83.13 -13.57 9.61
CA ASN D 506 -83.05 -14.84 8.90
C ASN D 506 -84.27 -15.71 9.18
N GLU D 507 -84.67 -15.76 10.44
CA GLU D 507 -85.84 -16.56 10.84
C GLU D 507 -87.15 -15.88 10.49
N GLN D 508 -87.08 -14.90 9.59
CA GLN D 508 -88.28 -14.20 9.13
C GLN D 508 -88.40 -14.26 7.63
N ARG D 509 -87.39 -14.86 6.99
CA ARG D 509 -87.41 -15.13 5.55
C ARG D 509 -88.07 -14.04 4.71
N TYR D 510 -87.40 -12.90 4.59
CA TYR D 510 -87.86 -11.81 3.74
C TYR D 510 -86.92 -11.65 2.56
N TYR D 511 -87.37 -12.08 1.38
CA TYR D 511 -86.53 -12.05 0.19
C TYR D 511 -86.80 -10.82 -0.68
N GLY D 512 -87.21 -9.73 -0.05
CA GLY D 512 -87.47 -8.49 -0.74
C GLY D 512 -88.49 -8.62 -1.86
N GLY D 513 -88.53 -7.62 -2.73
CA GLY D 513 -89.46 -7.62 -3.85
C GLY D 513 -90.89 -7.32 -3.42
N GLY D 514 -91.68 -6.81 -4.35
CA GLY D 514 -93.07 -6.51 -4.06
C GLY D 514 -93.39 -5.03 -4.23
N TYR D 515 -94.54 -4.62 -3.69
CA TYR D 515 -94.98 -3.23 -3.77
C TYR D 515 -94.58 -2.44 -2.52
N GLY D 516 -93.85 -1.34 -2.73
CA GLY D 516 -93.42 -0.50 -1.63
C GLY D 516 -92.31 -1.12 -0.81
N SER D 517 -91.67 -2.13 -1.37
CA SER D 517 -90.61 -2.85 -0.67
C SER D 517 -89.23 -2.30 -1.03
N THR D 518 -89.22 -1.11 -1.63
CA THR D 518 -87.97 -0.49 -2.06
C THR D 518 -86.99 -0.29 -0.91
N GLN D 519 -87.51 0.12 0.24
CA GLN D 519 -86.68 0.40 1.41
C GLN D 519 -86.34 -0.86 2.20
N ALA D 520 -87.29 -1.78 2.29
CA ALA D 520 -87.09 -3.02 3.04
C ALA D 520 -86.12 -3.95 2.32
N THR D 521 -86.00 -3.79 1.01
CA THR D 521 -85.13 -4.63 0.20
C THR D 521 -83.68 -4.14 0.22
N PHE D 522 -83.48 -2.86 -0.05
CA PHE D 522 -82.15 -2.29 -0.11
C PHE D 522 -81.45 -2.28 1.26
N MET D 523 -82.26 -2.22 2.32
CA MET D 523 -81.71 -2.12 3.67
C MET D 523 -81.43 -3.47 4.32
N VAL D 524 -82.32 -4.44 4.09
CA VAL D 524 -82.17 -5.75 4.72
C VAL D 524 -80.98 -6.52 4.14
N PHE D 525 -80.71 -6.32 2.85
CA PHE D 525 -79.59 -7.00 2.21
C PHE D 525 -78.29 -6.21 2.38
N GLN D 526 -78.41 -4.93 2.68
CA GLN D 526 -77.26 -4.10 2.95
C GLN D 526 -76.71 -4.40 4.34
N ALA D 527 -77.61 -4.76 5.25
CA ALA D 527 -77.23 -5.06 6.63
C ALA D 527 -76.70 -6.48 6.77
N LEU D 528 -77.35 -7.42 6.10
CA LEU D 528 -76.95 -8.83 6.17
C LEU D 528 -75.65 -9.07 5.38
N ALA D 529 -75.43 -8.27 4.35
CA ALA D 529 -74.20 -8.36 3.57
C ALA D 529 -73.04 -7.75 4.35
N GLN D 530 -73.34 -6.74 5.15
CA GLN D 530 -72.34 -6.09 5.98
C GLN D 530 -71.94 -7.00 7.14
N TYR D 531 -72.89 -7.79 7.60
CA TYR D 531 -72.65 -8.73 8.70
C TYR D 531 -71.73 -9.85 8.27
N GLN D 532 -71.73 -10.16 6.98
CA GLN D 532 -70.91 -11.25 6.44
C GLN D 532 -69.44 -10.84 6.30
N LYS D 533 -69.16 -9.56 6.52
CA LYS D 533 -67.79 -9.07 6.47
C LYS D 533 -67.25 -8.83 7.87
N ASP D 534 -68.11 -8.35 8.76
CA ASP D 534 -67.71 -8.04 10.13
C ASP D 534 -67.78 -9.27 11.03
N ALA D 535 -67.93 -10.44 10.42
CA ALA D 535 -68.01 -11.68 11.18
C ALA D 535 -66.68 -12.43 11.19
N PRO D 536 -65.97 -12.41 12.32
CA PRO D 536 -64.69 -13.10 12.48
C PRO D 536 -64.87 -14.61 12.58
N ASP D 537 -63.94 -15.37 12.02
CA ASP D 537 -63.97 -16.82 12.11
C ASP D 537 -63.68 -17.28 13.53
N HIS D 538 -62.66 -16.66 14.13
CA HIS D 538 -62.22 -17.02 15.47
C HIS D 538 -61.90 -15.78 16.30
N GLN D 539 -61.23 -15.99 17.43
CA GLN D 539 -60.80 -14.89 18.27
C GLN D 539 -59.27 -14.83 18.30
N GLU D 540 -58.73 -13.75 18.85
CA GLU D 540 -57.28 -13.56 18.92
C GLU D 540 -56.57 -14.77 19.51
N LEU D 541 -55.53 -15.23 18.81
CA LEU D 541 -54.74 -16.36 19.28
C LEU D 541 -53.27 -15.97 19.31
N ASN D 542 -52.83 -15.38 20.41
CA ASN D 542 -51.45 -14.96 20.57
C ASN D 542 -50.97 -15.14 22.00
N LEU D 543 -50.60 -16.38 22.34
CA LEU D 543 -50.14 -16.69 23.69
C LEU D 543 -48.63 -16.60 23.81
N ASP D 544 -48.17 -15.92 24.86
CA ASP D 544 -46.75 -15.79 25.14
C ASP D 544 -46.43 -16.58 26.41
N VAL D 545 -46.36 -17.90 26.27
CA VAL D 545 -46.09 -18.78 27.41
C VAL D 545 -44.60 -18.95 27.64
N SER D 546 -44.17 -18.73 28.87
CA SER D 546 -42.77 -18.88 29.23
C SER D 546 -42.61 -19.70 30.52
N LEU D 547 -41.86 -20.79 30.43
CA LEU D 547 -41.64 -21.67 31.58
C LEU D 547 -40.21 -21.58 32.09
N GLN D 548 -40.06 -21.28 33.37
CA GLN D 548 -38.74 -21.15 33.99
C GLN D 548 -38.43 -22.29 34.95
N LEU D 549 -37.38 -23.05 34.64
CA LEU D 549 -36.96 -24.15 35.49
C LEU D 549 -35.84 -23.70 36.41
N PRO D 550 -35.83 -24.19 37.66
CA PRO D 550 -34.82 -23.85 38.65
C PRO D 550 -33.43 -24.33 38.23
N SER D 551 -33.38 -25.44 37.48
CA SER D 551 -32.12 -26.02 37.05
C SER D 551 -31.58 -25.32 35.81
N ARG D 552 -32.30 -24.31 35.33
CA ARG D 552 -31.94 -23.62 34.11
C ARG D 552 -31.81 -22.12 34.34
N SER D 553 -30.84 -21.50 33.67
CA SER D 553 -30.56 -20.08 33.87
C SER D 553 -31.56 -19.19 33.13
N SER D 554 -31.92 -19.57 31.91
CA SER D 554 -32.79 -18.76 31.08
C SER D 554 -34.21 -19.32 31.01
N LYS D 555 -35.17 -18.47 30.65
CA LYS D 555 -36.55 -18.88 30.49
C LYS D 555 -36.76 -19.58 29.15
N ILE D 556 -37.83 -20.37 29.07
CA ILE D 556 -38.21 -21.02 27.82
C ILE D 556 -39.45 -20.35 27.26
N THR D 557 -39.26 -19.39 26.37
CA THR D 557 -40.35 -18.59 25.84
C THR D 557 -40.90 -19.15 24.53
N HIS D 558 -42.22 -19.31 24.47
CA HIS D 558 -42.89 -19.75 23.25
C HIS D 558 -44.02 -18.79 22.89
N ARG D 559 -44.38 -18.76 21.61
CA ARG D 559 -45.49 -17.95 21.14
C ARG D 559 -46.42 -18.73 20.23
N ILE D 560 -47.68 -18.85 20.64
CA ILE D 560 -48.67 -19.58 19.85
C ILE D 560 -49.54 -18.63 19.06
N HIS D 561 -49.68 -18.89 17.76
CA HIS D 561 -50.54 -18.08 16.91
C HIS D 561 -51.69 -18.92 16.37
N TRP D 562 -52.67 -18.24 15.77
CA TRP D 562 -53.84 -18.93 15.20
C TRP D 562 -53.44 -20.00 14.20
N GLU D 563 -52.55 -19.63 13.28
CA GLU D 563 -52.11 -20.55 12.22
C GLU D 563 -51.25 -21.68 12.77
N SER D 564 -50.37 -21.34 13.70
CA SER D 564 -49.44 -22.33 14.26
C SER D 564 -50.02 -23.01 15.49
N ALA D 565 -51.32 -22.85 15.71
CA ALA D 565 -51.99 -23.48 16.84
C ALA D 565 -51.99 -25.01 16.66
N SER D 566 -52.51 -25.71 17.66
CA SER D 566 -52.58 -27.17 17.63
C SER D 566 -51.23 -27.79 17.28
N LEU D 567 -50.17 -27.19 17.81
CA LEU D 567 -48.81 -27.65 17.53
C LEU D 567 -48.14 -28.18 18.80
N LEU D 568 -47.69 -29.43 18.75
CA LEU D 568 -47.01 -30.03 19.89
C LEU D 568 -45.66 -29.37 20.14
N ARG D 569 -45.58 -28.63 21.23
CA ARG D 569 -44.34 -27.95 21.60
C ARG D 569 -43.88 -28.45 22.95
N SER D 570 -42.94 -29.39 22.95
CA SER D 570 -42.50 -30.05 24.18
C SER D 570 -41.08 -29.68 24.58
N GLU D 571 -40.88 -29.55 25.89
CA GLU D 571 -39.57 -29.29 26.47
C GLU D 571 -39.26 -30.37 27.51
N GLU D 572 -38.23 -31.16 27.23
CA GLU D 572 -37.88 -32.29 28.08
C GLU D 572 -36.89 -31.91 29.17
N THR D 573 -36.97 -32.57 30.32
CA THR D 573 -36.06 -32.32 31.42
C THR D 573 -35.73 -33.60 32.18
N LYS D 574 -34.48 -34.04 32.08
CA LYS D 574 -34.05 -35.27 32.73
C LYS D 574 -34.02 -35.11 34.25
N GLU D 575 -34.31 -33.91 34.72
CA GLU D 575 -34.28 -33.62 36.15
C GLU D 575 -35.68 -33.33 36.71
N ASN D 576 -35.96 -33.88 37.88
CA ASN D 576 -37.27 -33.71 38.50
C ASN D 576 -37.32 -32.52 39.47
N GLU D 577 -37.75 -31.38 38.96
CA GLU D 577 -37.85 -30.17 39.77
C GLU D 577 -39.26 -29.59 39.75
N GLY D 578 -39.48 -28.57 40.56
CA GLY D 578 -40.75 -27.89 40.60
C GLY D 578 -40.69 -26.56 39.86
N PHE D 579 -41.06 -26.58 38.58
CA PHE D 579 -40.95 -25.39 37.74
C PHE D 579 -42.28 -24.63 37.68
N THR D 580 -42.21 -23.36 37.31
CA THR D 580 -43.39 -22.53 37.19
C THR D 580 -43.61 -22.12 35.74
N VAL D 581 -44.86 -21.82 35.39
CA VAL D 581 -45.20 -21.43 34.03
C VAL D 581 -45.94 -20.09 34.01
N THR D 582 -45.57 -19.24 33.06
CA THR D 582 -46.21 -17.94 32.92
C THR D 582 -46.80 -17.76 31.53
N ALA D 583 -48.11 -17.54 31.47
CA ALA D 583 -48.80 -17.29 30.21
C ALA D 583 -49.27 -15.84 30.15
N GLU D 584 -49.24 -15.27 28.95
CA GLU D 584 -49.62 -13.87 28.76
C GLU D 584 -50.05 -13.63 27.31
N GLY D 585 -51.06 -12.79 27.13
CA GLY D 585 -51.56 -12.47 25.80
C GLY D 585 -53.03 -12.75 25.66
N LYS D 586 -53.52 -12.69 24.42
CA LYS D 586 -54.94 -12.93 24.14
C LYS D 586 -55.14 -14.27 23.46
N GLY D 587 -56.00 -15.11 24.03
CA GLY D 587 -56.29 -16.41 23.47
C GLY D 587 -56.46 -17.48 24.52
N GLN D 588 -56.20 -18.72 24.15
CA GLN D 588 -56.33 -19.85 25.06
C GLN D 588 -55.45 -21.02 24.61
N GLY D 589 -54.84 -21.70 25.57
CA GLY D 589 -53.96 -22.82 25.29
C GLY D 589 -54.03 -23.91 26.32
N THR D 590 -53.36 -25.03 26.05
CA THR D 590 -53.40 -26.18 26.94
C THR D 590 -52.02 -26.57 27.44
N LEU D 591 -51.87 -26.70 28.75
CA LEU D 591 -50.62 -27.13 29.36
C LEU D 591 -50.75 -28.53 29.95
N SER D 592 -49.74 -29.35 29.72
CA SER D 592 -49.74 -30.72 30.23
C SER D 592 -48.33 -31.20 30.54
N VAL D 593 -48.13 -31.68 31.76
CA VAL D 593 -46.82 -32.15 32.20
C VAL D 593 -46.85 -33.62 32.58
N VAL D 594 -46.09 -34.44 31.86
CA VAL D 594 -46.04 -35.87 32.13
C VAL D 594 -44.61 -36.37 32.26
N THR D 595 -44.32 -37.04 33.38
CA THR D 595 -42.99 -37.60 33.61
C THR D 595 -42.97 -39.08 33.30
N MET D 596 -41.89 -39.54 32.68
CA MET D 596 -41.74 -40.95 32.33
C MET D 596 -40.54 -41.56 33.04
N TYR D 597 -40.76 -42.68 33.70
CA TYR D 597 -39.69 -43.32 34.48
C TYR D 597 -39.92 -44.82 34.57
N HIS D 598 -38.97 -45.51 35.22
CA HIS D 598 -39.09 -46.94 35.44
C HIS D 598 -39.56 -47.21 36.87
N ALA D 599 -40.73 -47.81 37.00
CA ALA D 599 -41.31 -48.09 38.32
C ALA D 599 -40.93 -49.47 38.82
N LYS D 600 -40.73 -49.57 40.12
CA LYS D 600 -40.36 -50.83 40.76
C LYS D 600 -41.61 -51.70 40.96
N ALA D 601 -42.53 -51.63 40.00
CA ALA D 601 -43.80 -52.33 40.10
C ALA D 601 -43.61 -53.81 40.46
N LYS D 602 -42.71 -54.48 39.75
CA LYS D 602 -42.40 -55.88 40.00
C LYS D 602 -42.26 -56.15 41.50
N ASP D 603 -42.99 -57.10 42.06
CA ASP D 603 -43.93 -57.98 41.32
C ASP D 603 -43.24 -58.95 40.35
N GLN D 604 -43.97 -59.31 39.29
CA GLN D 604 -43.48 -60.25 38.28
C GLN D 604 -41.99 -60.07 38.00
N LEU D 605 -41.24 -61.16 37.82
CA LEU D 605 -41.76 -62.52 37.76
C LEU D 605 -42.70 -62.71 36.57
N THR D 606 -42.27 -62.21 35.42
CA THR D 606 -43.09 -62.25 34.21
C THR D 606 -42.88 -63.53 33.42
N CYS D 607 -43.20 -64.67 34.05
CA CYS D 607 -43.08 -65.95 33.37
C CYS D 607 -44.27 -66.18 32.45
N ASN D 608 -45.25 -65.28 32.56
CA ASN D 608 -46.42 -65.29 31.67
C ASN D 608 -47.29 -66.53 31.76
N LYS D 609 -47.81 -66.97 30.62
CA LYS D 609 -48.76 -68.07 30.56
C LYS D 609 -48.09 -69.44 30.54
N PHE D 610 -46.93 -69.55 31.18
CA PHE D 610 -46.22 -70.82 31.24
C PHE D 610 -45.45 -70.98 32.55
N ASP D 611 -45.40 -72.21 33.05
CA ASP D 611 -44.61 -72.53 34.23
C ASP D 611 -43.62 -73.64 33.90
N LEU D 612 -42.42 -73.24 33.51
CA LEU D 612 -41.41 -74.19 33.09
C LEU D 612 -40.51 -74.60 34.25
N LYS D 613 -40.39 -75.91 34.45
CA LYS D 613 -39.50 -76.46 35.47
C LYS D 613 -38.53 -77.45 34.85
N VAL D 614 -37.23 -77.14 34.94
CA VAL D 614 -36.19 -77.98 34.35
C VAL D 614 -35.25 -78.51 35.42
N THR D 615 -34.92 -79.81 35.33
CA THR D 615 -34.04 -80.44 36.30
C THR D 615 -33.04 -81.38 35.62
N ILE D 616 -31.79 -81.30 36.04
CA ILE D 616 -30.74 -82.17 35.50
C ILE D 616 -30.16 -83.08 36.59
N LYS D 617 -30.29 -84.38 36.40
CA LYS D 617 -29.84 -85.35 37.38
C LYS D 617 -28.89 -86.37 36.76
N PRO D 618 -28.03 -86.99 37.59
CA PRO D 618 -27.09 -88.01 37.13
C PRO D 618 -27.80 -89.28 36.63
N ALA D 619 -27.05 -90.35 36.42
CA ALA D 619 -27.59 -91.60 35.92
C ALA D 619 -27.25 -92.77 36.83
N PRO D 620 -28.05 -93.85 36.77
CA PRO D 620 -27.81 -95.04 37.58
C PRO D 620 -26.39 -95.58 37.41
N LYS D 630 -20.26 -90.33 28.14
CA LYS D 630 -19.48 -90.58 29.34
C LYS D 630 -20.32 -90.45 30.61
N ASN D 631 -20.48 -89.22 31.08
CA ASN D 631 -21.28 -88.96 32.28
C ASN D 631 -22.74 -88.71 31.93
N THR D 632 -23.43 -89.76 31.47
CA THR D 632 -24.82 -89.65 31.08
C THR D 632 -25.66 -89.00 32.18
N MET D 633 -26.61 -88.18 31.79
CA MET D 633 -27.50 -87.53 32.73
C MET D 633 -28.95 -87.53 32.22
N ILE D 634 -29.89 -87.25 33.12
CA ILE D 634 -31.30 -87.23 32.77
C ILE D 634 -31.86 -85.81 32.86
N LEU D 635 -32.48 -85.35 31.78
CA LEU D 635 -33.04 -84.01 31.75
C LEU D 635 -34.56 -84.04 31.75
N GLU D 636 -35.16 -83.82 32.93
CA GLU D 636 -36.60 -83.81 33.07
C GLU D 636 -37.16 -82.39 32.89
N ILE D 637 -38.11 -82.25 31.97
CA ILE D 637 -38.67 -80.93 31.67
C ILE D 637 -40.17 -80.90 31.86
N CYS D 638 -40.61 -80.32 32.97
CA CYS D 638 -42.04 -80.18 33.26
C CYS D 638 -42.55 -78.82 32.81
N THR D 639 -43.78 -78.78 32.31
CA THR D 639 -44.37 -77.54 31.82
C THR D 639 -45.88 -77.48 32.03
N ARG D 640 -46.38 -76.29 32.34
CA ARG D 640 -47.81 -76.09 32.54
C ARG D 640 -48.24 -74.76 31.91
N TYR D 641 -49.53 -74.63 31.64
CA TYR D 641 -50.05 -73.42 31.02
C TYR D 641 -50.97 -72.65 31.97
N ARG D 642 -50.76 -71.34 32.05
CA ARG D 642 -51.59 -70.49 32.88
C ARG D 642 -52.76 -69.92 32.10
N GLY D 643 -53.86 -70.66 32.05
CA GLY D 643 -55.05 -70.23 31.33
C GLY D 643 -56.24 -71.12 31.60
N ASP D 644 -57.32 -70.89 30.87
CA ASP D 644 -58.53 -71.68 31.01
C ASP D 644 -58.64 -72.72 29.90
N GLN D 645 -57.66 -72.71 29.00
CA GLN D 645 -57.67 -73.61 27.85
C GLN D 645 -56.40 -74.44 27.80
N ASP D 646 -56.51 -75.65 27.26
CA ASP D 646 -55.33 -76.48 27.01
C ASP D 646 -54.54 -75.87 25.86
N ALA D 647 -53.51 -75.10 26.20
CA ALA D 647 -52.71 -74.38 25.22
C ALA D 647 -52.52 -75.18 23.94
N THR D 648 -52.65 -74.50 22.80
CA THR D 648 -52.50 -75.13 21.51
C THR D 648 -51.06 -75.59 21.27
N MET D 649 -50.69 -75.68 20.00
CA MET D 649 -49.35 -76.12 19.62
C MET D 649 -48.28 -75.22 20.22
N SER D 650 -47.25 -75.83 20.81
CA SER D 650 -46.17 -75.06 21.43
C SER D 650 -44.81 -75.53 20.94
N ILE D 651 -43.76 -74.85 21.41
CA ILE D 651 -42.40 -75.16 20.97
C ILE D 651 -41.48 -75.41 22.16
N LEU D 652 -40.49 -76.28 21.97
CA LEU D 652 -39.50 -76.58 22.99
C LEU D 652 -38.08 -76.38 22.48
N ASP D 653 -37.56 -75.17 22.62
CA ASP D 653 -36.19 -74.86 22.21
C ASP D 653 -35.21 -75.21 23.32
N ILE D 654 -34.39 -76.23 23.08
CA ILE D 654 -33.44 -76.70 24.09
C ILE D 654 -32.00 -76.54 23.63
N SER D 655 -31.16 -76.03 24.53
CA SER D 655 -29.74 -75.87 24.25
C SER D 655 -28.91 -76.74 25.19
N MET D 656 -28.18 -77.69 24.63
CA MET D 656 -27.38 -78.62 25.43
C MET D 656 -26.23 -77.91 26.15
N MET D 657 -25.72 -78.56 27.19
CA MET D 657 -24.53 -78.08 27.88
C MET D 657 -23.32 -78.40 27.01
N THR D 658 -22.42 -77.44 26.83
CA THR D 658 -21.27 -77.63 25.97
C THR D 658 -20.51 -78.92 26.31
N GLY D 659 -20.65 -79.91 25.43
CA GLY D 659 -20.04 -81.21 25.65
C GLY D 659 -21.06 -82.29 25.94
N PHE D 660 -22.32 -81.99 25.70
CA PHE D 660 -23.40 -82.94 25.95
C PHE D 660 -24.34 -83.04 24.75
N ALA D 661 -24.84 -84.25 24.51
CA ALA D 661 -25.75 -84.49 23.40
C ALA D 661 -26.86 -85.46 23.83
N PRO D 662 -28.08 -85.23 23.32
CA PRO D 662 -29.25 -86.07 23.64
C PRO D 662 -29.07 -87.50 23.13
N ASP D 663 -29.62 -88.45 23.88
CA ASP D 663 -29.59 -89.87 23.47
C ASP D 663 -30.55 -90.09 22.32
N THR D 664 -30.01 -90.41 21.15
CA THR D 664 -30.80 -90.63 19.95
C THR D 664 -31.98 -91.58 20.21
N ASP D 665 -31.72 -92.65 20.95
CA ASP D 665 -32.74 -93.64 21.24
C ASP D 665 -33.95 -93.03 21.94
N ASP D 666 -33.70 -92.21 22.95
CA ASP D 666 -34.77 -91.58 23.72
C ASP D 666 -35.55 -90.57 22.88
N LEU D 667 -34.88 -89.95 21.93
CA LEU D 667 -35.52 -88.97 21.06
C LEU D 667 -36.56 -89.62 20.16
N LYS D 668 -36.21 -90.78 19.60
CA LYS D 668 -37.14 -91.54 18.78
C LYS D 668 -38.41 -91.89 19.55
N GLN D 669 -38.24 -92.29 20.80
CA GLN D 669 -39.36 -92.66 21.65
C GLN D 669 -40.32 -91.50 21.84
N LEU D 670 -39.78 -90.31 22.03
CA LEU D 670 -40.58 -89.12 22.22
C LEU D 670 -41.20 -88.64 20.91
N ALA D 671 -40.46 -88.83 19.82
CA ALA D 671 -40.93 -88.43 18.50
C ALA D 671 -42.18 -89.21 18.08
N ASN D 672 -42.17 -90.51 18.36
CA ASN D 672 -43.31 -91.37 18.03
C ASN D 672 -44.48 -91.16 18.97
N GLY D 673 -44.19 -90.65 20.18
CA GLY D 673 -45.22 -90.40 21.17
C GLY D 673 -46.32 -89.49 20.65
N VAL D 674 -47.51 -89.63 21.21
CA VAL D 674 -48.65 -88.83 20.81
C VAL D 674 -48.48 -87.38 21.25
N ASP D 675 -48.91 -86.45 20.39
CA ASP D 675 -48.83 -85.02 20.67
C ASP D 675 -47.38 -84.52 20.70
N ARG D 676 -46.46 -85.33 20.17
CA ARG D 676 -45.06 -84.95 20.10
C ARG D 676 -44.46 -85.25 18.73
N TYR D 677 -43.73 -84.27 18.19
CA TYR D 677 -43.11 -84.41 16.88
C TYR D 677 -41.73 -83.75 16.83
N ILE D 678 -40.78 -84.44 16.20
CA ILE D 678 -39.44 -83.91 16.03
C ILE D 678 -39.01 -84.03 14.57
N SER D 679 -38.74 -82.89 13.95
CA SER D 679 -38.37 -82.85 12.52
C SER D 679 -37.36 -83.94 12.17
N LYS D 680 -37.62 -84.63 11.05
CA LYS D 680 -36.73 -85.68 10.58
C LYS D 680 -35.32 -85.14 10.39
N TYR D 681 -35.23 -83.86 10.03
CA TYR D 681 -33.95 -83.19 9.81
C TYR D 681 -33.10 -83.20 11.07
N GLU D 682 -33.75 -83.18 12.22
CA GLU D 682 -33.05 -83.09 13.50
C GLU D 682 -32.66 -84.47 14.02
N LEU D 683 -33.35 -85.50 13.54
CA LEU D 683 -33.07 -86.87 13.98
C LEU D 683 -31.71 -87.37 13.52
N ASP D 684 -31.55 -87.51 12.21
CA ASP D 684 -30.31 -88.03 11.63
C ASP D 684 -29.19 -86.99 11.60
N LYS D 685 -28.68 -86.65 12.77
CA LYS D 685 -27.57 -85.71 12.89
C LYS D 685 -26.37 -86.37 13.58
N ALA D 686 -26.65 -87.39 14.38
CA ALA D 686 -25.61 -88.07 15.17
C ALA D 686 -24.98 -87.12 16.19
N PHE D 687 -24.02 -87.64 16.95
CA PHE D 687 -23.35 -86.84 17.97
C PHE D 687 -22.44 -85.77 17.35
N SER D 688 -22.51 -85.64 16.03
CA SER D 688 -21.73 -84.64 15.33
C SER D 688 -22.02 -83.25 15.88
N ASP D 689 -23.24 -82.79 15.68
CA ASP D 689 -23.65 -81.47 16.17
C ASP D 689 -25.16 -81.38 16.40
N ARG D 690 -25.61 -81.92 17.54
CA ARG D 690 -26.99 -81.77 17.96
C ARG D 690 -27.05 -81.06 19.30
N ASN D 691 -26.42 -79.88 19.37
CA ASN D 691 -26.39 -79.10 20.59
C ASN D 691 -27.65 -78.26 20.77
N THR D 692 -28.49 -78.21 19.74
CA THR D 692 -29.75 -77.50 19.81
C THR D 692 -30.89 -78.37 19.28
N LEU D 693 -31.91 -78.57 20.10
CA LEU D 693 -33.01 -79.45 19.74
C LEU D 693 -34.35 -78.72 19.87
N ILE D 694 -35.24 -78.92 18.89
CA ILE D 694 -36.57 -78.33 18.94
C ILE D 694 -37.65 -79.40 18.96
N ILE D 695 -38.29 -79.56 20.11
CA ILE D 695 -39.35 -80.55 20.26
C ILE D 695 -40.72 -79.90 20.22
N TYR D 696 -41.33 -79.89 19.04
CA TYR D 696 -42.66 -79.30 18.87
C TYR D 696 -43.71 -80.08 19.64
N LEU D 697 -44.72 -79.38 20.15
CA LEU D 697 -45.79 -80.01 20.91
C LEU D 697 -47.15 -79.70 20.29
N ASP D 698 -48.11 -80.60 20.48
CA ASP D 698 -49.45 -80.40 19.96
C ASP D 698 -50.35 -79.70 20.97
N LYS D 699 -50.03 -79.85 22.25
CA LYS D 699 -50.79 -79.21 23.31
C LYS D 699 -50.12 -79.36 24.68
N VAL D 700 -50.47 -78.48 25.60
CA VAL D 700 -50.00 -78.58 26.98
C VAL D 700 -51.10 -78.20 27.96
N SER D 701 -51.52 -79.17 28.77
CA SER D 701 -52.62 -78.98 29.71
C SER D 701 -52.38 -77.79 30.63
N HIS D 702 -53.45 -77.05 30.94
CA HIS D 702 -53.37 -75.93 31.87
C HIS D 702 -53.60 -76.42 33.29
N SER D 703 -53.89 -77.70 33.43
CA SER D 703 -54.16 -78.29 34.73
C SER D 703 -52.87 -78.78 35.39
N GLU D 704 -52.43 -79.97 35.00
CA GLU D 704 -51.21 -80.55 35.55
C GLU D 704 -50.00 -80.27 34.66
N ASP D 705 -48.86 -80.85 35.01
CA ASP D 705 -47.62 -80.62 34.26
C ASP D 705 -47.32 -81.75 33.30
N ASP D 706 -47.25 -81.43 32.01
CA ASP D 706 -46.92 -82.42 30.99
C ASP D 706 -45.42 -82.65 30.93
N CYS D 707 -44.90 -83.33 31.95
CA CYS D 707 -43.46 -83.54 32.09
C CYS D 707 -42.93 -84.62 31.15
N LEU D 708 -41.75 -84.38 30.59
CA LEU D 708 -41.07 -85.36 29.74
C LEU D 708 -39.58 -85.31 30.04
N ALA D 709 -38.83 -86.28 29.51
CA ALA D 709 -37.39 -86.35 29.76
C ALA D 709 -36.65 -87.22 28.76
N PHE D 710 -35.33 -87.12 28.78
CA PHE D 710 -34.46 -87.94 27.93
C PHE D 710 -33.02 -87.89 28.40
N LYS D 711 -32.23 -88.87 27.98
CA LYS D 711 -30.84 -88.99 28.40
C LYS D 711 -29.94 -88.05 27.60
N VAL D 712 -28.83 -87.65 28.19
CA VAL D 712 -27.87 -86.78 27.53
C VAL D 712 -26.43 -87.18 27.87
N HIS D 713 -25.76 -87.82 26.91
CA HIS D 713 -24.41 -88.32 27.13
C HIS D 713 -23.37 -87.22 26.92
N GLN D 714 -22.24 -87.33 27.61
CA GLN D 714 -21.15 -86.38 27.47
C GLN D 714 -20.11 -86.90 26.47
N TYR D 715 -20.25 -86.50 25.21
CA TYR D 715 -19.37 -86.98 24.15
C TYR D 715 -18.02 -86.27 24.14
N PHE D 716 -17.97 -85.08 24.73
CA PHE D 716 -16.75 -84.30 24.76
C PHE D 716 -16.52 -83.70 26.14
N ASN D 717 -15.37 -84.01 26.74
CA ASN D 717 -15.05 -83.53 28.08
C ASN D 717 -14.20 -82.26 28.07
N VAL D 718 -14.55 -81.32 28.93
CA VAL D 718 -13.82 -80.06 29.03
C VAL D 718 -14.21 -79.32 30.31
N GLU D 719 -13.22 -78.73 30.98
CA GLU D 719 -13.47 -77.98 32.20
C GLU D 719 -14.29 -76.73 31.92
N LEU D 720 -15.03 -76.28 32.92
CA LEU D 720 -15.90 -75.11 32.78
C LEU D 720 -16.90 -75.27 31.64
N ILE D 721 -17.99 -75.97 31.92
CA ILE D 721 -19.04 -76.16 30.92
C ILE D 721 -20.15 -75.12 31.05
N GLN D 722 -20.76 -74.78 29.93
CA GLN D 722 -21.77 -73.72 29.87
C GLN D 722 -23.17 -74.28 30.14
N PRO D 723 -23.88 -73.65 31.10
CA PRO D 723 -25.24 -74.05 31.46
C PRO D 723 -26.18 -74.04 30.26
N GLY D 724 -27.04 -75.05 30.18
CA GLY D 724 -28.01 -75.15 29.10
C GLY D 724 -29.26 -74.35 29.39
N ALA D 725 -30.19 -74.34 28.43
CA ALA D 725 -31.43 -73.58 28.58
C ALA D 725 -32.61 -74.25 27.87
N VAL D 726 -33.81 -73.95 28.36
CA VAL D 726 -35.03 -74.48 27.75
C VAL D 726 -36.06 -73.35 27.64
N LYS D 727 -36.69 -73.25 26.47
CA LYS D 727 -37.65 -72.18 26.22
C LYS D 727 -38.95 -72.71 25.63
N VAL D 728 -40.07 -72.24 26.17
CA VAL D 728 -41.39 -72.67 25.67
C VAL D 728 -42.22 -71.47 25.25
N TYR D 729 -43.15 -71.69 24.32
CA TYR D 729 -44.04 -70.65 23.84
C TYR D 729 -45.01 -71.19 22.79
N ALA D 730 -46.06 -70.41 22.51
CA ALA D 730 -47.02 -70.78 21.47
C ALA D 730 -46.51 -70.37 20.10
N TYR D 731 -47.17 -70.84 19.05
CA TYR D 731 -46.74 -70.58 17.69
C TYR D 731 -47.18 -69.20 17.20
N TYR D 732 -48.05 -68.55 17.96
CA TYR D 732 -48.57 -67.25 17.56
C TYR D 732 -47.91 -66.08 18.28
N ASN D 733 -47.58 -66.28 19.56
CA ASN D 733 -46.93 -65.23 20.35
C ASN D 733 -45.55 -65.65 20.84
N LEU D 734 -44.53 -64.92 20.40
CA LEU D 734 -43.15 -65.21 20.78
C LEU D 734 -42.75 -64.51 22.07
N GLU D 735 -43.21 -63.27 22.23
CA GLU D 735 -42.89 -62.47 23.41
C GLU D 735 -43.26 -63.21 24.70
N GLU D 736 -44.53 -63.56 24.84
CA GLU D 736 -45.00 -64.28 26.01
C GLU D 736 -44.40 -65.67 26.07
N SER D 737 -43.39 -65.86 26.90
CA SER D 737 -42.71 -67.14 27.01
C SER D 737 -41.97 -67.27 28.33
N CYS D 738 -41.41 -68.45 28.59
CA CYS D 738 -40.67 -68.70 29.81
C CYS D 738 -39.42 -69.52 29.51
N THR D 739 -38.27 -69.05 30.00
CA THR D 739 -36.99 -69.71 29.77
C THR D 739 -36.29 -70.07 31.07
N ARG D 740 -35.76 -71.28 31.15
CA ARG D 740 -35.05 -71.74 32.33
C ARG D 740 -33.68 -72.29 31.96
N PHE D 741 -32.76 -72.27 32.92
CA PHE D 741 -31.41 -72.77 32.70
C PHE D 741 -31.10 -73.94 33.62
N TYR D 742 -30.39 -74.94 33.09
CA TYR D 742 -30.02 -76.10 33.90
C TYR D 742 -28.52 -76.32 33.91
N HIS D 743 -28.00 -76.78 35.05
CA HIS D 743 -26.58 -77.03 35.21
C HIS D 743 -26.37 -78.03 36.34
N PRO D 744 -25.41 -78.95 36.16
CA PRO D 744 -25.11 -79.98 37.16
C PRO D 744 -24.88 -79.38 38.55
N GLU D 745 -23.88 -78.51 38.66
CA GLU D 745 -23.53 -77.90 39.95
C GLU D 745 -24.35 -76.65 40.23
N LYS D 746 -24.07 -75.59 39.48
CA LYS D 746 -24.73 -74.30 39.68
C LYS D 746 -26.25 -74.43 39.75
N GLU D 747 -26.82 -73.95 40.84
CA GLU D 747 -28.27 -74.04 41.05
C GLU D 747 -29.05 -73.25 40.00
N ASP D 748 -30.18 -73.82 39.59
CA ASP D 748 -31.06 -73.20 38.59
C ASP D 748 -30.33 -72.61 37.37
N GLY D 749 -29.14 -73.12 37.10
CA GLY D 749 -28.40 -72.75 35.91
C GLY D 749 -28.02 -71.27 35.81
N LYS D 750 -27.70 -70.67 36.94
CA LYS D 750 -27.28 -69.27 36.96
C LYS D 750 -25.76 -69.15 37.11
N LEU D 751 -25.21 -68.03 36.65
CA LEU D 751 -23.78 -67.81 36.71
C LEU D 751 -23.37 -67.03 37.96
N ASN D 752 -22.21 -67.41 38.52
CA ASN D 752 -21.70 -66.79 39.74
C ASN D 752 -21.41 -65.31 39.56
N LYS D 753 -22.26 -64.47 40.14
CA LYS D 753 -22.08 -63.02 40.08
C LYS D 753 -22.29 -62.37 41.45
N LEU D 754 -21.26 -61.69 41.93
CA LEU D 754 -21.34 -61.00 43.22
C LEU D 754 -22.38 -59.89 43.15
N CYS D 755 -23.60 -60.20 43.59
CA CYS D 755 -24.70 -59.24 43.54
C CYS D 755 -24.84 -58.45 44.83
N ARG D 756 -25.15 -57.17 44.70
CA ARG D 756 -25.37 -56.30 45.84
C ARG D 756 -26.32 -55.17 45.48
N ASP D 757 -27.56 -55.28 45.95
CA ASP D 757 -28.60 -54.29 45.65
C ASP D 757 -29.05 -54.35 44.18
N GLU D 758 -28.18 -53.90 43.29
CA GLU D 758 -28.49 -53.93 41.86
C GLU D 758 -27.21 -53.86 41.03
N LEU D 759 -26.07 -54.00 41.69
CA LEU D 759 -24.78 -54.00 41.02
C LEU D 759 -24.10 -55.35 41.19
N CYS D 760 -23.96 -56.08 40.08
CA CYS D 760 -23.33 -57.40 40.11
C CYS D 760 -22.07 -57.43 39.26
N ARG D 761 -21.10 -58.25 39.67
CA ARG D 761 -19.88 -58.44 38.91
C ARG D 761 -19.62 -59.92 38.69
N CYS D 762 -19.28 -60.29 37.45
CA CYS D 762 -19.08 -61.69 37.09
C CYS D 762 -17.91 -62.30 37.86
N ALA D 763 -18.19 -63.37 38.60
CA ALA D 763 -17.16 -64.04 39.38
C ALA D 763 -16.88 -65.44 38.84
N GLU D 764 -16.57 -65.52 37.55
CA GLU D 764 -16.25 -66.78 36.89
C GLU D 764 -14.79 -66.86 36.49
N GLU D 765 -13.90 -66.74 37.46
CA GLU D 765 -12.46 -66.78 37.20
C GLU D 765 -11.72 -67.58 38.27
N ASN D 766 -10.40 -67.54 38.23
CA ASN D 766 -9.58 -68.28 39.20
C ASN D 766 -9.77 -67.76 40.63
N CYS D 767 -9.15 -68.44 41.58
CA CYS D 767 -9.25 -68.05 42.99
C CYS D 767 -8.35 -66.88 43.33
N PHE D 768 -7.04 -67.10 43.23
CA PHE D 768 -6.06 -66.04 43.46
C PHE D 768 -4.91 -66.12 42.46
N ILE D 769 -3.92 -65.26 42.62
CA ILE D 769 -2.80 -65.16 41.67
C ILE D 769 -2.23 -66.52 41.29
N GLN D 770 -1.30 -67.02 42.10
CA GLN D 770 -0.66 -68.29 41.84
C GLN D 770 -0.50 -69.11 43.12
N LYS D 771 0.73 -69.60 43.35
CA LYS D 771 0.99 -70.45 44.51
C LYS D 771 2.39 -70.20 45.07
N ASP D 774 8.92 -71.05 41.44
CA ASP D 774 8.37 -71.99 42.42
C ASP D 774 8.98 -71.79 43.79
N LYS D 775 9.67 -70.67 43.98
CA LYS D 775 10.31 -70.37 45.26
C LYS D 775 9.98 -68.96 45.74
N VAL D 776 9.41 -68.15 44.85
CA VAL D 776 9.07 -66.76 45.15
C VAL D 776 10.03 -66.11 46.14
N THR D 777 11.19 -65.71 45.65
CA THR D 777 12.23 -65.13 46.49
C THR D 777 11.85 -63.73 46.97
N LEU D 778 12.83 -63.02 47.52
CA LEU D 778 12.61 -61.68 48.06
C LEU D 778 12.37 -60.68 46.92
N GLU D 779 13.29 -60.64 45.96
CA GLU D 779 13.18 -59.73 44.83
C GLU D 779 11.89 -59.98 44.06
N GLU D 780 11.40 -61.21 44.12
CA GLU D 780 10.15 -61.57 43.47
C GLU D 780 8.99 -60.83 44.12
N ARG D 781 8.95 -60.86 45.45
CA ARG D 781 7.89 -60.20 46.20
C ARG D 781 7.95 -58.67 46.02
N LEU D 782 9.16 -58.14 45.91
CA LEU D 782 9.35 -56.70 45.77
C LEU D 782 8.70 -56.17 44.49
N ASP D 783 9.03 -56.78 43.36
CA ASP D 783 8.49 -56.34 42.07
C ASP D 783 6.98 -56.59 41.98
N LYS D 784 6.54 -57.75 42.45
CA LYS D 784 5.13 -58.10 42.39
C LYS D 784 4.27 -57.17 43.25
N ALA D 785 4.82 -56.72 44.37
CA ALA D 785 4.08 -55.85 45.27
C ALA D 785 4.20 -54.38 44.87
N CYS D 786 5.06 -54.11 43.88
CA CYS D 786 5.24 -52.74 43.40
C CYS D 786 4.69 -52.56 41.99
N GLU D 787 4.06 -53.60 41.45
CA GLU D 787 3.42 -53.52 40.15
C GLU D 787 2.38 -52.39 40.18
N PRO D 788 2.19 -51.74 39.03
CA PRO D 788 1.24 -50.62 38.95
C PRO D 788 -0.13 -51.00 39.50
N GLY D 789 -0.60 -52.19 39.15
CA GLY D 789 -1.91 -52.65 39.57
C GLY D 789 -2.12 -52.74 41.07
N VAL D 790 -1.12 -53.30 41.76
CA VAL D 790 -1.21 -53.48 43.21
C VAL D 790 -1.42 -52.16 43.93
N ASP D 791 -2.45 -52.11 44.77
CA ASP D 791 -2.81 -50.91 45.51
C ASP D 791 -2.38 -50.98 46.97
N TYR D 792 -2.94 -51.93 47.70
CA TYR D 792 -2.70 -52.06 49.13
C TYR D 792 -1.80 -53.24 49.45
N VAL D 793 -1.11 -53.17 50.59
CA VAL D 793 -0.30 -54.27 51.09
C VAL D 793 -0.38 -54.28 52.62
N TYR D 794 -1.08 -55.27 53.17
CA TYR D 794 -1.28 -55.35 54.61
C TYR D 794 -0.73 -56.63 55.22
N LYS D 795 -0.50 -56.60 56.52
CA LYS D 795 -0.24 -57.80 57.31
C LYS D 795 -1.41 -57.96 58.26
N THR D 796 -2.37 -58.80 57.89
CA THR D 796 -3.64 -58.88 58.62
C THR D 796 -3.80 -60.17 59.42
N ARG D 797 -4.74 -60.14 60.36
CA ARG D 797 -5.05 -61.31 61.18
C ARG D 797 -6.52 -61.68 61.01
N LEU D 798 -6.78 -62.89 60.54
CA LEU D 798 -8.15 -63.35 60.30
C LEU D 798 -8.93 -63.51 61.60
N VAL D 799 -9.71 -62.49 61.94
CA VAL D 799 -10.47 -62.48 63.19
C VAL D 799 -11.68 -63.43 63.14
N LYS D 800 -12.56 -63.19 62.18
CA LYS D 800 -13.79 -63.97 62.07
C LYS D 800 -14.01 -64.45 60.65
N VAL D 801 -14.62 -65.63 60.51
CA VAL D 801 -14.95 -66.17 59.21
C VAL D 801 -16.44 -66.47 59.11
N GLN D 802 -17.08 -65.91 58.09
CA GLN D 802 -18.49 -66.16 57.85
C GLN D 802 -18.64 -66.85 56.49
N LEU D 803 -18.41 -68.16 56.49
CA LEU D 803 -18.46 -68.95 55.27
C LEU D 803 -19.76 -69.73 55.18
N SER D 804 -20.36 -69.74 53.99
CA SER D 804 -21.64 -70.42 53.79
C SER D 804 -22.10 -70.36 52.35
N ASN D 805 -22.81 -71.41 51.91
CA ASN D 805 -23.44 -71.47 50.59
C ASN D 805 -22.54 -70.99 49.45
N ASP D 806 -22.61 -69.70 49.14
CA ASP D 806 -21.77 -69.11 48.09
C ASP D 806 -21.11 -67.83 48.59
N PHE D 807 -19.80 -67.73 48.40
CA PHE D 807 -19.02 -66.58 48.85
C PHE D 807 -18.78 -66.61 50.35
N ASP D 808 -17.54 -66.34 50.76
CA ASP D 808 -17.15 -66.38 52.16
C ASP D 808 -16.67 -65.03 52.65
N GLU D 809 -17.24 -64.55 53.76
CA GLU D 809 -16.76 -63.34 54.39
C GLU D 809 -15.55 -63.65 55.28
N TYR D 810 -14.43 -63.00 54.99
CA TYR D 810 -13.24 -63.11 55.83
C TYR D 810 -12.96 -61.77 56.46
N ILE D 811 -13.18 -61.65 57.76
CA ILE D 811 -12.94 -60.40 58.47
C ILE D 811 -11.51 -60.35 59.01
N MET D 812 -10.68 -59.53 58.38
CA MET D 812 -9.28 -59.41 58.76
C MET D 812 -9.05 -58.17 59.60
N ALA D 813 -8.01 -58.20 60.43
CA ALA D 813 -7.62 -57.06 61.24
C ALA D 813 -6.22 -56.60 60.84
N ILE D 814 -6.13 -55.41 60.26
CA ILE D 814 -4.86 -54.90 59.75
C ILE D 814 -3.87 -54.61 60.88
N GLU D 815 -2.77 -55.37 60.92
CA GLU D 815 -1.74 -55.19 61.93
C GLU D 815 -0.79 -54.05 61.58
N GLN D 816 -0.46 -53.93 60.29
CA GLN D 816 0.37 -52.83 59.83
C GLN D 816 0.19 -52.59 58.33
N THR D 817 0.08 -51.33 57.95
CA THR D 817 -0.06 -50.96 56.56
C THR D 817 1.30 -50.81 55.88
N ILE D 818 1.79 -51.89 55.28
CA ILE D 818 3.07 -51.88 54.60
C ILE D 818 3.07 -50.84 53.47
N LYS D 819 2.04 -50.87 52.64
CA LYS D 819 1.86 -49.86 51.60
C LYS D 819 0.44 -49.29 51.65
N SER D 820 0.31 -48.06 52.14
CA SER D 820 -0.98 -47.41 52.22
C SER D 820 -1.60 -47.31 50.83
N GLY D 821 -2.78 -47.91 50.68
CA GLY D 821 -3.49 -47.89 49.41
C GLY D 821 -4.42 -46.70 49.26
N SER D 822 -5.44 -46.85 48.44
CA SER D 822 -6.42 -45.78 48.25
C SER D 822 -7.51 -45.84 49.30
N ASP D 823 -7.34 -46.74 50.26
CA ASP D 823 -8.28 -46.87 51.38
C ASP D 823 -7.62 -46.40 52.67
N GLU D 824 -8.08 -45.26 53.18
CA GLU D 824 -7.53 -44.70 54.41
C GLU D 824 -7.86 -45.57 55.61
N VAL D 825 -6.99 -46.53 55.90
CA VAL D 825 -7.19 -47.44 57.02
C VAL D 825 -5.97 -47.48 57.94
N GLN D 826 -6.23 -47.36 59.24
CA GLN D 826 -5.15 -47.39 60.23
C GLN D 826 -5.12 -48.73 60.97
N VAL D 827 -4.00 -49.00 61.63
CA VAL D 827 -3.83 -50.24 62.38
C VAL D 827 -4.88 -50.40 63.46
N GLY D 828 -5.41 -51.61 63.59
CA GLY D 828 -6.41 -51.90 64.60
C GLY D 828 -7.81 -52.05 64.04
N GLN D 829 -8.05 -51.45 62.90
CA GLN D 829 -9.36 -51.52 62.25
C GLN D 829 -9.57 -52.87 61.56
N GLN D 830 -10.80 -53.13 61.15
CA GLN D 830 -11.12 -54.39 60.50
C GLN D 830 -11.71 -54.18 59.11
N ARG D 831 -11.33 -55.04 58.18
CA ARG D 831 -11.82 -54.98 56.81
C ARG D 831 -12.34 -56.35 56.38
N THR D 832 -13.49 -56.36 55.72
CA THR D 832 -14.12 -57.61 55.29
C THR D 832 -13.68 -58.00 53.88
N PHE D 833 -13.29 -59.26 53.73
CA PHE D 833 -12.86 -59.78 52.44
C PHE D 833 -13.88 -60.79 51.89
N ILE D 834 -13.98 -60.86 50.57
CA ILE D 834 -14.95 -61.73 49.92
C ILE D 834 -14.30 -62.64 48.88
N SER D 835 -14.67 -63.92 48.91
CA SER D 835 -14.12 -64.90 47.98
C SER D 835 -15.11 -66.04 47.74
N PRO D 836 -15.24 -66.48 46.48
CA PRO D 836 -16.14 -67.57 46.10
C PRO D 836 -15.82 -68.87 46.84
N ILE D 837 -16.81 -69.77 46.91
CA ILE D 837 -16.65 -71.03 47.62
C ILE D 837 -15.65 -71.95 46.93
N LYS D 838 -15.66 -71.94 45.60
CA LYS D 838 -14.77 -72.81 44.83
C LYS D 838 -13.31 -72.62 45.20
N CYS D 839 -12.98 -71.46 45.76
CA CYS D 839 -11.61 -71.14 46.10
C CYS D 839 -11.35 -71.32 47.60
N ARG D 840 -12.42 -71.54 48.36
CA ARG D 840 -12.31 -71.71 49.80
C ARG D 840 -11.37 -72.87 50.16
N GLU D 841 -11.41 -73.91 49.35
CA GLU D 841 -10.57 -75.09 49.59
C GLU D 841 -9.10 -74.76 49.43
N ALA D 842 -8.79 -73.86 48.50
CA ALA D 842 -7.41 -73.47 48.22
C ALA D 842 -6.90 -72.48 49.26
N LEU D 843 -7.79 -71.67 49.80
CA LEU D 843 -7.42 -70.68 50.81
C LEU D 843 -7.12 -71.32 52.16
N LYS D 844 -7.95 -72.29 52.54
CA LYS D 844 -7.82 -72.99 53.82
C LYS D 844 -7.41 -72.06 54.97
N LEU D 845 -7.93 -70.84 54.96
CA LEU D 845 -7.60 -69.86 55.98
C LEU D 845 -8.15 -70.26 57.34
N GLU D 846 -7.32 -70.10 58.38
CA GLU D 846 -7.74 -70.41 59.74
C GLU D 846 -7.71 -69.15 60.60
N GLU D 847 -8.71 -68.98 61.45
CA GLU D 847 -8.81 -67.79 62.29
C GLU D 847 -7.60 -67.61 63.21
N LYS D 848 -7.43 -66.40 63.70
CA LYS D 848 -6.34 -66.08 64.63
C LYS D 848 -4.96 -66.13 63.97
N LYS D 849 -4.92 -66.55 62.71
CA LYS D 849 -3.66 -66.61 61.97
C LYS D 849 -3.42 -65.33 61.18
N HIS D 850 -2.14 -65.00 61.00
CA HIS D 850 -1.75 -63.80 60.28
C HIS D 850 -1.38 -64.11 58.83
N TYR D 851 -1.68 -63.16 57.93
CA TYR D 851 -1.40 -63.35 56.52
C TYR D 851 -0.89 -62.06 55.87
N LEU D 852 0.06 -62.21 54.96
CA LEU D 852 0.54 -61.09 54.15
C LEU D 852 -0.19 -61.08 52.82
N MET D 853 -1.04 -60.07 52.62
CA MET D 853 -1.86 -60.02 51.41
C MET D 853 -1.86 -58.66 50.72
N TRP D 854 -1.83 -58.67 49.40
CA TRP D 854 -1.98 -57.46 48.60
C TRP D 854 -2.91 -57.70 47.42
N GLY D 855 -3.67 -56.67 47.03
CA GLY D 855 -4.63 -56.80 45.95
C GLY D 855 -4.64 -55.62 45.01
N LEU D 856 -5.46 -55.72 43.96
CA LEU D 856 -5.55 -54.65 42.96
C LEU D 856 -6.61 -53.62 43.35
N SER D 857 -6.50 -52.42 42.79
CA SER D 857 -7.45 -51.36 43.08
C SER D 857 -8.79 -51.64 42.39
N SER D 858 -8.81 -52.65 41.55
CA SER D 858 -10.03 -53.03 40.84
C SER D 858 -10.77 -54.13 41.59
N ASP D 859 -10.34 -54.42 42.80
CA ASP D 859 -10.93 -55.47 43.61
C ASP D 859 -11.71 -54.92 44.80
N PHE D 860 -12.01 -53.62 44.77
CA PHE D 860 -12.82 -53.01 45.80
C PHE D 860 -14.30 -53.26 45.53
N TRP D 861 -15.12 -53.13 46.56
CA TRP D 861 -16.53 -53.47 46.45
C TRP D 861 -17.37 -52.72 47.47
N GLY D 862 -18.24 -51.84 46.98
CA GLY D 862 -19.12 -51.09 47.85
C GLY D 862 -18.69 -49.63 48.01
N GLU D 863 -19.60 -48.82 48.55
CA GLU D 863 -19.33 -47.41 48.75
C GLU D 863 -18.66 -47.14 50.09
N LYS D 864 -17.69 -46.23 50.10
CA LYS D 864 -16.97 -45.88 51.31
C LYS D 864 -17.90 -45.18 52.30
N PRO D 865 -17.58 -45.25 53.60
CA PRO D 865 -16.44 -45.98 54.15
C PRO D 865 -16.76 -47.46 54.40
N ASN D 866 -17.64 -48.03 53.59
CA ASN D 866 -18.04 -49.42 53.75
C ASN D 866 -17.45 -50.32 52.68
N LEU D 867 -16.18 -50.09 52.37
CA LEU D 867 -15.49 -50.88 51.34
C LEU D 867 -15.37 -52.34 51.73
N SER D 868 -15.24 -53.20 50.72
CA SER D 868 -15.07 -54.63 50.95
C SER D 868 -14.10 -55.20 49.93
N TYR D 869 -12.94 -55.65 50.40
CA TYR D 869 -11.91 -56.20 49.53
C TYR D 869 -12.39 -57.52 48.93
N ILE D 870 -12.07 -57.73 47.64
CA ILE D 870 -12.45 -58.95 46.96
C ILE D 870 -11.20 -59.77 46.62
N ILE D 871 -11.16 -61.01 47.10
CA ILE D 871 -10.02 -61.88 46.83
C ILE D 871 -10.18 -62.53 45.46
N GLY D 872 -9.66 -61.86 44.43
CA GLY D 872 -9.77 -62.34 43.07
C GLY D 872 -8.53 -63.10 42.63
N LYS D 873 -8.51 -63.48 41.35
CA LYS D 873 -7.41 -64.25 40.79
C LYS D 873 -6.10 -63.46 40.78
N ASP D 874 -6.17 -62.21 41.21
CA ASP D 874 -4.99 -61.35 41.22
C ASP D 874 -4.65 -60.88 42.64
N THR D 875 -5.13 -61.63 43.62
CA THR D 875 -4.87 -61.30 45.02
C THR D 875 -3.83 -62.23 45.64
N TRP D 876 -2.77 -61.64 46.18
CA TRP D 876 -1.69 -62.41 46.80
C TRP D 876 -1.98 -62.65 48.27
N VAL D 877 -1.92 -63.92 48.68
CA VAL D 877 -2.11 -64.28 50.08
C VAL D 877 -1.02 -65.25 50.52
N GLU D 878 -0.42 -64.97 51.67
CA GLU D 878 0.69 -65.78 52.17
C GLU D 878 0.61 -65.91 53.69
N HIS D 879 0.74 -67.13 54.18
CA HIS D 879 0.73 -67.39 55.62
C HIS D 879 1.93 -66.72 56.28
N TRP D 880 1.68 -66.01 57.37
CA TRP D 880 2.74 -65.34 58.10
C TRP D 880 3.01 -66.04 59.42
N PRO D 881 4.05 -66.90 59.45
CA PRO D 881 4.44 -67.62 60.67
C PRO D 881 4.63 -66.66 61.83
N GLU D 882 3.90 -66.89 62.91
CA GLU D 882 3.94 -66.00 64.06
C GLU D 882 5.32 -66.00 64.72
N GLU D 883 5.53 -65.10 65.67
CA GLU D 883 6.83 -64.93 66.31
C GLU D 883 7.48 -66.23 66.76
N ASP D 884 6.86 -66.89 67.73
CA ASP D 884 7.42 -68.11 68.32
C ASP D 884 7.58 -69.24 67.30
N GLU D 885 6.94 -69.09 66.15
CA GLU D 885 7.00 -70.10 65.10
C GLU D 885 8.14 -69.85 64.12
N CYS D 886 8.72 -68.65 64.19
CA CYS D 886 9.83 -68.29 63.32
C CYS D 886 11.16 -68.83 63.84
N GLN D 887 11.07 -69.61 64.91
CA GLN D 887 12.26 -70.23 65.50
C GLN D 887 12.43 -71.64 64.94
N ASP D 888 11.52 -72.05 64.08
CA ASP D 888 11.55 -73.37 63.48
C ASP D 888 12.55 -73.42 62.32
N GLU D 889 13.28 -74.52 62.21
CA GLU D 889 14.27 -74.67 61.15
C GLU D 889 13.62 -74.90 59.80
N GLU D 890 12.36 -74.50 59.68
CA GLU D 890 11.63 -74.60 58.41
C GLU D 890 10.97 -73.27 58.08
N ASN D 891 10.87 -72.40 59.09
CA ASN D 891 10.27 -71.08 58.91
C ASN D 891 11.30 -69.97 58.97
N GLN D 892 12.48 -70.28 59.48
CA GLN D 892 13.56 -69.30 59.58
C GLN D 892 13.93 -68.73 58.21
N LYS D 893 13.74 -69.55 57.17
CA LYS D 893 14.08 -69.14 55.83
C LYS D 893 12.99 -68.23 55.24
N GLN D 894 11.79 -68.32 55.82
CA GLN D 894 10.66 -67.53 55.34
C GLN D 894 10.49 -66.24 56.13
N CYS D 895 10.61 -66.34 57.45
CA CYS D 895 10.45 -65.18 58.32
C CYS D 895 11.53 -64.12 58.08
N GLN D 896 12.63 -64.54 57.46
CA GLN D 896 13.70 -63.60 57.12
C GLN D 896 13.38 -62.87 55.83
N ASP D 897 12.74 -63.56 54.89
CA ASP D 897 12.33 -62.94 53.64
C ASP D 897 11.21 -61.94 53.88
N LEU D 898 10.19 -62.37 54.63
CA LEU D 898 9.07 -61.49 54.96
C LEU D 898 9.54 -60.30 55.80
N GLY D 899 10.37 -60.58 56.79
CA GLY D 899 10.91 -59.53 57.65
C GLY D 899 11.70 -58.51 56.86
N ALA D 900 12.47 -58.98 55.89
CA ALA D 900 13.27 -58.11 55.04
C ALA D 900 12.37 -57.36 54.06
N PHE D 901 11.32 -58.04 53.59
CA PHE D 901 10.37 -57.44 52.67
C PHE D 901 9.64 -56.27 53.32
N THR D 902 9.32 -56.41 54.60
CA THR D 902 8.58 -55.38 55.32
C THR D 902 9.36 -54.07 55.43
N GLU D 903 10.53 -54.12 56.06
CA GLU D 903 11.34 -52.92 56.24
C GLU D 903 11.69 -52.26 54.92
N SER D 904 12.00 -53.07 53.91
CA SER D 904 12.36 -52.56 52.59
C SER D 904 11.21 -51.80 51.95
N MET D 905 9.98 -52.21 52.28
CA MET D 905 8.79 -51.59 51.70
C MET D 905 8.29 -50.42 52.54
N VAL D 906 8.69 -50.37 53.80
CA VAL D 906 8.25 -49.30 54.70
C VAL D 906 9.17 -48.08 54.63
N VAL D 907 10.46 -48.32 54.84
CA VAL D 907 11.44 -47.24 54.85
C VAL D 907 11.64 -46.64 53.46
N PHE D 908 12.06 -47.47 52.52
CA PHE D 908 12.39 -47.00 51.17
C PHE D 908 11.16 -46.93 50.26
N GLY D 909 10.26 -47.89 50.42
CA GLY D 909 9.09 -47.97 49.57
C GLY D 909 9.43 -48.57 48.22
N CYS D 910 8.43 -48.67 47.35
CA CYS D 910 8.64 -49.26 46.03
C CYS D 910 9.74 -48.54 45.26
N PRO D 911 10.68 -49.32 44.69
CA PRO D 911 11.73 -48.75 43.83
C PRO D 911 11.17 -48.39 42.46
N ASN D 912 11.62 -47.26 41.92
CA ASN D 912 11.11 -46.77 40.64
C ASN D 912 9.64 -46.39 40.73
N GLY E 1 62.40 5.27 37.45
CA GLY E 1 61.47 5.36 38.56
C GLY E 1 60.29 6.26 38.27
N SER E 2 59.28 6.21 39.12
CA SER E 2 58.09 7.03 38.95
C SER E 2 58.42 8.52 39.10
N CYS E 3 58.04 9.30 38.10
CA CYS E 3 58.31 10.74 38.11
C CYS E 3 57.52 11.43 39.23
N SER E 4 58.12 12.47 39.80
CA SER E 4 57.49 13.21 40.89
C SER E 4 56.23 13.93 40.42
N LEU E 5 55.23 14.00 41.30
CA LEU E 5 53.98 14.66 40.98
C LEU E 5 53.98 16.12 41.44
N GLU E 6 55.18 16.70 41.55
CA GLU E 6 55.31 18.09 41.97
C GLU E 6 55.16 19.04 40.79
N GLY E 7 54.18 19.93 40.89
CA GLY E 7 53.93 20.92 39.85
C GLY E 7 53.42 20.32 38.56
N VAL E 8 52.66 19.22 38.68
CA VAL E 8 52.10 18.56 37.51
C VAL E 8 50.61 18.86 37.38
N GLU E 9 50.01 19.36 38.46
CA GLU E 9 48.58 19.66 38.49
C GLU E 9 48.20 20.64 37.39
N ILE E 10 46.90 20.78 37.16
CA ILE E 10 46.41 21.71 36.15
C ILE E 10 45.39 22.67 36.75
N LYS E 11 45.50 23.94 36.36
CA LYS E 11 44.59 24.97 36.86
C LYS E 11 43.18 24.74 36.35
N GLY E 12 42.23 24.60 37.28
CA GLY E 12 40.84 24.39 36.93
C GLY E 12 40.55 22.98 36.46
N GLY E 13 41.10 21.99 37.17
CA GLY E 13 40.89 20.60 36.81
C GLY E 13 41.87 19.68 37.51
N SER E 14 41.66 18.38 37.39
CA SER E 14 42.52 17.39 38.02
C SER E 14 43.16 16.45 37.00
N PHE E 15 43.52 15.24 37.44
CA PHE E 15 44.17 14.28 36.57
C PHE E 15 44.07 12.86 37.12
N ARG E 16 44.48 11.89 36.32
CA ARG E 16 44.42 10.48 36.72
C ARG E 16 45.63 9.71 36.19
N LEU E 17 46.33 9.02 37.08
CA LEU E 17 47.48 8.24 36.70
C LEU E 17 47.09 6.93 36.00
N LEU E 18 47.70 6.68 34.86
CA LEU E 18 47.40 5.49 34.08
C LEU E 18 48.68 4.70 33.80
N GLN E 19 48.53 3.50 33.25
CA GLN E 19 49.66 2.63 32.97
C GLN E 19 50.57 2.49 34.19
N GLU E 20 49.95 2.33 35.35
CA GLU E 20 50.67 2.22 36.62
C GLU E 20 51.57 3.41 36.90
N GLY E 21 51.03 4.61 36.68
CA GLY E 21 51.72 5.84 37.03
C GLY E 21 52.81 6.26 36.06
N GLN E 22 52.92 5.55 34.95
CA GLN E 22 53.92 5.87 33.93
C GLN E 22 53.42 6.98 33.00
N ALA E 23 52.16 7.35 33.15
CA ALA E 23 51.57 8.41 32.34
C ALA E 23 50.34 8.99 33.05
N LEU E 24 50.08 10.27 32.83
CA LEU E 24 48.92 10.92 33.44
C LEU E 24 48.03 11.56 32.38
N GLU E 25 46.74 11.69 32.69
CA GLU E 25 45.77 12.30 31.80
C GLU E 25 44.98 13.37 32.53
N TYR E 26 45.05 14.60 32.05
CA TYR E 26 44.33 15.70 32.67
C TYR E 26 42.82 15.53 32.51
N VAL E 27 42.09 15.72 33.60
CA VAL E 27 40.64 15.60 33.58
C VAL E 27 39.97 16.97 33.73
N CYS E 28 39.43 17.49 32.64
CA CYS E 28 38.80 18.81 32.65
C CYS E 28 37.27 18.70 32.67
N PRO E 29 36.61 19.64 33.36
CA PRO E 29 35.15 19.69 33.47
C PRO E 29 34.47 19.79 32.12
N SER E 30 33.16 19.58 32.11
CA SER E 30 32.39 19.64 30.87
C SER E 30 32.50 21.00 30.20
N GLY E 31 32.93 21.00 28.94
CA GLY E 31 33.05 22.23 28.17
C GLY E 31 34.49 22.72 28.04
N PHE E 32 35.39 22.09 28.79
CA PHE E 32 36.80 22.50 28.77
C PHE E 32 37.69 21.35 28.33
N TYR E 33 38.95 21.66 28.02
CA TYR E 33 39.90 20.66 27.57
C TYR E 33 41.30 20.93 28.11
N PRO E 34 42.07 19.86 28.36
CA PRO E 34 43.44 19.97 28.83
C PRO E 34 44.34 20.72 27.84
N TYR E 35 45.13 21.66 28.34
CA TYR E 35 46.05 22.43 27.50
C TYR E 35 47.43 22.49 28.13
N PRO E 36 48.48 22.35 27.32
CA PRO E 36 48.39 22.14 25.86
C PRO E 36 48.02 20.71 25.49
N VAL E 37 48.72 19.74 26.07
CA VAL E 37 48.53 18.33 25.71
C VAL E 37 47.45 17.66 26.55
N GLN E 38 47.01 16.50 26.07
CA GLN E 38 46.01 15.70 26.78
C GLN E 38 46.67 14.88 27.87
N THR E 39 47.66 14.09 27.47
CA THR E 39 48.37 13.22 28.40
C THR E 39 49.86 13.55 28.45
N ARG E 40 50.55 12.97 29.43
CA ARG E 40 51.97 13.21 29.60
C ARG E 40 52.71 11.91 29.94
N THR E 41 53.86 11.71 29.30
CA THR E 41 54.65 10.50 29.53
C THR E 41 55.70 10.72 30.60
N CYS E 42 56.17 9.63 31.21
CA CYS E 42 57.18 9.70 32.25
C CYS E 42 58.56 9.36 31.70
N ARG E 43 59.35 10.38 31.39
CA ARG E 43 60.68 10.19 30.85
C ARG E 43 61.61 9.50 31.85
N SER E 44 62.72 8.97 31.33
CA SER E 44 63.69 8.27 32.18
C SER E 44 64.66 9.25 32.83
N THR E 45 64.16 10.43 33.19
CA THR E 45 64.98 11.46 33.82
C THR E 45 64.35 11.93 35.13
N GLY E 46 63.27 11.27 35.54
CA GLY E 46 62.58 11.62 36.77
C GLY E 46 61.54 12.70 36.57
N SER E 47 61.62 13.42 35.46
CA SER E 47 60.67 14.47 35.15
C SER E 47 59.69 14.04 34.07
N TRP E 48 58.48 14.59 34.11
CA TRP E 48 57.47 14.29 33.12
C TRP E 48 57.80 14.93 31.78
N SER E 49 57.13 14.47 30.72
CA SER E 49 57.34 15.02 29.39
C SER E 49 57.04 16.51 29.36
N THR E 50 57.86 17.27 28.63
CA THR E 50 57.68 18.71 28.54
C THR E 50 56.35 19.06 27.87
N LEU E 51 55.74 20.15 28.31
CA LEU E 51 54.47 20.59 27.76
C LEU E 51 54.64 21.28 26.41
N LYS E 52 54.57 20.49 25.34
CA LYS E 52 54.72 21.03 24.00
C LYS E 52 53.36 21.29 23.35
N THR E 53 53.23 22.44 22.69
CA THR E 53 51.98 22.80 22.03
C THR E 53 51.90 22.21 20.63
N GLN E 54 51.07 22.82 19.79
CA GLN E 54 50.93 22.37 18.41
C GLN E 54 51.99 23.02 17.53
N ASP E 55 52.42 24.22 17.93
CA ASP E 55 53.48 24.93 17.22
C ASP E 55 54.84 24.61 17.82
N GLN E 56 54.89 23.50 18.56
CA GLN E 56 56.13 23.05 19.20
C GLN E 56 56.66 24.11 20.16
N LYS E 57 55.76 24.75 20.90
CA LYS E 57 56.14 25.76 21.87
C LYS E 57 56.09 25.18 23.29
N THR E 58 56.84 25.79 24.20
CA THR E 58 56.91 25.32 25.57
C THR E 58 56.00 26.11 26.50
N VAL E 59 55.28 25.39 27.36
CA VAL E 59 54.39 26.03 28.33
C VAL E 59 54.71 25.57 29.75
N ARG E 60 54.72 26.52 30.67
CA ARG E 60 55.08 26.24 32.06
C ARG E 60 53.95 25.54 32.82
N LYS E 61 52.82 26.22 32.92
CA LYS E 61 51.68 25.69 33.67
C LYS E 61 50.57 25.20 32.74
N ALA E 62 49.99 24.05 33.07
CA ALA E 62 48.88 23.50 32.30
C ALA E 62 47.57 24.16 32.73
N GLU E 63 46.72 24.48 31.77
CA GLU E 63 45.46 25.16 32.05
C GLU E 63 44.29 24.53 31.31
N CYS E 64 43.16 24.41 32.00
CA CYS E 64 41.93 23.94 31.36
C CYS E 64 41.22 25.12 30.71
N ARG E 65 41.22 25.15 29.38
CA ARG E 65 40.63 26.25 28.63
C ARG E 65 39.30 25.86 28.00
N ALA E 66 38.42 26.84 27.83
CA ALA E 66 37.12 26.62 27.21
C ALA E 66 37.29 26.11 25.80
N ILE E 67 36.39 25.23 25.38
CA ILE E 67 36.45 24.66 24.03
C ILE E 67 35.84 25.63 23.02
N HIS E 68 36.63 25.97 22.00
CA HIS E 68 36.17 26.89 20.95
C HIS E 68 36.24 26.20 19.59
N CYS E 69 35.33 26.59 18.70
CA CYS E 69 35.35 26.08 17.33
C CYS E 69 36.07 27.06 16.43
N PRO E 70 36.97 26.54 15.58
CA PRO E 70 37.83 27.35 14.68
C PRO E 70 37.07 28.50 14.03
N ARG E 71 37.57 29.71 14.24
CA ARG E 71 36.93 30.91 13.70
C ARG E 71 37.30 31.12 12.24
N PRO E 72 36.30 31.45 11.41
CA PRO E 72 36.53 31.70 9.99
C PRO E 72 37.44 32.91 9.80
N HIS E 73 38.61 32.70 9.23
CA HIS E 73 39.51 33.82 8.95
C HIS E 73 39.73 34.00 7.45
N ASP E 74 38.75 33.54 6.67
CA ASP E 74 38.76 33.71 5.22
C ASP E 74 37.45 33.23 4.61
N PHE E 75 36.79 34.11 3.85
CA PHE E 75 35.53 33.78 3.21
C PHE E 75 35.27 34.74 2.05
N GLU E 76 34.86 34.22 0.91
CA GLU E 76 34.70 35.04 -0.29
C GLU E 76 33.30 34.93 -0.90
N ASN E 77 32.97 35.90 -1.74
CA ASN E 77 31.70 35.91 -2.47
C ASN E 77 30.46 35.98 -1.57
N GLY E 78 30.66 36.35 -0.32
CA GLY E 78 29.55 36.45 0.62
C GLY E 78 29.96 36.98 1.99
N GLU E 79 29.05 36.85 2.94
CA GLU E 79 29.29 37.32 4.30
C GLU E 79 28.80 36.30 5.33
N TYR E 80 29.43 36.31 6.50
CA TYR E 80 29.03 35.42 7.58
C TYR E 80 28.85 36.20 8.89
N TRP E 81 27.80 35.87 9.64
CA TRP E 81 27.50 36.56 10.88
C TRP E 81 27.16 35.58 12.01
N PRO E 82 27.48 35.96 13.25
CA PRO E 82 28.23 37.17 13.59
C PRO E 82 29.73 36.89 13.64
N ARG E 83 30.54 37.93 13.59
CA ARG E 83 31.99 37.77 13.69
C ARG E 83 32.46 37.99 15.13
N SER E 84 33.21 37.02 15.64
CA SER E 84 33.70 37.08 17.02
C SER E 84 35.16 36.64 17.09
N PRO E 85 35.88 37.06 18.14
CA PRO E 85 37.27 36.67 18.34
C PRO E 85 37.38 35.16 18.56
N TYR E 86 36.27 34.56 18.97
CA TYR E 86 36.21 33.14 19.24
C TYR E 86 34.75 32.71 19.41
N TYR E 87 34.47 31.44 19.18
CA TYR E 87 33.11 30.93 19.32
C TYR E 87 33.04 29.82 20.35
N ASN E 88 32.18 30.01 21.35
CA ASN E 88 31.96 29.00 22.37
C ASN E 88 31.07 27.87 21.86
N VAL E 89 30.87 26.86 22.68
CA VAL E 89 29.99 25.76 22.32
C VAL E 89 28.56 26.24 22.22
N SER E 90 27.81 25.65 21.29
CA SER E 90 26.40 25.99 21.06
C SER E 90 26.21 27.32 20.33
N ASP E 91 27.31 27.99 20.01
CA ASP E 91 27.23 29.23 19.24
C ASP E 91 26.85 28.95 17.80
N GLU E 92 25.99 29.80 17.24
CA GLU E 92 25.54 29.61 15.86
C GLU E 92 26.03 30.72 14.95
N ILE E 93 26.42 30.34 13.73
CA ILE E 93 26.83 31.30 12.72
C ILE E 93 26.23 30.92 11.37
N SER E 94 25.69 31.90 10.65
CA SER E 94 25.05 31.64 9.37
C SER E 94 25.78 32.31 8.21
N PHE E 95 25.61 31.78 7.01
CA PHE E 95 26.30 32.27 5.83
C PHE E 95 25.31 32.74 4.76
N HIS E 96 25.72 33.76 4.01
CA HIS E 96 24.89 34.31 2.94
C HIS E 96 25.79 34.73 1.78
N CYS E 97 25.29 34.58 0.56
CA CYS E 97 26.07 34.89 -0.63
C CYS E 97 25.62 36.19 -1.30
N TYR E 98 26.56 36.88 -1.93
CA TYR E 98 26.24 38.09 -2.68
C TYR E 98 25.29 37.76 -3.82
N ASP E 99 24.80 38.79 -4.50
CA ASP E 99 23.92 38.61 -5.65
C ASP E 99 24.67 37.89 -6.77
N GLY E 100 23.93 37.21 -7.64
CA GLY E 100 24.52 36.49 -8.76
C GLY E 100 25.28 35.25 -8.34
N TYR E 101 25.36 35.02 -7.04
CA TYR E 101 26.06 33.86 -6.51
C TYR E 101 25.10 32.88 -5.86
N THR E 102 25.32 31.60 -6.10
CA THR E 102 24.50 30.54 -5.51
C THR E 102 25.19 29.95 -4.29
N LEU E 103 24.40 29.62 -3.27
CA LEU E 103 24.95 29.04 -2.05
C LEU E 103 24.72 27.54 -1.98
N ARG E 104 25.81 26.78 -1.90
CA ARG E 104 25.73 25.35 -1.66
C ARG E 104 26.39 25.04 -0.32
N GLY E 105 25.81 24.09 0.41
CA GLY E 105 26.31 23.75 1.73
C GLY E 105 25.48 24.36 2.83
N SER E 106 25.80 24.01 4.08
CA SER E 106 25.01 24.46 5.23
C SER E 106 24.96 25.98 5.35
N ALA E 107 23.75 26.52 5.30
CA ALA E 107 23.56 27.96 5.46
C ALA E 107 23.80 28.37 6.90
N ASN E 108 23.15 27.66 7.91
CA ASN E 108 23.40 27.88 9.34
C ASN E 108 24.29 26.75 9.91
N ARG E 109 25.35 27.00 10.73
CA ARG E 109 26.18 26.02 11.40
C ARG E 109 26.34 26.34 12.88
N THR E 110 26.36 25.29 13.70
CA THR E 110 26.44 25.45 15.16
C THR E 110 27.73 24.83 15.70
N CYS E 111 28.40 25.54 16.60
CA CYS E 111 29.60 25.04 17.24
C CYS E 111 29.25 23.93 18.22
N GLN E 112 29.65 22.71 17.91
CA GLN E 112 29.30 21.54 18.72
C GLN E 112 30.33 21.29 19.82
N VAL E 113 30.04 20.31 20.68
CA VAL E 113 30.88 20.01 21.83
C VAL E 113 32.18 19.33 21.42
N ASN E 114 32.21 18.79 20.21
CA ASN E 114 33.42 18.12 19.71
C ASN E 114 34.40 19.11 19.08
N GLY E 115 34.16 20.39 19.33
CA GLY E 115 35.03 21.45 18.81
C GLY E 115 34.97 21.56 17.30
N ARG E 116 33.84 21.15 16.73
CA ARG E 116 33.66 21.20 15.28
C ARG E 116 32.34 21.85 14.91
N TRP E 117 32.28 22.46 13.72
CA TRP E 117 31.07 23.09 13.25
C TRP E 117 30.14 22.09 12.59
N SER E 118 28.84 22.19 12.91
CA SER E 118 27.85 21.28 12.36
C SER E 118 27.63 21.52 10.88
N GLY E 119 27.06 20.54 10.19
CA GLY E 119 26.73 20.68 8.79
C GLY E 119 27.95 20.67 7.89
N GLN E 120 27.74 20.98 6.62
CA GLN E 120 28.82 20.98 5.63
C GLN E 120 29.34 22.40 5.39
N THR E 121 30.51 22.51 4.77
CA THR E 121 31.13 23.80 4.50
C THR E 121 30.27 24.66 3.57
N ALA E 122 30.14 25.93 3.93
CA ALA E 122 29.39 26.87 3.10
C ALA E 122 30.24 27.39 1.94
N ILE E 123 29.71 27.31 0.73
CA ILE E 123 30.45 27.76 -0.45
C ILE E 123 29.58 28.63 -1.35
N CYS E 124 30.07 29.84 -1.63
CA CYS E 124 29.37 30.76 -2.51
C CYS E 124 30.00 30.75 -3.89
N ASP E 125 29.34 30.09 -4.84
CA ASP E 125 29.89 29.90 -6.17
C ASP E 125 29.05 30.60 -7.24
N ASN E 126 29.67 30.90 -8.37
CA ASN E 126 28.97 31.50 -9.51
C ASN E 126 28.89 30.53 -10.68
N GLY E 127 29.50 29.37 -10.52
CA GLY E 127 29.50 28.35 -11.56
C GLY E 127 29.93 28.89 -12.90
N ALA E 128 31.10 29.52 -12.93
CA ALA E 128 31.60 30.13 -14.16
C ALA E 128 32.92 29.50 -14.61
N GLY E 129 33.37 28.49 -13.87
CA GLY E 129 34.63 27.84 -14.18
C GLY E 129 34.47 26.38 -14.55
N TYR E 130 35.48 25.83 -15.22
CA TYR E 130 35.48 24.43 -15.61
C TYR E 130 35.19 23.57 -14.38
N CYS E 131 35.82 23.92 -13.27
CA CYS E 131 35.54 23.28 -12.00
C CYS E 131 34.80 24.25 -11.08
N SER E 132 34.00 23.71 -10.18
CA SER E 132 33.27 24.54 -9.23
C SER E 132 34.21 25.08 -8.17
N ASN E 133 33.73 26.07 -7.40
CA ASN E 133 34.51 26.64 -6.31
C ASN E 133 34.76 25.62 -5.21
N PRO E 134 36.03 25.26 -5.00
CA PRO E 134 36.41 24.27 -3.98
C PRO E 134 35.93 24.69 -2.60
N GLY E 135 35.75 26.00 -2.42
CA GLY E 135 35.29 26.53 -1.15
C GLY E 135 36.41 26.72 -0.16
N ILE E 136 36.09 27.32 0.98
CA ILE E 136 37.08 27.56 2.02
C ILE E 136 36.60 26.99 3.34
N PRO E 137 36.99 25.74 3.63
CA PRO E 137 36.61 25.08 4.89
C PRO E 137 36.87 26.01 6.06
N ILE E 138 35.94 26.05 7.02
CA ILE E 138 36.07 26.93 8.16
C ILE E 138 37.38 26.68 8.92
N GLY E 139 38.15 27.74 9.12
CA GLY E 139 39.41 27.62 9.83
C GLY E 139 40.62 27.68 8.91
N THR E 140 40.37 27.58 7.60
CA THR E 140 41.45 27.58 6.62
C THR E 140 41.47 28.86 5.81
N ARG E 141 42.42 28.93 4.88
CA ARG E 141 42.54 30.09 3.98
C ARG E 141 42.93 29.61 2.59
N LYS E 142 42.13 29.97 1.59
CA LYS E 142 42.37 29.53 0.23
C LYS E 142 43.15 30.57 -0.57
N VAL E 143 44.17 30.11 -1.28
CA VAL E 143 44.96 30.97 -2.15
C VAL E 143 44.82 30.50 -3.60
N GLY E 144 43.93 31.16 -4.34
CA GLY E 144 43.67 30.79 -5.72
C GLY E 144 42.21 31.00 -6.08
N SER E 145 41.94 32.01 -6.91
CA SER E 145 40.57 32.34 -7.29
C SER E 145 40.22 31.80 -8.66
N GLN E 146 41.23 31.54 -9.49
CA GLN E 146 41.00 31.00 -10.82
C GLN E 146 40.66 29.51 -10.75
N TYR E 147 39.51 29.14 -11.30
CA TYR E 147 39.07 27.76 -11.29
C TYR E 147 39.00 27.18 -12.70
N ARG E 148 39.99 27.51 -13.53
CA ARG E 148 40.06 26.99 -14.88
C ARG E 148 40.64 25.58 -14.84
N LEU E 149 40.79 24.96 -16.01
CA LEU E 149 41.42 23.66 -16.10
C LEU E 149 42.92 23.81 -15.88
N GLU E 150 43.51 22.85 -15.18
CA GLU E 150 44.94 22.86 -14.89
C GLU E 150 45.29 23.82 -13.75
N ASP E 151 44.35 24.67 -13.38
CA ASP E 151 44.55 25.62 -12.29
C ASP E 151 44.62 24.91 -10.94
N SER E 152 45.07 25.63 -9.91
CA SER E 152 45.25 25.03 -8.60
C SER E 152 44.88 25.99 -7.47
N VAL E 153 44.76 25.43 -6.26
CA VAL E 153 44.51 26.23 -5.08
C VAL E 153 45.32 25.68 -3.90
N THR E 154 45.59 26.52 -2.91
CA THR E 154 46.33 26.09 -1.73
C THR E 154 45.63 26.53 -0.45
N TYR E 155 45.67 25.67 0.57
CA TYR E 155 45.01 25.94 1.84
C TYR E 155 46.01 26.00 2.99
N HIS E 156 45.77 26.93 3.92
CA HIS E 156 46.61 27.08 5.09
C HIS E 156 45.74 27.20 6.34
N CYS E 157 46.16 26.57 7.43
CA CYS E 157 45.41 26.61 8.67
C CYS E 157 45.96 27.64 9.64
N SER E 158 45.09 28.17 10.50
CA SER E 158 45.48 29.14 11.52
C SER E 158 46.62 28.60 12.37
N ARG E 159 47.27 29.49 13.12
CA ARG E 159 48.34 29.08 14.01
C ARG E 159 47.82 28.21 15.14
N GLY E 160 48.51 27.11 15.41
CA GLY E 160 48.10 26.20 16.47
C GLY E 160 47.19 25.08 15.99
N LEU E 161 46.81 25.14 14.71
CA LEU E 161 45.94 24.14 14.12
C LEU E 161 46.66 23.32 13.07
N THR E 162 46.31 22.04 12.97
CA THR E 162 46.92 21.13 12.00
C THR E 162 45.99 20.90 10.82
N LEU E 163 46.54 21.00 9.62
CA LEU E 163 45.76 20.80 8.40
C LEU E 163 45.60 19.31 8.07
N ARG E 164 44.35 18.87 7.92
CA ARG E 164 44.08 17.51 7.51
C ARG E 164 43.55 17.47 6.07
N GLY E 165 44.10 16.57 5.28
CA GLY E 165 43.69 16.44 3.88
C GLY E 165 44.76 16.96 2.93
N SER E 166 44.31 17.62 1.87
CA SER E 166 45.23 18.16 0.88
C SER E 166 45.48 19.65 1.13
N GLN E 167 46.72 20.08 0.96
CA GLN E 167 47.06 21.49 1.12
C GLN E 167 47.02 22.18 -0.24
N ARG E 168 47.09 21.38 -1.30
CA ARG E 168 46.99 21.89 -2.67
C ARG E 168 46.08 21.01 -3.52
N ARG E 169 45.17 21.64 -4.25
CA ARG E 169 44.24 20.90 -5.10
C ARG E 169 44.24 21.46 -6.52
N THR E 170 44.32 20.57 -7.50
CA THR E 170 44.37 20.97 -8.90
C THR E 170 43.11 20.57 -9.65
N CYS E 171 42.56 21.52 -10.40
CA CYS E 171 41.37 21.24 -11.21
C CYS E 171 41.72 20.30 -12.36
N GLN E 172 41.21 19.07 -12.27
CA GLN E 172 41.50 18.05 -13.27
C GLN E 172 40.46 18.01 -14.38
N GLU E 173 40.85 17.52 -15.54
CA GLU E 173 39.94 17.37 -16.67
C GLU E 173 38.75 16.51 -16.25
N GLY E 174 37.55 16.93 -16.67
CA GLY E 174 36.35 16.23 -16.30
C GLY E 174 35.67 16.85 -15.09
N GLY E 175 36.03 18.10 -14.79
CA GLY E 175 35.41 18.84 -13.71
C GLY E 175 35.49 18.14 -12.37
N SER E 176 36.66 18.18 -11.74
CA SER E 176 36.86 17.54 -10.45
C SER E 176 38.22 17.89 -9.86
N TRP E 177 38.22 18.54 -8.70
CA TRP E 177 39.46 18.90 -8.03
C TRP E 177 40.18 17.65 -7.51
N SER E 178 41.50 17.67 -7.59
CA SER E 178 42.30 16.56 -7.10
C SER E 178 42.33 16.55 -5.58
N GLY E 179 42.99 15.55 -5.00
CA GLY E 179 43.09 15.44 -3.56
C GLY E 179 41.72 15.44 -2.90
N THR E 180 41.67 15.83 -1.63
CA THR E 180 40.41 15.87 -0.88
C THR E 180 40.25 17.21 -0.19
N GLU E 181 39.02 17.52 0.22
CA GLU E 181 38.72 18.76 0.92
C GLU E 181 39.49 18.85 2.24
N PRO E 182 40.19 19.98 2.44
CA PRO E 182 40.98 20.24 3.64
C PRO E 182 40.11 20.42 4.88
N SER E 183 40.74 20.44 6.05
CA SER E 183 40.03 20.62 7.30
C SER E 183 40.99 20.96 8.42
N CYS E 184 40.75 22.07 9.10
CA CYS E 184 41.63 22.51 10.19
C CYS E 184 41.33 21.76 11.49
N GLN E 185 42.30 20.96 11.92
CA GLN E 185 42.16 20.16 13.13
C GLN E 185 42.85 20.84 14.30
N ASP E 186 42.34 20.61 15.51
CA ASP E 186 42.97 21.12 16.72
C ASP E 186 43.55 19.97 17.53
N SER E 187 43.80 20.21 18.81
CA SER E 187 44.41 19.20 19.67
C SER E 187 43.40 18.63 20.67
N PHE E 188 42.23 18.23 20.18
CA PHE E 188 41.20 17.64 21.03
C PHE E 188 39.94 17.32 20.26
N MET E 189 40.00 17.39 18.93
CA MET E 189 38.80 17.24 18.11
C MET E 189 38.37 15.78 17.93
N TYR E 190 39.33 14.88 17.82
CA TYR E 190 39.06 13.44 17.69
C TYR E 190 37.97 13.09 16.68
N ASP E 191 37.56 11.83 16.68
CA ASP E 191 36.51 11.34 15.80
C ASP E 191 35.69 10.28 16.51
N THR E 192 34.37 10.40 16.47
CA THR E 192 33.48 9.40 17.08
C THR E 192 33.58 8.09 16.30
N PRO E 193 33.62 6.97 17.02
CA PRO E 193 33.80 5.64 16.41
C PRO E 193 32.88 5.42 15.21
N GLN E 194 31.62 5.81 15.34
CA GLN E 194 30.67 5.66 14.23
C GLN E 194 31.14 6.43 12.99
N GLU E 195 31.45 7.71 13.16
CA GLU E 195 31.94 8.54 12.07
C GLU E 195 33.08 7.86 11.31
N VAL E 196 34.05 7.34 12.06
CA VAL E 196 35.18 6.65 11.46
C VAL E 196 34.72 5.44 10.66
N ALA E 197 34.05 4.50 11.32
CA ALA E 197 33.59 3.28 10.68
C ALA E 197 32.69 3.58 9.49
N GLU E 198 31.89 4.63 9.61
CA GLU E 198 30.95 5.02 8.57
C GLU E 198 31.67 5.51 7.32
N ALA E 199 32.72 6.29 7.53
CA ALA E 199 33.48 6.89 6.43
C ALA E 199 34.53 5.93 5.87
N PHE E 200 35.10 5.11 6.75
CA PHE E 200 36.13 4.17 6.34
C PHE E 200 35.56 3.10 5.43
N LEU E 201 34.31 2.72 5.67
CA LEU E 201 33.66 1.68 4.89
C LEU E 201 33.01 2.21 3.61
N SER E 202 32.47 3.42 3.70
CA SER E 202 31.87 4.07 2.53
C SER E 202 32.92 4.34 1.46
N SER E 203 34.19 4.20 1.85
CA SER E 203 35.31 4.41 0.94
C SER E 203 35.94 3.08 0.55
N LEU E 204 35.78 2.09 1.42
CA LEU E 204 36.37 0.77 1.18
C LEU E 204 35.44 -0.11 0.36
N THR E 205 34.16 -0.18 0.75
CA THR E 205 33.19 -0.99 0.05
C THR E 205 33.12 -0.65 -1.43
N GLU E 206 33.16 0.65 -1.73
CA GLU E 206 33.11 1.11 -3.12
C GLU E 206 34.27 0.52 -3.91
N THR E 207 35.49 0.65 -3.37
CA THR E 207 36.67 0.13 -4.02
C THR E 207 36.71 -1.41 -3.90
N ILE E 208 35.55 -1.99 -3.68
CA ILE E 208 35.40 -3.45 -3.64
C ILE E 208 34.31 -3.89 -4.59
N GLU E 209 33.24 -3.09 -4.67
CA GLU E 209 32.17 -3.34 -5.64
C GLU E 209 32.77 -3.41 -7.03
N GLY E 210 33.81 -2.63 -7.26
CA GLY E 210 34.52 -2.61 -8.53
C GLY E 210 35.45 -3.79 -8.66
N VAL E 211 36.02 -4.22 -7.55
CA VAL E 211 36.90 -5.39 -7.54
C VAL E 211 36.17 -6.62 -8.08
N ASP E 212 34.84 -6.61 -7.98
CA ASP E 212 34.03 -7.67 -8.56
C ASP E 212 33.89 -7.52 -10.07
N ALA E 213 34.98 -7.78 -10.77
CA ALA E 213 34.99 -7.75 -12.23
C ALA E 213 36.00 -8.71 -12.85
N GLU E 214 36.12 -9.93 -12.33
CA GLU E 214 35.35 -10.38 -11.16
C GLU E 214 36.26 -11.05 -10.14
N PRO E 231 40.97 -18.98 -3.13
CA PRO E 231 41.03 -18.11 -4.30
C PRO E 231 39.64 -17.95 -4.93
N SER E 232 39.28 -16.75 -5.36
CA SER E 232 40.12 -15.55 -5.26
C SER E 232 39.23 -14.32 -5.46
N GLY E 233 39.75 -13.13 -5.20
CA GLY E 233 41.12 -12.94 -4.76
C GLY E 233 41.89 -12.00 -5.67
N SER E 234 41.33 -10.81 -5.88
CA SER E 234 41.96 -9.81 -6.76
C SER E 234 42.13 -8.45 -6.08
N MET E 235 42.19 -8.46 -4.75
CA MET E 235 42.50 -7.27 -3.96
C MET E 235 43.39 -7.65 -2.78
N ASN E 236 44.40 -6.83 -2.51
CA ASN E 236 45.30 -7.07 -1.39
C ASN E 236 45.10 -6.08 -0.25
N ILE E 237 45.11 -6.60 0.99
CA ILE E 237 44.95 -5.76 2.17
C ILE E 237 46.09 -5.98 3.15
N TYR E 238 46.97 -4.98 3.24
CA TYR E 238 48.14 -5.06 4.11
C TYR E 238 47.86 -4.42 5.46
N LEU E 239 47.77 -5.25 6.50
CA LEU E 239 47.53 -4.76 7.85
C LEU E 239 48.85 -4.54 8.60
N VAL E 240 49.24 -3.29 8.74
CA VAL E 240 50.47 -2.94 9.45
C VAL E 240 50.15 -2.39 10.84
N LEU E 241 50.35 -3.21 11.86
CA LEU E 241 50.06 -2.82 13.22
C LEU E 241 51.33 -2.35 13.93
N ASP E 242 51.21 -1.24 14.66
CA ASP E 242 52.35 -0.68 15.39
C ASP E 242 52.43 -1.25 16.80
N GLY E 243 53.50 -1.97 17.08
CA GLY E 243 53.70 -2.58 18.39
C GLY E 243 54.75 -1.86 19.22
N SER E 244 54.96 -0.58 18.93
CA SER E 244 55.91 0.23 19.66
C SER E 244 55.46 0.42 21.11
N GLY E 245 56.42 0.67 22.00
CA GLY E 245 56.12 0.87 23.40
C GLY E 245 55.44 2.20 23.67
N SER E 246 55.28 3.01 22.63
CA SER E 246 54.67 4.32 22.77
C SER E 246 53.17 4.28 22.57
N ILE E 247 52.62 3.08 22.45
CA ILE E 247 51.19 2.91 22.23
C ILE E 247 50.50 2.31 23.45
N GLY E 248 51.21 1.45 24.17
CA GLY E 248 50.66 0.80 25.34
C GLY E 248 49.79 -0.39 24.96
N ALA E 249 49.76 -1.38 25.83
CA ALA E 249 48.99 -2.59 25.57
C ALA E 249 47.50 -2.30 25.42
N SER E 250 47.04 -1.23 26.03
CA SER E 250 45.62 -0.88 26.02
C SER E 250 45.14 -0.48 24.62
N ASP E 251 45.82 0.49 24.02
CA ASP E 251 45.44 0.98 22.70
C ASP E 251 45.96 0.08 21.58
N PHE E 252 46.61 -1.01 21.96
CA PHE E 252 47.15 -1.96 20.98
C PHE E 252 46.19 -3.14 20.78
N THR E 253 45.82 -3.78 21.88
CA THR E 253 44.90 -4.90 21.83
C THR E 253 43.55 -4.46 21.26
N GLY E 254 43.17 -3.23 21.57
CA GLY E 254 41.93 -2.67 21.04
C GLY E 254 42.02 -2.46 19.54
N ALA E 255 43.24 -2.33 19.04
CA ALA E 255 43.46 -2.14 17.60
C ALA E 255 43.34 -3.45 16.84
N LYS E 256 43.70 -4.55 17.48
CA LYS E 256 43.57 -5.86 16.88
C LYS E 256 42.10 -6.24 16.76
N LYS E 257 41.39 -6.16 17.88
CA LYS E 257 39.98 -6.51 17.94
C LYS E 257 39.19 -5.75 16.88
N CYS E 258 39.59 -4.50 16.64
CA CYS E 258 38.96 -3.68 15.61
C CYS E 258 39.21 -4.26 14.23
N LEU E 259 40.44 -4.72 14.00
CA LEU E 259 40.81 -5.35 12.73
C LEU E 259 40.07 -6.68 12.53
N VAL E 260 39.93 -7.45 13.60
CA VAL E 260 39.25 -8.74 13.53
C VAL E 260 37.84 -8.59 12.97
N ASN E 261 37.04 -7.71 13.57
CA ASN E 261 35.69 -7.47 13.12
C ASN E 261 35.64 -6.86 11.72
N LEU E 262 36.70 -6.16 11.34
CA LEU E 262 36.80 -5.58 10.01
C LEU E 262 36.93 -6.67 8.96
N ILE E 263 37.73 -7.69 9.26
CA ILE E 263 37.90 -8.83 8.37
C ILE E 263 36.59 -9.58 8.18
N GLU E 264 35.83 -9.70 9.27
CA GLU E 264 34.52 -10.34 9.23
C GLU E 264 33.55 -9.48 8.43
N LYS E 265 33.58 -8.18 8.67
CA LYS E 265 32.73 -7.24 7.94
C LYS E 265 32.95 -7.35 6.45
N VAL E 266 34.21 -7.39 6.04
CA VAL E 266 34.56 -7.56 4.63
C VAL E 266 34.06 -8.91 4.13
N ALA E 267 34.28 -9.94 4.93
CA ALA E 267 33.88 -11.30 4.58
C ALA E 267 32.38 -11.41 4.36
N SER E 268 31.61 -10.58 5.06
CA SER E 268 30.15 -10.62 4.95
C SER E 268 29.68 -10.22 3.55
N TYR E 269 30.56 -9.57 2.79
CA TYR E 269 30.27 -9.21 1.42
C TYR E 269 30.51 -10.39 0.49
N GLY E 270 31.04 -11.47 1.04
CA GLY E 270 31.34 -12.66 0.27
C GLY E 270 32.55 -12.49 -0.62
N VAL E 271 33.49 -11.63 -0.20
CA VAL E 271 34.70 -11.38 -0.97
C VAL E 271 35.93 -11.90 -0.22
N LYS E 272 36.82 -12.56 -0.96
CA LYS E 272 38.01 -13.15 -0.36
C LYS E 272 39.30 -12.51 -0.90
N PRO E 273 39.76 -11.43 -0.25
CA PRO E 273 40.98 -10.73 -0.63
C PRO E 273 42.21 -11.44 -0.06
N ARG E 274 43.39 -11.07 -0.56
CA ARG E 274 44.64 -11.60 -0.01
C ARG E 274 45.15 -10.68 1.10
N TYR E 275 45.43 -11.24 2.26
CA TYR E 275 45.84 -10.45 3.41
C TYR E 275 47.33 -10.51 3.68
N GLY E 276 47.85 -9.46 4.32
CA GLY E 276 49.23 -9.41 4.75
C GLY E 276 49.33 -8.80 6.12
N LEU E 277 49.70 -9.61 7.11
CA LEU E 277 49.73 -9.14 8.50
C LEU E 277 51.15 -8.86 8.98
N VAL E 278 51.38 -7.63 9.40
CA VAL E 278 52.70 -7.20 9.87
C VAL E 278 52.61 -6.29 11.09
N THR E 279 53.28 -6.67 12.16
CA THR E 279 53.43 -5.80 13.31
C THR E 279 54.87 -5.31 13.37
N TYR E 280 55.06 -4.03 13.70
CA TYR E 280 56.40 -3.45 13.65
C TYR E 280 56.78 -2.66 14.90
N ALA E 281 58.07 -2.68 15.20
CA ALA E 281 58.64 -1.85 16.26
C ALA E 281 60.02 -1.40 15.79
N THR E 282 61.06 -1.79 16.51
CA THR E 282 62.42 -1.52 16.06
C THR E 282 62.63 -2.23 14.73
N TYR E 283 61.98 -3.37 14.57
CA TYR E 283 62.03 -4.15 13.34
C TYR E 283 60.62 -4.59 12.93
N PRO E 284 60.43 -4.87 11.64
CA PRO E 284 59.16 -5.38 11.14
C PRO E 284 59.01 -6.87 11.41
N LYS E 285 57.80 -7.31 11.71
CA LYS E 285 57.51 -8.72 11.93
C LYS E 285 56.37 -9.17 11.03
N ILE E 286 56.67 -10.08 10.10
CA ILE E 286 55.66 -10.56 9.15
C ILE E 286 54.98 -11.84 9.64
N TRP E 287 53.67 -11.76 9.81
CA TRP E 287 52.87 -12.91 10.26
C TRP E 287 52.16 -13.57 9.08
N VAL E 288 51.74 -12.76 8.12
CA VAL E 288 51.05 -13.26 6.93
C VAL E 288 51.51 -12.51 5.68
N LYS E 289 51.83 -13.27 4.64
CA LYS E 289 52.29 -12.70 3.38
C LYS E 289 51.27 -12.98 2.28
N VAL E 290 50.98 -11.97 1.46
CA VAL E 290 49.97 -12.11 0.40
C VAL E 290 50.33 -13.21 -0.59
N SER E 291 51.61 -13.56 -0.65
CA SER E 291 52.07 -14.61 -1.56
C SER E 291 51.79 -15.99 -0.99
N GLU E 292 51.47 -16.05 0.29
CA GLU E 292 51.15 -17.32 0.95
C GLU E 292 49.88 -17.93 0.35
N ALA E 293 49.78 -19.24 0.40
CA ALA E 293 48.63 -19.95 -0.16
C ALA E 293 47.42 -19.81 0.73
N ASP E 294 47.58 -19.13 1.86
CA ASP E 294 46.51 -18.99 2.84
C ASP E 294 46.16 -17.54 3.10
N SER E 295 46.73 -16.62 2.32
CA SER E 295 46.50 -15.20 2.50
C SER E 295 45.02 -14.85 2.31
N SER E 296 44.36 -15.57 1.41
CA SER E 296 42.96 -15.30 1.10
C SER E 296 42.01 -15.95 2.09
N ASN E 297 42.55 -16.78 2.98
CA ASN E 297 41.75 -17.44 4.00
C ASN E 297 41.51 -16.54 5.20
N ALA E 298 40.33 -15.93 5.25
CA ALA E 298 39.99 -14.97 6.29
C ALA E 298 40.18 -15.55 7.70
N ASP E 299 39.73 -16.78 7.90
CA ASP E 299 39.87 -17.43 9.20
C ASP E 299 41.33 -17.58 9.58
N TRP E 300 42.17 -17.93 8.59
CA TRP E 300 43.59 -18.07 8.81
C TRP E 300 44.17 -16.78 9.39
N VAL E 301 43.98 -15.68 8.65
CA VAL E 301 44.49 -14.38 9.04
C VAL E 301 44.00 -13.96 10.43
N THR E 302 42.77 -14.34 10.76
CA THR E 302 42.18 -13.98 12.04
C THR E 302 42.86 -14.71 13.20
N LYS E 303 43.21 -15.98 12.98
CA LYS E 303 43.91 -16.76 14.00
C LYS E 303 45.25 -16.13 14.35
N GLN E 304 45.91 -15.59 13.33
CA GLN E 304 47.18 -14.89 13.54
C GLN E 304 46.96 -13.60 14.34
N LEU E 305 45.95 -12.84 13.92
CA LEU E 305 45.63 -11.57 14.55
C LEU E 305 45.37 -11.78 16.05
N ASN E 306 45.09 -13.01 16.44
CA ASN E 306 44.84 -13.36 17.83
C ASN E 306 46.10 -13.79 18.56
N GLU E 307 46.99 -14.48 17.84
CA GLU E 307 48.22 -15.00 18.43
C GLU E 307 49.22 -13.89 18.76
N ILE E 308 49.19 -12.81 17.99
CA ILE E 308 50.10 -11.69 18.23
C ILE E 308 49.79 -11.01 19.56
N ASN E 309 50.82 -10.47 20.19
CA ASN E 309 50.66 -9.80 21.47
C ASN E 309 51.52 -8.55 21.58
N TYR E 310 51.17 -7.67 22.52
CA TYR E 310 51.90 -6.42 22.70
C TYR E 310 53.29 -6.66 23.32
N GLU E 311 53.47 -7.84 23.90
CA GLU E 311 54.75 -8.19 24.51
C GLU E 311 55.75 -8.69 23.47
N ASP E 312 55.28 -8.83 22.24
CA ASP E 312 56.11 -9.33 21.15
C ASP E 312 57.25 -8.36 20.84
N HIS E 313 57.02 -7.07 21.07
CA HIS E 313 58.01 -6.05 20.78
C HIS E 313 58.35 -5.22 22.01
N LYS E 314 58.69 -5.89 23.10
CA LYS E 314 59.01 -5.19 24.34
C LYS E 314 60.52 -5.04 24.51
N LEU E 315 61.26 -6.04 24.06
CA LEU E 315 62.71 -6.02 24.16
C LEU E 315 63.31 -4.93 23.28
N LYS E 316 62.67 -4.72 22.12
CA LYS E 316 63.11 -3.69 21.18
C LYS E 316 61.93 -2.83 20.77
N SER E 317 61.51 -1.94 21.65
CA SER E 317 60.29 -1.14 21.46
C SER E 317 60.54 0.12 20.65
N GLY E 318 61.24 -0.01 19.53
CA GLY E 318 61.48 1.11 18.65
C GLY E 318 60.23 1.48 17.86
N THR E 319 60.35 2.52 17.04
CA THR E 319 59.23 2.96 16.21
C THR E 319 59.68 3.23 14.78
N ASN E 320 60.27 2.23 14.15
CA ASN E 320 60.77 2.36 12.79
C ASN E 320 59.71 2.02 11.75
N THR E 321 58.83 2.98 11.47
CA THR E 321 57.75 2.78 10.52
C THR E 321 58.26 2.56 9.10
N LYS E 322 59.38 3.19 8.77
CA LYS E 322 59.95 3.08 7.43
C LYS E 322 60.13 1.61 7.03
N LYS E 323 60.79 0.84 7.87
CA LYS E 323 61.02 -0.58 7.59
C LYS E 323 59.71 -1.35 7.51
N ALA E 324 58.70 -0.90 8.25
CA ALA E 324 57.40 -1.55 8.25
C ALA E 324 56.74 -1.45 6.87
N LEU E 325 56.81 -0.28 6.27
CA LEU E 325 56.27 -0.08 4.92
C LEU E 325 57.14 -0.75 3.88
N GLN E 326 58.41 -0.94 4.22
CA GLN E 326 59.33 -1.65 3.34
C GLN E 326 59.00 -3.14 3.31
N ALA E 327 58.42 -3.63 4.41
CA ALA E 327 57.95 -5.00 4.46
C ALA E 327 56.81 -5.20 3.48
N VAL E 328 55.88 -4.24 3.45
CA VAL E 328 54.76 -4.27 2.53
C VAL E 328 55.23 -4.17 1.08
N TYR E 329 56.27 -3.38 0.87
CA TYR E 329 56.83 -3.18 -0.46
C TYR E 329 57.28 -4.51 -1.07
N SER E 330 58.03 -5.29 -0.30
CA SER E 330 58.56 -6.56 -0.77
C SER E 330 57.45 -7.58 -1.03
N MET E 331 56.29 -7.35 -0.45
CA MET E 331 55.15 -8.25 -0.64
C MET E 331 54.44 -8.03 -1.97
N MET E 332 54.43 -6.78 -2.42
CA MET E 332 53.75 -6.43 -3.66
C MET E 332 54.72 -6.36 -4.83
N SER E 333 56.00 -6.55 -4.55
CA SER E 333 57.03 -6.46 -5.58
C SER E 333 57.19 -7.78 -6.34
N TRP E 334 58.05 -7.76 -7.35
CA TRP E 334 58.31 -8.94 -8.16
C TRP E 334 59.79 -9.12 -8.44
N PRO E 335 60.21 -10.37 -8.68
CA PRO E 335 61.62 -10.69 -8.94
C PRO E 335 62.07 -10.26 -10.32
N ASP E 336 61.22 -9.55 -11.05
CA ASP E 336 61.53 -9.09 -12.40
C ASP E 336 61.47 -10.24 -13.40
N PRO E 339 57.15 -8.57 -13.98
CA PRO E 339 56.09 -8.45 -14.98
C PRO E 339 55.07 -9.59 -14.87
N PRO E 340 54.42 -9.73 -13.71
CA PRO E 340 53.37 -10.73 -13.55
C PRO E 340 52.15 -10.37 -14.39
N GLU E 341 51.47 -11.38 -14.92
CA GLU E 341 50.34 -11.14 -15.80
C GLU E 341 49.28 -10.23 -15.18
N GLY E 342 48.97 -10.48 -13.91
CA GLY E 342 47.96 -9.70 -13.21
C GLY E 342 48.54 -8.70 -12.22
N TRP E 343 49.12 -7.63 -12.73
CA TRP E 343 49.65 -6.57 -11.86
C TRP E 343 48.89 -5.26 -12.05
N ASN E 344 48.61 -4.91 -13.30
CA ASN E 344 47.88 -3.68 -13.62
C ASN E 344 46.36 -3.85 -13.49
N ARG E 345 45.96 -4.83 -12.68
CA ARG E 345 44.54 -5.10 -12.46
C ARG E 345 44.27 -5.36 -10.97
N THR E 346 45.29 -5.18 -10.14
CA THR E 346 45.17 -5.48 -8.72
C THR E 346 45.11 -4.22 -7.86
N ARG E 347 44.08 -4.15 -7.01
CA ARG E 347 43.94 -3.03 -6.08
C ARG E 347 44.67 -3.32 -4.77
N HIS E 348 45.53 -2.40 -4.36
CA HIS E 348 46.28 -2.54 -3.12
C HIS E 348 45.71 -1.62 -2.05
N VAL E 349 45.47 -2.18 -0.86
CA VAL E 349 44.94 -1.40 0.25
C VAL E 349 45.79 -1.57 1.50
N ILE E 350 46.46 -0.49 1.91
CA ILE E 350 47.29 -0.51 3.11
C ILE E 350 46.58 0.13 4.30
N ILE E 351 46.45 -0.63 5.38
CA ILE E 351 45.83 -0.12 6.60
C ILE E 351 46.80 -0.27 7.76
N LEU E 352 47.20 0.85 8.36
CA LEU E 352 48.13 0.80 9.49
C LEU E 352 47.67 1.62 10.69
N MET E 353 47.74 1.01 11.87
CA MET E 353 47.47 1.70 13.12
C MET E 353 48.79 2.19 13.70
N THR E 354 48.86 3.47 14.03
CA THR E 354 50.07 4.05 14.61
C THR E 354 49.75 5.37 15.30
N ASP E 355 50.71 5.90 16.05
CA ASP E 355 50.55 7.19 16.68
C ASP E 355 51.21 8.29 15.86
N GLY E 356 51.87 7.88 14.78
CA GLY E 356 52.55 8.82 13.90
C GLY E 356 53.85 9.33 14.47
N LEU E 357 54.24 8.82 15.63
CA LEU E 357 55.48 9.23 16.28
C LEU E 357 56.62 8.27 15.94
N HIS E 358 57.22 8.46 14.78
CA HIS E 358 58.35 7.63 14.35
C HIS E 358 59.68 8.29 14.70
N ASN E 359 60.63 7.48 15.18
CA ASN E 359 61.92 7.99 15.62
C ASN E 359 63.10 7.20 15.08
N MET E 360 62.82 6.28 14.16
CA MET E 360 63.86 5.46 13.54
C MET E 360 63.57 5.21 12.06
N GLY E 361 64.56 5.46 11.21
CA GLY E 361 64.41 5.24 9.78
C GLY E 361 64.18 6.51 9.00
N GLY E 362 63.68 7.54 9.67
CA GLY E 362 63.44 8.82 9.03
C GLY E 362 62.02 8.94 8.50
N ASP E 363 61.87 9.65 7.37
CA ASP E 363 60.56 9.89 6.79
C ASP E 363 60.05 8.65 6.07
N PRO E 364 58.93 8.07 6.58
CA PRO E 364 58.32 6.88 5.99
C PRO E 364 57.69 7.16 4.63
N ILE E 365 57.40 8.44 4.36
CA ILE E 365 56.75 8.83 3.12
C ILE E 365 57.55 8.39 1.89
N THR E 366 58.88 8.41 2.00
CA THR E 366 59.74 8.01 0.89
C THR E 366 59.37 6.62 0.37
N VAL E 367 58.96 5.74 1.28
CA VAL E 367 58.55 4.40 0.90
C VAL E 367 57.24 4.43 0.11
N ILE E 368 56.26 5.18 0.60
CA ILE E 368 55.00 5.35 -0.09
C ILE E 368 55.22 5.73 -1.55
N ASP E 369 56.14 6.65 -1.78
CA ASP E 369 56.47 7.09 -3.13
C ASP E 369 57.04 5.94 -3.96
N GLU E 370 57.97 5.21 -3.36
CA GLU E 370 58.57 4.06 -4.02
C GLU E 370 57.51 3.03 -4.40
N ILE E 371 56.54 2.83 -3.50
CA ILE E 371 55.43 1.93 -3.74
C ILE E 371 54.62 2.38 -4.96
N ARG E 372 54.34 3.68 -5.02
CA ARG E 372 53.59 4.23 -6.13
C ARG E 372 54.33 4.07 -7.46
N ASP E 373 55.66 4.14 -7.41
CA ASP E 373 56.48 3.93 -8.58
C ASP E 373 56.41 2.47 -9.03
N LEU E 374 56.31 1.57 -8.06
CA LEU E 374 56.25 0.14 -8.32
C LEU E 374 54.93 -0.25 -8.99
N LEU E 375 53.86 0.46 -8.61
CA LEU E 375 52.53 0.15 -9.12
C LEU E 375 52.19 1.00 -10.34
N TYR E 376 53.17 1.78 -10.80
CA TYR E 376 53.00 2.64 -11.97
C TYR E 376 51.83 3.60 -11.76
N ILE E 377 51.84 4.31 -10.63
CA ILE E 377 50.76 5.21 -10.29
C ILE E 377 51.21 6.67 -10.36
N GLY E 378 50.37 7.53 -10.91
CA GLY E 378 50.68 8.93 -11.04
C GLY E 378 51.85 9.18 -11.99
N LYS E 379 52.20 8.16 -12.77
CA LYS E 379 53.30 8.25 -13.71
C LYS E 379 52.80 8.23 -15.15
N ASP E 380 51.58 8.72 -15.36
CA ASP E 380 51.00 8.84 -16.69
C ASP E 380 49.82 9.80 -16.67
N ARG E 381 49.97 10.91 -17.39
CA ARG E 381 48.95 11.95 -17.44
C ARG E 381 47.57 11.39 -17.79
N LYS E 382 47.53 10.53 -18.80
CA LYS E 382 46.27 9.99 -19.30
C LYS E 382 45.76 8.83 -18.44
N ASN E 383 46.67 8.18 -17.72
CA ASN E 383 46.30 7.04 -16.89
C ASN E 383 46.93 7.12 -15.49
N PRO E 384 46.30 7.90 -14.59
CA PRO E 384 46.78 8.09 -13.22
C PRO E 384 46.88 6.78 -12.44
N ARG E 385 45.86 5.93 -12.57
CA ARG E 385 45.83 4.65 -11.86
C ARG E 385 45.73 4.85 -10.35
N GLU E 386 45.15 5.97 -9.93
CA GLU E 386 45.02 6.27 -8.51
C GLU E 386 44.08 5.30 -7.79
N ASP E 387 43.13 4.74 -8.52
CA ASP E 387 42.13 3.86 -7.93
C ASP E 387 42.71 2.50 -7.56
N TYR E 388 44.00 2.32 -7.83
CA TYR E 388 44.66 1.04 -7.58
C TYR E 388 45.46 1.01 -6.28
N LEU E 389 45.42 2.11 -5.53
CA LEU E 389 46.14 2.19 -4.27
C LEU E 389 45.46 3.11 -3.27
N ASP E 390 45.04 2.54 -2.15
CA ASP E 390 44.45 3.30 -1.06
C ASP E 390 45.26 3.11 0.22
N VAL E 391 45.48 4.20 0.95
CA VAL E 391 46.21 4.13 2.21
C VAL E 391 45.40 4.75 3.35
N TYR E 392 45.07 3.91 4.33
CA TYR E 392 44.31 4.35 5.50
C TYR E 392 45.21 4.36 6.74
N VAL E 393 45.15 5.45 7.50
CA VAL E 393 45.96 5.56 8.70
C VAL E 393 45.10 5.87 9.93
N PHE E 394 45.18 5.00 10.93
CA PHE E 394 44.42 5.17 12.17
C PHE E 394 45.32 5.59 13.32
N GLY E 395 45.00 6.72 13.94
CA GLY E 395 45.72 7.17 15.13
C GLY E 395 45.25 6.39 16.34
N VAL E 396 46.20 5.80 17.07
CA VAL E 396 45.85 4.92 18.18
C VAL E 396 46.47 5.32 19.52
N GLY E 397 47.77 5.60 19.51
CA GLY E 397 48.49 5.93 20.74
C GLY E 397 47.88 7.09 21.49
N PRO E 398 48.26 7.24 22.78
CA PRO E 398 47.80 8.36 23.61
C PRO E 398 48.15 9.69 22.97
N LEU E 399 49.41 9.83 22.57
CA LEU E 399 49.87 11.01 21.84
C LEU E 399 50.00 10.68 20.37
N VAL E 400 49.20 11.33 19.54
CA VAL E 400 49.20 11.07 18.10
C VAL E 400 49.53 12.31 17.26
N ASN E 401 50.51 12.17 16.38
CA ASN E 401 50.90 13.25 15.49
C ASN E 401 50.04 13.31 14.23
N GLN E 402 49.03 14.16 14.23
CA GLN E 402 48.09 14.24 13.12
C GLN E 402 48.75 14.71 11.82
N VAL E 403 49.89 15.36 11.95
CA VAL E 403 50.62 15.86 10.79
C VAL E 403 51.23 14.74 9.98
N ASN E 404 51.78 13.75 10.67
CA ASN E 404 52.48 12.64 10.02
C ASN E 404 51.54 11.56 9.47
N ILE E 405 50.48 11.26 10.21
CA ILE E 405 49.52 10.25 9.78
C ILE E 405 48.69 10.76 8.61
N ASN E 406 48.63 12.08 8.46
CA ASN E 406 47.93 12.69 7.34
C ASN E 406 48.81 12.71 6.09
N ALA E 407 50.11 12.68 6.29
CA ALA E 407 51.06 12.72 5.19
C ALA E 407 51.19 11.37 4.49
N LEU E 408 50.82 10.30 5.19
CA LEU E 408 50.87 8.96 4.62
C LEU E 408 49.55 8.58 3.97
N ALA E 409 48.45 8.88 4.66
CA ALA E 409 47.12 8.54 4.17
C ALA E 409 46.84 9.18 2.81
N SER E 410 46.05 8.49 1.99
CA SER E 410 45.74 8.98 0.65
C SER E 410 44.82 10.20 0.71
N LYS E 411 44.83 10.98 -0.37
CA LYS E 411 43.95 12.13 -0.49
C LYS E 411 43.07 12.00 -1.72
N LYS E 412 41.89 11.41 -1.54
CA LYS E 412 40.96 11.23 -2.65
C LYS E 412 39.70 12.05 -2.45
N ASP E 413 39.21 12.65 -3.53
CA ASP E 413 38.05 13.53 -3.47
C ASP E 413 36.86 12.87 -2.78
N ASN E 414 36.34 13.55 -1.77
CA ASN E 414 35.12 13.11 -1.09
C ASN E 414 35.33 11.82 -0.28
N GLU E 415 36.58 11.47 -0.03
CA GLU E 415 36.89 10.28 0.75
C GLU E 415 37.83 10.62 1.91
N GLN E 416 37.71 9.88 3.01
CA GLN E 416 38.53 10.12 4.18
C GLN E 416 39.42 8.93 4.49
N HIS E 417 40.72 9.19 4.66
CA HIS E 417 41.70 8.13 4.90
C HIS E 417 42.43 8.33 6.22
N VAL E 418 42.22 9.48 6.86
CA VAL E 418 42.84 9.78 8.14
C VAL E 418 41.79 9.71 9.24
N PHE E 419 42.08 8.97 10.30
CA PHE E 419 41.14 8.83 11.41
C PHE E 419 41.85 8.88 12.76
N LYS E 420 41.28 9.65 13.68
CA LYS E 420 41.78 9.71 15.05
C LYS E 420 40.72 9.17 15.99
N VAL E 421 40.79 7.88 16.29
CA VAL E 421 39.80 7.22 17.14
C VAL E 421 39.81 7.81 18.54
N LYS E 422 38.62 8.14 19.05
CA LYS E 422 38.49 8.69 20.39
C LYS E 422 38.80 7.63 21.43
N ASP E 423 37.78 6.85 21.79
CA ASP E 423 37.92 5.83 22.82
C ASP E 423 38.54 4.55 22.27
N MET E 424 38.37 4.31 20.98
CA MET E 424 38.78 3.05 20.36
C MET E 424 38.09 1.90 21.08
N GLU E 425 38.27 0.68 20.59
CA GLU E 425 37.59 -0.49 21.13
C GLU E 425 36.13 -0.44 20.74
N ASN E 426 35.58 0.77 20.69
CA ASN E 426 34.21 0.99 20.28
C ASN E 426 34.04 0.76 18.79
N LEU E 427 35.10 1.03 18.04
CA LEU E 427 35.11 0.73 16.62
C LEU E 427 34.79 -0.75 16.42
N GLU E 428 35.45 -1.60 17.21
CA GLU E 428 35.19 -3.03 17.16
C GLU E 428 33.71 -3.31 17.29
N ASP E 429 33.08 -2.72 18.31
CA ASP E 429 31.67 -2.95 18.58
C ASP E 429 30.78 -2.33 17.52
N VAL E 430 31.30 -1.30 16.85
CA VAL E 430 30.55 -0.66 15.77
C VAL E 430 30.61 -1.49 14.50
N PHE E 431 31.80 -2.00 14.17
CA PHE E 431 31.95 -2.88 13.02
C PHE E 431 31.05 -4.11 13.12
N TYR E 432 31.01 -4.70 14.31
CA TYR E 432 30.16 -5.86 14.55
C TYR E 432 28.69 -5.53 14.34
N GLN E 433 28.30 -4.33 14.75
CA GLN E 433 26.92 -3.88 14.61
C GLN E 433 26.59 -3.51 13.17
N MET E 434 27.62 -3.23 12.38
CA MET E 434 27.44 -2.80 11.00
C MET E 434 27.49 -3.95 10.00
N ILE E 435 27.54 -5.18 10.52
CA ILE E 435 27.52 -6.36 9.66
C ILE E 435 26.10 -6.73 9.27
N ASP E 436 25.78 -6.60 7.99
CA ASP E 436 24.44 -6.89 7.50
C ASP E 436 24.49 -7.67 6.19
N GLU E 437 24.12 -8.95 6.26
CA GLU E 437 24.19 -9.82 5.10
C GLU E 437 23.08 -9.51 4.09
N SER E 438 22.10 -8.72 4.53
CA SER E 438 20.95 -8.42 3.69
C SER E 438 21.29 -7.41 2.59
N GLN E 439 22.17 -6.47 2.90
CA GLN E 439 22.56 -5.45 1.93
C GLN E 439 23.43 -6.05 0.83
N SER E 440 23.04 -5.81 -0.42
CA SER E 440 23.74 -6.36 -1.57
C SER E 440 24.88 -5.46 -2.01
N LEU E 441 25.78 -6.01 -2.83
CA LEU E 441 26.94 -5.28 -3.32
C LEU E 441 26.63 -4.69 -4.69
N SER E 442 26.70 -3.37 -4.80
CA SER E 442 26.32 -2.66 -6.03
C SER E 442 27.11 -3.12 -7.25
N LEU E 443 26.61 -2.79 -8.43
CA LEU E 443 27.24 -3.18 -9.69
C LEU E 443 26.86 -2.24 -10.83
N CYS E 444 26.18 -1.14 -10.47
CA CYS E 444 25.72 -0.19 -11.48
C CYS E 444 26.83 0.78 -11.90
N GLY E 445 26.78 1.21 -13.16
CA GLY E 445 27.73 2.18 -13.67
C GLY E 445 29.16 1.68 -13.68
N MET E 446 29.34 0.38 -13.87
CA MET E 446 30.67 -0.21 -13.87
C MET E 446 31.22 -0.35 -15.28
N VAL E 447 32.41 0.17 -15.51
CA VAL E 447 33.09 0.01 -16.80
C VAL E 447 34.60 -0.08 -16.60
N TRP E 448 35.17 -1.22 -16.96
CA TRP E 448 36.61 -1.43 -16.80
C TRP E 448 37.32 -1.66 -18.14
N GLU E 449 38.53 -1.12 -18.25
CA GLU E 449 39.30 -1.20 -19.48
C GLU E 449 39.75 -2.62 -19.79
N HIS E 450 38.87 -3.40 -20.39
CA HIS E 450 39.21 -4.76 -20.81
C HIS E 450 39.97 -4.70 -22.13
N ARG E 451 40.86 -5.66 -22.36
CA ARG E 451 41.72 -5.65 -23.54
C ARG E 451 40.95 -5.55 -24.86
N LYS E 452 40.02 -6.47 -25.09
CA LYS E 452 39.23 -6.46 -26.33
C LYS E 452 38.41 -5.18 -26.46
N GLY E 453 37.71 -4.82 -25.38
CA GLY E 453 36.96 -3.58 -25.34
C GLY E 453 35.99 -3.37 -26.48
N THR E 454 35.27 -4.42 -26.86
CA THR E 454 34.24 -4.31 -27.88
C THR E 454 33.10 -3.43 -27.35
N ASP E 455 32.57 -2.57 -28.21
CA ASP E 455 31.43 -1.75 -27.81
C ASP E 455 30.39 -2.61 -27.11
N TYR E 456 29.72 -2.03 -26.11
CA TYR E 456 28.85 -2.76 -25.19
C TYR E 456 29.66 -3.30 -24.01
N HIS E 457 30.98 -3.24 -24.14
CA HIS E 457 31.87 -3.46 -23.00
C HIS E 457 32.12 -2.11 -22.37
N LYS E 458 32.04 -1.07 -23.20
CA LYS E 458 32.26 0.30 -22.73
C LYS E 458 30.92 0.95 -22.37
N GLN E 459 29.82 0.36 -22.84
CA GLN E 459 28.49 0.85 -22.50
C GLN E 459 27.52 -0.31 -22.34
N PRO E 460 27.73 -1.14 -21.30
CA PRO E 460 26.91 -2.34 -21.08
C PRO E 460 25.44 -2.01 -20.85
N TRP E 461 25.18 -0.84 -20.28
CA TRP E 461 23.81 -0.41 -19.98
C TRP E 461 23.04 -0.04 -21.24
N GLN E 462 23.76 0.09 -22.35
CA GLN E 462 23.16 0.57 -23.59
C GLN E 462 22.13 -0.43 -24.15
N ALA E 463 20.92 0.05 -24.38
CA ALA E 463 19.85 -0.78 -24.92
C ALA E 463 19.37 -0.24 -26.27
N LYS E 464 19.14 -1.13 -27.22
CA LYS E 464 18.74 -0.75 -28.57
C LYS E 464 17.30 -1.17 -28.85
N ILE E 465 16.39 -0.20 -28.91
CA ILE E 465 14.97 -0.48 -29.07
C ILE E 465 14.49 -0.27 -30.50
N SER E 466 13.67 -1.22 -30.98
CA SER E 466 13.11 -1.14 -32.32
C SER E 466 11.61 -1.40 -32.27
N VAL E 467 10.87 -0.77 -33.19
CA VAL E 467 9.43 -0.97 -33.27
C VAL E 467 8.97 -1.15 -34.72
N ILE E 468 8.20 -2.21 -34.98
CA ILE E 468 7.72 -2.49 -36.32
C ILE E 468 6.27 -2.03 -36.52
N ARG E 469 6.03 -1.28 -37.59
CA ARG E 469 4.70 -0.78 -37.89
C ARG E 469 4.33 -1.07 -39.34
N PRO E 470 3.02 -1.32 -39.59
CA PRO E 470 2.50 -1.69 -40.90
C PRO E 470 2.88 -0.71 -42.00
N SER E 471 4.02 -0.94 -42.66
CA SER E 471 4.47 -0.13 -43.78
C SER E 471 4.83 1.31 -43.39
N LYS E 472 4.29 1.77 -42.26
CA LYS E 472 4.55 3.11 -41.78
C LYS E 472 6.05 3.34 -41.58
N GLY E 473 6.78 2.27 -41.29
CA GLY E 473 8.21 2.34 -41.07
C GLY E 473 8.62 1.72 -39.76
N HIS E 474 9.86 1.94 -39.36
CA HIS E 474 10.37 1.39 -38.10
C HIS E 474 10.92 2.50 -37.21
N GLU E 475 10.48 2.50 -35.95
CA GLU E 475 10.95 3.49 -34.99
C GLU E 475 12.26 3.02 -34.35
N SER E 476 13.28 3.87 -34.41
CA SER E 476 14.58 3.53 -33.86
C SER E 476 14.94 4.40 -32.67
N CYS E 477 14.87 3.81 -31.47
CA CYS E 477 15.20 4.53 -30.25
C CYS E 477 16.21 3.74 -29.42
N MET E 478 16.64 4.32 -28.31
CA MET E 478 17.57 3.66 -27.41
C MET E 478 17.13 3.80 -25.95
N GLY E 479 17.70 2.97 -25.09
CA GLY E 479 17.38 3.00 -23.68
C GLY E 479 18.53 2.50 -22.83
N ALA E 480 18.29 2.38 -21.52
CA ALA E 480 19.32 1.92 -20.60
C ALA E 480 18.80 0.83 -19.67
N VAL E 481 19.65 -0.14 -19.38
CA VAL E 481 19.30 -1.20 -18.45
C VAL E 481 19.48 -0.70 -17.01
N VAL E 482 18.36 -0.52 -16.30
CA VAL E 482 18.40 0.01 -14.94
C VAL E 482 18.29 -1.09 -13.90
N SER E 483 17.76 -2.23 -14.30
CA SER E 483 17.63 -3.37 -13.41
C SER E 483 17.71 -4.68 -14.17
N GLU E 484 17.35 -5.77 -13.51
CA GLU E 484 17.41 -7.08 -14.13
C GLU E 484 16.19 -7.33 -15.02
N TYR E 485 15.20 -6.46 -14.92
CA TYR E 485 13.96 -6.62 -15.67
C TYR E 485 13.54 -5.38 -16.47
N PHE E 486 13.96 -4.20 -16.02
CA PHE E 486 13.51 -2.96 -16.64
C PHE E 486 14.53 -2.29 -17.55
N VAL E 487 14.03 -1.54 -18.52
CA VAL E 487 14.87 -0.79 -19.45
C VAL E 487 14.32 0.62 -19.63
N LEU E 488 14.96 1.58 -18.97
CA LEU E 488 14.49 2.96 -19.00
C LEU E 488 14.73 3.62 -20.35
N THR E 489 13.67 4.19 -20.93
CA THR E 489 13.75 4.80 -22.24
C THR E 489 12.75 5.96 -22.37
N ALA E 490 12.71 6.58 -23.54
CA ALA E 490 11.77 7.67 -23.80
C ALA E 490 10.36 7.14 -24.04
N ALA E 491 9.37 8.01 -23.84
CA ALA E 491 7.97 7.59 -23.93
C ALA E 491 7.36 7.84 -25.30
N HIS E 492 8.05 8.61 -26.13
CA HIS E 492 7.52 8.94 -27.46
C HIS E 492 7.92 7.89 -28.49
N CYS E 493 8.79 6.97 -28.09
CA CYS E 493 9.22 5.89 -28.98
C CYS E 493 8.07 4.91 -29.24
N PHE E 494 7.09 4.91 -28.36
CA PHE E 494 5.95 4.00 -28.46
C PHE E 494 4.64 4.76 -28.46
N THR E 495 3.57 4.07 -28.84
CA THR E 495 2.22 4.62 -28.78
C THR E 495 1.26 3.60 -28.20
N VAL E 496 0.08 4.05 -27.81
CA VAL E 496 -0.93 3.17 -27.21
C VAL E 496 -1.35 2.09 -28.19
N ASP E 497 -1.14 2.34 -29.48
CA ASP E 497 -1.52 1.39 -30.51
C ASP E 497 -0.50 0.25 -30.65
N ASP E 498 0.77 0.58 -30.46
CA ASP E 498 1.84 -0.41 -30.57
C ASP E 498 1.70 -1.50 -29.52
N LYS E 499 1.56 -2.74 -30.00
CA LYS E 499 1.45 -3.89 -29.10
C LYS E 499 2.82 -4.47 -28.76
N GLU E 500 2.88 -5.30 -27.73
CA GLU E 500 4.13 -5.86 -27.25
C GLU E 500 4.84 -6.70 -28.31
N HIS E 501 4.07 -7.37 -29.16
CA HIS E 501 4.65 -8.25 -30.17
C HIS E 501 5.38 -7.46 -31.27
N SER E 502 5.06 -6.18 -31.39
CA SER E 502 5.68 -5.34 -32.41
C SER E 502 6.77 -4.46 -31.82
N ILE E 503 7.20 -4.78 -30.61
CA ILE E 503 8.27 -4.04 -29.94
C ILE E 503 9.37 -4.98 -29.48
N LYS E 504 10.54 -4.87 -30.12
CA LYS E 504 11.67 -5.72 -29.79
C LYS E 504 12.83 -4.94 -29.21
N VAL E 505 13.39 -5.43 -28.11
CA VAL E 505 14.51 -4.78 -27.45
C VAL E 505 15.75 -5.66 -27.49
N SER E 506 16.90 -5.06 -27.75
CA SER E 506 18.16 -5.79 -27.82
C SER E 506 19.24 -5.11 -26.99
N VAL E 507 19.92 -5.89 -26.16
CA VAL E 507 20.97 -5.35 -25.30
C VAL E 507 22.24 -6.19 -25.39
N GLY E 508 23.35 -5.64 -24.90
CA GLY E 508 24.61 -6.34 -24.89
C GLY E 508 25.16 -6.63 -26.27
N GLY E 509 24.49 -6.08 -27.29
CA GLY E 509 24.89 -6.30 -28.67
C GLY E 509 24.47 -7.67 -29.18
N GLU E 510 23.68 -8.38 -28.38
CA GLU E 510 23.17 -9.69 -28.77
C GLU E 510 22.38 -9.60 -30.07
N LYS E 511 22.57 -10.58 -30.95
CA LYS E 511 21.89 -10.60 -32.23
C LYS E 511 20.38 -10.76 -32.06
N ARG E 512 20.00 -11.59 -31.08
CA ARG E 512 18.59 -11.89 -30.85
C ARG E 512 17.84 -10.70 -30.25
N ASP E 513 16.51 -10.78 -30.26
CA ASP E 513 15.67 -9.75 -29.68
C ASP E 513 14.92 -10.30 -28.48
N LEU E 514 14.83 -9.50 -27.42
CA LEU E 514 14.16 -9.92 -26.20
C LEU E 514 12.67 -9.64 -26.26
N GLU E 515 11.87 -10.54 -25.69
CA GLU E 515 10.42 -10.35 -25.64
C GLU E 515 10.05 -9.52 -24.41
N ILE E 516 9.26 -8.48 -24.63
CA ILE E 516 8.86 -7.59 -23.54
C ILE E 516 7.55 -8.05 -22.90
N GLU E 517 7.31 -7.61 -21.68
CA GLU E 517 6.09 -7.96 -20.96
C GLU E 517 5.08 -6.81 -21.02
N VAL E 518 5.56 -5.61 -20.81
CA VAL E 518 4.70 -4.42 -20.84
C VAL E 518 5.53 -3.15 -20.84
N VAL E 519 5.01 -2.11 -21.48
CA VAL E 519 5.65 -0.81 -21.50
C VAL E 519 4.92 0.15 -20.56
N LEU E 520 5.64 0.65 -19.55
CA LEU E 520 5.05 1.54 -18.56
C LEU E 520 5.31 3.00 -18.90
N PHE E 521 4.27 3.71 -19.31
CA PHE E 521 4.38 5.13 -19.58
C PHE E 521 4.16 5.92 -18.29
N HIS E 522 4.71 7.13 -18.24
CA HIS E 522 4.50 8.02 -17.11
C HIS E 522 3.07 8.54 -17.13
N PRO E 523 2.40 8.52 -15.97
CA PRO E 523 1.00 8.93 -15.84
C PRO E 523 0.70 10.30 -16.45
N ASN E 524 1.69 11.18 -16.44
CA ASN E 524 1.47 12.55 -16.92
C ASN E 524 1.89 12.77 -18.37
N TYR E 525 2.22 11.70 -19.07
CA TYR E 525 2.66 11.81 -20.46
C TYR E 525 1.51 12.00 -21.43
N ASN E 526 1.39 13.19 -21.98
CA ASN E 526 0.37 13.50 -22.97
C ASN E 526 0.94 14.38 -24.08
N ILE E 527 1.37 13.74 -25.17
CA ILE E 527 2.05 14.44 -26.24
C ILE E 527 1.11 15.33 -27.06
N ASN E 528 -0.19 15.11 -26.91
CA ASN E 528 -1.18 15.90 -27.64
C ASN E 528 -1.97 16.85 -26.75
N GLY E 529 -1.48 17.07 -25.54
CA GLY E 529 -2.17 17.91 -24.58
C GLY E 529 -1.91 19.40 -24.78
N LYS E 530 -1.55 19.77 -26.01
CA LYS E 530 -1.25 21.17 -26.31
C LYS E 530 -1.71 21.57 -27.71
N LYS E 531 -2.52 20.72 -28.34
CA LYS E 531 -3.01 21.00 -29.69
C LYS E 531 -3.92 22.23 -29.71
N GLU E 532 -4.55 22.53 -28.59
CA GLU E 532 -5.42 23.70 -28.49
C GLU E 532 -4.61 24.98 -28.49
N ALA E 533 -3.50 24.98 -27.76
CA ALA E 533 -2.63 26.15 -27.68
C ALA E 533 -1.80 26.31 -28.94
N GLY E 534 -1.91 25.34 -29.86
CA GLY E 534 -1.20 25.40 -31.11
C GLY E 534 0.15 24.70 -31.06
N ILE E 535 0.33 23.84 -30.06
CA ILE E 535 1.58 23.12 -29.89
C ILE E 535 1.41 21.65 -30.23
N PRO E 536 1.91 21.24 -31.41
CA PRO E 536 1.80 19.86 -31.89
C PRO E 536 2.46 18.87 -30.94
N GLU E 537 3.71 19.14 -30.56
CA GLU E 537 4.46 18.24 -29.70
C GLU E 537 4.54 18.77 -28.27
N PHE E 538 4.50 17.85 -27.30
CA PHE E 538 4.62 18.22 -25.90
C PHE E 538 5.34 17.12 -25.14
N TYR E 539 6.65 17.16 -25.14
CA TYR E 539 7.47 16.08 -24.61
C TYR E 539 7.65 16.11 -23.09
N ASP E 540 6.68 16.69 -22.38
CA ASP E 540 6.72 16.73 -20.93
C ASP E 540 6.60 15.33 -20.35
N TYR E 541 7.37 15.04 -19.30
CA TYR E 541 7.37 13.73 -18.69
C TYR E 541 7.53 12.63 -19.73
N ASP E 542 8.47 12.83 -20.65
CA ASP E 542 8.69 11.90 -21.75
C ASP E 542 9.57 10.73 -21.34
N VAL E 543 9.07 9.90 -20.42
CA VAL E 543 9.83 8.74 -19.94
C VAL E 543 8.94 7.49 -19.88
N ALA E 544 9.57 6.34 -20.05
CA ALA E 544 8.85 5.07 -20.00
C ALA E 544 9.79 3.92 -19.64
N LEU E 545 9.23 2.89 -19.00
CA LEU E 545 9.99 1.71 -18.61
C LEU E 545 9.53 0.47 -19.37
N ILE E 546 10.47 -0.42 -19.68
CA ILE E 546 10.15 -1.65 -20.38
C ILE E 546 10.49 -2.87 -19.54
N LYS E 547 9.46 -3.50 -18.99
CA LYS E 547 9.65 -4.69 -18.18
C LYS E 547 9.78 -5.92 -19.07
N LEU E 548 10.96 -6.54 -19.05
CA LEU E 548 11.23 -7.71 -19.88
C LEU E 548 10.50 -8.94 -19.35
N LYS E 549 10.37 -9.95 -20.21
CA LYS E 549 9.70 -11.18 -19.83
C LYS E 549 10.69 -12.14 -19.18
N ASN E 550 11.97 -11.92 -19.43
CA ASN E 550 13.03 -12.75 -18.87
C ASN E 550 14.05 -11.96 -18.06
N LYS E 551 14.59 -12.59 -17.02
CA LYS E 551 15.60 -11.96 -16.18
C LYS E 551 16.94 -11.91 -16.88
N LEU E 552 17.59 -10.76 -16.85
CA LEU E 552 18.86 -10.57 -17.53
C LEU E 552 20.04 -11.07 -16.70
N LYS E 553 20.91 -11.84 -17.33
CA LYS E 553 22.13 -12.31 -16.68
C LYS E 553 23.27 -11.33 -16.91
N TYR E 554 23.57 -10.53 -15.89
CA TYR E 554 24.63 -9.53 -15.99
C TYR E 554 25.96 -10.18 -16.40
N GLY E 555 26.56 -9.65 -17.46
CA GLY E 555 27.82 -10.17 -17.94
C GLY E 555 28.82 -9.06 -18.20
N GLN E 556 29.79 -9.33 -19.06
CA GLN E 556 30.80 -8.34 -19.41
C GLN E 556 30.25 -7.36 -20.44
N THR E 557 29.07 -7.67 -20.97
CA THR E 557 28.45 -6.83 -21.99
C THR E 557 27.12 -6.25 -21.50
N ILE E 558 26.58 -6.83 -20.43
CA ILE E 558 25.30 -6.38 -19.89
C ILE E 558 25.41 -6.02 -18.41
N ARG E 559 25.33 -4.73 -18.11
CA ARG E 559 25.34 -4.24 -16.75
C ARG E 559 24.36 -3.08 -16.60
N PRO E 560 23.87 -2.85 -15.38
CA PRO E 560 22.95 -1.74 -15.11
C PRO E 560 23.68 -0.41 -15.02
N ILE E 561 22.93 0.68 -15.07
CA ILE E 561 23.48 2.01 -14.85
C ILE E 561 22.83 2.64 -13.63
N CYS E 562 23.61 3.37 -12.84
CA CYS E 562 23.11 3.94 -11.59
C CYS E 562 22.05 5.01 -11.82
N LEU E 563 21.05 5.02 -10.95
CA LEU E 563 19.98 6.02 -11.00
C LEU E 563 20.04 6.94 -9.78
N PRO E 564 19.62 8.20 -9.94
CA PRO E 564 19.59 9.19 -8.86
C PRO E 564 18.76 8.70 -7.67
N CYS E 565 19.11 9.18 -6.47
CA CYS E 565 18.37 8.86 -5.26
C CYS E 565 18.28 7.36 -4.97
N THR E 566 19.43 6.70 -4.99
CA THR E 566 19.51 5.29 -4.60
C THR E 566 20.73 5.06 -3.73
N GLU E 567 20.61 4.17 -2.76
CA GLU E 567 21.72 3.85 -1.86
C GLU E 567 22.96 3.46 -2.66
N GLY E 568 22.75 2.75 -3.76
CA GLY E 568 23.85 2.31 -4.61
C GLY E 568 24.63 3.46 -5.21
N THR E 569 23.91 4.53 -5.57
CA THR E 569 24.53 5.71 -6.16
C THR E 569 25.29 6.52 -5.13
N THR E 570 24.76 6.58 -3.91
CA THR E 570 25.42 7.31 -2.83
C THR E 570 26.85 6.83 -2.64
N ARG E 571 27.04 5.52 -2.60
CA ARG E 571 28.36 4.94 -2.46
C ARG E 571 29.25 5.28 -3.64
N ALA E 572 28.65 5.34 -4.83
CA ALA E 572 29.39 5.67 -6.04
C ALA E 572 29.96 7.08 -5.93
N LEU E 573 29.20 7.98 -5.35
CA LEU E 573 29.65 9.35 -5.14
C LEU E 573 30.45 9.45 -3.85
N ARG E 574 30.53 8.33 -3.12
CA ARG E 574 31.29 8.26 -1.88
C ARG E 574 30.80 9.28 -0.86
N LEU E 575 29.49 9.33 -0.68
CA LEU E 575 28.87 10.22 0.29
C LEU E 575 28.44 9.42 1.51
N PRO E 576 28.29 10.10 2.66
CA PRO E 576 27.79 9.44 3.87
C PRO E 576 26.42 8.81 3.63
N PRO E 577 26.17 7.64 4.22
CA PRO E 577 24.90 6.93 4.04
C PRO E 577 23.70 7.82 4.40
N THR E 578 23.91 8.76 5.31
CA THR E 578 22.87 9.67 5.75
C THR E 578 22.60 10.79 4.74
N THR E 579 23.01 10.58 3.50
CA THR E 579 22.82 11.58 2.45
C THR E 579 21.37 11.58 1.95
N THR E 580 20.74 12.75 2.00
CA THR E 580 19.37 12.89 1.54
C THR E 580 19.33 13.02 0.02
N CYS E 581 18.14 12.83 -0.55
CA CYS E 581 17.96 12.93 -1.99
C CYS E 581 18.39 14.29 -2.51
N GLN E 582 18.01 15.34 -1.78
CA GLN E 582 18.31 16.71 -2.20
C GLN E 582 19.81 16.94 -2.33
N GLN E 583 20.59 16.34 -1.45
CA GLN E 583 22.03 16.50 -1.47
C GLN E 583 22.67 15.87 -2.70
N GLN E 584 22.10 14.75 -3.16
CA GLN E 584 22.60 14.09 -4.36
C GLN E 584 22.40 14.95 -5.60
N LYS E 585 21.29 15.67 -5.66
CA LYS E 585 20.99 16.53 -6.80
C LYS E 585 21.97 17.70 -6.86
N GLU E 586 22.35 18.23 -5.70
CA GLU E 586 23.30 19.32 -5.62
C GLU E 586 24.68 18.85 -6.07
N GLU E 587 24.92 17.55 -5.93
CA GLU E 587 26.19 16.96 -6.33
C GLU E 587 26.22 16.72 -7.84
N LEU E 588 25.26 15.93 -8.33
CA LEU E 588 25.21 15.57 -9.74
C LEU E 588 24.87 16.77 -10.62
N LEU E 589 23.87 17.55 -10.22
CA LEU E 589 23.44 18.70 -10.99
C LEU E 589 23.58 20.01 -10.25
N PRO E 590 24.83 20.49 -10.09
CA PRO E 590 25.09 21.76 -9.42
C PRO E 590 24.65 22.94 -10.28
N ALA E 591 24.67 24.14 -9.70
CA ALA E 591 24.26 25.34 -10.41
C ALA E 591 25.36 25.87 -11.32
N GLN E 592 25.66 25.15 -12.38
CA GLN E 592 26.71 25.54 -13.31
C GLN E 592 26.61 24.77 -14.62
N ASP E 593 27.66 24.85 -15.42
CA ASP E 593 27.73 24.10 -16.68
C ASP E 593 28.27 22.70 -16.41
N ILE E 594 27.36 21.77 -16.16
CA ILE E 594 27.73 20.40 -15.77
C ILE E 594 28.22 19.59 -16.96
N LYS E 595 29.40 18.99 -16.81
CA LYS E 595 29.97 18.19 -17.88
C LYS E 595 29.38 16.80 -17.91
N ALA E 596 28.76 16.43 -19.03
CA ALA E 596 28.10 15.14 -19.18
C ALA E 596 28.46 14.47 -20.50
N LEU E 597 27.73 13.40 -20.84
CA LEU E 597 27.95 12.70 -22.09
C LEU E 597 26.80 11.75 -22.41
N PHE E 598 26.70 11.34 -23.67
CA PHE E 598 25.71 10.37 -24.09
C PHE E 598 26.24 9.49 -25.21
N VAL E 599 25.64 8.32 -25.38
CA VAL E 599 26.12 7.36 -26.39
C VAL E 599 25.33 7.48 -27.69
N SER E 600 26.06 7.58 -28.79
CA SER E 600 25.44 7.68 -30.12
C SER E 600 25.91 6.52 -31.00
N GLU E 601 25.13 6.23 -32.04
CA GLU E 601 25.46 5.14 -32.95
C GLU E 601 26.17 5.67 -34.20
N GLU E 602 27.43 5.26 -34.36
CA GLU E 602 28.27 5.76 -35.43
C GLU E 602 28.64 4.63 -36.39
N GLU E 603 27.88 4.50 -37.47
CA GLU E 603 28.09 3.44 -38.44
C GLU E 603 28.10 2.05 -37.79
N LYS E 604 26.99 1.70 -37.15
CA LYS E 604 26.86 0.41 -36.47
C LYS E 604 27.93 0.23 -35.40
N LYS E 605 28.40 1.34 -34.84
CA LYS E 605 29.40 1.30 -33.78
C LYS E 605 29.13 2.37 -32.72
N LEU E 606 29.00 1.95 -31.47
CA LEU E 606 28.72 2.87 -30.37
C LEU E 606 29.91 3.76 -30.04
N THR E 607 29.68 5.06 -29.93
CA THR E 607 30.72 6.00 -29.54
C THR E 607 30.15 7.08 -28.63
N ARG E 608 30.96 7.54 -27.67
CA ARG E 608 30.51 8.53 -26.71
C ARG E 608 30.62 9.96 -27.26
N LYS E 609 29.78 10.85 -26.73
CA LYS E 609 29.78 12.24 -27.15
C LYS E 609 29.69 13.14 -25.92
N GLU E 610 30.76 13.88 -25.64
CA GLU E 610 30.81 14.75 -24.47
C GLU E 610 30.05 16.05 -24.68
N VAL E 611 29.15 16.36 -23.75
CA VAL E 611 28.38 17.60 -23.83
C VAL E 611 28.37 18.33 -22.49
N TYR E 612 27.80 19.53 -22.48
CA TYR E 612 27.71 20.32 -21.26
C TYR E 612 26.27 20.68 -20.94
N ILE E 613 25.80 20.25 -19.77
CA ILE E 613 24.45 20.58 -19.34
C ILE E 613 24.39 22.01 -18.83
N LYS E 614 23.73 22.87 -19.58
CA LYS E 614 23.62 24.28 -19.23
C LYS E 614 22.66 24.47 -18.08
N ASN E 615 23.14 24.25 -16.85
CA ASN E 615 22.31 24.41 -15.66
C ASN E 615 22.67 25.67 -14.90
N GLY E 616 23.71 26.36 -15.36
CA GLY E 616 24.13 27.60 -14.75
C GLY E 616 23.31 28.77 -15.23
N ASP E 617 23.97 29.88 -15.56
CA ASP E 617 23.27 31.07 -16.05
C ASP E 617 22.96 30.95 -17.54
N LYS E 618 23.61 30.00 -18.20
CA LYS E 618 23.40 29.78 -19.63
C LYS E 618 22.10 29.01 -19.88
N LYS E 619 21.45 28.58 -18.81
CA LYS E 619 20.22 27.82 -18.91
C LYS E 619 19.15 28.59 -19.67
N GLY E 620 19.06 29.89 -19.41
CA GLY E 620 18.07 30.73 -20.07
C GLY E 620 18.34 30.88 -21.56
N SER E 621 19.62 31.05 -21.91
CA SER E 621 20.02 31.18 -23.30
C SER E 621 19.70 29.92 -24.08
N CYS E 622 19.76 28.78 -23.39
CA CYS E 622 19.56 27.48 -24.04
C CYS E 622 18.09 27.15 -24.20
N GLU E 623 17.29 27.46 -23.18
CA GLU E 623 15.86 27.13 -23.20
C GLU E 623 15.10 27.88 -24.28
N ARG E 624 15.26 29.21 -24.31
CA ARG E 624 14.50 30.05 -25.24
C ARG E 624 14.73 29.66 -26.70
N ASP E 625 15.87 29.02 -26.98
CA ASP E 625 16.19 28.60 -28.34
C ASP E 625 15.23 27.54 -28.86
N ALA E 626 14.32 27.10 -28.00
CA ALA E 626 13.34 26.09 -28.38
C ALA E 626 12.34 26.66 -29.38
N GLN E 627 12.32 27.98 -29.51
CA GLN E 627 11.41 28.65 -30.42
C GLN E 627 11.74 28.32 -31.88
N TYR E 628 13.00 27.98 -32.14
CA TYR E 628 13.44 27.67 -33.49
C TYR E 628 13.00 26.26 -33.91
N ALA E 629 12.60 25.45 -32.94
CA ALA E 629 12.16 24.10 -33.22
C ALA E 629 10.90 24.09 -34.09
N PRO E 630 10.75 23.06 -34.93
CA PRO E 630 9.60 22.93 -35.84
C PRO E 630 8.27 22.91 -35.11
N GLY E 631 7.39 23.85 -35.42
CA GLY E 631 6.07 23.91 -34.81
C GLY E 631 5.98 24.92 -33.68
N TYR E 632 7.02 24.99 -32.86
CA TYR E 632 7.06 25.90 -31.73
C TYR E 632 7.23 27.35 -32.17
N ASP E 633 7.38 27.56 -33.47
CA ASP E 633 7.67 28.87 -34.03
C ASP E 633 6.68 29.97 -33.62
N LYS E 634 5.46 29.57 -33.26
CA LYS E 634 4.43 30.55 -32.92
C LYS E 634 3.98 30.43 -31.46
N VAL E 635 4.84 29.85 -30.62
CA VAL E 635 4.54 29.69 -29.20
C VAL E 635 4.64 31.03 -28.46
N LYS E 636 3.57 31.42 -27.80
CA LYS E 636 3.53 32.66 -27.04
C LYS E 636 4.62 32.69 -25.97
N ASP E 637 4.44 31.87 -24.94
CA ASP E 637 5.41 31.77 -23.86
C ASP E 637 6.25 30.50 -24.02
N ILE E 638 7.55 30.69 -24.27
CA ILE E 638 8.44 29.56 -24.53
C ILE E 638 8.57 28.64 -23.32
N SER E 639 8.22 29.15 -22.14
CA SER E 639 8.31 28.36 -20.92
C SER E 639 7.18 27.34 -20.85
N GLU E 640 6.21 27.47 -21.74
CA GLU E 640 5.05 26.60 -21.75
C GLU E 640 5.36 25.26 -22.42
N VAL E 641 6.48 25.21 -23.15
CA VAL E 641 6.88 23.99 -23.84
C VAL E 641 8.14 23.39 -23.24
N VAL E 642 8.81 24.17 -22.38
CA VAL E 642 10.00 23.68 -21.69
C VAL E 642 9.77 23.68 -20.19
N THR E 643 9.15 22.62 -19.70
CA THR E 643 8.82 22.48 -18.28
C THR E 643 10.08 22.21 -17.46
N PRO E 644 10.00 22.44 -16.14
CA PRO E 644 11.12 22.20 -15.22
C PRO E 644 11.62 20.76 -15.26
N ARG E 645 10.96 19.90 -16.03
CA ARG E 645 11.36 18.51 -16.17
C ARG E 645 12.41 18.32 -17.27
N PHE E 646 12.99 19.43 -17.73
CA PHE E 646 13.93 19.38 -18.84
C PHE E 646 15.33 19.87 -18.48
N LEU E 647 16.34 19.11 -18.91
CA LEU E 647 17.72 19.55 -18.85
C LEU E 647 18.15 19.97 -20.26
N CYS E 648 18.95 21.02 -20.35
CA CYS E 648 19.33 21.57 -21.65
C CYS E 648 20.82 21.37 -21.94
N THR E 649 21.12 20.86 -23.13
CA THR E 649 22.50 20.66 -23.57
C THR E 649 22.65 21.06 -25.03
N GLY E 650 23.89 21.07 -25.52
CA GLY E 650 24.17 21.46 -26.88
C GLY E 650 24.35 22.95 -27.02
N GLY E 651 24.88 23.38 -28.16
CA GLY E 651 25.11 24.80 -28.42
C GLY E 651 26.55 25.09 -28.78
N VAL E 652 26.98 26.32 -28.49
CA VAL E 652 28.34 26.74 -28.81
C VAL E 652 29.10 27.26 -27.59
N SER E 653 28.37 27.57 -26.53
CA SER E 653 28.98 28.05 -25.29
C SER E 653 28.63 27.12 -24.13
N PRO E 654 29.66 26.71 -23.34
CA PRO E 654 31.02 27.23 -23.40
C PRO E 654 31.83 26.52 -24.46
N TYR E 655 31.23 25.52 -25.10
CA TYR E 655 31.92 24.75 -26.14
C TYR E 655 30.96 24.27 -27.20
N ALA E 656 31.50 23.73 -28.29
CA ALA E 656 30.68 23.18 -29.36
C ALA E 656 30.31 21.74 -29.06
N ASP E 657 29.11 21.54 -28.51
CA ASP E 657 28.65 20.21 -28.14
C ASP E 657 28.09 19.46 -29.34
N PRO E 658 28.29 18.13 -29.37
CA PRO E 658 27.69 17.28 -30.39
C PRO E 658 26.18 17.21 -30.18
N ASN E 659 25.42 17.04 -31.26
CA ASN E 659 23.97 16.99 -31.16
C ASN E 659 23.42 15.57 -31.24
N THR E 660 22.40 15.28 -30.44
CA THR E 660 21.77 13.97 -30.42
C THR E 660 21.06 13.68 -31.74
N CYS E 661 21.02 12.41 -32.12
CA CYS E 661 20.36 12.01 -33.35
C CYS E 661 19.03 11.34 -33.06
N ARG E 662 18.21 11.19 -34.10
CA ARG E 662 16.91 10.54 -33.96
C ARG E 662 17.07 9.16 -33.35
N GLY E 663 18.08 8.42 -33.82
CA GLY E 663 18.33 7.08 -33.34
C GLY E 663 18.86 7.05 -31.91
N ASP E 664 19.36 8.19 -31.45
CA ASP E 664 19.89 8.30 -30.10
C ASP E 664 18.78 8.63 -29.11
N SER E 665 17.64 9.06 -29.65
CA SER E 665 16.50 9.44 -28.82
C SER E 665 16.13 8.36 -27.82
N GLY E 666 15.97 8.74 -26.56
CA GLY E 666 15.65 7.80 -25.50
C GLY E 666 16.88 7.36 -24.76
N GLY E 667 18.05 7.63 -25.33
CA GLY E 667 19.31 7.26 -24.72
C GLY E 667 19.53 7.95 -23.39
N PRO E 668 20.47 7.43 -22.59
CA PRO E 668 20.79 7.97 -21.26
C PRO E 668 21.66 9.21 -21.34
N LEU E 669 21.37 10.20 -20.49
CA LEU E 669 22.25 11.35 -20.33
C LEU E 669 23.12 11.10 -19.11
N ILE E 670 24.37 10.69 -19.34
CA ILE E 670 25.22 10.19 -18.28
C ILE E 670 26.23 11.21 -17.75
N VAL E 671 26.50 11.13 -16.44
CA VAL E 671 27.51 11.95 -15.81
C VAL E 671 28.62 11.06 -15.26
N HIS E 672 29.78 11.10 -15.90
CA HIS E 672 30.91 10.28 -15.46
C HIS E 672 31.70 10.96 -14.35
N LYS E 673 31.61 10.42 -13.15
CA LYS E 673 32.30 10.99 -11.99
C LYS E 673 32.92 9.91 -11.11
N ARG E 674 34.21 10.07 -10.84
CA ARG E 674 34.92 9.16 -9.93
C ARG E 674 34.85 7.72 -10.42
N SER E 675 35.08 7.52 -11.71
CA SER E 675 35.12 6.18 -12.30
C SER E 675 33.77 5.47 -12.24
N ARG E 676 32.69 6.25 -12.18
CA ARG E 676 31.34 5.69 -12.17
C ARG E 676 30.40 6.48 -13.07
N PHE E 677 29.46 5.78 -13.69
CA PHE E 677 28.51 6.41 -14.59
C PHE E 677 27.13 6.52 -13.93
N ILE E 678 26.57 7.72 -13.94
CA ILE E 678 25.27 7.96 -13.34
C ILE E 678 24.32 8.61 -14.34
N GLN E 679 23.22 7.95 -14.64
CA GLN E 679 22.21 8.51 -15.54
C GLN E 679 21.40 9.58 -14.83
N VAL E 680 21.29 10.75 -15.46
CA VAL E 680 20.55 11.86 -14.86
C VAL E 680 19.48 12.41 -15.79
N GLY E 681 19.35 11.81 -16.98
CA GLY E 681 18.38 12.26 -17.95
C GLY E 681 18.08 11.28 -19.06
N VAL E 682 17.02 11.54 -19.81
CA VAL E 682 16.66 10.72 -20.95
C VAL E 682 16.54 11.60 -22.19
N ILE E 683 17.32 11.29 -23.22
CA ILE E 683 17.31 12.06 -24.47
C ILE E 683 15.92 12.16 -25.07
N SER E 684 15.29 13.33 -24.92
CA SER E 684 13.91 13.52 -25.34
C SER E 684 13.80 14.06 -26.77
N TRP E 685 14.17 15.31 -26.97
CA TRP E 685 14.03 15.96 -28.27
C TRP E 685 15.06 17.04 -28.51
N GLY E 686 15.35 17.31 -29.78
CA GLY E 686 16.29 18.35 -30.16
C GLY E 686 15.62 19.42 -30.99
N VAL E 687 16.25 20.59 -31.07
CA VAL E 687 15.70 21.71 -31.83
C VAL E 687 15.92 21.53 -33.32
N VAL E 688 17.16 21.22 -33.70
CA VAL E 688 17.50 21.05 -35.11
C VAL E 688 17.92 19.62 -35.40
N ASP E 689 17.37 19.05 -36.47
CA ASP E 689 17.69 17.68 -36.84
C ASP E 689 18.93 17.63 -37.73
N VAL E 690 20.10 17.54 -37.10
CA VAL E 690 21.36 17.48 -37.82
C VAL E 690 21.64 16.08 -38.34
N CYS E 691 20.95 15.10 -37.78
CA CYS E 691 21.13 13.71 -38.19
C CYS E 691 20.24 13.39 -39.38
N LYS E 692 20.80 12.73 -40.38
CA LYS E 692 20.08 12.43 -41.61
C LYS E 692 20.68 11.23 -42.34
N ASN E 693 20.64 10.07 -41.70
CA ASN E 693 21.21 8.83 -42.23
C ASN E 693 21.98 8.97 -43.55
N GLN E 694 23.08 9.73 -43.47
CA GLN E 694 24.00 9.91 -44.59
C GLN E 694 25.26 10.57 -44.01
N LYS E 695 25.07 11.31 -42.92
CA LYS E 695 26.15 11.89 -42.14
C LYS E 695 25.58 12.92 -41.17
N ARG E 696 26.44 13.78 -40.64
CA ARG E 696 25.99 14.77 -39.66
C ARG E 696 26.13 16.18 -40.22
N GLN E 697 24.97 16.83 -40.44
CA GLN E 697 24.89 18.14 -41.07
C GLN E 697 26.00 19.11 -40.68
N LYS E 698 27.19 18.87 -41.22
CA LYS E 698 28.39 19.64 -40.89
C LYS E 698 28.21 21.14 -40.60
N GLN E 699 27.03 21.67 -40.92
CA GLN E 699 26.75 23.09 -40.71
C GLN E 699 25.65 23.31 -39.67
N VAL E 700 25.94 22.98 -38.41
CA VAL E 700 24.95 23.12 -37.35
C VAL E 700 24.77 24.56 -36.90
N PRO E 701 23.51 25.00 -36.74
CA PRO E 701 23.20 26.34 -36.24
C PRO E 701 23.67 26.53 -34.80
N ALA E 702 23.63 27.76 -34.31
CA ALA E 702 24.05 28.06 -32.95
C ALA E 702 22.93 27.73 -31.97
N HIS E 703 21.70 27.68 -32.47
CA HIS E 703 20.53 27.43 -31.63
C HIS E 703 20.13 25.96 -31.63
N ALA E 704 20.99 25.12 -32.20
CA ALA E 704 20.73 23.67 -32.23
C ALA E 704 20.91 23.08 -30.84
N ARG E 705 19.86 23.16 -30.03
CA ARG E 705 19.92 22.68 -28.66
C ARG E 705 19.29 21.29 -28.53
N ASP E 706 19.56 20.63 -27.41
CA ASP E 706 18.99 19.31 -27.12
C ASP E 706 18.43 19.26 -25.71
N PHE E 707 17.20 18.78 -25.57
CA PHE E 707 16.55 18.71 -24.27
C PHE E 707 16.42 17.28 -23.77
N HIS E 708 16.40 17.12 -22.46
CA HIS E 708 16.31 15.80 -21.85
C HIS E 708 15.35 15.83 -20.67
N ILE E 709 15.08 14.67 -20.09
CA ILE E 709 14.22 14.59 -18.93
C ILE E 709 15.04 14.40 -17.66
N ASN E 710 14.94 15.38 -16.74
CA ASN E 710 15.64 15.30 -15.47
C ASN E 710 15.04 14.21 -14.59
N LEU E 711 15.84 13.18 -14.30
CA LEU E 711 15.35 12.04 -13.52
C LEU E 711 14.91 12.44 -12.11
N PHE E 712 15.51 13.51 -11.59
CA PHE E 712 15.15 13.98 -10.25
C PHE E 712 13.73 14.56 -10.22
N GLN E 713 13.07 14.55 -11.37
CA GLN E 713 11.73 15.13 -11.49
C GLN E 713 10.66 14.04 -11.62
N VAL E 714 11.08 12.83 -11.96
CA VAL E 714 10.15 11.72 -12.12
C VAL E 714 10.47 10.60 -11.13
N LEU E 715 11.12 10.95 -10.04
CA LEU E 715 11.49 9.98 -9.01
C LEU E 715 10.30 9.22 -8.43
N PRO E 716 9.23 9.94 -8.06
CA PRO E 716 8.05 9.26 -7.52
C PRO E 716 7.62 8.09 -8.40
N TRP E 717 7.64 8.30 -9.71
CA TRP E 717 7.25 7.27 -10.66
C TRP E 717 8.26 6.14 -10.74
N LEU E 718 9.55 6.50 -10.73
CA LEU E 718 10.62 5.51 -10.77
C LEU E 718 10.64 4.68 -9.49
N LYS E 719 10.72 5.36 -8.36
CA LYS E 719 10.79 4.70 -7.06
C LYS E 719 9.65 3.71 -6.88
N GLU E 720 8.47 4.06 -7.40
CA GLU E 720 7.29 3.22 -7.26
C GLU E 720 7.38 1.96 -8.12
N LYS E 721 7.64 2.15 -9.41
CA LYS E 721 7.64 1.04 -10.36
C LYS E 721 8.82 0.09 -10.18
N LEU E 722 9.89 0.58 -9.55
CA LEU E 722 11.09 -0.23 -9.37
C LEU E 722 11.25 -0.71 -7.94
N GLN E 723 10.19 -0.57 -7.15
CA GLN E 723 10.23 -0.91 -5.72
C GLN E 723 10.79 -2.31 -5.45
N ASP E 724 10.48 -3.26 -6.33
CA ASP E 724 10.94 -4.63 -6.15
C ASP E 724 12.16 -4.93 -7.02
N GLU E 725 13.14 -4.04 -6.98
CA GLU E 725 14.35 -4.20 -7.78
C GLU E 725 15.62 -4.11 -6.94
N ASP E 726 15.44 -3.92 -5.63
CA ASP E 726 16.58 -3.82 -4.71
C ASP E 726 17.54 -2.72 -5.14
N LEU E 727 17.00 -1.61 -5.61
CA LEU E 727 17.82 -0.46 -5.98
C LEU E 727 17.96 0.48 -4.79
N GLY E 728 17.13 0.24 -3.78
CA GLY E 728 17.19 1.00 -2.54
C GLY E 728 17.07 2.50 -2.73
N PHE E 729 15.92 2.94 -3.22
CA PHE E 729 15.65 4.37 -3.36
C PHE E 729 15.56 5.03 -1.99
N LEU E 730 15.86 6.33 -1.94
CA LEU E 730 15.82 7.07 -0.70
C LEU E 730 14.46 7.72 -0.49
N ALA E 731 14.00 7.75 0.76
CA ALA E 731 12.70 8.32 1.08
C ALA E 731 12.60 9.79 0.66
N ALA E 732 13.08 10.68 1.52
CA ALA E 732 13.04 12.10 1.26
C ALA E 732 11.62 12.59 0.99
N GLY F 1 22.09 -57.21 39.00
CA GLY F 1 23.04 -57.33 37.90
C GLY F 1 22.38 -57.11 36.55
N SER F 2 23.20 -56.97 35.51
CA SER F 2 22.70 -56.75 34.16
C SER F 2 21.94 -57.97 33.65
N CYS F 3 20.70 -57.74 33.21
CA CYS F 3 19.86 -58.82 32.70
C CYS F 3 20.44 -59.41 31.42
N SER F 4 20.26 -60.72 31.24
CA SER F 4 20.78 -61.41 30.07
C SER F 4 20.10 -60.93 28.79
N LEU F 5 20.87 -60.87 27.70
CA LEU F 5 20.35 -60.45 26.41
C LEU F 5 19.87 -61.62 25.57
N GLU F 6 19.52 -62.72 26.23
CA GLU F 6 19.04 -63.91 25.53
C GLU F 6 17.56 -63.83 25.25
N GLY F 7 17.20 -63.90 23.97
CA GLY F 7 15.82 -63.87 23.55
C GLY F 7 15.16 -62.52 23.78
N VAL F 8 15.94 -61.46 23.65
CA VAL F 8 15.43 -60.10 23.81
C VAL F 8 15.29 -59.40 22.46
N GLU F 9 15.96 -59.95 21.44
CA GLU F 9 15.94 -59.36 20.11
C GLU F 9 14.52 -59.22 19.58
N ILE F 10 14.37 -58.47 18.50
CA ILE F 10 13.07 -58.24 17.89
C ILE F 10 13.07 -58.61 16.42
N LYS F 11 12.02 -59.30 15.97
CA LYS F 11 11.91 -59.73 14.59
C LYS F 11 11.75 -58.53 13.66
N GLY F 12 12.69 -58.39 12.72
CA GLY F 12 12.65 -57.30 11.76
C GLY F 12 13.12 -55.99 12.35
N GLY F 13 14.19 -56.03 13.12
CA GLY F 13 14.75 -54.84 13.73
C GLY F 13 15.76 -55.14 14.81
N SER F 14 16.41 -54.11 15.33
CA SER F 14 17.43 -54.27 16.37
C SER F 14 17.06 -53.48 17.63
N PHE F 15 18.08 -53.13 18.41
CA PHE F 15 17.87 -52.41 19.66
C PHE F 15 19.14 -51.73 20.15
N ARG F 16 19.02 -50.92 21.19
CA ARG F 16 20.15 -50.19 21.74
C ARG F 16 20.06 -50.08 23.26
N LEU F 17 21.12 -50.48 23.94
CA LEU F 17 21.16 -50.43 25.40
C LEU F 17 21.38 -49.00 25.90
N LEU F 18 20.53 -48.58 26.83
CA LEU F 18 20.60 -47.23 27.39
C LEU F 18 20.72 -47.29 28.91
N GLN F 19 21.00 -46.14 29.53
CA GLN F 19 21.15 -46.07 30.97
C GLN F 19 22.14 -47.13 31.47
N GLU F 20 23.22 -47.29 30.72
CA GLU F 20 24.25 -48.27 31.06
C GLU F 20 23.72 -49.70 31.11
N GLY F 21 22.89 -50.06 30.14
CA GLY F 21 22.41 -51.41 30.01
C GLY F 21 21.28 -51.79 30.95
N GLN F 22 20.76 -50.80 31.68
CA GLN F 22 19.65 -51.05 32.60
C GLN F 22 18.31 -51.01 31.88
N ALA F 23 18.33 -50.61 30.62
CA ALA F 23 17.12 -50.56 29.81
C ALA F 23 17.48 -50.60 28.33
N LEU F 24 16.60 -51.18 27.52
CA LEU F 24 16.83 -51.27 26.08
C LEU F 24 15.68 -50.65 25.29
N GLU F 25 15.99 -50.16 24.10
CA GLU F 25 15.00 -49.55 23.22
C GLU F 25 15.06 -50.18 21.84
N TYR F 26 13.94 -50.76 21.41
CA TYR F 26 13.88 -51.40 20.10
C TYR F 26 13.97 -50.38 18.98
N VAL F 27 14.83 -50.66 17.99
CA VAL F 27 15.00 -49.77 16.85
C VAL F 27 14.41 -50.38 15.59
N CYS F 28 13.27 -49.83 15.16
CA CYS F 28 12.59 -50.31 13.97
C CYS F 28 12.80 -49.41 12.77
N PRO F 29 12.92 -50.00 11.58
CA PRO F 29 13.11 -49.28 10.31
C PRO F 29 12.01 -48.26 10.06
N SER F 30 12.22 -47.39 9.07
CA SER F 30 11.25 -46.36 8.74
C SER F 30 9.91 -46.96 8.32
N GLY F 31 8.85 -46.55 9.00
CA GLY F 31 7.51 -47.02 8.68
C GLY F 31 6.99 -48.06 9.66
N PHE F 32 7.87 -48.55 10.53
CA PHE F 32 7.50 -49.58 11.49
C PHE F 32 7.72 -49.11 12.92
N TYR F 33 7.16 -49.84 13.89
CA TYR F 33 7.29 -49.49 15.29
C TYR F 33 7.44 -50.72 16.16
N PRO F 34 8.19 -50.59 17.27
CA PRO F 34 8.39 -51.69 18.22
C PRO F 34 7.06 -52.14 18.84
N TYR F 35 6.86 -53.45 18.90
CA TYR F 35 5.64 -54.01 19.47
C TYR F 35 5.99 -55.15 20.44
N PRO F 36 5.31 -55.21 21.59
CA PRO F 36 4.25 -54.27 22.00
C PRO F 36 4.80 -52.95 22.52
N VAL F 37 5.77 -53.02 23.42
CA VAL F 37 6.31 -51.82 24.07
C VAL F 37 7.47 -51.20 23.30
N GLN F 38 7.80 -49.97 23.63
CA GLN F 38 8.91 -49.26 23.02
C GLN F 38 10.22 -49.66 23.69
N THR F 39 10.27 -49.52 25.01
CA THR F 39 11.46 -49.83 25.79
C THR F 39 11.16 -50.90 26.84
N ARG F 40 12.23 -51.43 27.44
CA ARG F 40 12.10 -52.47 28.46
C ARG F 40 13.04 -52.22 29.62
N THR F 41 12.54 -52.39 30.85
CA THR F 41 13.34 -52.16 32.03
C THR F 41 13.99 -53.45 32.52
N CYS F 42 15.07 -53.31 33.27
CA CYS F 42 15.80 -54.46 33.81
C CYS F 42 15.42 -54.72 35.27
N ARG F 43 14.53 -55.68 35.48
CA ARG F 43 14.07 -56.01 36.83
C ARG F 43 15.18 -56.60 37.68
N SER F 44 14.97 -56.60 39.00
CA SER F 44 15.97 -57.13 39.92
C SER F 44 15.84 -58.64 40.06
N THR F 45 15.51 -59.32 38.97
CA THR F 45 15.37 -60.76 38.97
C THR F 45 16.21 -61.40 37.88
N GLY F 46 17.01 -60.59 37.20
CA GLY F 46 17.87 -61.07 36.13
C GLY F 46 17.18 -61.08 34.78
N SER F 47 15.86 -61.01 34.79
CA SER F 47 15.08 -61.00 33.56
C SER F 47 14.55 -59.61 33.24
N TRP F 48 14.37 -59.33 31.95
CA TRP F 48 13.83 -58.04 31.52
C TRP F 48 12.34 -57.95 31.83
N SER F 49 11.81 -56.74 31.78
CA SER F 49 10.39 -56.51 32.03
C SER F 49 9.54 -57.29 31.04
N THR F 50 8.44 -57.86 31.53
CA THR F 50 7.54 -58.64 30.69
C THR F 50 6.92 -57.77 29.59
N LEU F 51 6.72 -58.37 28.42
CA LEU F 51 6.13 -57.65 27.29
C LEU F 51 4.62 -57.50 27.45
N LYS F 52 4.20 -56.39 28.06
CA LYS F 52 2.79 -56.11 28.27
C LYS F 52 2.24 -55.19 27.19
N THR F 53 1.06 -55.52 26.68
CA THR F 53 0.43 -54.72 25.63
C THR F 53 -0.36 -53.56 26.23
N GLN F 54 -1.32 -53.05 25.46
CA GLN F 54 -2.16 -51.96 25.93
C GLN F 54 -3.35 -52.51 26.70
N ASP F 55 -3.76 -53.73 26.35
CA ASP F 55 -4.84 -54.42 27.05
C ASP F 55 -4.29 -55.28 28.18
N GLN F 56 -3.06 -54.97 28.59
CA GLN F 56 -2.41 -55.70 29.67
C GLN F 56 -2.27 -57.20 29.33
N LYS F 57 -1.96 -57.48 28.07
CA LYS F 57 -1.77 -58.85 27.62
C LYS F 57 -0.29 -59.19 27.50
N THR F 58 0.03 -60.48 27.58
CA THR F 58 1.42 -60.92 27.51
C THR F 58 1.79 -61.41 26.11
N VAL F 59 2.97 -61.00 25.65
CA VAL F 59 3.47 -61.42 24.35
C VAL F 59 4.85 -62.06 24.47
N ARG F 60 5.06 -63.15 23.76
CA ARG F 60 6.32 -63.90 23.84
C ARG F 60 7.43 -63.20 23.08
N LYS F 61 7.24 -63.07 21.77
CA LYS F 61 8.26 -62.49 20.90
C LYS F 61 7.88 -61.06 20.47
N ALA F 62 8.87 -60.17 20.47
CA ALA F 62 8.66 -58.81 20.03
C ALA F 62 8.75 -58.72 18.51
N GLU F 63 7.86 -57.95 17.90
CA GLU F 63 7.82 -57.84 16.45
C GLU F 63 7.67 -56.39 15.99
N CYS F 64 8.42 -56.01 14.95
CA CYS F 64 8.27 -54.70 14.35
C CYS F 64 7.14 -54.72 13.34
N ARG F 65 6.04 -54.05 13.66
CA ARG F 65 4.86 -54.05 12.82
C ARG F 65 4.70 -52.73 12.07
N ALA F 66 4.06 -52.79 10.91
CA ALA F 66 3.81 -51.60 10.11
C ALA F 66 2.96 -50.59 10.88
N ILE F 67 3.24 -49.32 10.67
CA ILE F 67 2.51 -48.25 11.34
C ILE F 67 1.20 -47.95 10.62
N HIS F 68 0.09 -48.33 11.25
CA HIS F 68 -1.23 -48.09 10.68
C HIS F 68 -1.95 -46.99 11.45
N CYS F 69 -2.86 -46.30 10.77
CA CYS F 69 -3.69 -45.28 11.40
C CYS F 69 -5.05 -45.87 11.73
N PRO F 70 -5.55 -45.58 12.95
CA PRO F 70 -6.82 -46.10 13.45
C PRO F 70 -7.91 -46.11 12.39
N ARG F 71 -8.47 -47.29 12.14
CA ARG F 71 -9.53 -47.45 11.16
C ARG F 71 -10.88 -47.03 11.74
N PRO F 72 -11.66 -46.26 10.96
CA PRO F 72 -12.99 -45.84 11.39
C PRO F 72 -13.91 -47.04 11.57
N HIS F 73 -14.39 -47.26 12.80
CA HIS F 73 -15.32 -48.35 13.04
C HIS F 73 -16.68 -47.83 13.50
N ASP F 74 -16.97 -46.59 13.14
CA ASP F 74 -18.27 -45.98 13.41
C ASP F 74 -18.38 -44.61 12.74
N PHE F 75 -19.43 -44.43 11.94
CA PHE F 75 -19.66 -43.17 11.24
C PHE F 75 -21.13 -43.07 10.83
N GLU F 76 -21.74 -41.92 11.05
CA GLU F 76 -23.16 -41.74 10.80
C GLU F 76 -23.46 -40.57 9.87
N ASN F 77 -24.65 -40.59 9.30
CA ASN F 77 -25.13 -39.51 8.43
C ASN F 77 -24.30 -39.31 7.16
N GLY F 78 -23.51 -40.32 6.80
CA GLY F 78 -22.69 -40.23 5.61
C GLY F 78 -21.90 -41.50 5.34
N GLU F 79 -20.96 -41.40 4.41
CA GLU F 79 -20.14 -42.54 4.03
C GLU F 79 -18.68 -42.13 3.89
N TYR F 80 -17.78 -43.09 4.09
CA TYR F 80 -16.35 -42.84 3.94
C TYR F 80 -15.70 -43.92 3.08
N TRP F 81 -14.80 -43.49 2.20
CA TRP F 81 -14.14 -44.41 1.27
C TRP F 81 -12.64 -44.16 1.21
N PRO F 82 -11.86 -45.23 0.96
CA PRO F 82 -12.34 -46.60 0.87
C PRO F 82 -12.28 -47.29 2.23
N ARG F 83 -13.00 -48.39 2.40
CA ARG F 83 -12.94 -49.14 3.65
C ARG F 83 -11.93 -50.29 3.57
N SER F 84 -11.03 -50.33 4.53
CA SER F 84 -9.98 -51.35 4.56
C SER F 84 -9.83 -51.93 5.97
N PRO F 85 -9.28 -53.15 6.05
CA PRO F 85 -9.01 -53.77 7.36
C PRO F 85 -7.99 -52.96 8.14
N TYR F 86 -7.20 -52.17 7.43
CA TYR F 86 -6.18 -51.33 8.02
C TYR F 86 -5.67 -50.34 6.99
N TYR F 87 -5.12 -49.22 7.46
CA TYR F 87 -4.58 -48.20 6.57
C TYR F 87 -3.09 -47.98 6.82
N ASN F 88 -2.30 -48.12 5.76
CA ASN F 88 -0.87 -47.86 5.84
C ASN F 88 -0.57 -46.37 5.83
N VAL F 89 0.71 -46.02 5.96
CA VAL F 89 1.12 -44.63 5.90
C VAL F 89 0.88 -44.08 4.50
N SER F 90 0.52 -42.80 4.43
CA SER F 90 0.27 -42.11 3.16
C SER F 90 -1.06 -42.48 2.51
N ASP F 91 -1.80 -43.40 3.14
CA ASP F 91 -3.12 -43.76 2.64
C ASP F 91 -4.10 -42.62 2.84
N GLU F 92 -4.97 -42.41 1.85
CA GLU F 92 -5.95 -41.33 1.93
C GLU F 92 -7.37 -41.86 2.00
N ILE F 93 -8.20 -41.20 2.81
CA ILE F 93 -9.61 -41.53 2.91
C ILE F 93 -10.44 -40.25 2.96
N SER F 94 -11.52 -40.22 2.19
CA SER F 94 -12.38 -39.03 2.14
C SER F 94 -13.78 -39.31 2.68
N PHE F 95 -14.45 -38.25 3.12
CA PHE F 95 -15.77 -38.37 3.74
C PHE F 95 -16.82 -37.57 2.97
N HIS F 96 -18.04 -38.10 2.94
CA HIS F 96 -19.16 -37.45 2.27
C HIS F 96 -20.44 -37.63 3.08
N CYS F 97 -21.30 -36.61 3.07
CA CYS F 97 -22.53 -36.64 3.84
C CYS F 97 -23.76 -36.91 2.99
N TYR F 98 -24.77 -37.55 3.57
CA TYR F 98 -26.03 -37.77 2.89
C TYR F 98 -26.69 -36.45 2.57
N ASP F 99 -27.78 -36.50 1.81
CA ASP F 99 -28.54 -35.31 1.48
C ASP F 99 -29.12 -34.68 2.74
N GLY F 100 -29.38 -33.38 2.69
CA GLY F 100 -29.95 -32.67 3.82
C GLY F 100 -28.98 -32.51 4.97
N TYR F 101 -27.79 -33.08 4.83
CA TYR F 101 -26.76 -32.99 5.85
C TYR F 101 -25.57 -32.14 5.40
N THR F 102 -25.09 -31.27 6.28
CA THR F 102 -23.94 -30.43 5.98
C THR F 102 -22.67 -31.05 6.55
N LEU F 103 -21.57 -30.94 5.80
CA LEU F 103 -20.29 -31.49 6.24
C LEU F 103 -19.36 -30.42 6.80
N ARG F 104 -18.99 -30.59 8.07
CA ARG F 104 -17.98 -29.71 8.68
C ARG F 104 -16.76 -30.56 9.05
N GLY F 105 -15.58 -30.00 8.85
CA GLY F 105 -14.34 -30.73 9.12
C GLY F 105 -13.70 -31.22 7.85
N SER F 106 -12.51 -31.80 7.97
CA SER F 106 -11.74 -32.25 6.81
C SER F 106 -12.49 -33.27 5.97
N ALA F 107 -12.71 -32.92 4.70
CA ALA F 107 -13.37 -33.84 3.77
C ALA F 107 -12.43 -34.97 3.39
N ASN F 108 -11.10 -34.62 2.96
CA ASN F 108 -10.07 -35.61 2.69
C ASN F 108 -9.06 -35.69 3.85
N ARG F 109 -8.69 -36.90 4.37
CA ARG F 109 -7.67 -37.07 5.40
C ARG F 109 -6.64 -38.13 5.00
N THR F 110 -5.37 -37.85 5.32
CA THR F 110 -4.28 -38.74 4.96
C THR F 110 -3.61 -39.33 6.20
N CYS F 111 -3.33 -40.63 6.14
CA CYS F 111 -2.64 -41.32 7.23
C CYS F 111 -1.17 -40.92 7.26
N GLN F 112 -0.79 -40.16 8.29
CA GLN F 112 0.57 -39.64 8.39
C GLN F 112 1.53 -40.60 9.08
N VAL F 113 2.81 -40.23 9.14
CA VAL F 113 3.85 -41.09 9.70
C VAL F 113 3.79 -41.16 11.22
N ASN F 114 3.09 -40.21 11.83
CA ASN F 114 2.94 -40.20 13.28
C ASN F 114 1.78 -41.07 13.74
N GLY F 115 1.27 -41.89 12.82
CA GLY F 115 0.17 -42.79 13.13
C GLY F 115 -1.13 -42.06 13.41
N ARG F 116 -1.27 -40.87 12.83
CA ARG F 116 -2.47 -40.06 13.03
C ARG F 116 -3.02 -39.55 11.70
N TRP F 117 -4.33 -39.34 11.65
CA TRP F 117 -4.96 -38.84 10.44
C TRP F 117 -4.86 -37.32 10.36
N SER F 118 -4.52 -36.83 9.17
CA SER F 118 -4.37 -35.40 8.94
C SER F 118 -5.70 -34.67 9.04
N GLY F 119 -5.64 -33.36 9.21
CA GLY F 119 -6.84 -32.53 9.24
C GLY F 119 -7.69 -32.77 10.47
N GLN F 120 -8.90 -32.21 10.46
CA GLN F 120 -9.82 -32.31 11.58
C GLN F 120 -10.85 -33.41 11.36
N THR F 121 -11.54 -33.79 12.43
CA THR F 121 -12.54 -34.85 12.35
C THR F 121 -13.71 -34.48 11.45
N ALA F 122 -14.13 -35.42 10.61
CA ALA F 122 -15.26 -35.21 9.73
C ALA F 122 -16.58 -35.43 10.47
N ILE F 123 -17.49 -34.48 10.36
CA ILE F 123 -18.78 -34.55 11.03
C ILE F 123 -19.92 -34.18 10.11
N CYS F 124 -20.89 -35.09 9.97
CA CYS F 124 -22.07 -34.83 9.14
C CYS F 124 -23.25 -34.46 10.03
N ASP F 125 -23.59 -33.18 10.05
CA ASP F 125 -24.63 -32.66 10.93
C ASP F 125 -25.82 -32.09 10.16
N ASN F 126 -26.98 -32.09 10.79
CA ASN F 126 -28.17 -31.50 10.20
C ASN F 126 -28.60 -30.23 10.93
N GLY F 127 -27.87 -29.89 11.99
CA GLY F 127 -28.16 -28.70 12.76
C GLY F 127 -29.62 -28.62 13.17
N ALA F 128 -30.11 -29.66 13.85
CA ALA F 128 -31.50 -29.72 14.25
C ALA F 128 -31.63 -29.82 15.77
N GLY F 129 -30.50 -29.78 16.47
CA GLY F 129 -30.51 -29.91 17.91
C GLY F 129 -29.97 -28.68 18.62
N TYR F 130 -30.31 -28.55 19.90
CA TYR F 130 -29.84 -27.44 20.72
C TYR F 130 -28.31 -27.33 20.61
N CYS F 131 -27.66 -28.48 20.65
CA CYS F 131 -26.22 -28.55 20.41
C CYS F 131 -25.97 -29.24 19.08
N SER F 132 -24.84 -28.91 18.46
CA SER F 132 -24.47 -29.54 17.19
C SER F 132 -24.00 -30.97 17.43
N ASN F 133 -23.87 -31.73 16.35
CA ASN F 133 -23.37 -33.10 16.44
C ASN F 133 -21.90 -33.13 16.88
N PRO F 134 -21.64 -33.70 18.07
CA PRO F 134 -20.29 -33.79 18.62
C PRO F 134 -19.35 -34.50 17.66
N GLY F 135 -19.91 -35.33 16.78
CA GLY F 135 -19.13 -36.08 15.82
C GLY F 135 -18.54 -37.33 16.41
N ILE F 136 -17.90 -38.13 15.55
CA ILE F 136 -17.27 -39.37 15.98
C ILE F 136 -15.82 -39.40 15.53
N PRO F 137 -14.91 -38.95 16.40
CA PRO F 137 -13.47 -38.95 16.09
C PRO F 137 -13.04 -40.31 15.56
N ILE F 138 -12.21 -40.31 14.52
CA ILE F 138 -11.78 -41.55 13.90
C ILE F 138 -11.14 -42.50 14.90
N GLY F 139 -11.65 -43.73 14.96
CA GLY F 139 -11.12 -44.73 15.87
C GLY F 139 -12.03 -44.97 17.06
N THR F 140 -13.00 -44.08 17.24
CA THR F 140 -13.91 -44.17 18.39
C THR F 140 -15.31 -44.62 17.96
N ARG F 141 -16.20 -44.71 18.94
CA ARG F 141 -17.59 -45.08 18.69
C ARG F 141 -18.50 -44.29 19.61
N LYS F 142 -19.44 -43.55 19.02
CA LYS F 142 -20.34 -42.70 19.79
C LYS F 142 -21.66 -43.41 20.10
N VAL F 143 -22.10 -43.29 21.35
CA VAL F 143 -23.36 -43.86 21.77
C VAL F 143 -24.29 -42.76 22.27
N GLY F 144 -25.20 -42.32 21.40
CA GLY F 144 -26.10 -41.24 21.71
C GLY F 144 -26.36 -40.37 20.49
N SER F 145 -27.58 -40.45 19.95
CA SER F 145 -27.94 -39.70 18.76
C SER F 145 -28.72 -38.43 19.09
N GLN F 146 -29.35 -38.42 20.27
CA GLN F 146 -30.11 -37.25 20.71
C GLN F 146 -29.19 -36.12 21.16
N TYR F 147 -29.34 -34.96 20.52
CA TYR F 147 -28.51 -33.81 20.85
C TYR F 147 -29.33 -32.68 21.46
N ARG F 148 -30.29 -33.04 22.31
CA ARG F 148 -31.11 -32.04 23.00
C ARG F 148 -30.34 -31.47 24.18
N LEU F 149 -30.97 -30.54 24.90
CA LEU F 149 -30.38 -30.01 26.11
C LEU F 149 -30.43 -31.06 27.22
N GLU F 150 -29.37 -31.13 28.01
CA GLU F 150 -29.27 -32.09 29.11
C GLU F 150 -28.92 -33.49 28.62
N ASP F 151 -29.00 -33.70 27.31
CA ASP F 151 -28.65 -35.00 26.72
C ASP F 151 -27.15 -35.26 26.79
N SER F 152 -26.76 -36.50 26.56
CA SER F 152 -25.35 -36.89 26.67
C SER F 152 -24.93 -37.88 25.60
N VAL F 153 -23.63 -38.08 25.48
CA VAL F 153 -23.06 -39.06 24.56
C VAL F 153 -21.86 -39.75 25.19
N THR F 154 -21.55 -40.95 24.74
CA THR F 154 -20.40 -41.69 25.26
C THR F 154 -19.52 -42.23 24.14
N TYR F 155 -18.22 -42.23 24.37
CA TYR F 155 -17.26 -42.68 23.37
C TYR F 155 -16.44 -43.86 23.87
N HIS F 156 -16.17 -44.81 22.95
CA HIS F 156 -15.38 -45.97 23.27
C HIS F 156 -14.33 -46.19 22.18
N CYS F 157 -13.13 -46.58 22.57
CA CYS F 157 -12.05 -46.83 21.62
C CYS F 157 -11.89 -48.30 21.30
N SER F 158 -11.39 -48.59 20.09
CA SER F 158 -11.15 -49.96 19.67
C SER F 158 -10.24 -50.68 20.65
N ARG F 159 -10.20 -52.01 20.54
CA ARG F 159 -9.34 -52.81 21.42
C ARG F 159 -7.87 -52.50 21.14
N GLY F 160 -7.10 -52.33 22.21
CA GLY F 160 -5.67 -52.06 22.08
C GLY F 160 -5.36 -50.57 22.00
N LEU F 161 -6.41 -49.75 21.99
CA LEU F 161 -6.26 -48.30 21.94
C LEU F 161 -6.73 -47.64 23.23
N THR F 162 -6.05 -46.55 23.61
CA THR F 162 -6.40 -45.81 24.80
C THR F 162 -7.16 -44.54 24.45
N LEU F 163 -8.24 -44.27 25.19
CA LEU F 163 -9.05 -43.07 24.94
C LEU F 163 -8.49 -41.86 25.65
N ARG F 164 -8.24 -40.79 24.90
CA ARG F 164 -7.77 -39.54 25.47
C ARG F 164 -8.87 -38.48 25.41
N GLY F 165 -9.09 -37.77 26.52
CA GLY F 165 -10.11 -36.76 26.59
C GLY F 165 -11.29 -37.21 27.43
N SER F 166 -12.50 -36.85 27.01
CA SER F 166 -13.71 -37.22 27.73
C SER F 166 -14.34 -38.47 27.13
N GLN F 167 -14.84 -39.34 27.98
CA GLN F 167 -15.54 -40.54 27.51
C GLN F 167 -17.04 -40.27 27.48
N ARG F 168 -17.47 -39.25 28.20
CA ARG F 168 -18.86 -38.82 28.20
C ARG F 168 -18.98 -37.30 28.13
N ARG F 169 -19.84 -36.83 27.23
CA ARG F 169 -20.04 -35.40 27.07
C ARG F 169 -21.53 -35.05 27.14
N THR F 170 -21.85 -34.00 27.88
CA THR F 170 -23.23 -33.59 28.07
C THR F 170 -23.49 -32.24 27.43
N CYS F 171 -24.61 -32.15 26.71
CA CYS F 171 -25.01 -30.90 26.08
C CYS F 171 -25.43 -29.89 27.14
N GLN F 172 -24.64 -28.84 27.30
CA GLN F 172 -24.90 -27.84 28.31
C GLN F 172 -25.68 -26.65 27.74
N GLU F 173 -26.42 -25.97 28.62
CA GLU F 173 -27.16 -24.78 28.22
C GLU F 173 -26.23 -23.77 27.56
N GLY F 174 -26.70 -23.15 26.48
CA GLY F 174 -25.89 -22.22 25.74
C GLY F 174 -25.18 -22.87 24.56
N GLY F 175 -25.68 -24.03 24.16
CA GLY F 175 -25.15 -24.74 23.01
C GLY F 175 -23.65 -25.00 23.08
N SER F 176 -23.26 -25.98 23.87
CA SER F 176 -21.85 -26.33 24.02
C SER F 176 -21.69 -27.62 24.81
N TRP F 177 -21.09 -28.63 24.19
CA TRP F 177 -20.86 -29.91 24.86
C TRP F 177 -19.80 -29.78 25.96
N SER F 178 -20.01 -30.48 27.06
CA SER F 178 -19.07 -30.47 28.17
C SER F 178 -17.82 -31.26 27.80
N GLY F 179 -16.85 -31.28 28.70
CA GLY F 179 -15.60 -31.99 28.48
C GLY F 179 -14.92 -31.55 27.20
N THR F 180 -14.11 -32.43 26.63
CA THR F 180 -13.40 -32.14 25.40
C THR F 180 -13.55 -33.29 24.39
N GLU F 181 -13.29 -33.00 23.13
CA GLU F 181 -13.38 -34.01 22.07
C GLU F 181 -12.43 -35.17 22.33
N PRO F 182 -12.96 -36.39 22.28
CA PRO F 182 -12.20 -37.62 22.49
C PRO F 182 -11.19 -37.87 21.36
N SER F 183 -10.29 -38.84 21.56
CA SER F 183 -9.31 -39.19 20.56
C SER F 183 -8.66 -40.54 20.90
N CYS F 184 -8.71 -41.48 19.97
CA CYS F 184 -8.13 -42.81 20.20
C CYS F 184 -6.62 -42.81 20.00
N GLN F 185 -5.90 -43.03 21.10
CA GLN F 185 -4.44 -43.06 21.08
C GLN F 185 -3.93 -44.50 21.01
N ASP F 186 -2.77 -44.68 20.41
CA ASP F 186 -2.13 -45.99 20.36
C ASP F 186 -0.87 -45.96 21.21
N SER F 187 0.02 -46.92 20.98
CA SER F 187 1.23 -47.05 21.78
C SER F 187 2.47 -46.62 20.99
N PHE F 188 2.40 -45.46 20.35
CA PHE F 188 3.53 -44.93 19.59
C PHE F 188 3.21 -43.60 18.92
N MET F 189 2.06 -43.03 19.26
CA MET F 189 1.59 -41.83 18.57
C MET F 189 2.31 -40.56 18.99
N TYR F 190 2.63 -40.45 20.27
CA TYR F 190 3.36 -39.30 20.81
C TYR F 190 2.83 -37.94 20.34
N ASP F 191 3.58 -36.89 20.64
CA ASP F 191 3.22 -35.54 20.23
C ASP F 191 4.49 -34.74 19.93
N THR F 192 4.49 -34.04 18.79
CA THR F 192 5.64 -33.23 18.42
C THR F 192 5.74 -32.02 19.34
N PRO F 193 6.97 -31.68 19.75
CA PRO F 193 7.22 -30.60 20.72
C PRO F 193 6.44 -29.34 20.39
N GLN F 194 6.42 -28.95 19.12
CA GLN F 194 5.69 -27.76 18.71
C GLN F 194 4.20 -27.88 19.02
N GLU F 195 3.59 -28.98 18.59
CA GLU F 195 2.18 -29.24 18.84
C GLU F 195 1.84 -29.03 20.31
N VAL F 196 2.66 -29.60 21.19
CA VAL F 196 2.45 -29.50 22.62
C VAL F 196 2.51 -28.05 23.08
N ALA F 197 3.64 -27.40 22.82
CA ALA F 197 3.84 -26.02 23.24
C ALA F 197 2.78 -25.11 22.64
N GLU F 198 2.36 -25.41 21.42
CA GLU F 198 1.37 -24.59 20.71
C GLU F 198 0.02 -24.68 21.39
N ALA F 199 -0.36 -25.90 21.79
CA ALA F 199 -1.67 -26.15 22.39
C ALA F 199 -1.69 -25.83 23.88
N PHE F 200 -0.56 -26.07 24.55
CA PHE F 200 -0.46 -25.80 25.98
C PHE F 200 -0.57 -24.31 26.28
N LEU F 201 -0.01 -23.49 25.39
CA LEU F 201 -0.03 -22.05 25.59
C LEU F 201 -1.32 -21.40 25.10
N SER F 202 -1.87 -21.92 24.01
CA SER F 202 -3.14 -21.41 23.48
C SER F 202 -4.26 -21.64 24.47
N SER F 203 -3.99 -22.45 25.49
CA SER F 203 -4.97 -22.73 26.53
C SER F 203 -4.60 -22.01 27.83
N LEU F 204 -3.31 -21.74 28.00
CA LEU F 204 -2.82 -21.08 29.20
C LEU F 204 -2.94 -19.57 29.10
N THR F 205 -2.43 -19.03 28.00
CA THR F 205 -2.46 -17.57 27.77
C THR F 205 -3.87 -17.01 27.90
N GLU F 206 -4.84 -17.73 27.37
CA GLU F 206 -6.23 -17.29 27.45
C GLU F 206 -6.67 -17.15 28.89
N THR F 207 -6.40 -18.19 29.68
CA THR F 207 -6.75 -18.17 31.10
C THR F 207 -5.79 -17.26 31.87
N ILE F 208 -5.17 -16.33 31.15
CA ILE F 208 -4.30 -15.33 31.76
C ILE F 208 -4.73 -13.92 31.33
N GLU F 209 -5.14 -13.80 30.07
CA GLU F 209 -5.70 -12.55 29.57
C GLU F 209 -6.86 -12.13 30.46
N GLY F 210 -7.57 -13.12 30.98
CA GLY F 210 -8.69 -12.89 31.87
C GLY F 210 -8.22 -12.58 33.28
N VAL F 211 -7.12 -13.20 33.68
CA VAL F 211 -6.53 -12.93 34.99
C VAL F 211 -6.19 -11.44 35.11
N ASP F 212 -5.92 -10.81 33.98
CA ASP F 212 -5.74 -9.36 33.96
C ASP F 212 -7.09 -8.65 34.02
N ALA F 213 -7.82 -8.91 35.09
CA ALA F 213 -9.03 -8.17 35.41
C ALA F 213 -8.62 -7.09 36.39
N GLU F 214 -7.51 -6.43 36.08
CA GLU F 214 -6.90 -5.46 36.99
C GLU F 214 -5.97 -4.51 36.25
N ASP F 215 -5.14 -5.05 35.38
CA ASP F 215 -4.20 -4.26 34.59
C ASP F 215 -4.82 -3.81 33.27
N ASP F 230 2.56 -6.82 48.33
CA ASP F 230 2.67 -6.01 47.12
C ASP F 230 2.50 -6.81 45.84
N PRO F 231 2.40 -6.12 44.68
CA PRO F 231 2.14 -6.78 43.40
C PRO F 231 3.18 -7.84 43.07
N SER F 232 2.73 -8.92 42.43
CA SER F 232 1.32 -9.07 42.10
C SER F 232 0.87 -10.51 42.31
N GLY F 233 -0.08 -10.96 41.48
CA GLY F 233 -0.57 -12.33 41.57
C GLY F 233 -1.92 -12.56 40.91
N SER F 234 -2.83 -13.15 41.68
CA SER F 234 -4.17 -13.50 41.20
C SER F 234 -4.22 -14.82 40.43
N MET F 235 -3.04 -15.41 40.21
CA MET F 235 -2.97 -16.75 39.64
C MET F 235 -1.88 -17.58 40.30
N ASN F 236 -2.20 -18.82 40.64
CA ASN F 236 -1.23 -19.73 41.22
C ASN F 236 -0.84 -20.85 40.25
N ILE F 237 0.45 -21.15 40.20
CA ILE F 237 0.96 -22.20 39.31
C ILE F 237 1.77 -23.22 40.11
N TYR F 238 1.19 -24.40 40.32
CA TYR F 238 1.85 -25.44 41.10
C TYR F 238 2.61 -26.39 40.20
N LEU F 239 3.94 -26.35 40.28
CA LEU F 239 4.79 -27.22 39.48
C LEU F 239 5.14 -28.49 40.25
N VAL F 240 4.52 -29.60 39.88
CA VAL F 240 4.78 -30.88 40.54
C VAL F 240 5.64 -31.79 39.66
N LEU F 241 6.91 -31.89 39.98
CA LEU F 241 7.84 -32.68 39.19
C LEU F 241 8.06 -34.06 39.79
N ASP F 242 8.00 -35.09 38.94
CA ASP F 242 8.18 -36.45 39.39
C ASP F 242 9.65 -36.87 39.37
N GLY F 243 10.20 -37.16 40.54
CA GLY F 243 11.59 -37.55 40.65
C GLY F 243 11.76 -39.03 40.94
N SER F 244 10.76 -39.82 40.55
CA SER F 244 10.81 -41.27 40.73
C SER F 244 11.93 -41.87 39.90
N GLY F 245 12.42 -43.03 40.31
CA GLY F 245 13.49 -43.72 39.60
C GLY F 245 13.01 -44.35 38.31
N SER F 246 11.72 -44.24 38.03
CA SER F 246 11.14 -44.82 36.83
C SER F 246 11.14 -43.84 35.67
N ILE F 247 11.78 -42.69 35.87
CA ILE F 247 11.82 -41.66 34.84
C ILE F 247 13.23 -41.52 34.25
N GLY F 248 14.24 -41.72 35.08
CA GLY F 248 15.61 -41.60 34.65
C GLY F 248 16.07 -40.16 34.65
N ALA F 249 17.36 -39.94 34.88
CA ALA F 249 17.91 -38.59 34.95
C ALA F 249 17.75 -37.85 33.63
N SER F 250 17.68 -38.61 32.53
CA SER F 250 17.59 -38.02 31.19
C SER F 250 16.27 -37.29 30.97
N ASP F 251 15.16 -38.00 31.19
CA ASP F 251 13.84 -37.42 30.97
C ASP F 251 13.39 -36.55 32.13
N PHE F 252 14.26 -36.41 33.14
CA PHE F 252 13.95 -35.59 34.30
C PHE F 252 14.55 -34.19 34.18
N THR F 253 15.85 -34.14 33.91
CA THR F 253 16.53 -32.86 33.75
C THR F 253 15.94 -32.11 32.56
N GLY F 254 15.52 -32.85 31.55
CA GLY F 254 14.88 -32.26 30.38
C GLY F 254 13.55 -31.65 30.73
N ALA F 255 12.92 -32.15 31.79
CA ALA F 255 11.63 -31.65 32.24
C ALA F 255 11.77 -30.34 33.01
N LYS F 256 12.90 -30.17 33.70
CA LYS F 256 13.16 -28.93 34.43
C LYS F 256 13.42 -27.80 33.45
N LYS F 257 14.36 -28.04 32.53
CA LYS F 257 14.73 -27.04 31.54
C LYS F 257 13.51 -26.54 30.79
N CYS F 258 12.58 -27.45 30.53
CA CYS F 258 11.33 -27.09 29.86
C CYS F 258 10.52 -26.14 30.73
N LEU F 259 10.47 -26.42 32.03
CA LEU F 259 9.76 -25.58 32.98
C LEU F 259 10.41 -24.21 33.11
N VAL F 260 11.74 -24.17 33.09
CA VAL F 260 12.47 -22.92 33.21
C VAL F 260 12.06 -21.93 32.13
N ASN F 261 12.13 -22.37 30.88
CA ASN F 261 11.75 -21.51 29.75
C ASN F 261 10.27 -21.15 29.78
N LEU F 262 9.46 -22.02 30.36
CA LEU F 262 8.02 -21.77 30.50
C LEU F 262 7.78 -20.59 31.43
N ILE F 263 8.53 -20.55 32.52
CA ILE F 263 8.42 -19.46 33.48
C ILE F 263 8.83 -18.14 32.83
N GLU F 264 9.87 -18.18 32.01
CA GLU F 264 10.33 -17.02 31.27
C GLU F 264 9.28 -16.60 30.23
N LYS F 265 8.72 -17.60 29.55
CA LYS F 265 7.67 -17.35 28.56
C LYS F 265 6.50 -16.62 29.19
N VAL F 266 6.04 -17.11 30.33
CA VAL F 266 4.95 -16.45 31.05
C VAL F 266 5.36 -15.05 31.47
N ALA F 267 6.60 -14.94 31.96
CA ALA F 267 7.13 -13.66 32.42
C ALA F 267 7.15 -12.61 31.31
N SER F 268 7.31 -13.08 30.07
CA SER F 268 7.39 -12.16 28.93
C SER F 268 6.06 -11.45 28.69
N TYR F 269 4.99 -11.97 29.29
CA TYR F 269 3.68 -11.31 29.22
C TYR F 269 3.59 -10.21 30.27
N GLY F 270 4.60 -10.12 31.12
CA GLY F 270 4.63 -9.12 32.16
C GLY F 270 3.73 -9.45 33.32
N VAL F 271 3.46 -10.73 33.52
CA VAL F 271 2.58 -11.18 34.58
C VAL F 271 3.36 -11.93 35.66
N LYS F 272 3.05 -11.63 36.92
CA LYS F 272 3.76 -12.23 38.04
C LYS F 272 2.83 -13.08 38.89
N PRO F 273 2.74 -14.38 38.58
CA PRO F 273 1.93 -15.34 39.32
C PRO F 273 2.66 -15.86 40.54
N ARG F 274 1.93 -16.48 41.47
CA ARG F 274 2.54 -17.13 42.62
C ARG F 274 2.87 -18.58 42.26
N TYR F 275 4.11 -18.98 42.49
CA TYR F 275 4.55 -20.32 42.12
C TYR F 275 4.68 -21.26 43.31
N GLY F 276 4.55 -22.55 43.03
CA GLY F 276 4.73 -23.59 44.03
C GLY F 276 5.51 -24.75 43.43
N LEU F 277 6.74 -24.94 43.89
CA LEU F 277 7.61 -25.97 43.32
C LEU F 277 7.69 -27.19 44.21
N VAL F 278 7.35 -28.35 43.66
CA VAL F 278 7.34 -29.60 44.40
C VAL F 278 7.83 -30.77 43.56
N THR F 279 8.86 -31.46 44.05
CA THR F 279 9.30 -32.71 43.44
C THR F 279 8.93 -33.86 44.36
N TYR F 280 8.45 -34.96 43.79
CA TYR F 280 7.96 -36.07 44.59
C TYR F 280 8.50 -37.42 44.17
N ALA F 281 8.61 -38.31 45.16
CA ALA F 281 8.95 -39.70 44.92
C ALA F 281 8.18 -40.53 45.93
N THR F 282 8.89 -41.24 46.80
CA THR F 282 8.25 -41.94 47.90
C THR F 282 7.55 -40.91 48.79
N TYR F 283 8.15 -39.72 48.85
CA TYR F 283 7.57 -38.62 49.62
C TYR F 283 7.61 -37.34 48.79
N PRO F 284 6.74 -36.37 49.12
CA PRO F 284 6.73 -35.06 48.47
C PRO F 284 7.82 -34.15 49.05
N LYS F 285 8.43 -33.34 48.19
CA LYS F 285 9.45 -32.40 48.64
C LYS F 285 9.09 -30.99 48.16
N ILE F 286 8.79 -30.09 49.10
CA ILE F 286 8.40 -28.73 48.75
C ILE F 286 9.59 -27.78 48.72
N TRP F 287 9.81 -27.16 47.56
CA TRP F 287 10.90 -26.21 47.38
C TRP F 287 10.39 -24.77 47.43
N VAL F 288 9.17 -24.57 46.93
CA VAL F 288 8.56 -23.25 46.93
C VAL F 288 7.07 -23.34 47.25
N LYS F 289 6.62 -22.49 48.16
CA LYS F 289 5.21 -22.47 48.57
C LYS F 289 4.57 -21.15 48.15
N VAL F 290 3.36 -21.21 47.64
CA VAL F 290 2.67 -20.02 47.15
C VAL F 290 2.46 -18.99 48.26
N SER F 291 2.48 -19.46 49.51
CA SER F 291 2.29 -18.57 50.65
C SER F 291 3.57 -17.81 50.96
N GLU F 292 4.69 -18.26 50.40
CA GLU F 292 5.97 -17.59 50.60
C GLU F 292 5.94 -16.18 50.02
N ALA F 293 6.74 -15.29 50.61
CA ALA F 293 6.78 -13.90 50.16
C ALA F 293 7.56 -13.77 48.86
N ASP F 294 8.09 -14.89 48.37
CA ASP F 294 8.90 -14.90 47.17
C ASP F 294 8.33 -15.78 46.07
N SER F 295 7.10 -16.27 46.28
CA SER F 295 6.47 -17.14 45.32
C SER F 295 6.26 -16.44 43.98
N SER F 296 5.98 -15.14 44.03
CA SER F 296 5.71 -14.36 42.83
C SER F 296 6.98 -13.90 42.12
N ASN F 297 8.13 -14.14 42.75
CA ASN F 297 9.41 -13.79 42.16
C ASN F 297 9.89 -14.87 41.19
N ALA F 298 9.71 -14.61 39.89
CA ALA F 298 10.06 -15.58 38.86
C ALA F 298 11.51 -16.04 38.97
N ASP F 299 12.42 -15.10 39.16
CA ASP F 299 13.83 -15.42 39.25
C ASP F 299 14.09 -16.35 40.44
N TRP F 300 13.44 -16.07 41.56
CA TRP F 300 13.54 -16.90 42.74
C TRP F 300 13.22 -18.34 42.39
N VAL F 301 12.01 -18.56 41.88
CA VAL F 301 11.54 -19.90 41.55
C VAL F 301 12.48 -20.61 40.57
N THR F 302 13.09 -19.84 39.67
CA THR F 302 13.98 -20.41 38.67
C THR F 302 15.28 -20.91 39.31
N LYS F 303 15.79 -20.19 40.30
CA LYS F 303 17.00 -20.61 41.00
C LYS F 303 16.79 -21.95 41.67
N GLN F 304 15.60 -22.16 42.22
CA GLN F 304 15.25 -23.42 42.84
C GLN F 304 15.20 -24.53 41.80
N LEU F 305 14.51 -24.25 40.70
CA LEU F 305 14.35 -25.22 39.62
C LEU F 305 15.70 -25.70 39.12
N ASN F 306 16.74 -24.94 39.43
CA ASN F 306 18.10 -25.30 39.04
C ASN F 306 18.83 -26.10 40.12
N GLU F 307 18.53 -25.79 41.37
CA GLU F 307 19.20 -26.45 42.50
C GLU F 307 18.73 -27.89 42.66
N ILE F 308 17.49 -28.17 42.29
CA ILE F 308 16.95 -29.52 42.41
C ILE F 308 17.67 -30.47 41.46
N ASN F 309 17.78 -31.74 41.86
CA ASN F 309 18.44 -32.74 41.03
C ASN F 309 17.76 -34.10 41.10
N TYR F 310 18.05 -34.94 40.12
CA TYR F 310 17.44 -36.26 40.04
C TYR F 310 17.96 -37.20 41.13
N GLU F 311 19.09 -36.84 41.73
CA GLU F 311 19.66 -37.65 42.79
C GLU F 311 19.00 -37.37 44.13
N ASP F 312 18.12 -36.36 44.14
CA ASP F 312 17.44 -35.96 45.37
C ASP F 312 16.54 -37.07 45.90
N HIS F 313 16.01 -37.89 44.99
CA HIS F 313 15.10 -38.95 45.36
C HIS F 313 15.60 -40.31 44.90
N LYS F 314 16.85 -40.63 45.24
CA LYS F 314 17.44 -41.90 44.83
C LYS F 314 17.34 -42.94 45.94
N LEU F 315 17.47 -42.48 47.18
CA LEU F 315 17.41 -43.36 48.33
C LEU F 315 16.01 -43.94 48.49
N LYS F 316 15.00 -43.13 48.18
CA LYS F 316 13.61 -43.56 48.26
C LYS F 316 12.88 -43.23 46.96
N SER F 317 13.16 -44.03 45.93
CA SER F 317 12.65 -43.76 44.59
C SER F 317 11.25 -44.30 44.35
N GLY F 318 10.34 -44.00 45.28
CA GLY F 318 8.96 -44.41 45.14
C GLY F 318 8.21 -43.55 44.15
N THR F 319 6.94 -43.88 43.90
CA THR F 319 6.13 -43.12 42.97
C THR F 319 4.76 -42.80 43.56
N ASN F 320 4.77 -42.16 44.73
CA ASN F 320 3.52 -41.82 45.43
C ASN F 320 2.98 -40.47 44.98
N THR F 321 2.24 -40.47 43.87
CA THR F 321 1.68 -39.25 43.31
C THR F 321 0.60 -38.66 44.21
N LYS F 322 -0.10 -39.52 44.93
CA LYS F 322 -1.18 -39.08 45.81
C LYS F 322 -0.71 -38.01 46.79
N LYS F 323 0.36 -38.31 47.52
CA LYS F 323 0.91 -37.38 48.50
C LYS F 323 1.41 -36.10 47.83
N ALA F 324 1.87 -36.22 46.59
CA ALA F 324 2.35 -35.07 45.84
C ALA F 324 1.24 -34.05 45.61
N LEU F 325 0.07 -34.54 45.23
CA LEU F 325 -1.08 -33.68 45.03
C LEU F 325 -1.66 -33.20 46.36
N GLN F 326 -1.38 -33.96 47.41
CA GLN F 326 -1.78 -33.56 48.76
C GLN F 326 -0.93 -32.38 49.23
N ALA F 327 0.29 -32.32 48.73
CA ALA F 327 1.19 -31.19 49.03
C ALA F 327 0.63 -29.91 48.43
N VAL F 328 0.13 -30.00 47.20
CA VAL F 328 -0.49 -28.87 46.53
C VAL F 328 -1.77 -28.46 47.25
N TYR F 329 -2.49 -29.44 47.77
CA TYR F 329 -3.75 -29.19 48.47
C TYR F 329 -3.56 -28.29 49.69
N SER F 330 -2.54 -28.60 50.49
CA SER F 330 -2.26 -27.83 51.70
C SER F 330 -1.80 -26.41 51.38
N MET F 331 -1.33 -26.20 50.15
CA MET F 331 -0.85 -24.89 49.73
C MET F 331 -2.00 -23.94 49.42
N MET F 332 -3.12 -24.49 48.98
CA MET F 332 -4.28 -23.67 48.61
C MET F 332 -5.31 -23.61 49.74
N SER F 333 -4.97 -24.18 50.89
CA SER F 333 -5.87 -24.19 52.03
C SER F 333 -5.51 -23.10 53.04
N TRP F 334 -6.52 -22.40 53.54
CA TRP F 334 -6.30 -21.34 54.52
C TRP F 334 -7.52 -21.04 55.38
N PRO F 335 -7.30 -20.91 56.70
CA PRO F 335 -8.32 -20.53 57.68
C PRO F 335 -8.69 -19.06 57.55
N TRP F 343 -9.08 -14.47 46.83
CA TRP F 343 -8.95 -15.93 46.80
C TRP F 343 -10.25 -16.61 46.40
N ASN F 344 -11.34 -15.87 46.50
CA ASN F 344 -12.62 -16.33 46.01
C ASN F 344 -12.66 -16.17 44.49
N ARG F 345 -11.56 -15.68 43.93
CA ARG F 345 -11.47 -15.42 42.50
C ARG F 345 -10.09 -15.73 41.94
N THR F 346 -9.31 -16.53 42.66
CA THR F 346 -7.96 -16.87 42.23
C THR F 346 -7.96 -18.08 41.30
N ARG F 347 -7.35 -17.92 40.13
CA ARG F 347 -7.22 -19.03 39.19
C ARG F 347 -6.09 -19.98 39.61
N HIS F 348 -6.38 -21.27 39.60
CA HIS F 348 -5.41 -22.28 40.01
C HIS F 348 -4.97 -23.15 38.83
N VAL F 349 -3.65 -23.28 38.67
CA VAL F 349 -3.09 -24.04 37.56
C VAL F 349 -2.05 -25.05 38.02
N ILE F 350 -2.38 -26.33 37.92
CA ILE F 350 -1.47 -27.39 38.31
C ILE F 350 -0.81 -28.03 37.09
N ILE F 351 0.52 -28.04 37.09
CA ILE F 351 1.29 -28.63 36.01
C ILE F 351 2.25 -29.67 36.57
N LEU F 352 2.06 -30.93 36.19
CA LEU F 352 2.92 -32.00 36.69
C LEU F 352 3.49 -32.87 35.58
N MET F 353 4.79 -33.14 35.67
CA MET F 353 5.44 -34.10 34.78
C MET F 353 5.52 -35.45 35.46
N THR F 354 5.04 -36.49 34.79
CA THR F 354 5.08 -37.83 35.33
C THR F 354 4.93 -38.86 34.22
N ASP F 355 5.12 -40.13 34.56
CA ASP F 355 4.92 -41.20 33.59
C ASP F 355 3.57 -41.87 33.80
N GLY F 356 2.86 -41.44 34.84
CA GLY F 356 1.55 -41.96 35.14
C GLY F 356 1.58 -43.31 35.83
N LEU F 357 2.78 -43.82 36.08
CA LEU F 357 2.94 -45.12 36.72
C LEU F 357 3.11 -44.98 38.22
N HIS F 358 1.99 -44.82 38.93
CA HIS F 358 2.02 -44.69 40.38
C HIS F 358 1.81 -46.04 41.06
N ASN F 359 2.59 -46.30 42.11
CA ASN F 359 2.52 -47.59 42.80
C ASN F 359 2.41 -47.45 44.32
N MET F 360 2.22 -46.22 44.79
CA MET F 360 2.08 -45.96 46.22
C MET F 360 1.05 -44.87 46.47
N GLY F 361 0.12 -45.14 47.39
CA GLY F 361 -0.90 -44.17 47.75
C GLY F 361 -2.24 -44.45 47.12
N GLY F 362 -2.22 -45.19 46.01
CA GLY F 362 -3.46 -45.55 45.33
C GLY F 362 -3.83 -44.56 44.24
N ASP F 363 -5.13 -44.36 44.06
CA ASP F 363 -5.63 -43.47 43.01
C ASP F 363 -5.46 -42.01 43.41
N PRO F 364 -4.62 -41.29 42.66
CA PRO F 364 -4.35 -39.86 42.90
C PRO F 364 -5.56 -38.99 42.59
N ILE F 365 -6.49 -39.51 41.80
CA ILE F 365 -7.67 -38.76 41.39
C ILE F 365 -8.50 -38.28 42.58
N THR F 366 -8.56 -39.09 43.62
CA THR F 366 -9.32 -38.75 44.82
C THR F 366 -8.92 -37.38 45.36
N VAL F 367 -7.63 -37.05 45.21
CA VAL F 367 -7.13 -35.75 45.65
C VAL F 367 -7.67 -34.63 44.78
N ILE F 368 -7.62 -34.84 43.47
CA ILE F 368 -8.15 -33.86 42.51
C ILE F 368 -9.57 -33.48 42.88
N ASP F 369 -10.37 -34.48 43.24
CA ASP F 369 -11.75 -34.24 43.65
C ASP F 369 -11.80 -33.38 44.90
N GLU F 370 -11.01 -33.75 45.90
CA GLU F 370 -10.94 -33.00 47.15
C GLU F 370 -10.58 -31.55 46.89
N ILE F 371 -9.63 -31.34 45.99
CA ILE F 371 -9.22 -30.00 45.60
C ILE F 371 -10.39 -29.22 45.01
N ARG F 372 -11.15 -29.88 44.14
CA ARG F 372 -12.31 -29.25 43.52
C ARG F 372 -13.37 -28.88 44.55
N ASP F 373 -13.48 -29.69 45.59
CA ASP F 373 -14.40 -29.41 46.69
C ASP F 373 -13.92 -28.19 47.47
N LEU F 374 -12.60 -28.06 47.59
CA LEU F 374 -12.00 -26.96 48.33
C LEU F 374 -12.19 -25.62 47.62
N LEU F 375 -12.19 -25.67 46.29
CA LEU F 375 -12.32 -24.46 45.47
C LEU F 375 -13.76 -24.21 45.06
N TYR F 376 -14.68 -24.98 45.64
CA TYR F 376 -16.10 -24.85 45.35
C TYR F 376 -16.36 -24.93 43.85
N ILE F 377 -15.85 -25.97 43.22
CA ILE F 377 -15.98 -26.15 41.78
C ILE F 377 -16.90 -27.31 41.43
N GLY F 378 -17.79 -27.10 40.46
CA GLY F 378 -18.73 -28.12 40.04
C GLY F 378 -19.75 -28.42 41.11
N LYS F 379 -19.84 -27.56 42.12
CA LYS F 379 -20.76 -27.75 43.23
C LYS F 379 -21.88 -26.72 43.19
N ASP F 380 -22.22 -26.24 42.00
CA ASP F 380 -23.31 -25.31 41.81
C ASP F 380 -23.74 -25.29 40.35
N ARG F 381 -24.98 -25.70 40.09
CA ARG F 381 -25.51 -25.78 38.73
C ARG F 381 -25.35 -24.46 37.99
N LYS F 382 -25.68 -23.36 38.64
CA LYS F 382 -25.66 -22.04 38.01
C LYS F 382 -24.25 -21.46 37.95
N ASN F 383 -23.37 -21.92 38.83
CA ASN F 383 -22.00 -21.42 38.89
C ASN F 383 -20.97 -22.53 39.01
N PRO F 384 -20.62 -23.15 37.87
CA PRO F 384 -19.66 -24.25 37.80
C PRO F 384 -18.28 -23.87 38.34
N ARG F 385 -17.81 -22.67 37.98
CA ARG F 385 -16.49 -22.20 38.41
C ARG F 385 -15.35 -23.02 37.82
N GLU F 386 -15.62 -23.66 36.68
CA GLU F 386 -14.63 -24.52 36.04
C GLU F 386 -13.40 -23.74 35.56
N ASP F 387 -13.59 -22.45 35.28
CA ASP F 387 -12.51 -21.63 34.74
C ASP F 387 -11.48 -21.25 35.81
N TYR F 388 -11.70 -21.74 37.03
CA TYR F 388 -10.82 -21.39 38.15
C TYR F 388 -9.84 -22.51 38.49
N LEU F 389 -9.84 -23.57 37.69
CA LEU F 389 -8.92 -24.68 37.92
C LEU F 389 -8.57 -25.42 36.63
N ASP F 390 -7.28 -25.41 36.30
CA ASP F 390 -6.78 -26.13 35.14
C ASP F 390 -5.70 -27.11 35.59
N VAL F 391 -5.74 -28.32 35.03
CA VAL F 391 -4.74 -29.33 35.34
C VAL F 391 -4.08 -29.86 34.07
N TYR F 392 -2.78 -29.64 33.96
CA TYR F 392 -2.02 -30.11 32.80
C TYR F 392 -1.11 -31.26 33.22
N VAL F 393 -1.08 -32.32 32.41
CA VAL F 393 -0.24 -33.47 32.71
C VAL F 393 0.67 -33.82 31.53
N PHE F 394 1.98 -33.81 31.78
CA PHE F 394 2.95 -34.13 30.74
C PHE F 394 3.57 -35.50 30.96
N GLY F 395 3.45 -36.37 29.96
CA GLY F 395 4.09 -37.68 30.01
C GLY F 395 5.58 -37.54 29.74
N VAL F 396 6.41 -38.08 30.61
CA VAL F 396 7.85 -37.88 30.50
C VAL F 396 8.65 -39.18 30.45
N GLY F 397 8.37 -40.09 31.38
CA GLY F 397 9.13 -41.33 31.48
C GLY F 397 9.14 -42.14 30.19
N PRO F 398 10.08 -43.10 30.10
CA PRO F 398 10.16 -44.00 28.94
C PRO F 398 8.85 -44.74 28.73
N LEU F 399 8.31 -45.33 29.80
CA LEU F 399 7.01 -45.98 29.75
C LEU F 399 5.98 -45.07 30.42
N VAL F 400 5.01 -44.62 29.64
CA VAL F 400 3.99 -43.70 30.16
C VAL F 400 2.57 -44.24 30.01
N ASN F 401 1.83 -44.24 31.11
CA ASN F 401 0.45 -44.70 31.11
C ASN F 401 -0.53 -43.61 30.71
N GLN F 402 -0.92 -43.62 29.45
CA GLN F 402 -1.79 -42.56 28.91
C GLN F 402 -3.17 -42.57 29.55
N VAL F 403 -3.55 -43.70 30.13
CA VAL F 403 -4.87 -43.81 30.76
C VAL F 403 -4.92 -43.00 32.06
N ASN F 404 -3.84 -43.04 32.82
CA ASN F 404 -3.80 -42.39 34.12
C ASN F 404 -3.55 -40.88 34.05
N ILE F 405 -2.67 -40.47 33.13
CA ILE F 405 -2.36 -39.06 32.99
C ILE F 405 -3.53 -38.31 32.35
N ASN F 406 -4.39 -39.05 31.65
CA ASN F 406 -5.60 -38.48 31.07
C ASN F 406 -6.71 -38.34 32.11
N ALA F 407 -6.65 -39.16 33.15
CA ALA F 407 -7.67 -39.16 34.18
C ALA F 407 -7.48 -37.99 35.15
N LEU F 408 -6.26 -37.47 35.21
CA LEU F 408 -5.95 -36.34 36.07
C LEU F 408 -6.16 -35.01 35.34
N ALA F 409 -5.68 -34.93 34.11
CA ALA F 409 -5.77 -33.71 33.32
C ALA F 409 -7.21 -33.26 33.14
N SER F 410 -7.41 -31.95 33.04
CA SER F 410 -8.74 -31.39 32.88
C SER F 410 -9.31 -31.68 31.50
N LYS F 411 -10.64 -31.67 31.40
CA LYS F 411 -11.30 -31.86 30.11
C LYS F 411 -12.15 -30.63 29.79
N LYS F 412 -11.56 -29.69 29.07
CA LYS F 412 -12.27 -28.48 28.68
C LYS F 412 -12.48 -28.42 27.16
N ASP F 413 -13.66 -27.96 26.75
CA ASP F 413 -14.00 -27.91 25.33
C ASP F 413 -12.96 -27.16 24.52
N ASN F 414 -12.45 -27.82 23.48
CA ASN F 414 -11.53 -27.20 22.53
C ASN F 414 -10.16 -26.92 23.13
N GLU F 415 -9.88 -27.51 24.29
CA GLU F 415 -8.59 -27.33 24.95
C GLU F 415 -7.93 -28.67 25.22
N GLN F 416 -6.60 -28.68 25.22
CA GLN F 416 -5.84 -29.91 25.46
C GLN F 416 -4.99 -29.81 26.72
N HIS F 417 -5.14 -30.79 27.60
CA HIS F 417 -4.44 -30.78 28.88
C HIS F 417 -3.54 -32.00 29.05
N VAL F 418 -3.65 -32.95 28.12
CA VAL F 418 -2.82 -34.15 28.16
C VAL F 418 -1.78 -34.10 27.03
N PHE F 419 -0.52 -34.32 27.38
CA PHE F 419 0.55 -34.27 26.40
C PHE F 419 1.55 -35.40 26.61
N LYS F 420 1.94 -36.06 25.52
CA LYS F 420 2.98 -37.07 25.57
C LYS F 420 4.15 -36.62 24.70
N VAL F 421 5.12 -35.98 25.33
CA VAL F 421 6.27 -35.44 24.62
C VAL F 421 7.10 -36.54 23.96
N LYS F 422 7.41 -36.35 22.69
CA LYS F 422 8.20 -37.33 21.95
C LYS F 422 9.63 -37.35 22.47
N ASP F 423 10.47 -36.47 21.93
CA ASP F 423 11.88 -36.43 22.30
C ASP F 423 12.11 -35.66 23.61
N MET F 424 11.20 -34.75 23.92
CA MET F 424 11.38 -33.85 25.06
C MET F 424 12.69 -33.07 24.88
N GLU F 425 12.96 -32.13 25.78
CA GLU F 425 14.13 -31.28 25.67
C GLU F 425 13.92 -30.27 24.55
N ASN F 426 13.26 -30.73 23.49
CA ASN F 426 12.93 -29.87 22.35
C ASN F 426 11.84 -28.87 22.73
N LEU F 427 10.98 -29.25 23.66
CA LEU F 427 10.00 -28.32 24.20
C LEU F 427 10.70 -27.09 24.74
N GLU F 428 11.76 -27.31 25.50
CA GLU F 428 12.58 -26.22 26.02
C GLU F 428 12.97 -25.26 24.90
N ASP F 429 13.53 -25.81 23.83
CA ASP F 429 14.01 -25.01 22.71
C ASP F 429 12.86 -24.37 21.94
N VAL F 430 11.68 -24.99 21.99
CA VAL F 430 10.51 -24.42 21.35
C VAL F 430 9.95 -23.26 22.15
N PHE F 431 9.87 -23.43 23.47
CA PHE F 431 9.39 -22.36 24.35
C PHE F 431 10.27 -21.12 24.20
N TYR F 432 11.58 -21.32 24.14
CA TYR F 432 12.52 -20.22 23.99
C TYR F 432 12.29 -19.50 22.66
N GLN F 433 11.97 -20.27 21.63
CA GLN F 433 11.74 -19.71 20.30
C GLN F 433 10.39 -19.01 20.23
N MET F 434 9.48 -19.38 21.12
CA MET F 434 8.12 -18.83 21.09
C MET F 434 7.97 -17.61 21.98
N ILE F 435 9.08 -17.10 22.51
CA ILE F 435 9.05 -15.90 23.33
C ILE F 435 9.08 -14.66 22.44
N ASP F 436 8.00 -13.90 22.47
CA ASP F 436 7.89 -12.70 21.63
C ASP F 436 7.27 -11.55 22.42
N GLU F 437 8.08 -10.55 22.74
CA GLU F 437 7.63 -9.42 23.54
C GLU F 437 6.74 -8.48 22.73
N SER F 438 6.74 -8.64 21.41
CA SER F 438 5.98 -7.75 20.54
C SER F 438 4.48 -8.03 20.61
N GLN F 439 4.12 -9.30 20.75
CA GLN F 439 2.71 -9.69 20.81
C GLN F 439 2.05 -9.23 22.11
N SER F 440 0.94 -8.52 21.99
CA SER F 440 0.23 -7.98 23.14
C SER F 440 -0.73 -8.98 23.76
N LEU F 441 -1.18 -8.69 24.97
CA LEU F 441 -2.11 -9.57 25.68
C LEU F 441 -3.53 -9.06 25.48
N SER F 442 -4.38 -9.90 24.91
CA SER F 442 -5.75 -9.51 24.56
C SER F 442 -6.56 -9.04 25.76
N LEU F 443 -7.68 -8.37 25.48
CA LEU F 443 -8.53 -7.82 26.52
C LEU F 443 -9.96 -7.62 26.02
N CYS F 444 -10.24 -8.12 24.82
CA CYS F 444 -11.55 -7.97 24.22
C CYS F 444 -12.55 -9.00 24.74
N GLY F 445 -13.82 -8.60 24.81
CA GLY F 445 -14.88 -9.50 25.24
C GLY F 445 -14.70 -10.00 26.66
N MET F 446 -14.18 -9.13 27.53
CA MET F 446 -13.96 -9.49 28.93
C MET F 446 -15.09 -8.98 29.81
N VAL F 447 -15.71 -9.88 30.57
CA VAL F 447 -16.73 -9.51 31.54
C VAL F 447 -16.65 -10.40 32.78
N TRP F 448 -16.34 -9.79 33.92
CA TRP F 448 -16.22 -10.55 35.16
C TRP F 448 -17.25 -10.11 36.20
N GLU F 449 -17.74 -11.07 36.97
CA GLU F 449 -18.78 -10.81 37.97
C GLU F 449 -18.26 -9.98 39.13
N HIS F 450 -18.24 -8.66 38.96
CA HIS F 450 -17.84 -7.76 40.04
C HIS F 450 -19.03 -7.55 40.98
N ARG F 451 -18.74 -7.33 42.25
CA ARG F 451 -19.78 -7.20 43.28
C ARG F 451 -20.82 -6.14 42.95
N LYS F 452 -20.38 -4.90 42.80
CA LYS F 452 -21.29 -3.80 42.51
C LYS F 452 -21.43 -3.56 41.01
N GLY F 453 -21.48 -2.30 40.61
CA GLY F 453 -21.64 -1.95 39.22
C GLY F 453 -23.05 -2.23 38.71
N THR F 454 -23.20 -2.18 37.39
CA THR F 454 -24.51 -2.41 36.77
C THR F 454 -24.32 -2.56 35.26
N ASP F 455 -25.07 -1.78 34.48
CA ASP F 455 -24.86 -1.75 33.05
C ASP F 455 -23.49 -1.14 32.76
N TYR F 456 -22.94 -1.44 31.59
CA TYR F 456 -21.60 -1.00 31.24
C TYR F 456 -20.54 -1.75 32.04
N HIS F 457 -20.98 -2.43 33.09
CA HIS F 457 -20.13 -3.33 33.85
C HIS F 457 -20.25 -4.73 33.28
N LYS F 458 -21.46 -5.09 32.88
CA LYS F 458 -21.73 -6.38 32.26
C LYS F 458 -21.59 -6.29 30.76
N GLN F 459 -21.70 -5.07 30.23
CA GLN F 459 -21.54 -4.81 28.81
C GLN F 459 -20.67 -3.58 28.56
N PRO F 460 -19.38 -3.69 28.88
CA PRO F 460 -18.44 -2.58 28.76
C PRO F 460 -18.41 -2.00 27.34
N TRP F 461 -18.46 -2.87 26.35
CA TRP F 461 -18.37 -2.47 24.95
C TRP F 461 -19.51 -1.55 24.52
N GLN F 462 -20.64 -1.65 25.21
CA GLN F 462 -21.85 -0.95 24.80
C GLN F 462 -21.64 0.56 24.69
N ALA F 463 -21.99 1.11 23.52
CA ALA F 463 -21.87 2.54 23.28
C ALA F 463 -23.21 3.13 22.89
N LYS F 464 -23.45 4.39 23.26
CA LYS F 464 -24.72 5.04 22.98
C LYS F 464 -24.53 6.25 22.09
N ILE F 465 -25.05 6.18 20.87
CA ILE F 465 -24.87 7.25 19.89
C ILE F 465 -26.15 8.05 19.68
N SER F 466 -26.00 9.37 19.63
CA SER F 466 -27.12 10.27 19.39
C SER F 466 -26.77 11.36 18.39
N VAL F 467 -27.72 11.70 17.53
CA VAL F 467 -27.50 12.72 16.52
C VAL F 467 -28.56 13.82 16.59
N ILE F 468 -28.11 15.03 16.92
CA ILE F 468 -29.01 16.18 17.00
C ILE F 468 -29.25 16.77 15.61
N ARG F 469 -30.51 17.07 15.32
CA ARG F 469 -30.88 17.59 14.01
C ARG F 469 -31.81 18.80 14.12
N PRO F 470 -31.80 19.66 13.09
CA PRO F 470 -32.59 20.90 13.04
C PRO F 470 -34.09 20.67 13.17
N SER F 471 -34.58 20.58 14.42
CA SER F 471 -36.01 20.46 14.70
C SER F 471 -36.63 19.19 14.11
N LYS F 472 -35.85 18.44 13.34
CA LYS F 472 -36.33 17.21 12.74
C LYS F 472 -36.47 16.10 13.78
N GLY F 473 -35.74 16.25 14.88
CA GLY F 473 -35.76 15.27 15.95
C GLY F 473 -34.37 14.79 16.31
N HIS F 474 -34.30 13.72 17.08
CA HIS F 474 -33.02 13.15 17.50
C HIS F 474 -32.91 11.68 17.12
N GLU F 475 -31.79 11.32 16.50
CA GLU F 475 -31.53 9.94 16.12
C GLU F 475 -30.88 9.19 17.27
N SER F 476 -31.52 8.09 17.67
CA SER F 476 -31.01 7.29 18.80
C SER F 476 -30.56 5.90 18.33
N CYS F 477 -29.25 5.70 18.29
CA CYS F 477 -28.67 4.42 17.89
C CYS F 477 -27.66 3.94 18.91
N MET F 478 -27.12 2.75 18.68
CA MET F 478 -26.09 2.19 19.55
C MET F 478 -24.92 1.62 18.74
N GLY F 479 -23.81 1.39 19.43
CA GLY F 479 -22.62 0.84 18.79
C GLY F 479 -21.76 0.09 19.79
N ALA F 480 -20.59 -0.37 19.33
CA ALA F 480 -19.69 -1.11 20.20
C ALA F 480 -18.26 -0.59 20.09
N VAL F 481 -17.56 -0.58 21.21
CA VAL F 481 -16.17 -0.17 21.23
C VAL F 481 -15.29 -1.33 20.77
N VAL F 482 -14.70 -1.18 19.58
CA VAL F 482 -13.87 -2.24 19.00
C VAL F 482 -12.39 -2.01 19.25
N SER F 483 -12.02 -0.75 19.47
CA SER F 483 -10.63 -0.39 19.73
C SER F 483 -10.54 0.81 20.65
N GLU F 484 -9.34 1.37 20.78
CA GLU F 484 -9.12 2.51 21.65
C GLU F 484 -9.60 3.81 21.01
N TYR F 485 -9.91 3.75 19.72
CA TYR F 485 -10.31 4.94 18.98
C TYR F 485 -11.62 4.77 18.21
N PHE F 486 -11.94 3.54 17.83
CA PHE F 486 -13.10 3.30 16.96
C PHE F 486 -14.32 2.74 17.68
N VAL F 487 -15.50 3.05 17.13
CA VAL F 487 -16.76 2.56 17.66
C VAL F 487 -17.64 2.05 16.51
N LEU F 488 -17.70 0.73 16.37
CA LEU F 488 -18.46 0.10 15.29
C LEU F 488 -19.97 0.25 15.49
N THR F 489 -20.64 0.79 14.48
CA THR F 489 -22.09 1.00 14.54
C THR F 489 -22.72 0.90 13.16
N ALA F 490 -24.04 1.11 13.10
CA ALA F 490 -24.76 1.07 11.83
C ALA F 490 -24.49 2.31 11.01
N ALA F 491 -24.72 2.21 9.70
CA ALA F 491 -24.42 3.32 8.78
C ALA F 491 -25.63 4.20 8.49
N HIS F 492 -26.82 3.73 8.87
CA HIS F 492 -28.05 4.48 8.61
C HIS F 492 -28.35 5.48 9.74
N CYS F 493 -27.59 5.38 10.82
CA CYS F 493 -27.76 6.30 11.94
C CYS F 493 -27.31 7.70 11.59
N PHE F 494 -26.49 7.80 10.54
CA PHE F 494 -25.95 9.09 10.11
C PHE F 494 -26.25 9.34 8.65
N THR F 495 -26.06 10.59 8.22
CA THR F 495 -26.20 10.96 6.82
C THR F 495 -25.04 11.86 6.42
N VAL F 496 -24.85 12.04 5.11
CA VAL F 496 -23.77 12.87 4.60
C VAL F 496 -23.92 14.31 5.06
N ASP F 497 -25.14 14.69 5.42
CA ASP F 497 -25.42 16.05 5.86
C ASP F 497 -25.01 16.28 7.31
N ASP F 498 -25.15 15.24 8.14
CA ASP F 498 -24.80 15.33 9.55
C ASP F 498 -23.31 15.60 9.74
N LYS F 499 -22.98 16.71 10.37
CA LYS F 499 -21.59 17.06 10.64
C LYS F 499 -21.14 16.49 11.99
N GLU F 500 -19.83 16.50 12.22
CA GLU F 500 -19.26 15.90 13.41
C GLU F 500 -19.73 16.58 14.70
N HIS F 501 -19.98 17.89 14.63
CA HIS F 501 -20.38 18.65 15.82
C HIS F 501 -21.78 18.28 16.29
N SER F 502 -22.58 17.70 15.39
CA SER F 502 -23.96 17.32 15.72
C SER F 502 -24.07 15.83 16.02
N ILE F 503 -22.94 15.17 16.20
CA ILE F 503 -22.93 13.75 16.54
C ILE F 503 -22.13 13.51 17.82
N LYS F 504 -22.83 13.10 18.87
CA LYS F 504 -22.18 12.85 20.16
C LYS F 504 -22.26 11.38 20.55
N VAL F 505 -21.14 10.84 21.01
CA VAL F 505 -21.06 9.44 21.42
C VAL F 505 -20.74 9.34 22.91
N SER F 506 -21.42 8.42 23.59
CA SER F 506 -21.21 8.23 25.02
C SER F 506 -21.01 6.74 25.35
N VAL F 507 -19.95 6.45 26.10
CA VAL F 507 -19.65 5.07 26.47
C VAL F 507 -19.39 4.94 27.97
N GLY F 508 -19.41 3.71 28.46
CA GLY F 508 -19.14 3.43 29.86
C GLY F 508 -20.16 4.03 30.80
N GLY F 509 -21.24 4.57 30.24
CA GLY F 509 -22.28 5.19 31.03
C GLY F 509 -21.90 6.58 31.50
N GLU F 510 -20.77 7.08 31.02
CA GLU F 510 -20.31 8.42 31.37
C GLU F 510 -21.36 9.46 31.00
N LYS F 511 -21.54 10.45 31.87
CA LYS F 511 -22.52 11.50 31.64
C LYS F 511 -22.12 12.38 30.47
N ARG F 512 -20.82 12.62 30.32
CA ARG F 512 -20.31 13.49 29.27
C ARG F 512 -20.40 12.84 27.89
N ASP F 513 -20.24 13.65 26.86
CA ASP F 513 -20.26 13.15 25.49
C ASP F 513 -18.88 13.32 24.85
N LEU F 514 -18.45 12.31 24.11
CA LEU F 514 -17.13 12.33 23.47
C LEU F 514 -17.20 13.03 22.12
N GLU F 515 -16.15 13.77 21.79
CA GLU F 515 -16.05 14.43 20.49
C GLU F 515 -15.47 13.48 19.46
N ILE F 516 -16.15 13.37 18.32
CA ILE F 516 -15.72 12.47 17.25
C ILE F 516 -14.81 13.18 16.26
N GLU F 517 -14.02 12.40 15.54
CA GLU F 517 -13.11 12.94 14.54
C GLU F 517 -13.70 12.81 13.14
N VAL F 518 -14.25 11.64 12.85
CA VAL F 518 -14.84 11.37 11.55
C VAL F 518 -15.64 10.06 11.56
N VAL F 519 -16.72 10.03 10.77
CA VAL F 519 -17.51 8.83 10.63
C VAL F 519 -17.20 8.13 9.30
N LEU F 520 -16.71 6.90 9.39
CA LEU F 520 -16.33 6.15 8.20
C LEU F 520 -17.44 5.21 7.73
N PHE F 521 -18.08 5.56 6.62
CA PHE F 521 -19.11 4.71 6.03
C PHE F 521 -18.48 3.66 5.12
N HIS F 522 -19.17 2.54 4.95
CA HIS F 522 -18.70 1.51 4.03
C HIS F 522 -18.88 1.99 2.59
N PRO F 523 -17.83 1.79 1.76
CA PRO F 523 -17.80 2.25 0.37
C PRO F 523 -19.05 1.85 -0.42
N ASN F 524 -19.64 0.70 -0.08
CA ASN F 524 -20.77 0.17 -0.84
C ASN F 524 -22.13 0.54 -0.25
N TYR F 525 -22.14 1.41 0.75
CA TYR F 525 -23.39 1.80 1.40
C TYR F 525 -24.18 2.83 0.58
N ASN F 526 -25.28 2.38 0.00
CA ASN F 526 -26.18 3.26 -0.74
C ASN F 526 -27.64 2.92 -0.44
N ILE F 527 -28.22 3.65 0.51
CA ILE F 527 -29.56 3.36 0.98
C ILE F 527 -30.65 3.73 -0.04
N ASN F 528 -30.28 4.54 -1.03
CA ASN F 528 -31.23 4.96 -2.06
C ASN F 528 -30.94 4.34 -3.42
N GLY F 529 -30.11 3.31 -3.44
CA GLY F 529 -29.72 2.67 -4.68
C GLY F 529 -30.74 1.67 -5.18
N LYS F 530 -31.99 1.84 -4.78
CA LYS F 530 -33.05 0.92 -5.17
C LYS F 530 -34.37 1.63 -5.42
N LYS F 531 -34.35 2.96 -5.47
CA LYS F 531 -35.57 3.73 -5.68
C LYS F 531 -36.18 3.46 -7.05
N GLU F 532 -35.36 3.06 -8.01
CA GLU F 532 -35.83 2.75 -9.35
C GLU F 532 -36.64 1.45 -9.35
N ALA F 533 -36.15 0.45 -8.63
CA ALA F 533 -36.82 -0.84 -8.54
C ALA F 533 -38.03 -0.76 -7.63
N GLY F 534 -38.23 0.39 -7.01
CA GLY F 534 -39.36 0.61 -6.12
C GLY F 534 -39.07 0.27 -4.67
N ILE F 535 -37.79 0.21 -4.33
CA ILE F 535 -37.37 -0.12 -2.98
C ILE F 535 -36.81 1.12 -2.26
N PRO F 536 -37.61 1.70 -1.36
CA PRO F 536 -37.22 2.90 -0.61
C PRO F 536 -35.95 2.69 0.20
N GLU F 537 -35.92 1.61 0.97
CA GLU F 537 -34.79 1.32 1.86
C GLU F 537 -33.91 0.21 1.29
N PHE F 538 -32.60 0.33 1.49
CA PHE F 538 -31.66 -0.70 1.05
C PHE F 538 -30.48 -0.76 2.01
N TYR F 539 -30.65 -1.54 3.07
CA TYR F 539 -29.68 -1.57 4.17
C TYR F 539 -28.47 -2.47 3.90
N ASP F 540 -28.11 -2.64 2.64
CA ASP F 540 -26.95 -3.44 2.28
C ASP F 540 -25.67 -2.75 2.77
N TYR F 541 -24.73 -3.54 3.29
CA TYR F 541 -23.48 -3.01 3.82
C TYR F 541 -23.75 -1.85 4.78
N ASP F 542 -24.71 -2.05 5.68
CA ASP F 542 -25.12 -1.01 6.61
C ASP F 542 -24.22 -0.96 7.84
N VAL F 543 -22.95 -0.60 7.62
CA VAL F 543 -21.98 -0.51 8.72
C VAL F 543 -21.16 0.77 8.63
N ALA F 544 -20.72 1.26 9.79
CA ALA F 544 -19.93 2.48 9.86
C ALA F 544 -19.06 2.51 11.11
N LEU F 545 -17.89 3.14 11.00
CA LEU F 545 -16.99 3.27 12.13
C LEU F 545 -16.89 4.72 12.60
N ILE F 546 -16.73 4.91 13.89
CA ILE F 546 -16.58 6.25 14.45
C ILE F 546 -15.24 6.43 15.15
N LYS F 547 -14.33 7.14 14.49
CA LYS F 547 -13.01 7.40 15.06
C LYS F 547 -13.08 8.58 16.03
N LEU F 548 -12.80 8.31 17.30
CA LEU F 548 -12.87 9.33 18.33
C LEU F 548 -11.67 10.28 18.24
N LYS F 549 -11.81 11.44 18.87
CA LYS F 549 -10.74 12.43 18.88
C LYS F 549 -9.77 12.16 20.02
N ASN F 550 -10.23 11.41 21.03
CA ASN F 550 -9.41 11.08 22.18
C ASN F 550 -9.29 9.58 22.41
N LYS F 551 -8.15 9.15 22.91
CA LYS F 551 -7.90 7.73 23.19
C LYS F 551 -8.64 7.29 24.45
N LEU F 552 -9.33 6.16 24.37
CA LEU F 552 -10.12 5.66 25.49
C LEU F 552 -9.27 4.89 26.50
N LYS F 553 -9.44 5.23 27.78
CA LYS F 553 -8.76 4.53 28.85
C LYS F 553 -9.61 3.37 29.33
N TYR F 554 -9.25 2.15 28.93
CA TYR F 554 -10.00 0.96 29.30
C TYR F 554 -10.12 0.83 30.82
N GLY F 555 -11.34 0.72 31.30
CA GLY F 555 -11.59 0.58 32.72
C GLY F 555 -12.55 -0.56 33.03
N GLN F 556 -13.18 -0.52 34.19
CA GLN F 556 -14.13 -1.54 34.59
C GLN F 556 -15.47 -1.34 33.89
N THR F 557 -15.62 -0.20 33.23
CA THR F 557 -16.85 0.12 32.53
C THR F 557 -16.64 0.25 31.02
N ILE F 558 -15.38 0.37 30.62
CA ILE F 558 -15.05 0.52 29.21
C ILE F 558 -14.04 -0.51 28.73
N ARG F 559 -14.51 -1.44 27.92
CA ARG F 559 -13.65 -2.47 27.32
C ARG F 559 -14.08 -2.74 25.89
N PRO F 560 -13.16 -3.24 25.06
CA PRO F 560 -13.48 -3.59 23.68
C PRO F 560 -14.23 -4.92 23.57
N ILE F 561 -14.81 -5.18 22.40
CA ILE F 561 -15.42 -6.47 22.11
C ILE F 561 -14.70 -7.13 20.95
N CYS F 562 -14.53 -8.45 21.02
CA CYS F 562 -13.78 -9.18 20.00
C CYS F 562 -14.45 -9.15 18.62
N LEU F 563 -13.63 -9.03 17.58
CA LEU F 563 -14.13 -9.06 16.21
C LEU F 563 -13.64 -10.29 15.46
N PRO F 564 -14.45 -10.77 14.50
CA PRO F 564 -14.10 -11.94 13.70
C PRO F 564 -12.76 -11.78 12.97
N CYS F 565 -12.09 -12.90 12.72
CA CYS F 565 -10.83 -12.92 11.98
C CYS F 565 -9.74 -12.04 12.61
N THR F 566 -9.50 -12.24 13.91
CA THR F 566 -8.41 -11.58 14.60
C THR F 566 -7.69 -12.56 15.52
N GLU F 567 -6.38 -12.40 15.62
CA GLU F 567 -5.57 -13.28 16.46
C GLU F 567 -6.13 -13.33 17.88
N GLY F 568 -6.61 -12.19 18.35
CA GLY F 568 -7.17 -12.09 19.69
C GLY F 568 -8.38 -12.97 19.87
N THR F 569 -9.21 -13.06 18.84
CA THR F 569 -10.42 -13.86 18.87
C THR F 569 -10.10 -15.35 18.81
N THR F 570 -9.08 -15.71 18.05
CA THR F 570 -8.67 -17.11 17.94
C THR F 570 -8.40 -17.70 19.32
N ARG F 571 -7.65 -16.98 20.14
CA ARG F 571 -7.35 -17.42 21.50
C ARG F 571 -8.61 -17.54 22.34
N ALA F 572 -9.56 -16.62 22.13
CA ALA F 572 -10.82 -16.65 22.86
C ALA F 572 -11.56 -17.94 22.58
N LEU F 573 -11.52 -18.39 21.33
CA LEU F 573 -12.16 -19.65 20.95
C LEU F 573 -11.23 -20.82 21.24
N ARG F 574 -10.02 -20.51 21.68
CA ARG F 574 -9.03 -21.53 22.02
C ARG F 574 -8.72 -22.43 20.84
N LEU F 575 -8.46 -21.83 19.69
CA LEU F 575 -8.09 -22.55 18.49
C LEU F 575 -6.60 -22.40 18.24
N PRO F 576 -6.01 -23.36 17.50
CA PRO F 576 -4.59 -23.27 17.14
C PRO F 576 -4.31 -21.96 16.40
N PRO F 577 -3.15 -21.36 16.64
CA PRO F 577 -2.77 -20.09 16.01
C PRO F 577 -2.86 -20.16 14.48
N THR F 578 -2.66 -21.36 13.94
CA THR F 578 -2.68 -21.57 12.50
C THR F 578 -4.10 -21.63 11.95
N THR F 579 -5.06 -21.11 12.72
CA THR F 579 -6.46 -21.11 12.31
C THR F 579 -6.73 -20.05 11.25
N THR F 580 -7.27 -20.48 10.12
CA THR F 580 -7.60 -19.56 9.03
C THR F 580 -8.93 -18.85 9.30
N CYS F 581 -9.17 -17.76 8.58
CA CYS F 581 -10.39 -16.99 8.74
C CYS F 581 -11.62 -17.85 8.52
N GLN F 582 -11.58 -18.68 7.47
CA GLN F 582 -12.71 -19.53 7.13
C GLN F 582 -13.10 -20.45 8.27
N GLN F 583 -12.11 -20.94 9.01
CA GLN F 583 -12.36 -21.86 10.11
C GLN F 583 -13.09 -21.18 11.26
N GLN F 584 -12.79 -19.90 11.48
CA GLN F 584 -13.46 -19.14 12.53
C GLN F 584 -14.94 -18.95 12.23
N LYS F 585 -15.28 -18.77 10.96
CA LYS F 585 -16.67 -18.58 10.57
C LYS F 585 -17.47 -19.86 10.77
N GLU F 586 -16.83 -21.01 10.52
CA GLU F 586 -17.48 -22.30 10.72
C GLU F 586 -17.73 -22.54 12.21
N GLU F 587 -16.91 -21.91 13.04
CA GLU F 587 -17.05 -22.03 14.48
C GLU F 587 -18.16 -21.12 15.00
N LEU F 588 -18.02 -19.83 14.77
CA LEU F 588 -18.98 -18.84 15.24
C LEU F 588 -20.34 -18.98 14.57
N LEU F 589 -20.34 -19.14 13.25
CA LEU F 589 -21.60 -19.24 12.50
C LEU F 589 -21.71 -20.56 11.76
N PRO F 590 -21.99 -21.65 12.49
CA PRO F 590 -22.17 -22.96 11.88
C PRO F 590 -23.48 -23.04 11.12
N ALA F 591 -23.69 -24.12 10.36
CA ALA F 591 -24.89 -24.29 9.57
C ALA F 591 -26.04 -24.82 10.43
N GLN F 592 -26.56 -23.96 11.31
CA GLN F 592 -27.64 -24.35 12.21
C GLN F 592 -28.28 -23.13 12.86
N ASP F 593 -29.08 -23.36 13.89
CA ASP F 593 -29.70 -22.27 14.64
C ASP F 593 -28.75 -21.81 15.74
N ILE F 594 -27.94 -20.79 15.42
CA ILE F 594 -26.90 -20.32 16.33
C ILE F 594 -27.47 -19.45 17.46
N LYS F 595 -27.15 -19.82 18.69
CA LYS F 595 -27.63 -19.08 19.84
C LYS F 595 -26.81 -17.82 20.07
N ALA F 596 -27.48 -16.66 20.03
CA ALA F 596 -26.80 -15.38 20.20
C ALA F 596 -27.58 -14.47 21.15
N LEU F 597 -27.17 -13.20 21.19
CA LEU F 597 -27.83 -12.22 22.05
C LEU F 597 -27.43 -10.79 21.68
N PHE F 598 -28.24 -9.82 22.11
CA PHE F 598 -27.93 -8.42 21.90
C PHE F 598 -28.40 -7.58 23.09
N VAL F 599 -27.84 -6.38 23.24
CA VAL F 599 -28.16 -5.52 24.37
C VAL F 599 -29.22 -4.49 24.01
N SER F 600 -30.26 -4.41 24.83
CA SER F 600 -31.35 -3.46 24.62
C SER F 600 -31.49 -2.53 25.83
N GLU F 601 -32.12 -1.38 25.61
CA GLU F 601 -32.29 -0.40 26.68
C GLU F 601 -33.68 -0.49 27.31
N GLU F 602 -33.73 -0.94 28.56
CA GLU F 602 -34.98 -1.06 29.31
C GLU F 602 -35.12 0.02 30.37
N GLU F 603 -35.89 1.05 30.08
CA GLU F 603 -36.12 2.12 31.05
C GLU F 603 -34.80 2.65 31.60
N LYS F 604 -33.95 3.15 30.71
CA LYS F 604 -32.65 3.70 31.10
C LYS F 604 -31.77 2.67 31.79
N LYS F 605 -31.98 1.40 31.47
CA LYS F 605 -31.19 0.32 32.05
C LYS F 605 -30.89 -0.76 31.01
N LEU F 606 -29.61 -1.06 30.83
CA LEU F 606 -29.20 -2.05 29.84
C LEU F 606 -29.53 -3.47 30.29
N THR F 607 -30.15 -4.23 29.38
CA THR F 607 -30.46 -5.64 29.64
C THR F 607 -30.25 -6.48 28.39
N ARG F 608 -29.82 -7.72 28.57
CA ARG F 608 -29.54 -8.61 27.45
C ARG F 608 -30.79 -9.30 26.95
N LYS F 609 -30.78 -9.66 25.67
CA LYS F 609 -31.88 -10.37 25.05
C LYS F 609 -31.36 -11.53 24.21
N GLU F 610 -31.68 -12.76 24.62
CA GLU F 610 -31.19 -13.94 23.93
C GLU F 610 -32.02 -14.25 22.69
N VAL F 611 -31.35 -14.45 21.57
CA VAL F 611 -32.01 -14.76 20.31
C VAL F 611 -31.32 -15.92 19.60
N TYR F 612 -31.93 -16.37 18.50
CA TYR F 612 -31.36 -17.45 17.71
C TYR F 612 -31.14 -17.02 16.26
N ILE F 613 -29.90 -17.09 15.81
CA ILE F 613 -29.57 -16.77 14.43
C ILE F 613 -29.96 -17.93 13.52
N LYS F 614 -31.01 -17.74 12.75
CA LYS F 614 -31.49 -18.78 11.84
C LYS F 614 -30.54 -18.95 10.65
N ASN F 615 -29.46 -19.69 10.86
CA ASN F 615 -28.49 -19.93 9.81
C ASN F 615 -28.59 -21.34 9.26
N GLY F 616 -29.47 -22.14 9.85
CA GLY F 616 -29.70 -23.50 9.40
C GLY F 616 -30.65 -23.55 8.24
N ASP F 617 -31.63 -24.46 8.30
CA ASP F 617 -32.62 -24.59 7.25
C ASP F 617 -33.76 -23.58 7.42
N LYS F 618 -33.84 -22.98 8.60
CA LYS F 618 -34.88 -22.00 8.88
C LYS F 618 -34.52 -20.64 8.28
N LYS F 619 -33.33 -20.54 7.72
CA LYS F 619 -32.86 -19.29 7.13
C LYS F 619 -33.80 -18.80 6.04
N GLY F 620 -34.31 -19.73 5.23
CA GLY F 620 -35.22 -19.39 4.16
C GLY F 620 -36.55 -18.88 4.67
N SER F 621 -37.06 -19.52 5.72
CA SER F 621 -38.33 -19.12 6.31
C SER F 621 -38.23 -17.72 6.92
N CYS F 622 -37.04 -17.37 7.38
CA CYS F 622 -36.81 -16.09 8.04
C CYS F 622 -36.62 -14.97 7.04
N GLU F 623 -35.87 -15.23 5.98
CA GLU F 623 -35.56 -14.22 4.98
C GLU F 623 -36.80 -13.71 4.23
N ARG F 624 -37.58 -14.65 3.70
CA ARG F 624 -38.74 -14.30 2.90
C ARG F 624 -39.75 -13.44 3.64
N ASP F 625 -39.73 -13.51 4.96
CA ASP F 625 -40.64 -12.72 5.79
C ASP F 625 -40.38 -11.23 5.67
N ALA F 626 -39.33 -10.87 4.94
CA ALA F 626 -38.97 -9.47 4.75
C ALA F 626 -40.01 -8.76 3.89
N GLN F 627 -40.86 -9.54 3.22
CA GLN F 627 -41.90 -8.99 2.35
C GLN F 627 -42.94 -8.22 3.16
N TYR F 628 -43.08 -8.57 4.43
CA TYR F 628 -44.06 -7.92 5.30
C TYR F 628 -43.58 -6.56 5.78
N ALA F 629 -42.28 -6.30 5.61
CA ALA F 629 -41.70 -5.02 6.01
C ALA F 629 -42.29 -3.87 5.20
N PRO F 630 -42.40 -2.68 5.83
CA PRO F 630 -42.96 -1.49 5.19
C PRO F 630 -42.21 -1.10 3.91
N GLY F 631 -42.92 -1.06 2.79
CA GLY F 631 -42.32 -0.67 1.53
C GLY F 631 -41.96 -1.85 0.65
N TYR F 632 -41.42 -2.90 1.27
CA TYR F 632 -40.99 -4.09 0.54
C TYR F 632 -42.18 -4.90 0.04
N ASP F 633 -43.39 -4.45 0.38
CA ASP F 633 -44.61 -5.18 0.08
C ASP F 633 -44.79 -5.53 -1.40
N LYS F 634 -44.14 -4.76 -2.28
CA LYS F 634 -44.28 -5.00 -3.72
C LYS F 634 -42.97 -5.41 -4.38
N VAL F 635 -42.05 -5.95 -3.58
CA VAL F 635 -40.77 -6.41 -4.10
C VAL F 635 -40.92 -7.72 -4.89
N LYS F 636 -40.50 -7.69 -6.15
CA LYS F 636 -40.56 -8.87 -7.01
C LYS F 636 -39.81 -10.04 -6.39
N ASP F 637 -38.48 -9.95 -6.38
CA ASP F 637 -37.64 -10.98 -5.81
C ASP F 637 -37.15 -10.54 -4.43
N ILE F 638 -37.57 -11.26 -3.40
CA ILE F 638 -37.25 -10.90 -2.02
C ILE F 638 -35.75 -10.99 -1.74
N SER F 639 -35.03 -11.75 -2.56
CA SER F 639 -33.60 -11.91 -2.40
C SER F 639 -32.85 -10.65 -2.83
N GLU F 640 -33.57 -9.72 -3.46
CA GLU F 640 -32.97 -8.49 -3.96
C GLU F 640 -32.80 -7.46 -2.84
N VAL F 641 -33.50 -7.67 -1.73
CA VAL F 641 -33.42 -6.76 -0.59
C VAL F 641 -32.73 -7.40 0.60
N VAL F 642 -32.51 -8.71 0.53
CA VAL F 642 -31.80 -9.42 1.58
C VAL F 642 -30.53 -10.06 1.03
N THR F 643 -29.48 -9.26 0.94
CA THR F 643 -28.20 -9.71 0.40
C THR F 643 -27.50 -10.68 1.35
N PRO F 644 -26.53 -11.44 0.84
CA PRO F 644 -25.75 -12.38 1.64
C PRO F 644 -25.04 -11.71 2.83
N ARG F 645 -25.12 -10.39 2.90
CA ARG F 645 -24.50 -9.64 3.99
C ARG F 645 -25.43 -9.54 5.20
N PHE F 646 -26.46 -10.38 5.24
CA PHE F 646 -27.45 -10.31 6.31
C PHE F 646 -27.58 -11.59 7.12
N LEU F 647 -27.59 -11.46 8.44
CA LEU F 647 -27.94 -12.55 9.32
C LEU F 647 -29.37 -12.35 9.81
N CYS F 648 -30.11 -13.44 9.95
CA CYS F 648 -31.53 -13.35 10.30
C CYS F 648 -31.81 -13.93 11.69
N THR F 649 -32.50 -13.15 12.51
CA THR F 649 -32.91 -13.58 13.85
C THR F 649 -34.34 -13.18 14.13
N GLY F 650 -34.88 -13.64 15.26
CA GLY F 650 -36.26 -13.35 15.63
C GLY F 650 -37.23 -14.36 15.04
N GLY F 651 -38.46 -14.32 15.54
CA GLY F 651 -39.49 -15.23 15.06
C GLY F 651 -40.10 -16.05 16.18
N VAL F 652 -40.57 -17.25 15.85
CA VAL F 652 -41.21 -18.12 16.83
C VAL F 652 -40.58 -19.51 16.88
N SER F 653 -39.79 -19.85 15.86
CA SER F 653 -39.11 -21.13 15.80
C SER F 653 -37.60 -20.92 15.70
N PRO F 654 -36.83 -21.63 16.56
CA PRO F 654 -37.29 -22.73 17.41
C PRO F 654 -37.87 -22.17 18.70
N TYR F 655 -37.78 -20.86 18.88
CA TYR F 655 -38.27 -20.22 20.10
C TYR F 655 -38.78 -18.82 19.81
N ALA F 656 -39.42 -18.21 20.81
CA ALA F 656 -39.91 -16.85 20.69
C ALA F 656 -38.82 -15.86 21.05
N ASP F 657 -38.13 -15.33 20.04
CA ASP F 657 -37.04 -14.39 20.26
C ASP F 657 -37.55 -12.97 20.48
N PRO F 658 -36.87 -12.21 21.35
CA PRO F 658 -37.17 -10.80 21.55
C PRO F 658 -36.80 -10.01 20.29
N ASN F 659 -37.52 -8.92 20.03
CA ASN F 659 -37.26 -8.12 18.84
C ASN F 659 -36.48 -6.85 19.15
N THR F 660 -35.56 -6.50 18.25
CA THR F 660 -34.74 -5.31 18.42
C THR F 660 -35.59 -4.05 18.31
N CYS F 661 -35.19 -3.01 19.04
CA CYS F 661 -35.91 -1.74 19.03
C CYS F 661 -35.17 -0.70 18.19
N ARG F 662 -35.87 0.39 17.86
CA ARG F 662 -35.26 1.47 17.11
C ARG F 662 -33.99 1.96 17.80
N GLY F 663 -34.08 2.11 19.12
CA GLY F 663 -32.95 2.58 19.90
C GLY F 663 -31.81 1.59 19.98
N ASP F 664 -32.12 0.32 19.70
CA ASP F 664 -31.12 -0.73 19.73
C ASP F 664 -30.39 -0.83 18.40
N SER F 665 -30.96 -0.19 17.38
CA SER F 665 -30.38 -0.22 16.03
C SER F 665 -28.92 0.18 16.05
N GLY F 666 -28.07 -0.62 15.41
CA GLY F 666 -26.65 -0.36 15.36
C GLY F 666 -25.89 -1.15 16.42
N GLY F 667 -26.62 -1.69 17.38
CA GLY F 667 -26.03 -2.47 18.45
C GLY F 667 -25.34 -3.72 17.93
N PRO F 668 -24.51 -4.33 18.79
CA PRO F 668 -23.75 -5.54 18.43
C PRO F 668 -24.60 -6.81 18.51
N LEU F 669 -24.41 -7.71 17.56
CA LEU F 669 -25.01 -9.03 17.64
C LEU F 669 -23.96 -10.00 18.17
N ILE F 670 -24.05 -10.30 19.46
CA ILE F 670 -22.98 -11.00 20.16
C ILE F 670 -23.22 -12.49 20.33
N VAL F 671 -22.13 -13.26 20.27
CA VAL F 671 -22.18 -14.69 20.52
C VAL F 671 -21.33 -15.02 21.74
N HIS F 672 -21.99 -15.37 22.84
CA HIS F 672 -21.29 -15.70 24.08
C HIS F 672 -20.84 -17.16 24.07
N LYS F 673 -19.54 -17.37 23.99
CA LYS F 673 -18.98 -18.71 23.98
C LYS F 673 -17.72 -18.80 24.84
N ARG F 674 -17.70 -19.79 25.73
CA ARG F 674 -16.52 -20.06 26.56
C ARG F 674 -16.11 -18.85 27.39
N SER F 675 -17.10 -18.16 27.95
CA SER F 675 -16.84 -17.03 28.84
C SER F 675 -16.28 -15.82 28.10
N ARG F 676 -16.53 -15.75 26.80
CA ARG F 676 -16.05 -14.63 25.98
C ARG F 676 -17.14 -14.15 25.03
N PHE F 677 -17.16 -12.84 24.78
CA PHE F 677 -18.15 -12.25 23.88
C PHE F 677 -17.54 -11.88 22.54
N ILE F 678 -18.17 -12.37 21.47
CA ILE F 678 -17.69 -12.12 20.12
C ILE F 678 -18.78 -11.49 19.26
N GLN F 679 -18.54 -10.28 18.78
CA GLN F 679 -19.49 -9.61 17.89
C GLN F 679 -19.41 -10.21 16.49
N VAL F 680 -20.57 -10.58 15.94
CA VAL F 680 -20.62 -11.19 14.62
C VAL F 680 -21.58 -10.44 13.70
N GLY F 681 -22.17 -9.36 14.20
CA GLY F 681 -23.11 -8.60 13.41
C GLY F 681 -23.46 -7.24 13.96
N VAL F 682 -24.15 -6.44 13.15
CA VAL F 682 -24.61 -5.12 13.56
C VAL F 682 -26.11 -5.00 13.30
N ILE F 683 -26.87 -4.75 14.37
CA ILE F 683 -28.32 -4.61 14.28
C ILE F 683 -28.72 -3.58 13.23
N SER F 684 -29.18 -4.06 12.08
CA SER F 684 -29.50 -3.20 10.95
C SER F 684 -30.96 -2.75 10.94
N TRP F 685 -31.87 -3.67 10.65
CA TRP F 685 -33.29 -3.32 10.53
C TRP F 685 -34.20 -4.49 10.87
N GLY F 686 -35.43 -4.18 11.28
CA GLY F 686 -36.42 -5.19 11.60
C GLY F 686 -37.63 -5.08 10.71
N VAL F 687 -38.43 -6.15 10.66
CA VAL F 687 -39.61 -6.19 9.81
C VAL F 687 -40.77 -5.44 10.45
N VAL F 688 -41.04 -5.73 11.72
CA VAL F 688 -42.13 -5.09 12.44
C VAL F 688 -41.60 -4.26 13.59
N ASP F 689 -42.10 -3.03 13.71
CA ASP F 689 -41.68 -2.12 14.77
C ASP F 689 -42.51 -2.35 16.03
N VAL F 690 -42.05 -3.27 16.88
CA VAL F 690 -42.75 -3.59 18.11
C VAL F 690 -42.44 -2.57 19.21
N CYS F 691 -41.36 -1.83 19.02
CA CYS F 691 -40.95 -0.80 19.98
C CYS F 691 -41.63 0.52 19.69
N LYS F 692 -42.23 1.11 20.72
CA LYS F 692 -42.88 2.43 20.60
C LYS F 692 -42.89 3.19 21.91
N ASN F 693 -41.71 3.64 22.34
CA ASN F 693 -41.53 4.41 23.59
C ASN F 693 -42.78 4.53 24.47
N GLN F 694 -43.25 3.39 24.96
CA GLN F 694 -44.37 3.32 25.90
C GLN F 694 -44.39 1.90 26.46
N LYS F 695 -43.89 0.97 25.65
CA LYS F 695 -43.67 -0.41 26.04
C LYS F 695 -43.36 -1.26 24.81
N ARG F 696 -43.53 -2.56 24.92
CA ARG F 696 -43.25 -3.45 23.80
C ARG F 696 -44.51 -4.19 23.33
N GLN F 697 -44.86 -3.96 22.06
CA GLN F 697 -46.12 -4.35 21.43
C GLN F 697 -46.87 -5.61 21.89
N LYS F 698 -46.38 -6.32 22.91
CA LYS F 698 -47.07 -7.48 23.49
C LYS F 698 -47.67 -8.49 22.51
N GLN F 699 -48.13 -8.00 21.36
CA GLN F 699 -48.78 -8.83 20.35
C GLN F 699 -47.95 -8.87 19.07
N VAL F 700 -46.76 -9.45 19.16
CA VAL F 700 -45.87 -9.50 18.00
C VAL F 700 -46.29 -10.56 17.01
N PRO F 701 -46.28 -10.22 15.72
CA PRO F 701 -46.60 -11.17 14.65
C PRO F 701 -45.57 -12.29 14.59
N ALA F 702 -45.84 -13.31 13.78
CA ALA F 702 -44.93 -14.43 13.63
C ALA F 702 -43.82 -14.11 12.64
N HIS F 703 -44.08 -13.12 11.79
CA HIS F 703 -43.14 -12.72 10.75
C HIS F 703 -42.25 -11.54 11.19
N ALA F 704 -42.36 -11.17 12.46
CA ALA F 704 -41.54 -10.10 13.00
C ALA F 704 -40.08 -10.51 13.11
N ARG F 705 -39.35 -10.39 12.01
CA ARG F 705 -37.96 -10.81 11.95
C ARG F 705 -37.01 -9.63 12.11
N ASP F 706 -35.76 -9.92 12.43
CA ASP F 706 -34.74 -8.89 12.57
C ASP F 706 -33.48 -9.26 11.79
N PHE F 707 -32.98 -8.32 10.99
CA PHE F 707 -31.81 -8.57 10.16
C PHE F 707 -30.59 -7.81 10.68
N HIS F 708 -29.41 -8.37 10.41
CA HIS F 708 -28.17 -7.77 10.86
C HIS F 708 -27.12 -7.84 9.76
N ILE F 709 -25.95 -7.26 10.00
CA ILE F 709 -24.87 -7.31 9.03
C ILE F 709 -23.80 -8.30 9.49
N ASN F 710 -23.59 -9.34 8.69
CA ASN F 710 -22.57 -10.33 8.98
C ASN F 710 -21.17 -9.74 8.83
N LEU F 711 -20.43 -9.68 9.94
CA LEU F 711 -19.11 -9.06 9.94
C LEU F 711 -18.13 -9.78 9.02
N PHE F 712 -18.33 -11.09 8.84
CA PHE F 712 -17.46 -11.87 7.96
C PHE F 712 -17.62 -11.45 6.50
N GLN F 713 -18.50 -10.50 6.24
CA GLN F 713 -18.78 -10.05 4.88
C GLN F 713 -18.18 -8.68 4.60
N VAL F 714 -17.84 -7.95 5.65
CA VAL F 714 -17.25 -6.62 5.50
C VAL F 714 -15.84 -6.59 6.09
N LEU F 715 -15.20 -7.75 6.15
CA LEU F 715 -13.86 -7.86 6.70
C LEU F 715 -12.83 -6.99 5.98
N PRO F 716 -12.82 -7.02 4.64
CA PRO F 716 -11.88 -6.19 3.88
C PRO F 716 -11.91 -4.74 4.35
N TRP F 717 -13.10 -4.23 4.60
CA TRP F 717 -13.26 -2.84 5.04
C TRP F 717 -12.80 -2.65 6.47
N LEU F 718 -13.12 -3.60 7.35
CA LEU F 718 -12.71 -3.54 8.75
C LEU F 718 -11.19 -3.66 8.88
N LYS F 719 -10.65 -4.74 8.32
CA LYS F 719 -9.22 -5.01 8.39
C LYS F 719 -8.40 -3.82 7.92
N GLU F 720 -8.91 -3.10 6.92
CA GLU F 720 -8.20 -1.97 6.34
C GLU F 720 -8.21 -0.76 7.27
N LYS F 721 -9.40 -0.36 7.72
CA LYS F 721 -9.55 0.84 8.52
C LYS F 721 -8.98 0.70 9.93
N LEU F 722 -8.89 -0.54 10.41
CA LEU F 722 -8.40 -0.80 11.76
C LEU F 722 -6.97 -1.32 11.77
N GLN F 723 -6.29 -1.20 10.64
CA GLN F 723 -4.94 -1.74 10.49
C GLN F 723 -3.99 -1.29 11.60
N ASP F 724 -4.15 -0.05 12.05
CA ASP F 724 -3.28 0.50 13.09
C ASP F 724 -3.97 0.45 14.46
N GLU F 725 -4.51 -0.72 14.80
CA GLU F 725 -5.21 -0.88 16.07
C GLU F 725 -4.70 -2.09 16.85
N ASP F 726 -3.70 -2.77 16.29
CA ASP F 726 -3.11 -3.94 16.94
C ASP F 726 -4.16 -4.99 17.26
N LEU F 727 -5.14 -5.15 16.36
CA LEU F 727 -6.17 -6.17 16.53
C LEU F 727 -5.72 -7.47 15.87
N GLY F 728 -4.67 -7.38 15.06
CA GLY F 728 -4.09 -8.54 14.42
C GLY F 728 -5.07 -9.34 13.59
N PHE F 729 -5.59 -8.73 12.53
CA PHE F 729 -6.48 -9.42 11.61
C PHE F 729 -5.72 -10.51 10.84
N LEU F 730 -6.43 -11.54 10.41
CA LEU F 730 -5.82 -12.64 9.68
C LEU F 730 -5.89 -12.40 8.18
N ALA F 731 -4.82 -12.77 7.47
CA ALA F 731 -4.75 -12.58 6.03
C ALA F 731 -5.89 -13.27 5.31
N ALA F 732 -5.72 -14.55 5.01
CA ALA F 732 -6.73 -15.33 4.32
C ALA F 732 -7.08 -14.72 2.97
N ILE G 1 19.02 -5.02 30.95
CA ILE G 1 19.63 -5.04 29.63
C ILE G 1 19.37 -6.36 28.91
N LEU G 2 18.30 -6.40 28.13
CA LEU G 2 17.96 -7.59 27.36
C LEU G 2 18.85 -7.74 26.14
N GLY G 3 19.40 -8.94 25.95
CA GLY G 3 20.27 -9.21 24.81
C GLY G 3 21.52 -8.35 24.84
N GLY G 4 22.05 -8.13 26.05
CA GLY G 4 23.24 -7.33 26.22
C GLY G 4 24.50 -8.15 26.29
N ARG G 5 25.61 -7.50 26.60
CA ARG G 5 26.90 -8.17 26.72
C ARG G 5 27.57 -7.76 28.03
N GLU G 6 28.47 -8.60 28.52
CA GLU G 6 29.24 -8.26 29.72
C GLU G 6 30.33 -7.26 29.36
N ALA G 7 30.14 -6.01 29.76
CA ALA G 7 31.11 -4.96 29.49
C ALA G 7 32.48 -5.31 30.07
N GLU G 8 33.54 -4.76 29.48
CA GLU G 8 34.88 -5.01 29.98
C GLU G 8 35.12 -4.25 31.28
N ALA G 9 35.85 -4.88 32.19
CA ALA G 9 36.06 -4.33 33.52
C ALA G 9 36.50 -2.87 33.50
N HIS G 10 35.67 -2.00 34.09
CA HIS G 10 36.00 -0.60 34.27
C HIS G 10 36.34 0.11 32.96
N ALA G 11 35.69 -0.32 31.88
CA ALA G 11 35.86 0.33 30.58
C ALA G 11 34.99 1.57 30.51
N ARG G 12 34.16 1.76 31.54
CA ARG G 12 33.27 2.91 31.61
C ARG G 12 33.34 3.56 32.98
N PRO G 13 34.40 4.35 33.20
CA PRO G 13 34.66 5.00 34.50
C PRO G 13 33.48 5.82 34.99
N TYR G 14 32.75 6.42 34.07
CA TYR G 14 31.61 7.28 34.41
C TYR G 14 30.44 6.51 35.00
N MET G 15 30.41 5.21 34.75
CA MET G 15 29.30 4.37 35.21
C MET G 15 29.21 4.32 36.73
N ALA G 16 28.03 4.64 37.26
CA ALA G 16 27.80 4.67 38.69
C ALA G 16 26.66 3.74 39.10
N SER G 17 26.67 3.33 40.36
CA SER G 17 25.64 2.43 40.88
C SER G 17 24.94 3.00 42.11
N VAL G 18 23.81 3.68 41.88
CA VAL G 18 23.02 4.21 42.97
C VAL G 18 22.44 3.08 43.80
N GLN G 19 22.81 3.01 45.07
CA GLN G 19 22.38 1.91 45.93
C GLN G 19 21.58 2.38 47.15
N LEU G 20 20.45 1.73 47.38
CA LEU G 20 19.64 2.00 48.57
C LEU G 20 19.82 0.85 49.56
N ASN G 21 20.29 1.20 50.76
CA ASN G 21 20.54 0.21 51.79
C ASN G 21 21.50 -0.88 51.34
N GLY G 22 22.66 -0.46 50.84
CA GLY G 22 23.69 -1.39 50.39
C GLY G 22 23.20 -2.35 49.32
N ALA G 23 22.22 -1.92 48.53
CA ALA G 23 21.68 -2.75 47.46
C ALA G 23 21.39 -1.91 46.23
N HIS G 24 21.82 -2.38 45.06
CA HIS G 24 21.62 -1.66 43.82
C HIS G 24 20.14 -1.30 43.62
N LEU G 25 19.90 -0.08 43.16
CA LEU G 25 18.55 0.38 42.91
C LEU G 25 18.42 0.96 41.51
N CYS G 26 19.26 1.94 41.20
CA CYS G 26 19.22 2.60 39.91
C CYS G 26 20.63 2.78 39.35
N GLY G 27 20.71 3.08 38.06
CA GLY G 27 21.98 3.38 37.43
C GLY G 27 22.29 4.87 37.52
N GLY G 28 23.57 5.20 37.54
CA GLY G 28 23.98 6.59 37.61
C GLY G 28 25.19 6.87 36.74
N VAL G 29 25.45 8.14 36.49
CA VAL G 29 26.60 8.54 35.69
C VAL G 29 27.34 9.70 36.33
N LEU G 30 28.66 9.60 36.40
CA LEU G 30 29.49 10.62 37.01
C LEU G 30 29.69 11.78 36.03
N VAL G 31 28.84 12.79 36.14
CA VAL G 31 28.90 13.94 35.24
C VAL G 31 29.91 14.98 35.69
N ALA G 32 30.21 14.98 36.99
CA ALA G 32 31.19 15.89 37.56
C ALA G 32 32.13 15.14 38.49
N GLU G 33 33.02 15.87 39.15
CA GLU G 33 33.96 15.25 40.08
C GLU G 33 33.29 14.96 41.41
N GLN G 34 32.11 15.54 41.62
CA GLN G 34 31.37 15.34 42.86
C GLN G 34 29.86 15.39 42.60
N TRP G 35 29.45 14.90 41.44
CA TRP G 35 28.04 14.89 41.07
C TRP G 35 27.69 13.67 40.24
N VAL G 36 26.52 13.09 40.51
CA VAL G 36 26.04 11.93 39.79
C VAL G 36 24.63 12.16 39.25
N LEU G 37 24.48 12.14 37.93
CA LEU G 37 23.18 12.30 37.30
C LEU G 37 22.46 10.96 37.22
N SER G 38 21.16 10.99 37.44
CA SER G 38 20.36 9.76 37.43
C SER G 38 18.89 10.09 37.23
N ALA G 39 18.03 9.09 37.42
CA ALA G 39 16.59 9.28 37.28
C ALA G 39 15.97 9.72 38.60
N ALA G 40 15.01 10.63 38.51
CA ALA G 40 14.37 11.18 39.70
C ALA G 40 13.42 10.20 40.37
N HIS G 41 12.80 9.34 39.58
CA HIS G 41 11.80 8.40 40.11
C HIS G 41 12.41 7.33 41.01
N CYS G 42 13.75 7.31 41.09
CA CYS G 42 14.45 6.33 41.90
C CYS G 42 14.28 6.57 43.40
N LEU G 43 14.02 7.83 43.77
CA LEU G 43 13.87 8.20 45.17
C LEU G 43 12.40 8.22 45.61
N GLU G 44 11.54 7.61 44.80
CA GLU G 44 10.11 7.53 45.14
C GLU G 44 9.85 6.40 46.12
N ASP G 45 10.67 5.35 46.05
CA ASP G 45 10.53 4.21 46.93
C ASP G 45 11.57 4.25 48.05
N ALA G 46 12.39 5.30 48.05
CA ALA G 46 13.43 5.46 49.06
C ALA G 46 12.85 5.91 50.39
N ALA G 47 12.93 7.22 50.64
CA ALA G 47 12.42 7.81 51.88
C ALA G 47 13.16 7.26 53.11
N ASP G 48 12.68 6.15 53.63
CA ASP G 48 13.31 5.52 54.78
C ASP G 48 14.43 4.58 54.34
N GLY G 49 15.58 5.17 53.99
CA GLY G 49 16.71 4.40 53.52
C GLY G 49 17.99 5.22 53.45
N LYS G 50 19.11 4.54 53.22
CA LYS G 50 20.41 5.20 53.15
C LYS G 50 20.98 5.15 51.74
N VAL G 51 20.76 6.22 50.97
CA VAL G 51 21.20 6.27 49.58
C VAL G 51 22.70 6.49 49.47
N GLN G 52 23.33 5.74 48.57
CA GLN G 52 24.76 5.84 48.34
C GLN G 52 25.08 5.72 46.84
N VAL G 53 26.35 5.85 46.49
CA VAL G 53 26.78 5.77 45.10
C VAL G 53 28.08 4.98 44.97
N LEU G 54 28.06 3.91 44.19
CA LEU G 54 29.23 3.08 44.00
C LEU G 54 29.92 3.38 42.68
N LEU G 55 31.11 3.99 42.75
CA LEU G 55 31.87 4.35 41.56
C LEU G 55 33.03 3.40 41.31
N GLY G 56 33.57 3.44 40.10
CA GLY G 56 34.71 2.63 39.73
C GLY G 56 34.51 1.15 40.01
N ALA G 57 33.27 0.68 39.85
CA ALA G 57 32.95 -0.71 40.13
C ALA G 57 32.53 -1.46 38.88
N HIS G 58 32.73 -2.77 38.88
CA HIS G 58 32.26 -3.62 37.79
C HIS G 58 31.41 -4.75 38.36
N SER G 59 31.93 -5.45 39.36
CA SER G 59 31.18 -6.49 40.05
C SER G 59 30.63 -5.95 41.36
N LEU G 60 29.33 -6.15 41.58
CA LEU G 60 28.68 -5.62 42.77
C LEU G 60 29.00 -6.42 44.03
N SER G 61 29.54 -7.62 43.84
CA SER G 61 29.84 -8.51 44.97
C SER G 61 31.34 -8.72 45.17
N GLN G 62 32.00 -9.20 44.13
CA GLN G 62 33.45 -9.46 44.21
C GLN G 62 34.24 -8.20 44.53
N PRO G 63 35.23 -8.32 45.42
CA PRO G 63 36.08 -7.21 45.83
C PRO G 63 36.96 -6.69 44.68
N GLU G 64 36.98 -5.38 44.51
CA GLU G 64 37.81 -4.76 43.48
C GLU G 64 38.52 -3.53 44.05
N PRO G 65 39.83 -3.44 43.82
CA PRO G 65 40.68 -2.38 44.37
C PRO G 65 40.17 -0.98 44.01
N SER G 66 39.50 -0.86 42.87
CA SER G 66 39.04 0.43 42.37
C SER G 66 37.66 0.80 42.89
N LYS G 67 36.97 -0.15 43.50
CA LYS G 67 35.64 0.09 44.03
C LYS G 67 35.67 0.98 45.26
N ARG G 68 34.67 1.86 45.37
CA ARG G 68 34.53 2.72 46.54
C ARG G 68 33.10 3.21 46.67
N LEU G 69 32.54 3.09 47.87
CA LEU G 69 31.15 3.46 48.12
C LEU G 69 31.03 4.82 48.79
N TYR G 70 30.61 5.82 48.01
CA TYR G 70 30.46 7.18 48.53
C TYR G 70 29.09 7.39 49.16
N ASP G 71 28.97 8.43 49.97
CA ASP G 71 27.71 8.76 50.62
C ASP G 71 27.06 9.98 49.98
N VAL G 72 25.74 9.97 49.90
CA VAL G 72 25.00 11.08 49.30
C VAL G 72 24.95 12.28 50.24
N LEU G 73 25.52 13.39 49.79
CA LEU G 73 25.57 14.61 50.58
C LEU G 73 24.32 15.45 50.36
N ARG G 74 23.72 15.30 49.19
CA ARG G 74 22.51 16.04 48.84
C ARG G 74 21.87 15.46 47.59
N ALA G 75 20.55 15.31 47.62
CA ALA G 75 19.82 14.80 46.46
C ALA G 75 18.90 15.87 45.89
N VAL G 76 19.15 16.27 44.65
CA VAL G 76 18.38 17.34 44.02
C VAL G 76 17.60 16.84 42.81
N PRO G 77 16.34 16.45 43.02
CA PRO G 77 15.43 16.06 41.94
C PRO G 77 14.88 17.28 41.24
N HIS G 78 14.85 17.26 39.90
CA HIS G 78 14.32 18.37 39.13
C HIS G 78 12.96 18.79 39.68
N PRO G 79 12.74 20.09 39.86
CA PRO G 79 11.54 20.66 40.47
C PRO G 79 10.24 20.20 39.82
N ASP G 80 10.26 20.00 38.51
CA ASP G 80 9.06 19.65 37.77
C ASP G 80 8.94 18.16 37.51
N SER G 81 9.35 17.34 38.48
CA SER G 81 9.29 15.89 38.33
C SER G 81 8.17 15.28 39.16
N GLN G 82 7.18 14.70 38.47
CA GLN G 82 6.06 14.05 39.14
C GLN G 82 6.16 12.54 38.99
N PRO G 83 5.66 11.80 40.00
CA PRO G 83 5.59 10.33 39.94
C PRO G 83 4.58 9.86 38.91
N ASP G 84 3.69 10.76 38.49
CA ASP G 84 2.61 10.42 37.57
C ASP G 84 3.10 10.34 36.12
N THR G 85 4.10 11.14 35.78
CA THR G 85 4.59 11.18 34.40
C THR G 85 6.10 10.93 34.34
N ILE G 86 6.63 10.87 33.12
CA ILE G 86 8.06 10.65 32.91
C ILE G 86 8.76 11.97 32.61
N ASP G 87 7.96 13.01 32.36
CA ASP G 87 8.49 14.33 32.04
C ASP G 87 9.44 14.84 33.12
N HIS G 88 10.58 15.39 32.69
CA HIS G 88 11.54 15.99 33.62
C HIS G 88 11.99 14.99 34.68
N ASP G 89 12.39 13.80 34.26
CA ASP G 89 12.79 12.76 35.19
C ASP G 89 14.30 12.71 35.41
N LEU G 90 14.85 13.81 35.92
CA LEU G 90 16.29 13.89 36.20
C LEU G 90 16.59 14.05 37.69
N LEU G 91 17.75 13.56 38.09
CA LEU G 91 18.16 13.63 39.49
C LEU G 91 19.67 13.83 39.61
N LEU G 92 20.07 14.83 40.38
CA LEU G 92 21.49 15.09 40.61
C LEU G 92 21.88 14.76 42.03
N LEU G 93 22.86 13.87 42.19
CA LEU G 93 23.32 13.45 43.51
C LEU G 93 24.72 13.97 43.80
N GLN G 94 24.85 14.76 44.86
CA GLN G 94 26.16 15.27 45.28
C GLN G 94 26.82 14.31 46.26
N LEU G 95 28.03 13.88 45.95
CA LEU G 95 28.77 12.98 46.82
C LEU G 95 29.29 13.72 48.04
N SER G 96 29.70 12.97 49.06
CA SER G 96 30.23 13.55 50.28
C SER G 96 31.55 14.28 50.01
N GLU G 97 32.21 13.90 48.92
CA GLU G 97 33.46 14.52 48.52
C GLU G 97 33.77 14.21 47.08
N LYS G 98 34.80 14.84 46.53
CA LYS G 98 35.23 14.57 45.16
C LYS G 98 35.64 13.12 45.00
N ALA G 99 35.18 12.49 43.92
CA ALA G 99 35.51 11.09 43.66
C ALA G 99 36.97 10.93 43.30
N THR G 100 37.64 9.98 43.96
CA THR G 100 39.04 9.70 43.69
C THR G 100 39.21 9.21 42.26
N LEU G 101 39.64 10.11 41.37
CA LEU G 101 39.81 9.77 39.96
C LEU G 101 40.95 8.77 39.76
N GLY G 102 40.71 7.81 38.88
CA GLY G 102 41.71 6.80 38.57
C GLY G 102 41.40 6.12 37.25
N PRO G 103 42.06 4.98 36.98
CA PRO G 103 41.85 4.22 35.74
C PRO G 103 40.43 3.70 35.63
N ALA G 104 39.71 3.67 36.75
CA ALA G 104 38.36 3.13 36.78
C ALA G 104 37.31 4.17 37.16
N VAL G 105 37.76 5.38 37.46
CA VAL G 105 36.85 6.46 37.82
C VAL G 105 37.17 7.73 37.04
N ARG G 106 36.15 8.32 36.43
CA ARG G 106 36.29 9.54 35.66
C ARG G 106 34.95 10.10 35.23
N PRO G 107 34.79 11.43 35.31
CA PRO G 107 33.58 12.13 34.87
C PRO G 107 33.38 12.01 33.37
N LEU G 108 32.14 12.19 32.92
CA LEU G 108 31.82 12.08 31.50
C LEU G 108 31.26 13.39 30.96
N PRO G 109 31.72 13.79 29.76
CA PRO G 109 31.19 14.98 29.08
C PRO G 109 29.73 14.80 28.70
N TRP G 110 28.90 15.78 29.01
CA TRP G 110 27.48 15.71 28.65
C TRP G 110 27.11 16.83 27.67
N GLN G 111 26.27 16.49 26.69
CA GLN G 111 25.93 17.42 25.62
C GLN G 111 25.22 18.67 26.13
N ARG G 112 25.59 19.82 25.57
CA ARG G 112 24.97 21.09 25.91
C ARG G 112 24.14 21.63 24.75
N VAL G 113 24.63 21.41 23.54
CA VAL G 113 23.92 21.85 22.33
C VAL G 113 22.57 21.14 22.22
N ASP G 114 21.50 21.91 22.35
CA ASP G 114 20.16 21.34 22.32
C ASP G 114 19.71 21.06 20.89
N ARG G 115 20.25 19.99 20.31
CA ARG G 115 19.85 19.57 18.98
C ARG G 115 19.66 18.05 18.96
N ASP G 116 18.53 17.61 18.42
CA ASP G 116 18.20 16.18 18.38
C ASP G 116 19.35 15.35 17.83
N VAL G 117 19.50 14.15 18.38
CA VAL G 117 20.53 13.23 17.92
C VAL G 117 20.16 12.70 16.54
N ALA G 118 21.15 12.64 15.65
CA ALA G 118 20.93 12.15 14.30
C ALA G 118 20.33 10.74 14.34
N PRO G 119 19.14 10.57 13.73
CA PRO G 119 18.50 9.26 13.69
C PRO G 119 19.41 8.22 13.05
N GLY G 120 19.53 7.06 13.70
CA GLY G 120 20.39 6.00 13.20
C GLY G 120 21.70 5.92 13.94
N THR G 121 21.93 6.90 14.82
CA THR G 121 23.17 6.94 15.59
C THR G 121 23.21 5.79 16.59
N LEU G 122 24.37 5.15 16.71
CA LEU G 122 24.56 4.10 17.69
C LEU G 122 24.92 4.70 19.04
N CYS G 123 24.09 4.40 20.04
CA CYS G 123 24.34 4.89 21.39
C CYS G 123 24.56 3.72 22.35
N ASP G 124 25.48 3.90 23.29
CA ASP G 124 25.77 2.86 24.27
C ASP G 124 25.03 3.11 25.57
N VAL G 125 24.38 2.06 26.09
CA VAL G 125 23.65 2.15 27.34
C VAL G 125 24.00 0.97 28.24
N ALA G 126 24.31 1.25 29.50
CA ALA G 126 24.73 0.21 30.43
C ALA G 126 23.97 0.31 31.76
N GLY G 127 24.13 -0.72 32.59
CA GLY G 127 23.45 -0.78 33.87
C GLY G 127 23.51 -2.15 34.49
N TRP G 128 22.98 -2.27 35.70
CA TRP G 128 22.93 -3.56 36.40
C TRP G 128 21.51 -4.10 36.48
N GLY G 129 20.65 -3.62 35.59
CA GLY G 129 19.26 -4.06 35.56
C GLY G 129 19.13 -5.48 35.06
N ILE G 130 17.97 -6.08 35.31
CA ILE G 130 17.71 -7.47 34.94
C ILE G 130 18.05 -7.75 33.49
N VAL G 131 18.41 -9.01 33.21
CA VAL G 131 18.83 -9.40 31.87
C VAL G 131 17.84 -10.37 31.22
N ASN G 132 16.86 -10.83 31.99
CA ASN G 132 15.80 -11.68 31.47
C ASN G 132 14.45 -11.33 32.07
N HIS G 133 13.38 -11.78 31.43
CA HIS G 133 12.03 -11.46 31.88
C HIS G 133 11.76 -12.06 33.26
N ALA G 134 12.48 -13.13 33.58
CA ALA G 134 12.38 -13.74 34.91
C ALA G 134 12.73 -12.71 35.97
N GLY G 135 13.78 -11.94 35.72
CA GLY G 135 14.19 -10.88 36.62
C GLY G 135 15.54 -11.12 37.25
N ARG G 136 16.45 -11.74 36.50
CA ARG G 136 17.78 -12.05 37.00
C ARG G 136 18.65 -10.80 37.18
N ARG G 137 19.14 -10.60 38.39
CA ARG G 137 20.01 -9.47 38.69
C ARG G 137 21.46 -9.79 38.37
N PRO G 138 22.03 -9.09 37.37
CA PRO G 138 23.42 -9.29 36.94
C PRO G 138 24.41 -8.82 38.00
N ASP G 139 25.55 -9.49 38.09
CA ASP G 139 26.59 -9.12 39.03
C ASP G 139 27.58 -8.15 38.38
N SER G 140 27.85 -8.36 37.10
CA SER G 140 28.77 -7.51 36.36
C SER G 140 28.01 -6.54 35.45
N LEU G 141 28.65 -5.42 35.12
CA LEU G 141 28.03 -4.38 34.30
C LEU G 141 27.74 -4.87 32.88
N GLN G 142 26.53 -4.61 32.41
CA GLN G 142 26.13 -5.00 31.06
C GLN G 142 25.97 -3.78 30.17
N HIS G 143 26.05 -3.98 28.85
CA HIS G 143 25.90 -2.88 27.90
C HIS G 143 25.35 -3.36 26.56
N VAL G 144 25.00 -2.41 25.70
CA VAL G 144 24.46 -2.74 24.38
C VAL G 144 24.31 -1.48 23.52
N LEU G 145 24.70 -1.57 22.26
CA LEU G 145 24.54 -0.48 21.32
C LEU G 145 23.16 -0.49 20.69
N LEU G 146 22.50 0.66 20.67
CA LEU G 146 21.15 0.77 20.12
C LEU G 146 21.05 1.91 19.12
N PRO G 147 20.42 1.65 17.96
CA PRO G 147 20.12 2.69 16.98
C PRO G 147 19.10 3.69 17.53
N VAL G 148 19.27 4.96 17.20
CA VAL G 148 18.35 5.99 17.67
C VAL G 148 17.22 6.20 16.67
N LEU G 149 16.01 5.87 17.09
CA LEU G 149 14.84 6.05 16.25
C LEU G 149 14.36 7.51 16.32
N ASP G 150 14.03 8.08 15.17
CA ASP G 150 13.59 9.47 15.11
C ASP G 150 12.22 9.66 15.76
N ARG G 151 12.03 10.78 16.44
CA ARG G 151 10.80 11.05 17.18
C ARG G 151 9.57 11.01 16.28
N ALA G 152 9.77 11.25 14.99
CA ALA G 152 8.68 11.20 14.03
C ALA G 152 7.99 9.83 14.07
N THR G 153 8.78 8.77 13.93
CA THR G 153 8.24 7.41 13.94
C THR G 153 7.82 6.99 15.34
N CYS G 154 8.63 7.32 16.34
CA CYS G 154 8.35 6.96 17.71
C CYS G 154 7.00 7.51 18.17
N ASN G 155 6.54 8.58 17.53
CA ASN G 155 5.28 9.21 17.88
C ASN G 155 4.07 8.66 17.13
N ARG G 156 4.32 7.74 16.19
CA ARG G 156 3.24 7.09 15.46
C ARG G 156 2.24 6.49 16.45
N ARG G 157 0.99 6.36 16.02
CA ARG G 157 -0.03 5.77 16.88
C ARG G 157 0.34 4.33 17.23
N THR G 158 0.91 3.62 16.26
CA THR G 158 1.30 2.23 16.45
C THR G 158 2.37 2.09 17.54
N HIS G 159 3.04 3.18 17.84
CA HIS G 159 4.10 3.19 18.85
C HIS G 159 3.67 3.91 20.13
N HIS G 160 4.33 5.03 20.43
CA HIS G 160 4.03 5.76 21.66
C HIS G 160 2.96 6.83 21.48
N ASP G 161 2.49 7.00 20.24
CA ASP G 161 1.37 7.87 19.96
C ASP G 161 1.59 9.31 20.44
N GLY G 162 2.60 9.96 19.89
CA GLY G 162 2.86 11.36 20.16
C GLY G 162 3.14 11.72 21.60
N ALA G 163 3.41 10.71 22.42
CA ALA G 163 3.69 10.94 23.83
C ALA G 163 5.16 11.26 24.08
N ILE G 164 5.88 11.54 23.00
CA ILE G 164 7.30 11.87 23.10
C ILE G 164 7.56 13.36 22.90
N THR G 165 7.84 14.06 23.99
CA THR G 165 8.11 15.50 23.93
C THR G 165 9.45 15.77 23.27
N GLU G 166 9.68 17.03 22.91
CA GLU G 166 10.93 17.44 22.30
C GLU G 166 12.10 17.24 23.26
N ARG G 167 11.76 16.95 24.51
CA ARG G 167 12.77 16.77 25.55
C ARG G 167 13.08 15.29 25.78
N LEU G 168 12.44 14.44 25.00
CA LEU G 168 12.65 13.00 25.09
C LEU G 168 13.12 12.42 23.75
N MET G 169 13.90 11.35 23.82
CA MET G 169 14.40 10.70 22.60
C MET G 169 14.15 9.20 22.66
N CYS G 170 14.04 8.58 21.48
CA CYS G 170 13.73 7.15 21.40
C CYS G 170 14.90 6.33 20.87
N ALA G 171 14.90 5.04 21.21
CA ALA G 171 15.91 4.11 20.72
C ALA G 171 15.28 2.74 20.48
N GLU G 172 15.65 2.10 19.38
CA GLU G 172 15.09 0.80 19.03
C GLU G 172 15.16 -0.17 20.21
N SER G 173 14.12 -0.99 20.36
CA SER G 173 14.05 -1.95 21.44
C SER G 173 13.62 -3.33 20.94
N ASN G 174 14.02 -3.65 19.71
CA ASN G 174 13.68 -4.93 19.11
C ASN G 174 14.40 -6.08 19.79
N ARG G 175 13.84 -6.56 20.90
CA ARG G 175 14.42 -7.66 21.67
C ARG G 175 15.70 -7.26 22.40
N ARG G 176 16.22 -6.08 22.07
CA ARG G 176 17.35 -5.51 22.80
C ARG G 176 16.93 -4.19 23.42
N ASP G 177 16.91 -4.13 24.75
CA ASP G 177 16.44 -2.93 25.42
C ASP G 177 16.94 -2.83 26.86
N SER G 178 16.94 -1.61 27.40
CA SER G 178 17.26 -1.38 28.80
C SER G 178 16.04 -1.69 29.66
N CYS G 179 16.17 -2.69 30.54
CA CYS G 179 15.03 -3.14 31.33
C CYS G 179 15.04 -2.52 32.73
N LYS G 180 14.30 -3.12 33.65
CA LYS G 180 14.18 -2.60 35.01
C LYS G 180 15.48 -2.71 35.78
N GLY G 181 15.85 -1.63 36.45
CA GLY G 181 17.10 -1.58 37.20
C GLY G 181 18.15 -0.78 36.46
N ASP G 182 17.81 -0.39 35.22
CA ASP G 182 18.71 0.40 34.40
C ASP G 182 18.34 1.88 34.47
N ALA G 183 17.18 2.16 35.05
CA ALA G 183 16.69 3.53 35.19
C ALA G 183 17.79 4.43 35.74
N GLY G 184 18.03 5.55 35.06
CA GLY G 184 19.09 6.47 35.45
C GLY G 184 20.40 6.13 34.77
N GLY G 185 20.36 5.11 33.91
CA GLY G 185 21.54 4.68 33.18
C GLY G 185 21.99 5.69 32.15
N PRO G 186 23.28 5.64 31.78
CA PRO G 186 23.87 6.55 30.79
C PRO G 186 23.55 6.14 29.36
N LEU G 187 23.12 7.08 28.54
CA LEU G 187 22.97 6.84 27.12
C LEU G 187 24.00 7.66 26.35
N VAL G 188 25.17 7.06 26.14
CA VAL G 188 26.29 7.76 25.52
C VAL G 188 26.29 7.60 24.00
N CYS G 189 26.05 8.70 23.29
CA CYS G 189 26.03 8.68 21.83
C CYS G 189 27.33 9.25 21.27
N GLY G 190 28.40 8.47 21.37
CA GLY G 190 29.70 8.89 20.88
C GLY G 190 30.48 9.68 21.91
N GLY G 191 30.95 8.99 22.94
CA GLY G 191 31.79 9.59 23.97
C GLY G 191 31.13 10.71 24.75
N VAL G 192 29.87 11.00 24.44
CA VAL G 192 29.16 12.09 25.10
C VAL G 192 27.79 11.63 25.59
N LEU G 193 27.48 11.98 26.83
CA LEU G 193 26.18 11.66 27.41
C LEU G 193 25.07 12.48 26.75
N GLU G 194 24.13 11.80 26.11
CA GLU G 194 23.03 12.49 25.43
C GLU G 194 21.69 12.31 26.16
N GLY G 195 21.49 11.14 26.75
CA GLY G 195 20.25 10.85 27.43
C GLY G 195 20.40 10.02 28.69
N VAL G 196 19.34 10.00 29.50
CA VAL G 196 19.32 9.20 30.71
C VAL G 196 18.15 8.22 30.67
N VAL G 197 18.42 6.96 30.94
CA VAL G 197 17.39 5.92 30.90
C VAL G 197 16.23 6.24 31.83
N THR G 198 15.03 6.25 31.28
CA THR G 198 13.83 6.52 32.05
C THR G 198 12.57 6.21 31.24
N SER G 199 11.95 5.07 31.54
CA SER G 199 10.76 4.65 30.80
C SER G 199 9.71 4.05 31.74
N GLY G 200 9.84 4.34 33.03
CA GLY G 200 8.92 3.83 34.03
C GLY G 200 8.82 2.31 33.96
N SER G 201 7.69 1.82 33.44
CA SER G 201 7.46 0.39 33.32
C SER G 201 6.94 0.04 31.93
N ARG G 202 7.31 -1.13 31.43
CA ARG G 202 6.86 -1.62 30.14
C ARG G 202 6.94 -3.14 30.10
N VAL G 203 7.45 -3.65 28.97
CA VAL G 203 7.76 -5.06 28.83
C VAL G 203 9.00 -5.13 27.94
N CYS G 204 10.17 -4.98 28.56
CA CYS G 204 11.44 -4.88 27.85
C CYS G 204 11.51 -5.76 26.60
N GLY G 205 11.91 -5.15 25.48
CA GLY G 205 12.09 -5.89 24.24
C GLY G 205 10.98 -5.68 23.23
N ASN G 206 9.90 -5.02 23.66
CA ASN G 206 8.77 -4.76 22.78
C ASN G 206 9.10 -3.76 21.68
N ARG G 207 9.37 -4.27 20.49
CA ARG G 207 9.78 -3.42 19.36
C ARG G 207 8.74 -2.35 19.07
N LYS G 208 7.48 -2.63 19.36
CA LYS G 208 6.39 -1.70 19.07
C LYS G 208 6.32 -0.55 20.08
N LYS G 209 7.16 -0.64 21.11
CA LYS G 209 7.26 0.42 22.11
C LYS G 209 8.72 0.71 22.43
N PRO G 210 9.39 1.51 21.58
CA PRO G 210 10.81 1.83 21.74
C PRO G 210 11.12 2.43 23.11
N GLY G 211 12.39 2.36 23.50
CA GLY G 211 12.81 2.91 24.78
C GLY G 211 12.79 4.42 24.80
N ILE G 212 12.45 4.99 25.95
CA ILE G 212 12.40 6.43 26.11
C ILE G 212 13.52 6.93 27.01
N TYR G 213 14.22 7.97 26.57
CA TYR G 213 15.33 8.52 27.33
C TYR G 213 15.18 10.04 27.47
N THR G 214 15.56 10.57 28.62
CA THR G 214 15.51 12.02 28.84
C THR G 214 16.77 12.69 28.31
N ARG G 215 16.58 13.63 27.38
CA ARG G 215 17.70 14.34 26.78
C ARG G 215 18.32 15.33 27.75
N VAL G 216 19.57 15.09 28.14
CA VAL G 216 20.26 15.96 29.09
C VAL G 216 20.49 17.34 28.49
N ALA G 217 20.69 17.38 27.17
CA ALA G 217 20.94 18.64 26.48
C ALA G 217 19.79 19.61 26.68
N SER G 218 18.58 19.09 26.82
CA SER G 218 17.39 19.91 26.97
C SER G 218 17.15 20.30 28.43
N TYR G 219 18.16 20.09 29.26
CA TYR G 219 18.08 20.45 30.67
C TYR G 219 19.39 21.04 31.17
N ALA G 220 20.26 21.43 30.24
CA ALA G 220 21.56 21.98 30.58
C ALA G 220 21.43 23.14 31.56
N ALA G 221 20.43 23.98 31.35
CA ALA G 221 20.19 25.12 32.22
C ALA G 221 20.09 24.69 33.69
N TRP G 222 19.15 23.79 33.96
CA TRP G 222 18.93 23.30 35.32
C TRP G 222 20.18 22.64 35.91
N ILE G 223 20.88 21.86 35.07
CA ILE G 223 22.07 21.15 35.52
C ILE G 223 23.17 22.11 35.96
N ASP G 224 23.57 23.01 35.07
CA ASP G 224 24.57 24.02 35.40
C ASP G 224 24.20 24.72 36.70
N SER G 225 22.92 25.07 36.83
CA SER G 225 22.41 25.73 38.01
C SER G 225 22.79 24.98 39.28
N VAL G 226 22.35 23.72 39.37
CA VAL G 226 22.59 22.90 40.56
C VAL G 226 24.06 22.82 40.95
N LEU G 227 24.93 22.65 39.97
CA LEU G 227 26.36 22.56 40.22
C LEU G 227 26.98 23.95 40.44
N ALA G 228 26.52 24.64 41.47
CA ALA G 228 27.01 25.99 41.77
C ALA G 228 26.78 26.36 43.24
N ILE H 1 26.58 -22.88 10.20
CA ILE H 1 25.46 -22.53 11.05
C ILE H 1 25.68 -21.17 11.71
N LEU H 2 25.16 -20.12 11.08
CA LEU H 2 25.26 -18.77 11.63
C LEU H 2 24.27 -18.57 12.76
N GLY H 3 24.74 -18.02 13.87
CA GLY H 3 23.90 -17.75 15.02
C GLY H 3 23.31 -19.03 15.59
N GLY H 4 24.10 -20.09 15.57
CA GLY H 4 23.66 -21.38 16.10
C GLY H 4 24.09 -21.60 17.53
N ARG H 5 23.87 -22.82 18.02
CA ARG H 5 24.26 -23.18 19.38
C ARG H 5 25.02 -24.50 19.36
N GLU H 6 25.82 -24.74 20.40
CA GLU H 6 26.52 -26.01 20.52
C GLU H 6 25.55 -27.08 21.00
N ALA H 7 25.18 -27.98 20.10
CA ALA H 7 24.26 -29.07 20.42
C ALA H 7 24.82 -29.92 21.56
N GLU H 8 23.93 -30.56 22.32
CA GLU H 8 24.35 -31.44 23.39
C GLU H 8 24.94 -32.73 22.84
N ALA H 9 26.01 -33.20 23.49
CA ALA H 9 26.76 -34.36 23.03
C ALA H 9 25.86 -35.54 22.64
N HIS H 10 25.92 -35.92 21.38
CA HIS H 10 25.22 -37.12 20.89
C HIS H 10 23.72 -37.08 21.16
N ALA H 11 23.15 -35.89 21.15
CA ALA H 11 21.71 -35.73 21.31
C ALA H 11 21.02 -36.01 19.98
N ARG H 12 21.82 -36.16 18.93
CA ARG H 12 21.29 -36.42 17.59
C ARG H 12 22.02 -37.59 16.95
N PRO H 13 21.68 -38.82 17.35
CA PRO H 13 22.32 -40.06 16.89
C PRO H 13 22.33 -40.18 15.37
N TYR H 14 21.32 -39.63 14.72
CA TYR H 14 21.20 -39.73 13.27
C TYR H 14 22.22 -38.87 12.53
N MET H 15 22.77 -37.88 13.23
CA MET H 15 23.71 -36.96 12.62
C MET H 15 24.99 -37.66 12.17
N ALA H 16 25.36 -37.45 10.91
CA ALA H 16 26.54 -38.08 10.32
C ALA H 16 27.50 -37.03 9.77
N SER H 17 28.75 -37.43 9.59
CA SER H 17 29.79 -36.53 9.08
C SER H 17 30.52 -37.12 7.89
N VAL H 18 30.06 -36.80 6.69
CA VAL H 18 30.72 -37.26 5.48
C VAL H 18 32.09 -36.62 5.37
N GLN H 19 33.13 -37.45 5.35
CA GLN H 19 34.50 -36.95 5.34
C GLN H 19 35.30 -37.41 4.13
N LEU H 20 35.95 -36.47 3.47
CA LEU H 20 36.85 -36.78 2.36
C LEU H 20 38.30 -36.68 2.81
N ASN H 21 39.03 -37.79 2.70
CA ASN H 21 40.42 -37.84 3.13
C ASN H 21 40.58 -37.45 4.60
N GLY H 22 39.83 -38.13 5.47
CA GLY H 22 39.91 -37.88 6.90
C GLY H 22 39.64 -36.45 7.29
N ALA H 23 38.83 -35.77 6.48
CA ALA H 23 38.48 -34.38 6.75
C ALA H 23 37.02 -34.10 6.40
N HIS H 24 36.32 -33.44 7.31
CA HIS H 24 34.90 -33.14 7.12
C HIS H 24 34.67 -32.43 5.79
N LEU H 25 33.62 -32.86 5.08
CA LEU H 25 33.26 -32.26 3.81
C LEU H 25 31.81 -31.82 3.81
N CYS H 26 30.90 -32.75 4.06
CA CYS H 26 29.47 -32.46 4.05
C CYS H 26 28.79 -33.10 5.26
N GLY H 27 27.56 -32.66 5.52
CA GLY H 27 26.75 -33.25 6.57
C GLY H 27 25.95 -34.42 6.02
N GLY H 28 25.66 -35.39 6.89
CA GLY H 28 24.89 -36.56 6.50
C GLY H 28 23.93 -36.98 7.57
N VAL H 29 22.96 -37.82 7.21
CA VAL H 29 21.98 -38.32 8.17
C VAL H 29 21.76 -39.82 7.99
N LEU H 30 21.76 -40.54 9.11
CA LEU H 30 21.58 -41.99 9.10
C LEU H 30 20.11 -42.35 8.93
N VAL H 31 19.69 -42.55 7.69
CA VAL H 31 18.29 -42.86 7.41
C VAL H 31 17.98 -44.33 7.57
N ALA H 32 19.00 -45.16 7.47
CA ALA H 32 18.85 -46.60 7.65
C ALA H 32 19.96 -47.13 8.55
N GLU H 33 19.99 -48.45 8.73
CA GLU H 33 21.02 -49.07 9.56
C GLU H 33 22.35 -49.18 8.80
N GLN H 34 22.28 -49.01 7.49
CA GLN H 34 23.47 -49.09 6.64
C GLN H 34 23.37 -48.13 5.47
N TRP H 35 22.71 -46.99 5.70
CA TRP H 35 22.55 -45.98 4.66
C TRP H 35 22.61 -44.56 5.21
N VAL H 36 23.28 -43.67 4.49
CA VAL H 36 23.40 -42.28 4.88
C VAL H 36 22.96 -41.35 3.76
N LEU H 37 21.91 -40.58 3.99
CA LEU H 37 21.43 -39.63 3.01
C LEU H 37 22.18 -38.30 3.13
N SER H 38 22.49 -37.68 2.00
CA SER H 38 23.25 -36.46 1.97
C SER H 38 23.03 -35.70 0.66
N ALA H 39 23.84 -34.67 0.43
CA ALA H 39 23.75 -33.89 -0.79
C ALA H 39 24.62 -34.50 -1.89
N ALA H 40 24.12 -34.48 -3.12
CA ALA H 40 24.82 -35.09 -4.24
C ALA H 40 26.02 -34.28 -4.68
N HIS H 41 25.93 -32.96 -4.55
CA HIS H 41 26.98 -32.07 -5.03
C HIS H 41 28.27 -32.19 -4.23
N CYS H 42 28.23 -32.97 -3.16
CA CYS H 42 29.40 -33.14 -2.30
C CYS H 42 30.49 -33.98 -2.97
N LEU H 43 30.09 -34.83 -3.91
CA LEU H 43 31.03 -35.69 -4.60
C LEU H 43 31.50 -35.10 -5.92
N GLU H 44 31.29 -33.80 -6.10
CA GLU H 44 31.73 -33.11 -7.31
C GLU H 44 33.20 -32.75 -7.23
N ASP H 45 33.67 -32.51 -6.00
CA ASP H 45 35.07 -32.16 -5.78
C ASP H 45 35.86 -33.36 -5.24
N ALA H 46 35.19 -34.50 -5.12
CA ALA H 46 35.82 -35.71 -4.61
C ALA H 46 36.69 -36.37 -5.68
N ALA H 47 36.13 -37.37 -6.36
CA ALA H 47 36.85 -38.09 -7.40
C ALA H 47 38.09 -38.80 -6.86
N ASP H 48 39.20 -38.07 -6.81
CA ASP H 48 40.45 -38.62 -6.28
C ASP H 48 40.50 -38.44 -4.77
N GLY H 49 39.77 -39.28 -4.05
CA GLY H 49 39.74 -39.20 -2.59
C GLY H 49 39.09 -40.42 -1.96
N LYS H 50 39.21 -40.51 -0.64
CA LYS H 50 38.65 -41.63 0.11
C LYS H 50 37.48 -41.19 0.98
N VAL H 51 36.27 -41.37 0.46
CA VAL H 51 35.06 -40.95 1.15
C VAL H 51 34.70 -41.88 2.30
N GLN H 52 34.35 -41.29 3.44
CA GLN H 52 33.96 -42.06 4.63
C GLN H 52 32.80 -41.40 5.34
N VAL H 53 32.30 -42.04 6.41
CA VAL H 53 31.20 -41.51 7.19
C VAL H 53 31.42 -41.69 8.68
N LEU H 54 31.43 -40.59 9.42
CA LEU H 54 31.64 -40.63 10.87
C LEU H 54 30.32 -40.54 11.63
N LEU H 55 29.95 -41.64 12.27
CA LEU H 55 28.70 -41.69 13.04
C LEU H 55 28.95 -41.61 14.54
N GLY H 56 27.88 -41.31 15.28
CA GLY H 56 27.95 -41.24 16.73
C GLY H 56 29.05 -40.33 17.24
N ALA H 57 29.29 -39.25 16.50
CA ALA H 57 30.35 -38.32 16.87
C ALA H 57 29.80 -36.94 17.24
N HIS H 58 30.52 -36.22 18.08
CA HIS H 58 30.16 -34.86 18.43
C HIS H 58 31.35 -33.94 18.17
N SER H 59 32.52 -34.33 18.68
CA SER H 59 33.74 -33.59 18.42
C SER H 59 34.54 -34.29 17.33
N LEU H 60 34.96 -33.53 16.33
CA LEU H 60 35.67 -34.11 15.18
C LEU H 60 37.11 -34.44 15.53
N SER H 61 37.63 -33.87 16.61
CA SER H 61 39.02 -34.05 17.01
C SER H 61 39.17 -34.88 18.28
N GLN H 62 38.54 -34.41 19.36
CA GLN H 62 38.63 -35.09 20.65
C GLN H 62 38.09 -36.52 20.56
N PRO H 63 38.80 -37.46 21.20
CA PRO H 63 38.41 -38.88 21.23
C PRO H 63 37.09 -39.11 21.98
N GLU H 64 36.20 -39.88 21.38
CA GLU H 64 34.93 -40.22 22.01
C GLU H 64 34.63 -41.70 21.79
N PRO H 65 34.27 -42.41 22.88
CA PRO H 65 34.03 -43.86 22.88
C PRO H 65 32.97 -44.27 21.86
N SER H 66 32.05 -43.36 21.55
CA SER H 66 30.94 -43.67 20.66
C SER H 66 31.27 -43.38 19.20
N LYS H 67 32.39 -42.70 18.97
CA LYS H 67 32.80 -42.36 17.60
C LYS H 67 33.28 -43.59 16.84
N ARG H 68 32.96 -43.64 15.56
CA ARG H 68 33.45 -44.70 14.68
C ARG H 68 33.39 -44.26 13.23
N LEU H 69 34.48 -44.50 12.50
CA LEU H 69 34.60 -44.06 11.12
C LEU H 69 34.37 -45.22 10.14
N TYR H 70 33.21 -45.23 9.51
CA TYR H 70 32.86 -46.26 8.54
C TYR H 70 33.38 -45.94 7.15
N ASP H 71 33.46 -46.96 6.30
CA ASP H 71 33.91 -46.78 4.92
C ASP H 71 32.74 -46.86 3.94
N VAL H 72 32.80 -46.06 2.89
CA VAL H 72 31.75 -46.04 1.88
C VAL H 72 31.82 -47.26 0.98
N LEU H 73 30.76 -48.06 1.00
CA LEU H 73 30.70 -49.28 0.20
C LEU H 73 30.14 -48.99 -1.19
N ARG H 74 29.32 -47.95 -1.27
CA ARG H 74 28.72 -47.55 -2.55
C ARG H 74 28.08 -46.17 -2.43
N ALA H 75 28.33 -45.34 -3.43
CA ALA H 75 27.75 -43.99 -3.47
C ALA H 75 26.75 -43.87 -4.61
N VAL H 76 25.49 -43.63 -4.28
CA VAL H 76 24.43 -43.55 -5.27
C VAL H 76 23.79 -42.17 -5.35
N PRO H 77 24.33 -41.31 -6.22
CA PRO H 77 23.75 -39.98 -6.48
C PRO H 77 22.52 -40.09 -7.35
N HIS H 78 21.46 -39.35 -7.02
CA HIS H 78 20.24 -39.36 -7.81
C HIS H 78 20.57 -39.13 -9.29
N PRO H 79 19.97 -39.95 -10.17
CA PRO H 79 20.27 -39.94 -11.60
C PRO H 79 20.12 -38.57 -12.24
N ASP H 80 19.16 -37.78 -11.78
CA ASP H 80 18.88 -36.49 -12.39
C ASP H 80 19.53 -35.31 -11.64
N SER H 81 20.75 -35.54 -11.15
CA SER H 81 21.47 -34.50 -10.42
C SER H 81 22.60 -33.90 -11.25
N GLN H 82 22.45 -32.62 -11.59
CA GLN H 82 23.48 -31.91 -12.34
C GLN H 82 24.21 -30.92 -11.45
N PRO H 83 25.50 -30.69 -11.74
CA PRO H 83 26.31 -29.68 -11.04
C PRO H 83 25.82 -28.27 -11.36
N ASP H 84 25.04 -28.13 -12.42
CA ASP H 84 24.57 -26.83 -12.88
C ASP H 84 23.40 -26.29 -12.05
N THR H 85 22.56 -27.20 -11.56
CA THR H 85 21.39 -26.80 -10.79
C THR H 85 21.34 -27.48 -9.42
N ILE H 86 20.35 -27.10 -8.62
CA ILE H 86 20.17 -27.68 -7.29
C ILE H 86 19.09 -28.76 -7.31
N ASP H 87 18.38 -28.85 -8.43
CA ASP H 87 17.30 -29.81 -8.57
C ASP H 87 17.80 -31.24 -8.35
N HIS H 88 17.03 -32.02 -7.60
CA HIS H 88 17.35 -33.42 -7.36
C HIS H 88 18.76 -33.59 -6.78
N ASP H 89 19.06 -32.86 -5.72
CA ASP H 89 20.39 -32.89 -5.12
C ASP H 89 20.44 -33.83 -3.93
N LEU H 90 20.19 -35.11 -4.17
CA LEU H 90 20.24 -36.11 -3.11
C LEU H 90 21.34 -37.14 -3.34
N LEU H 91 21.84 -37.72 -2.26
CA LEU H 91 22.90 -38.71 -2.34
C LEU H 91 22.74 -39.77 -1.25
N LEU H 92 22.76 -41.04 -1.65
CA LEU H 92 22.66 -42.14 -0.69
C LEU H 92 23.97 -42.90 -0.58
N LEU H 93 24.52 -42.95 0.63
CA LEU H 93 25.80 -43.62 0.87
C LEU H 93 25.59 -44.90 1.68
N GLN H 94 26.01 -46.03 1.10
CA GLN H 94 25.94 -47.32 1.79
C GLN H 94 27.23 -47.59 2.55
N LEU H 95 27.12 -47.84 3.84
CA LEU H 95 28.27 -48.14 4.67
C LEU H 95 28.80 -49.54 4.38
N SER H 96 30.03 -49.81 4.82
CA SER H 96 30.64 -51.12 4.62
C SER H 96 29.90 -52.19 5.41
N GLU H 97 29.16 -51.77 6.43
CA GLU H 97 28.37 -52.67 7.25
C GLU H 97 27.34 -51.90 8.06
N LYS H 98 26.45 -52.62 8.74
CA LYS H 98 25.45 -51.98 9.58
C LYS H 98 26.12 -51.19 10.70
N ALA H 99 25.64 -49.98 10.94
CA ALA H 99 26.19 -49.13 11.98
C ALA H 99 25.86 -49.67 13.36
N THR H 100 26.88 -49.78 14.21
CA THR H 100 26.69 -50.25 15.58
C THR H 100 25.79 -49.30 16.35
N LEU H 101 24.52 -49.68 16.49
CA LEU H 101 23.55 -48.84 17.18
C LEU H 101 23.85 -48.75 18.67
N GLY H 102 23.72 -47.54 19.22
CA GLY H 102 23.96 -47.31 20.62
C GLY H 102 23.30 -46.02 21.08
N PRO H 103 23.69 -45.53 22.27
CA PRO H 103 23.14 -44.29 22.83
C PRO H 103 23.49 -43.07 21.97
N ALA H 104 24.46 -43.22 21.07
CA ALA H 104 24.92 -42.12 20.24
C ALA H 104 24.72 -42.38 18.75
N VAL H 105 24.22 -43.57 18.42
CA VAL H 105 23.98 -43.93 17.02
C VAL H 105 22.58 -44.53 16.84
N ARG H 106 21.84 -43.99 15.88
CA ARG H 106 20.49 -44.46 15.60
C ARG H 106 19.94 -43.84 14.32
N PRO H 107 19.25 -44.65 13.50
CA PRO H 107 18.60 -44.17 12.27
C PRO H 107 17.47 -43.21 12.57
N LEU H 108 17.11 -42.39 11.58
CA LEU H 108 16.05 -41.41 11.75
C LEU H 108 14.91 -41.64 10.77
N PRO H 109 13.66 -41.57 11.27
CA PRO H 109 12.47 -41.68 10.41
C PRO H 109 12.39 -40.52 9.43
N TRP H 110 12.16 -40.83 8.16
CA TRP H 110 12.03 -39.79 7.15
C TRP H 110 10.64 -39.80 6.52
N GLN H 111 10.10 -38.60 6.28
CA GLN H 111 8.74 -38.45 5.80
C GLN H 111 8.51 -39.11 4.45
N ARG H 112 7.35 -39.75 4.31
CA ARG H 112 6.96 -40.38 3.05
C ARG H 112 5.78 -39.65 2.42
N VAL H 113 4.87 -39.17 3.27
CA VAL H 113 3.72 -38.43 2.80
C VAL H 113 4.15 -37.15 2.09
N ASP H 114 3.92 -37.10 0.78
CA ASP H 114 4.33 -35.95 -0.02
C ASP H 114 3.36 -34.79 0.15
N ARG H 115 3.44 -34.11 1.29
CA ARG H 115 2.65 -32.92 1.55
C ARG H 115 3.53 -31.84 2.15
N ASP H 116 3.42 -30.62 1.62
CA ASP H 116 4.25 -29.51 2.08
C ASP H 116 4.19 -29.35 3.59
N VAL H 117 5.31 -28.95 4.18
CA VAL H 117 5.38 -28.71 5.62
C VAL H 117 4.61 -27.44 5.97
N ALA H 118 3.82 -27.51 7.03
CA ALA H 118 3.03 -26.37 7.48
C ALA H 118 3.93 -25.15 7.69
N PRO H 119 3.63 -24.05 7.00
CA PRO H 119 4.39 -22.81 7.14
C PRO H 119 4.39 -22.32 8.59
N GLY H 120 5.56 -22.03 9.12
CA GLY H 120 5.69 -21.56 10.50
C GLY H 120 6.22 -22.65 11.41
N THR H 121 6.34 -23.86 10.87
CA THR H 121 6.84 -24.99 11.63
C THR H 121 8.32 -24.80 11.98
N LEU H 122 8.68 -25.10 13.22
CA LEU H 122 10.06 -25.03 13.65
C LEU H 122 10.80 -26.32 13.28
N CYS H 123 11.84 -26.18 12.47
CA CYS H 123 12.64 -27.33 12.07
C CYS H 123 14.07 -27.20 12.59
N ASP H 124 14.66 -28.32 12.99
CA ASP H 124 16.03 -28.32 13.49
C ASP H 124 17.00 -28.72 12.40
N VAL H 125 18.08 -27.95 12.27
CA VAL H 125 19.11 -28.25 11.28
C VAL H 125 20.49 -28.16 11.93
N ALA H 126 21.32 -29.17 11.69
CA ALA H 126 22.64 -29.23 12.31
C ALA H 126 23.73 -29.52 11.29
N GLY H 127 24.98 -29.35 11.72
CA GLY H 127 26.12 -29.60 10.84
C GLY H 127 27.41 -29.09 11.44
N TRP H 128 28.52 -29.34 10.74
CA TRP H 128 29.82 -28.85 11.17
C TRP H 128 30.33 -27.76 10.24
N GLY H 129 29.40 -27.10 9.56
CA GLY H 129 29.75 -26.01 8.65
C GLY H 129 30.17 -24.76 9.40
N ILE H 130 30.85 -23.85 8.70
CA ILE H 130 31.37 -22.63 9.30
C ILE H 130 30.31 -21.88 10.12
N VAL H 131 30.76 -21.15 11.12
CA VAL H 131 29.85 -20.42 12.01
C VAL H 131 29.96 -18.91 11.86
N ASN H 132 30.93 -18.46 11.09
CA ASN H 132 31.09 -17.04 10.80
C ASN H 132 31.53 -16.80 9.37
N HIS H 133 31.40 -15.57 8.90
CA HIS H 133 31.72 -15.23 7.52
C HIS H 133 33.21 -15.38 7.24
N ALA H 134 34.02 -15.30 8.29
CA ALA H 134 35.45 -15.54 8.17
C ALA H 134 35.69 -16.95 7.64
N GLY H 135 34.92 -17.90 8.16
CA GLY H 135 35.00 -19.28 7.71
C GLY H 135 35.54 -20.23 8.76
N ARG H 136 35.19 -19.96 10.01
CA ARG H 136 35.66 -20.78 11.13
C ARG H 136 35.01 -22.16 11.15
N ARG H 137 35.83 -23.19 11.12
CA ARG H 137 35.34 -24.57 11.16
C ARG H 137 35.14 -25.03 12.61
N PRO H 138 33.89 -25.30 12.99
CA PRO H 138 33.53 -25.74 14.34
C PRO H 138 34.04 -27.15 14.61
N ASP H 139 34.39 -27.43 15.87
CA ASP H 139 34.85 -28.75 16.27
C ASP H 139 33.68 -29.59 16.77
N SER H 140 32.72 -28.94 17.41
CA SER H 140 31.54 -29.62 17.95
C SER H 140 30.31 -29.35 17.10
N LEU H 141 29.35 -30.26 17.13
CA LEU H 141 28.14 -30.14 16.33
C LEU H 141 27.30 -28.94 16.74
N GLN H 142 26.86 -28.16 15.74
CA GLN H 142 26.03 -26.98 15.99
C GLN H 142 24.63 -27.21 15.46
N HIS H 143 23.66 -26.46 15.98
CA HIS H 143 22.27 -26.60 15.54
C HIS H 143 21.50 -25.28 15.69
N VAL H 144 20.29 -25.25 15.15
CA VAL H 144 19.44 -24.07 15.22
C VAL H 144 18.04 -24.33 14.69
N LEU H 145 17.03 -23.84 15.41
CA LEU H 145 15.64 -23.97 14.97
C LEU H 145 15.27 -22.84 14.02
N LEU H 146 14.66 -23.20 12.89
CA LEU H 146 14.27 -22.21 11.89
C LEU H 146 12.81 -22.37 11.48
N PRO H 147 12.08 -21.25 11.43
CA PRO H 147 10.71 -21.24 10.92
C PRO H 147 10.68 -21.59 9.43
N VAL H 148 9.65 -22.32 9.01
CA VAL H 148 9.52 -22.71 7.61
C VAL H 148 8.69 -21.69 6.84
N LEU H 149 9.34 -20.98 5.93
CA LEU H 149 8.66 -20.00 5.10
C LEU H 149 7.93 -20.70 3.95
N ASP H 150 6.68 -20.28 3.70
CA ASP H 150 5.88 -20.89 2.64
C ASP H 150 6.44 -20.57 1.26
N ARG H 151 6.35 -21.54 0.36
CA ARG H 151 6.90 -21.39 -0.99
C ARG H 151 6.31 -20.19 -1.72
N ALA H 152 5.10 -19.80 -1.34
CA ALA H 152 4.44 -18.65 -1.94
C ALA H 152 5.32 -17.41 -1.84
N THR H 153 5.74 -17.10 -0.61
CA THR H 153 6.58 -15.93 -0.36
C THR H 153 8.00 -16.13 -0.87
N CYS H 154 8.54 -17.32 -0.65
CA CYS H 154 9.91 -17.63 -1.07
C CYS H 154 10.08 -17.45 -2.57
N ASN H 155 8.98 -17.54 -3.32
CA ASN H 155 9.01 -17.41 -4.77
C ASN H 155 8.83 -15.99 -5.25
N ARG H 156 8.58 -15.06 -4.33
CA ARG H 156 8.46 -13.65 -4.69
C ARG H 156 9.70 -13.22 -5.45
N ARG H 157 9.56 -12.20 -6.30
CA ARG H 157 10.69 -11.69 -7.06
C ARG H 157 11.76 -11.15 -6.13
N THR H 158 11.33 -10.52 -5.04
CA THR H 158 12.25 -9.94 -4.07
C THR H 158 13.12 -11.01 -3.41
N HIS H 159 12.66 -12.25 -3.48
CA HIS H 159 13.41 -13.37 -2.90
C HIS H 159 14.05 -14.24 -3.97
N HIS H 160 13.60 -15.49 -4.09
CA HIS H 160 14.20 -16.43 -5.04
C HIS H 160 13.54 -16.40 -6.41
N ASP H 161 12.49 -15.61 -6.55
CA ASP H 161 11.83 -15.39 -7.83
C ASP H 161 11.40 -16.70 -8.50
N GLY H 162 10.47 -17.39 -7.87
CA GLY H 162 9.86 -18.57 -8.45
C GLY H 162 10.80 -19.72 -8.78
N ALA H 163 12.03 -19.64 -8.29
CA ALA H 163 13.02 -20.67 -8.56
C ALA H 163 12.90 -21.85 -7.59
N ILE H 164 11.79 -21.89 -6.85
CA ILE H 164 11.56 -22.95 -5.88
C ILE H 164 10.52 -23.93 -6.38
N THR H 165 10.97 -25.12 -6.80
CA THR H 165 10.07 -26.15 -7.30
C THR H 165 9.24 -26.73 -6.17
N GLU H 166 8.23 -27.52 -6.52
CA GLU H 166 7.38 -28.17 -5.54
C GLU H 166 8.17 -29.21 -4.74
N ARG H 167 9.38 -29.49 -5.21
CA ARG H 167 10.24 -30.49 -4.57
C ARG H 167 11.24 -29.83 -3.62
N LEU H 168 11.15 -28.50 -3.50
CA LEU H 168 12.03 -27.75 -2.62
C LEU H 168 11.24 -26.97 -1.57
N MET H 169 11.85 -26.77 -0.40
CA MET H 169 11.20 -26.02 0.67
C MET H 169 12.13 -24.95 1.22
N CYS H 170 11.54 -23.87 1.75
CA CYS H 170 12.31 -22.74 2.25
C CYS H 170 12.24 -22.61 3.77
N ALA H 171 13.25 -21.96 4.34
CA ALA H 171 13.31 -21.69 5.77
C ALA H 171 13.96 -20.34 6.02
N GLU H 172 13.40 -19.56 6.92
CA GLU H 172 13.92 -18.22 7.22
C GLU H 172 15.43 -18.26 7.45
N SER H 173 16.10 -17.21 7.00
CA SER H 173 17.55 -17.11 7.13
C SER H 173 17.96 -15.73 7.62
N ASN H 174 17.11 -15.12 8.44
CA ASN H 174 17.39 -13.79 8.98
C ASN H 174 18.54 -13.81 9.97
N ARG H 175 19.77 -13.78 9.46
CA ARG H 175 20.97 -13.79 10.28
C ARG H 175 21.22 -15.15 10.93
N ARG H 176 20.25 -16.04 10.85
CA ARG H 176 20.41 -17.42 11.29
C ARG H 176 20.18 -18.34 10.10
N ASP H 177 21.22 -19.08 9.71
CA ASP H 177 21.13 -19.92 8.52
C ASP H 177 22.20 -21.00 8.49
N SER H 178 21.93 -22.06 7.71
CA SER H 178 22.91 -23.11 7.48
C SER H 178 23.90 -22.67 6.39
N CYS H 179 25.16 -22.53 6.78
CA CYS H 179 26.18 -22.01 5.87
C CYS H 179 26.96 -23.13 5.16
N LYS H 180 28.12 -22.79 4.63
CA LYS H 180 28.95 -23.75 3.90
C LYS H 180 29.51 -24.82 4.81
N GLY H 181 29.39 -26.07 4.39
CA GLY H 181 29.85 -27.21 5.18
C GLY H 181 28.67 -27.94 5.81
N ASP H 182 27.50 -27.34 5.69
CA ASP H 182 26.28 -27.92 6.23
C ASP H 182 25.51 -28.67 5.15
N ALA H 183 25.95 -28.53 3.91
CA ALA H 183 25.32 -29.19 2.77
C ALA H 183 25.16 -30.68 3.06
N GLY H 184 23.95 -31.19 2.87
CA GLY H 184 23.64 -32.58 3.15
C GLY H 184 23.17 -32.77 4.58
N GLY H 185 23.03 -31.66 5.30
CA GLY H 185 22.58 -31.70 6.67
C GLY H 185 21.12 -32.07 6.81
N PRO H 186 20.75 -32.59 7.98
CA PRO H 186 19.36 -32.99 8.26
C PRO H 186 18.49 -31.80 8.60
N LEU H 187 17.30 -31.73 7.99
CA LEU H 187 16.30 -30.74 8.38
C LEU H 187 15.12 -31.46 9.01
N VAL H 188 15.18 -31.65 10.32
CA VAL H 188 14.16 -32.41 11.04
C VAL H 188 13.03 -31.52 11.54
N CYS H 189 11.84 -31.73 10.99
CA CYS H 189 10.67 -30.96 11.38
C CYS H 189 9.78 -31.77 12.29
N GLY H 190 10.21 -31.97 13.53
CA GLY H 190 9.45 -32.71 14.51
C GLY H 190 9.76 -34.19 14.49
N GLY H 191 10.95 -34.55 14.94
CA GLY H 191 11.37 -35.94 15.04
C GLY H 191 11.43 -36.68 13.72
N VAL H 192 11.10 -35.98 12.64
CA VAL H 192 11.07 -36.61 11.32
C VAL H 192 11.84 -35.78 10.30
N LEU H 193 12.68 -36.46 9.52
CA LEU H 193 13.46 -35.81 8.48
C LEU H 193 12.56 -35.37 7.32
N GLU H 194 12.51 -34.06 7.08
CA GLU H 194 11.67 -33.52 6.02
C GLU H 194 12.49 -33.04 4.83
N GLY H 195 13.66 -32.46 5.10
CA GLY H 195 14.50 -31.92 4.04
C GLY H 195 15.99 -32.13 4.26
N VAL H 196 16.76 -31.92 3.19
CA VAL H 196 18.21 -32.02 3.26
C VAL H 196 18.84 -30.70 2.81
N VAL H 197 19.78 -30.20 3.60
CA VAL H 197 20.43 -28.92 3.31
C VAL H 197 21.12 -28.93 1.95
N THR H 198 20.73 -27.98 1.09
CA THR H 198 21.32 -27.86 -0.23
C THR H 198 20.95 -26.53 -0.87
N SER H 199 21.90 -25.60 -0.89
CA SER H 199 21.66 -24.27 -1.44
C SER H 199 22.86 -23.78 -2.24
N GLY H 200 23.74 -24.71 -2.62
CA GLY H 200 24.93 -24.38 -3.38
C GLY H 200 25.77 -23.31 -2.69
N SER H 201 25.73 -22.09 -3.24
CA SER H 201 26.47 -20.97 -2.68
C SER H 201 25.59 -19.74 -2.54
N ARG H 202 25.84 -18.95 -1.51
CA ARG H 202 25.10 -17.71 -1.25
C ARG H 202 25.94 -16.76 -0.40
N VAL H 203 25.27 -16.14 0.57
CA VAL H 203 25.93 -15.36 1.61
C VAL H 203 25.15 -15.55 2.91
N CYS H 204 25.44 -16.63 3.61
CA CYS H 204 24.68 -17.05 4.78
C CYS H 204 24.15 -15.88 5.62
N GLY H 205 22.85 -15.92 5.93
CA GLY H 205 22.25 -14.92 6.79
C GLY H 205 21.41 -13.90 6.04
N ASN H 206 21.49 -13.93 4.71
CA ASN H 206 20.72 -12.98 3.89
C ASN H 206 19.22 -13.26 3.97
N ARG H 207 18.52 -12.48 4.77
CA ARG H 207 17.08 -12.66 4.97
C ARG H 207 16.31 -12.60 3.66
N LYS H 208 16.82 -11.84 2.70
CA LYS H 208 16.15 -11.67 1.41
C LYS H 208 16.32 -12.89 0.51
N LYS H 209 17.12 -13.85 0.96
CA LYS H 209 17.33 -15.09 0.22
C LYS H 209 17.30 -16.29 1.17
N PRO H 210 16.09 -16.75 1.53
CA PRO H 210 15.88 -17.85 2.47
C PRO H 210 16.63 -19.11 2.07
N GLY H 211 16.86 -20.00 3.02
CA GLY H 211 17.58 -21.23 2.76
C GLY H 211 16.74 -22.23 1.97
N ILE H 212 17.39 -22.96 1.06
CA ILE H 212 16.69 -23.94 0.25
C ILE H 212 17.04 -25.36 0.66
N TYR H 213 16.01 -26.19 0.83
CA TYR H 213 16.20 -27.58 1.24
C TYR H 213 15.44 -28.53 0.32
N THR H 214 16.04 -29.68 0.03
CA THR H 214 15.39 -30.67 -0.82
C THR H 214 14.47 -31.56 0.00
N ARG H 215 13.19 -31.57 -0.37
CA ARG H 215 12.19 -32.36 0.35
C ARG H 215 12.36 -33.85 0.08
N VAL H 216 12.70 -34.60 1.12
CA VAL H 216 12.92 -36.05 0.99
C VAL H 216 11.62 -36.76 0.65
N ALA H 217 10.50 -36.21 1.12
CA ALA H 217 9.19 -36.80 0.89
C ALA H 217 8.87 -36.86 -0.60
N SER H 218 9.41 -35.92 -1.36
CA SER H 218 9.15 -35.85 -2.80
C SER H 218 10.14 -36.72 -3.58
N TYR H 219 10.85 -37.58 -2.88
CA TYR H 219 11.82 -38.49 -3.50
C TYR H 219 11.76 -39.87 -2.87
N ALA H 220 10.70 -40.13 -2.10
CA ALA H 220 10.54 -41.41 -1.42
C ALA H 220 10.71 -42.57 -2.38
N ALA H 221 10.13 -42.44 -3.57
CA ALA H 221 10.22 -43.49 -4.59
C ALA H 221 11.66 -43.90 -4.83
N TRP H 222 12.48 -42.94 -5.25
CA TRP H 222 13.89 -43.20 -5.53
C TRP H 222 14.63 -43.78 -4.33
N ILE H 223 14.34 -43.26 -3.14
CA ILE H 223 15.00 -43.71 -1.93
C ILE H 223 14.70 -45.19 -1.65
N ASP H 224 13.41 -45.52 -1.54
CA ASP H 224 13.01 -46.90 -1.34
C ASP H 224 13.70 -47.81 -2.34
N SER H 225 13.72 -47.37 -3.60
CA SER H 225 14.36 -48.11 -4.67
C SER H 225 15.79 -48.50 -4.30
N VAL H 226 16.62 -47.50 -4.04
CA VAL H 226 18.04 -47.72 -3.76
C VAL H 226 18.27 -48.71 -2.64
N LEU H 227 17.50 -48.60 -1.57
CA LEU H 227 17.64 -49.50 -0.42
C LEU H 227 16.95 -50.84 -0.67
N ALA H 228 17.42 -51.56 -1.69
CA ALA H 228 16.85 -52.85 -2.05
C ALA H 228 17.85 -53.70 -2.83
#